data_6C4A
#
_entry.id   6C4A
#
_cell.length_a   142.670
_cell.length_b   84.320
_cell.length_c   156.180
_cell.angle_alpha   90.000
_cell.angle_beta   116.590
_cell.angle_gamma   90.000
#
_symmetry.space_group_name_H-M   'P 1 21 1'
#
loop_
_entity.id
_entity.type
_entity.pdbx_description
1 polymer 'Isocitrate lyase 1'
2 non-polymer 'PYRUVIC ACID'
3 non-polymer 'MAGNESIUM ION'
4 non-polymer '3-NITROPROPANOIC ACID'
5 non-polymer DI(HYDROXYETHYL)ETHER
6 non-polymer '4-(2-HYDROXYETHYL)-1-PIPERAZINE ETHANESULFONIC ACID'
7 water water
#
_entity_poly.entity_id   1
_entity_poly.type   'polypeptide(L)'
_entity_poly.pdbx_seq_one_letter_code
;MHHHHHHLVPRGSHMSVVGTPKSAEQIQQEWDTNPRWKDVTRTYSAEDVVALQGSVVEEHTLARRGAEVLWEQLHDLEWV
NALGALTGNMAVQQVRAGLKAIYLSGWQVAGDANLSGHTYPDQSLYPANSVPQVVRRINNALQRADQIAKIEGDTSVENW
LAPIVADGEAGFGGALNVYELQKALIAAGVAGSHWEDQLASEKK(EJA)GHLGGKVLIPTQQHIRTLTSARLAADVADVP
TVVIARTDAEAATLITSDVDERDQPFITGERTREGFYRTKNGIEPCIARAKAYAPFADLIWMETGTPDLEAARQFSEAVK
AEYPDQMLAYNCSPSFNWKKHLDDATIAKFQKELAAMGFKFQFITLAGFHALNYSMFDLAYGYAQNQMSAYVELQEREFA
AEERGYTATKHQREVGAGYFDRIATTVDPNSSTTALTGSTEEGQFH
;
_entity_poly.pdbx_strand_id   A,B,C,D,E,F,G,H
#
loop_
_chem_comp.id
_chem_comp.type
_chem_comp.name
_chem_comp.formula
3NP non-polymer '3-NITROPROPANOIC ACID' 'C3 H5 N O4'
EPE non-polymer '4-(2-HYDROXYETHYL)-1-PIPERAZINE ETHANESULFONIC ACID' 'C8 H18 N2 O4 S'
MG non-polymer 'MAGNESIUM ION' 'Mg 2'
PEG non-polymer DI(HYDROXYETHYL)ETHER 'C4 H10 O3'
PYR non-polymer 'PYRUVIC ACID' 'C3 H4 O3'
#
# COMPACT_ATOMS: atom_id res chain seq x y z
N HIS A 14 42.60 -60.33 1.40
CA HIS A 14 42.20 -59.50 0.24
C HIS A 14 41.25 -58.38 0.67
N MET A 15 41.24 -57.30 -0.12
CA MET A 15 40.48 -56.11 0.21
C MET A 15 38.98 -56.37 0.05
N SER A 16 38.19 -55.75 0.93
CA SER A 16 36.74 -55.82 0.80
C SER A 16 36.32 -55.31 -0.58
N VAL A 17 35.26 -55.91 -1.13
CA VAL A 17 34.72 -55.52 -2.43
C VAL A 17 33.45 -54.70 -2.30
N VAL A 18 33.08 -54.32 -1.09
CA VAL A 18 31.85 -53.54 -0.89
C VAL A 18 32.00 -52.18 -1.55
N GLY A 19 30.97 -51.75 -2.27
CA GLY A 19 31.02 -50.47 -2.96
C GLY A 19 31.86 -50.44 -4.23
N THR A 20 32.15 -51.59 -4.83
CA THR A 20 32.97 -51.61 -6.05
C THR A 20 32.24 -50.87 -7.17
N PRO A 21 32.86 -49.89 -7.80
CA PRO A 21 32.14 -49.17 -8.87
C PRO A 21 31.91 -50.06 -10.08
N LYS A 22 30.85 -49.75 -10.83
CA LYS A 22 30.59 -50.47 -12.07
C LYS A 22 31.57 -50.04 -13.14
N SER A 23 31.65 -50.87 -14.18
CA SER A 23 32.44 -50.53 -15.35
C SER A 23 31.66 -49.57 -16.24
N ALA A 24 32.39 -48.86 -17.09
CA ALA A 24 31.74 -47.98 -18.04
C ALA A 24 30.83 -48.76 -18.98
N GLU A 25 31.21 -49.99 -19.32
CA GLU A 25 30.37 -50.82 -20.17
C GLU A 25 29.03 -51.11 -19.49
N GLN A 26 29.07 -51.42 -18.19
CA GLN A 26 27.83 -51.64 -17.45
C GLN A 26 26.96 -50.40 -17.48
N ILE A 27 27.53 -49.23 -17.15
CA ILE A 27 26.78 -47.98 -17.19
C ILE A 27 26.19 -47.78 -18.58
N GLN A 28 27.03 -47.89 -19.61
CA GLN A 28 26.56 -47.67 -20.98
C GLN A 28 25.44 -48.65 -21.33
N GLN A 29 25.60 -49.93 -20.97
CA GLN A 29 24.54 -50.91 -21.14
C GLN A 29 23.24 -50.44 -20.50
N GLU A 30 23.32 -49.88 -19.28
CA GLU A 30 22.12 -49.40 -18.61
C GLU A 30 21.49 -48.25 -19.38
N TRP A 31 22.28 -47.25 -19.77
CA TRP A 31 21.73 -46.12 -20.50
C TRP A 31 21.07 -46.57 -21.79
N ASP A 32 21.62 -47.60 -22.43
CA ASP A 32 21.12 -48.05 -23.71
C ASP A 32 19.82 -48.83 -23.62
N THR A 33 19.62 -49.57 -22.54
CA THR A 33 18.54 -50.56 -22.52
C THR A 33 17.46 -50.29 -21.48
N ASN A 34 17.76 -49.55 -20.41
CA ASN A 34 16.77 -49.24 -19.39
C ASN A 34 15.81 -48.17 -19.91
N PRO A 35 14.51 -48.46 -20.01
CA PRO A 35 13.58 -47.45 -20.54
C PRO A 35 13.54 -46.16 -19.74
N ARG A 36 14.00 -46.17 -18.50
CA ARG A 36 14.17 -44.94 -17.73
C ARG A 36 14.93 -43.87 -18.50
N TRP A 37 15.89 -44.29 -19.34
CA TRP A 37 16.75 -43.34 -20.02
C TRP A 37 16.33 -43.08 -21.46
N LYS A 38 15.13 -43.54 -21.83
CA LYS A 38 14.73 -43.52 -23.23
C LYS A 38 14.92 -42.14 -23.86
N ASP A 39 14.46 -41.08 -23.20
CA ASP A 39 14.45 -39.76 -23.82
C ASP A 39 15.50 -38.82 -23.19
N VAL A 40 16.58 -39.38 -22.66
CA VAL A 40 17.53 -38.64 -21.83
C VAL A 40 18.84 -38.48 -22.58
N THR A 41 19.19 -37.23 -22.87
CA THR A 41 20.45 -36.91 -23.52
C THR A 41 21.53 -36.63 -22.48
N ARG A 42 22.72 -37.20 -22.71
CA ARG A 42 23.88 -36.95 -21.86
C ARG A 42 25.01 -36.51 -22.77
N THR A 43 25.52 -35.29 -22.55
CA THR A 43 26.59 -34.78 -23.41
C THR A 43 27.98 -35.25 -22.99
N TYR A 44 28.07 -35.99 -21.88
CA TYR A 44 29.28 -36.66 -21.43
C TYR A 44 29.14 -38.16 -21.62
N SER A 45 30.23 -38.88 -21.41
CA SER A 45 30.31 -40.32 -21.66
C SER A 45 30.19 -41.11 -20.35
N ALA A 46 29.92 -42.40 -20.51
CA ALA A 46 29.96 -43.33 -19.38
C ALA A 46 31.34 -43.37 -18.77
N GLU A 47 32.38 -43.31 -19.61
CA GLU A 47 33.74 -43.29 -19.09
C GLU A 47 34.00 -42.04 -18.25
N ASP A 48 33.43 -40.90 -18.65
CA ASP A 48 33.56 -39.69 -17.85
C ASP A 48 32.99 -39.88 -16.46
N VAL A 49 31.86 -40.60 -16.35
CA VAL A 49 31.25 -40.84 -15.04
C VAL A 49 32.19 -41.64 -14.15
N VAL A 50 32.70 -42.77 -14.68
CA VAL A 50 33.57 -43.64 -13.90
C VAL A 50 34.82 -42.90 -13.46
N ALA A 51 35.33 -41.98 -14.29
CA ALA A 51 36.54 -41.24 -13.93
C ALA A 51 36.36 -40.43 -12.66
N LEU A 52 35.13 -40.06 -12.33
CA LEU A 52 34.84 -39.20 -11.18
C LEU A 52 34.46 -39.96 -9.92
N GLN A 53 34.40 -41.30 -9.96
CA GLN A 53 33.83 -42.07 -8.87
C GLN A 53 34.84 -42.58 -7.85
N GLY A 54 36.13 -42.33 -8.05
CA GLY A 54 37.07 -42.90 -7.11
C GLY A 54 37.05 -44.42 -7.20
N SER A 55 37.36 -45.08 -6.09
CA SER A 55 37.41 -46.54 -6.10
C SER A 55 36.33 -47.16 -5.24
N VAL A 56 35.44 -46.36 -4.65
CA VAL A 56 34.31 -46.82 -3.87
C VAL A 56 33.12 -45.92 -4.16
N VAL A 57 31.97 -46.52 -4.44
CA VAL A 57 30.73 -45.79 -4.67
C VAL A 57 29.78 -46.08 -3.51
N GLU A 58 29.46 -45.03 -2.75
CA GLU A 58 28.51 -45.18 -1.66
C GLU A 58 27.12 -45.49 -2.21
N GLU A 59 26.45 -46.48 -1.63
CA GLU A 59 25.06 -46.73 -1.96
C GLU A 59 24.18 -45.69 -1.27
N HIS A 60 23.18 -45.19 -2.00
CA HIS A 60 22.21 -44.22 -1.49
C HIS A 60 20.83 -44.85 -1.57
N THR A 61 20.50 -45.64 -0.54
CA THR A 61 19.31 -46.49 -0.61
C THR A 61 18.05 -45.67 -0.83
N LEU A 62 17.85 -44.61 -0.03
CA LEU A 62 16.58 -43.89 -0.11
C LEU A 62 16.49 -43.02 -1.35
N ALA A 63 17.63 -42.51 -1.83
CA ALA A 63 17.63 -41.81 -3.10
C ALA A 63 17.29 -42.75 -4.24
N ARG A 64 17.86 -43.96 -4.23
CA ARG A 64 17.57 -44.93 -5.28
C ARG A 64 16.11 -45.39 -5.21
N ARG A 65 15.68 -45.84 -4.03
CA ARG A 65 14.30 -46.30 -3.87
C ARG A 65 13.31 -45.20 -4.21
N GLY A 66 13.56 -43.98 -3.72
CA GLY A 66 12.59 -42.92 -3.94
C GLY A 66 12.53 -42.50 -5.40
N ALA A 67 13.68 -42.41 -6.06
CA ALA A 67 13.67 -42.06 -7.48
C ALA A 67 12.95 -43.14 -8.29
N GLU A 68 13.16 -44.41 -7.95
CA GLU A 68 12.49 -45.49 -8.69
C GLU A 68 10.98 -45.42 -8.47
N VAL A 69 10.54 -45.26 -7.23
CA VAL A 69 9.12 -45.20 -6.94
C VAL A 69 8.48 -43.99 -7.61
N LEU A 70 9.16 -42.84 -7.56
CA LEU A 70 8.61 -41.63 -8.18
C LEU A 70 8.39 -41.85 -9.67
N TRP A 71 9.40 -42.39 -10.36
CA TRP A 71 9.27 -42.61 -11.79
C TRP A 71 8.09 -43.53 -12.09
N GLU A 72 7.97 -44.63 -11.33
CA GLU A 72 6.85 -45.55 -11.54
C GLU A 72 5.53 -44.85 -11.30
N GLN A 73 5.45 -44.05 -10.24
CA GLN A 73 4.18 -43.41 -9.93
C GLN A 73 3.80 -42.43 -11.03
N LEU A 74 4.79 -41.69 -11.54
CA LEU A 74 4.52 -40.73 -12.61
C LEU A 74 3.95 -41.41 -13.84
N HIS A 75 4.28 -42.68 -14.07
CA HIS A 75 3.77 -43.41 -15.21
C HIS A 75 2.57 -44.31 -14.90
N ASP A 76 2.28 -44.58 -13.63
CA ASP A 76 1.17 -45.46 -13.27
C ASP A 76 -0.08 -44.71 -12.82
N LEU A 77 0.08 -43.63 -12.08
CA LEU A 77 -1.06 -42.90 -11.54
C LEU A 77 -1.52 -41.85 -12.54
N GLU A 78 -2.79 -41.44 -12.41
CA GLU A 78 -3.35 -40.41 -13.29
C GLU A 78 -2.54 -39.13 -13.15
N TRP A 79 -2.14 -38.80 -11.93
CA TRP A 79 -1.07 -37.84 -11.68
C TRP A 79 -0.62 -38.02 -10.24
N VAL A 80 0.52 -37.41 -9.95
CA VAL A 80 1.15 -37.42 -8.64
C VAL A 80 1.05 -36.01 -8.10
N ASN A 81 0.42 -35.85 -6.94
CA ASN A 81 0.33 -34.54 -6.31
C ASN A 81 0.99 -34.57 -4.94
N ALA A 82 1.33 -33.38 -4.45
CA ALA A 82 2.03 -33.26 -3.20
C ALA A 82 1.80 -31.87 -2.61
N LEU A 83 2.14 -31.75 -1.33
CA LEU A 83 2.11 -30.49 -0.61
C LEU A 83 3.50 -30.22 -0.07
N GLY A 84 3.83 -28.93 0.05
CA GLY A 84 5.12 -28.55 0.61
C GLY A 84 5.21 -28.92 2.08
N ALA A 85 6.33 -29.52 2.48
CA ALA A 85 6.58 -29.88 3.88
C ALA A 85 7.91 -29.26 4.33
N LEU A 86 7.89 -28.59 5.49
CA LEU A 86 9.12 -28.00 6.03
C LEU A 86 9.55 -28.61 7.36
N THR A 87 8.82 -29.58 7.88
CA THR A 87 9.25 -30.37 9.02
C THR A 87 8.94 -31.85 8.78
N GLY A 88 9.60 -32.71 9.55
CA GLY A 88 9.35 -34.14 9.42
C GLY A 88 7.92 -34.52 9.71
N ASN A 89 7.40 -34.07 10.88
CA ASN A 89 6.01 -34.32 11.25
C ASN A 89 5.03 -33.92 10.13
N MET A 90 5.32 -32.83 9.41
CA MET A 90 4.45 -32.44 8.30
C MET A 90 4.38 -33.52 7.25
N ALA A 91 5.53 -34.10 6.92
CA ALA A 91 5.54 -35.12 5.88
C ALA A 91 4.84 -36.39 6.34
N VAL A 92 5.01 -36.74 7.61
CA VAL A 92 4.32 -37.89 8.16
C VAL A 92 2.82 -37.75 7.96
N GLN A 93 2.27 -36.59 8.30
CA GLN A 93 0.82 -36.43 8.19
C GLN A 93 0.37 -36.48 6.74
N GLN A 94 1.15 -35.88 5.84
CA GLN A 94 0.82 -35.92 4.42
C GLN A 94 0.72 -37.37 3.92
N VAL A 95 1.63 -38.23 4.36
CA VAL A 95 1.61 -39.63 3.97
C VAL A 95 0.51 -40.39 4.74
N ARG A 96 0.34 -40.09 6.02
CA ARG A 96 -0.75 -40.69 6.78
C ARG A 96 -2.09 -40.38 6.11
N ALA A 97 -2.25 -39.16 5.61
CA ALA A 97 -3.51 -38.74 4.99
C ALA A 97 -3.72 -39.28 3.59
N GLY A 98 -2.74 -39.98 3.01
CA GLY A 98 -2.91 -40.67 1.74
C GLY A 98 -2.06 -40.15 0.60
N LEU A 99 -1.28 -39.09 0.78
CA LEU A 99 -0.47 -38.60 -0.32
C LEU A 99 0.72 -39.53 -0.54
N LYS A 100 1.22 -39.52 -1.77
CA LYS A 100 2.23 -40.48 -2.20
C LYS A 100 3.50 -39.79 -2.70
N ALA A 101 3.67 -38.51 -2.37
CA ALA A 101 4.90 -37.78 -2.65
C ALA A 101 4.94 -36.55 -1.75
N ILE A 102 6.15 -36.07 -1.49
CA ILE A 102 6.39 -34.90 -0.65
C ILE A 102 7.14 -33.86 -1.46
N TYR A 103 6.65 -32.62 -1.44
CA TYR A 103 7.33 -31.50 -2.07
C TYR A 103 8.09 -30.69 -1.01
N LEU A 104 9.38 -30.48 -1.25
CA LEU A 104 10.25 -29.70 -0.37
C LEU A 104 10.51 -28.33 -1.02
N SER A 105 9.76 -27.34 -0.56
CA SER A 105 9.85 -25.97 -1.06
C SER A 105 11.08 -25.26 -0.51
N GLY A 106 11.86 -24.65 -1.41
CA GLY A 106 12.94 -23.77 -0.97
C GLY A 106 12.42 -22.50 -0.32
N TRP A 107 11.28 -21.98 -0.82
CA TRP A 107 10.63 -20.83 -0.20
C TRP A 107 10.36 -21.09 1.28
N GLN A 108 9.79 -22.27 1.59
CA GLN A 108 9.47 -22.57 2.98
C GLN A 108 10.73 -22.71 3.81
N VAL A 109 11.79 -23.27 3.22
CA VAL A 109 13.06 -23.40 3.93
C VAL A 109 13.63 -22.02 4.24
N ALA A 110 13.55 -21.11 3.28
CA ALA A 110 13.94 -19.72 3.53
C ALA A 110 13.13 -19.11 4.66
N GLY A 111 11.81 -19.33 4.67
CA GLY A 111 10.97 -18.66 5.64
C GLY A 111 11.02 -19.21 7.06
N ASP A 112 11.36 -20.48 7.24
CA ASP A 112 11.15 -21.08 8.56
C ASP A 112 11.93 -22.36 8.81
N ALA A 113 12.84 -22.76 7.92
CA ALA A 113 13.61 -23.98 8.20
C ALA A 113 14.98 -24.02 7.54
N ASN A 114 15.82 -23.00 7.71
CA ASN A 114 17.14 -23.01 7.09
C ASN A 114 18.24 -22.86 8.13
N LEU A 115 19.45 -23.21 7.74
CA LEU A 115 20.53 -23.41 8.69
C LEU A 115 21.15 -22.10 9.16
N SER A 116 20.73 -20.95 8.65
CA SER A 116 21.15 -19.69 9.24
C SER A 116 20.40 -19.39 10.52
N GLY A 117 19.21 -19.97 10.69
CA GLY A 117 18.33 -19.62 11.78
C GLY A 117 17.48 -18.40 11.55
N HIS A 118 17.60 -17.76 10.39
CA HIS A 118 16.87 -16.53 10.13
C HIS A 118 15.66 -16.78 9.25
N THR A 119 14.72 -15.83 9.31
CA THR A 119 13.60 -15.78 8.40
C THR A 119 14.03 -14.97 7.18
N TYR A 120 13.89 -15.57 6.01
CA TYR A 120 14.31 -14.95 4.77
C TYR A 120 13.20 -14.97 3.73
N PRO A 121 13.14 -13.95 2.87
CA PRO A 121 12.40 -14.07 1.61
C PRO A 121 13.15 -15.00 0.65
N ASP A 122 12.47 -15.34 -0.44
CA ASP A 122 12.88 -16.45 -1.29
C ASP A 122 13.83 -15.96 -2.38
N GLN A 123 15.08 -15.73 -1.97
CA GLN A 123 16.10 -15.08 -2.81
C GLN A 123 17.47 -15.72 -2.63
N SER A 124 17.50 -17.03 -2.35
CA SER A 124 18.74 -17.81 -2.19
C SER A 124 19.67 -17.20 -1.14
N LEU A 125 19.09 -16.72 -0.03
CA LEU A 125 19.87 -16.12 1.05
C LEU A 125 20.41 -17.15 2.03
N TYR A 126 19.75 -18.29 2.15
CA TYR A 126 20.10 -19.23 3.19
C TYR A 126 21.28 -20.11 2.75
N PRO A 127 21.92 -20.81 3.69
CA PRO A 127 23.07 -21.64 3.34
C PRO A 127 22.68 -22.84 2.50
N ALA A 128 23.52 -23.15 1.52
CA ALA A 128 23.19 -24.04 0.41
C ALA A 128 23.00 -25.49 0.83
N ASN A 129 23.38 -25.91 2.04
CA ASN A 129 23.05 -27.26 2.49
C ASN A 129 21.74 -27.33 3.28
N SER A 130 20.95 -26.25 3.29
CA SER A 130 19.74 -26.22 4.10
C SER A 130 18.70 -27.22 3.58
N VAL A 131 18.44 -27.23 2.26
CA VAL A 131 17.43 -28.15 1.74
C VAL A 131 17.86 -29.59 1.93
N PRO A 132 19.12 -29.98 1.69
CA PRO A 132 19.52 -31.36 1.98
C PRO A 132 19.27 -31.79 3.41
N GLN A 133 19.52 -30.90 4.38
CA GLN A 133 19.24 -31.23 5.77
C GLN A 133 17.76 -31.52 5.99
N VAL A 134 16.88 -30.76 5.35
CA VAL A 134 15.44 -31.01 5.49
C VAL A 134 15.05 -32.30 4.78
N VAL A 135 15.67 -32.61 3.63
CA VAL A 135 15.40 -33.89 2.97
C VAL A 135 15.71 -35.04 3.91
N ARG A 136 16.90 -35.00 4.51
CA ARG A 136 17.31 -36.01 5.48
C ARG A 136 16.35 -36.08 6.66
N ARG A 137 15.91 -34.92 7.16
CA ARG A 137 14.94 -34.86 8.24
C ARG A 137 13.63 -35.55 7.86
N ILE A 138 13.11 -35.23 6.69
CA ILE A 138 11.85 -35.82 6.25
C ILE A 138 11.99 -37.34 6.14
N ASN A 139 13.09 -37.81 5.53
CA ASN A 139 13.29 -39.26 5.45
C ASN A 139 13.38 -39.88 6.84
N ASN A 140 14.08 -39.23 7.76
CA ASN A 140 14.17 -39.75 9.12
C ASN A 140 12.79 -39.84 9.78
N ALA A 141 11.96 -38.82 9.59
CA ALA A 141 10.62 -38.82 10.15
C ALA A 141 9.77 -39.94 9.55
N LEU A 142 9.82 -40.11 8.23
CA LEU A 142 9.05 -41.18 7.59
C LEU A 142 9.56 -42.55 8.01
N GLN A 143 10.86 -42.67 8.19
CA GLN A 143 11.42 -43.93 8.67
C GLN A 143 10.92 -44.24 10.06
N ARG A 144 10.79 -43.22 10.91
CA ARG A 144 10.26 -43.47 12.26
C ARG A 144 8.81 -43.92 12.19
N ALA A 145 8.01 -43.22 11.38
CA ALA A 145 6.62 -43.64 11.18
C ALA A 145 6.55 -45.07 10.66
N ASP A 146 7.44 -45.44 9.74
CA ASP A 146 7.49 -46.80 9.21
C ASP A 146 7.84 -47.81 10.30
N GLN A 147 8.79 -47.46 11.16
CA GLN A 147 9.20 -48.32 12.26
C GLN A 147 8.08 -48.52 13.25
N ILE A 148 7.39 -47.44 13.61
CA ILE A 148 6.27 -47.53 14.54
C ILE A 148 5.16 -48.40 13.95
N ALA A 149 4.83 -48.16 12.68
CA ALA A 149 3.78 -48.95 12.04
C ALA A 149 4.09 -50.43 12.12
N LYS A 150 5.36 -50.80 11.93
CA LYS A 150 5.70 -52.22 11.95
C LYS A 150 5.39 -52.83 13.31
N ILE A 151 5.87 -52.21 14.39
CA ILE A 151 5.65 -52.80 15.71
C ILE A 151 4.20 -52.69 16.13
N GLU A 152 3.44 -51.76 15.57
CA GLU A 152 2.02 -51.67 15.88
C GLU A 152 1.14 -52.54 14.99
N GLY A 153 1.69 -53.16 13.95
CA GLY A 153 0.87 -53.94 13.04
C GLY A 153 0.01 -53.09 12.13
N ASP A 154 0.38 -51.84 11.93
CA ASP A 154 -0.40 -50.88 11.15
C ASP A 154 0.00 -51.00 9.69
N THR A 155 -0.88 -51.63 8.90
CA THR A 155 -0.69 -51.78 7.47
C THR A 155 -1.46 -50.74 6.66
N SER A 156 -2.00 -49.71 7.32
CA SER A 156 -2.88 -48.77 6.64
C SER A 156 -2.16 -47.91 5.62
N VAL A 157 -0.84 -47.71 5.77
CA VAL A 157 -0.03 -46.99 4.80
C VAL A 157 0.84 -48.00 4.08
N GLU A 158 0.72 -48.03 2.75
CA GLU A 158 1.46 -49.00 1.95
C GLU A 158 2.94 -48.68 1.91
N ASN A 159 3.29 -47.42 1.62
CA ASN A 159 4.68 -47.01 1.50
C ASN A 159 4.90 -45.73 2.31
N TRP A 160 5.53 -45.86 3.48
CA TRP A 160 5.82 -44.67 4.30
C TRP A 160 6.93 -43.82 3.67
N LEU A 161 7.81 -44.42 2.87
CA LEU A 161 8.93 -43.69 2.31
C LEU A 161 8.52 -43.10 0.96
N ALA A 162 7.59 -42.17 1.04
CA ALA A 162 7.14 -41.48 -0.16
C ALA A 162 8.31 -40.75 -0.81
N PRO A 163 8.32 -40.65 -2.13
CA PRO A 163 9.40 -39.92 -2.79
C PRO A 163 9.35 -38.42 -2.47
N ILE A 164 10.53 -37.84 -2.27
CA ILE A 164 10.68 -36.42 -2.00
C ILE A 164 11.16 -35.70 -3.26
N VAL A 165 10.45 -34.67 -3.67
CA VAL A 165 10.90 -33.77 -4.74
C VAL A 165 11.31 -32.46 -4.08
N ALA A 166 12.58 -32.07 -4.26
CA ALA A 166 13.17 -30.96 -3.53
C ALA A 166 13.69 -29.87 -4.47
N ASP A 167 13.75 -28.66 -3.91
CA ASP A 167 14.04 -27.42 -4.63
C ASP A 167 15.55 -27.21 -4.73
N GLY A 168 16.10 -27.29 -5.95
CA GLY A 168 17.48 -26.91 -6.20
C GLY A 168 17.72 -25.45 -6.48
N GLU A 169 16.65 -24.65 -6.53
CA GLU A 169 16.69 -23.23 -6.80
C GLU A 169 17.53 -22.97 -8.05
N ALA A 170 18.45 -22.01 -8.01
CA ALA A 170 19.29 -21.70 -9.16
C ALA A 170 20.70 -22.25 -8.98
N GLY A 171 20.89 -23.16 -8.03
CA GLY A 171 22.17 -23.81 -7.85
C GLY A 171 23.16 -23.12 -6.95
N PHE A 172 22.82 -21.94 -6.43
CA PHE A 172 23.69 -21.22 -5.50
C PHE A 172 25.06 -20.95 -6.12
N GLY A 173 25.09 -20.74 -7.43
CA GLY A 173 26.33 -20.38 -8.06
C GLY A 173 26.47 -20.94 -9.45
N GLY A 174 27.63 -21.54 -9.72
CA GLY A 174 27.94 -22.11 -11.00
C GLY A 174 27.61 -23.57 -11.07
N ALA A 175 28.03 -24.18 -12.19
CA ALA A 175 27.79 -25.61 -12.42
C ALA A 175 28.29 -26.47 -11.28
N LEU A 176 29.40 -26.07 -10.65
CA LEU A 176 29.95 -26.87 -9.55
C LEU A 176 29.10 -26.73 -8.29
N ASN A 177 28.48 -25.56 -8.07
CA ASN A 177 27.57 -25.42 -6.94
C ASN A 177 26.31 -26.27 -7.15
N VAL A 178 25.79 -26.29 -8.38
CA VAL A 178 24.72 -27.22 -8.76
C VAL A 178 25.12 -28.65 -8.44
N TYR A 179 26.30 -29.07 -8.92
CA TYR A 179 26.77 -30.44 -8.75
C TYR A 179 26.75 -30.84 -7.27
N GLU A 180 27.27 -29.97 -6.40
CA GLU A 180 27.38 -30.30 -4.98
C GLU A 180 26.03 -30.32 -4.28
N LEU A 181 25.11 -29.45 -4.70
CA LEU A 181 23.76 -29.47 -4.13
C LEU A 181 23.03 -30.74 -4.52
N GLN A 182 23.11 -31.13 -5.79
CA GLN A 182 22.51 -32.40 -6.22
C GLN A 182 23.09 -33.57 -5.45
N LYS A 183 24.42 -33.60 -5.29
CA LYS A 183 25.05 -34.68 -4.55
C LYS A 183 24.57 -34.71 -3.11
N ALA A 184 24.42 -33.55 -2.47
CA ALA A 184 23.95 -33.51 -1.08
C ALA A 184 22.47 -33.88 -0.96
N LEU A 185 21.66 -33.50 -1.95
CA LEU A 185 20.28 -33.93 -1.97
C LEU A 185 20.18 -35.45 -2.06
N ILE A 186 21.04 -36.05 -2.89
CA ILE A 186 21.02 -37.49 -3.06
C ILE A 186 21.46 -38.18 -1.77
N ALA A 187 22.54 -37.71 -1.17
CA ALA A 187 23.03 -38.32 0.07
C ALA A 187 21.95 -38.32 1.14
N ALA A 188 21.08 -37.30 1.16
CA ALA A 188 20.00 -37.20 2.13
C ALA A 188 18.80 -38.07 1.78
N GLY A 189 18.72 -38.56 0.55
CA GLY A 189 17.65 -39.44 0.13
C GLY A 189 16.58 -38.82 -0.75
N VAL A 190 16.92 -37.82 -1.56
CA VAL A 190 15.97 -37.18 -2.47
C VAL A 190 15.62 -38.12 -3.63
N ALA A 191 14.37 -38.01 -4.10
CA ALA A 191 13.92 -38.73 -5.27
C ALA A 191 14.02 -37.91 -6.53
N GLY A 192 13.88 -36.59 -6.40
CA GLY A 192 13.89 -35.72 -7.56
C GLY A 192 14.21 -34.32 -7.11
N SER A 193 14.66 -33.50 -8.05
CA SER A 193 15.08 -32.15 -7.72
C SER A 193 14.85 -31.25 -8.91
N HIS A 194 14.50 -29.99 -8.64
CA HIS A 194 14.21 -29.05 -9.72
C HIS A 194 15.16 -27.86 -9.70
N TRP A 195 15.39 -27.32 -10.90
CA TRP A 195 16.43 -26.34 -11.18
C TRP A 195 15.87 -25.32 -12.16
N GLU A 196 16.07 -24.04 -11.86
CA GLU A 196 15.42 -22.95 -12.57
C GLU A 196 16.44 -22.06 -13.29
N ASP A 197 16.01 -21.48 -14.41
CA ASP A 197 16.89 -20.71 -15.29
C ASP A 197 17.04 -19.24 -14.89
N GLN A 198 17.25 -18.99 -13.59
CA GLN A 198 17.51 -17.66 -13.04
C GLN A 198 18.97 -17.48 -12.68
N LEU A 199 19.41 -16.22 -12.66
CA LEU A 199 20.70 -15.84 -12.09
C LEU A 199 20.64 -16.04 -10.59
N ALA A 200 21.55 -16.88 -10.05
CA ALA A 200 21.44 -17.25 -8.65
C ALA A 200 21.63 -16.05 -7.72
N SER A 201 22.51 -15.13 -8.08
CA SER A 201 22.76 -13.95 -7.25
C SER A 201 21.57 -13.00 -7.18
N GLU A 202 20.57 -13.16 -8.05
CA GLU A 202 19.34 -12.36 -8.05
C GLU A 202 18.10 -13.25 -8.03
N LYS A 203 18.23 -14.46 -7.48
CA LYS A 203 17.14 -15.43 -7.52
C LYS A 203 15.90 -14.88 -6.83
N LYS A 204 14.75 -15.16 -7.44
CA LYS A 204 13.45 -14.81 -6.86
C LYS A 204 12.52 -16.01 -6.88
N EJA A 205 11.56 -16.00 -5.97
CA EJA A 205 10.39 -16.83 -6.10
CB EJA A 205 9.40 -16.57 -4.94
SG EJA A 205 7.72 -17.34 -5.24
CD EJA A 205 7.77 -19.26 -5.11
CE EJA A 205 6.78 -19.90 -4.21
CZ EJA A 205 5.37 -19.78 -4.83
OT1 EJA A 205 4.99 -18.62 -5.25
OT2 EJA A 205 4.62 -20.81 -4.99
NE EJA A 205 8.54 -20.09 -5.80
OZ EJA A 205 9.44 -19.59 -6.69
C EJA A 205 9.77 -16.48 -7.51
O EJA A 205 9.80 -15.32 -7.93
H EJA A 205 11.55 -15.50 -5.24
HA EJA A 205 10.65 -17.77 -6.11
HB2 EJA A 205 9.22 -15.61 -4.83
HB3 EJA A 205 9.74 -16.88 -4.09
HE2 EJA A 205 6.72 -19.51 -3.32
HE1 EJA A 205 6.94 -20.84 -4.04
HOZ EJA A 205 10.18 -19.94 -6.44
N GLY A 206 9.20 -17.48 -8.18
CA GLY A 206 8.65 -17.27 -9.52
C GLY A 206 7.52 -16.26 -9.57
N HIS A 207 6.93 -15.98 -8.41
CA HIS A 207 5.83 -15.03 -8.30
C HIS A 207 6.23 -13.76 -7.57
N LEU A 208 7.52 -13.55 -7.40
CA LEU A 208 8.08 -12.24 -7.07
C LEU A 208 8.53 -11.58 -8.36
N GLY A 209 8.71 -10.26 -8.29
CA GLY A 209 9.28 -9.51 -9.39
C GLY A 209 10.79 -9.45 -9.31
N GLY A 210 11.37 -8.72 -10.27
CA GLY A 210 12.80 -8.51 -10.30
C GLY A 210 13.60 -9.73 -10.70
N LYS A 211 13.03 -10.59 -11.53
CA LYS A 211 13.71 -11.83 -11.90
C LYS A 211 14.62 -11.60 -13.09
N VAL A 212 15.74 -12.31 -13.10
CA VAL A 212 16.76 -12.20 -14.12
C VAL A 212 17.04 -13.60 -14.66
N LEU A 213 16.75 -13.82 -15.94
CA LEU A 213 17.07 -15.09 -16.57
C LEU A 213 18.57 -15.22 -16.83
N ILE A 214 19.01 -16.46 -16.96
CA ILE A 214 20.34 -16.76 -17.47
C ILE A 214 20.14 -17.30 -18.88
N PRO A 215 21.18 -17.41 -19.68
CA PRO A 215 21.02 -17.89 -21.06
C PRO A 215 20.58 -19.35 -21.12
N THR A 216 19.80 -19.66 -22.16
CA THR A 216 19.32 -21.04 -22.37
C THR A 216 20.46 -22.05 -22.19
N GLN A 217 21.61 -21.80 -22.81
CA GLN A 217 22.69 -22.78 -22.75
C GLN A 217 23.23 -22.94 -21.34
N GLN A 218 23.22 -21.86 -20.54
CA GLN A 218 23.69 -21.97 -19.17
C GLN A 218 22.76 -22.84 -18.33
N HIS A 219 21.46 -22.81 -18.60
CA HIS A 219 20.62 -23.73 -17.85
C HIS A 219 20.78 -25.17 -18.32
N ILE A 220 21.05 -25.40 -19.61
CA ILE A 220 21.37 -26.75 -20.04
C ILE A 220 22.61 -27.24 -19.30
N ARG A 221 23.57 -26.34 -19.07
CA ARG A 221 24.74 -26.70 -18.28
C ARG A 221 24.33 -27.11 -16.86
N THR A 222 23.39 -26.40 -16.26
CA THR A 222 22.91 -26.75 -14.93
C THR A 222 22.23 -28.13 -14.93
N LEU A 223 21.34 -28.34 -15.88
CA LEU A 223 20.64 -29.62 -15.99
C LEU A 223 21.63 -30.76 -16.24
N THR A 224 22.66 -30.50 -17.05
CA THR A 224 23.70 -31.48 -17.30
C THR A 224 24.48 -31.79 -16.03
N SER A 225 24.82 -30.75 -15.26
CA SER A 225 25.56 -30.95 -14.02
C SER A 225 24.73 -31.72 -12.99
N ALA A 226 23.43 -31.46 -12.92
CA ALA A 226 22.55 -32.21 -12.03
C ALA A 226 22.48 -33.70 -12.41
N ARG A 227 22.38 -34.00 -13.70
CA ARG A 227 22.40 -35.39 -14.14
C ARG A 227 23.74 -36.04 -13.83
N LEU A 228 24.84 -35.32 -14.08
CA LEU A 228 26.17 -35.87 -13.82
C LEU A 228 26.35 -36.25 -12.36
N ALA A 229 25.92 -35.37 -11.45
CA ALA A 229 26.04 -35.70 -10.04
C ALA A 229 25.25 -36.96 -9.69
N ALA A 230 24.06 -37.13 -10.28
CA ALA A 230 23.27 -38.33 -10.05
C ALA A 230 23.95 -39.56 -10.66
N ASP A 231 24.50 -39.43 -11.85
CA ASP A 231 25.22 -40.55 -12.46
C ASP A 231 26.44 -40.94 -11.63
N VAL A 232 27.19 -39.95 -11.15
CA VAL A 232 28.37 -40.26 -10.36
C VAL A 232 27.97 -40.95 -9.07
N ALA A 233 26.83 -40.54 -8.51
CA ALA A 233 26.27 -41.16 -7.31
C ALA A 233 25.45 -42.43 -7.62
N ASP A 234 25.26 -42.74 -8.90
CA ASP A 234 24.70 -44.03 -9.33
C ASP A 234 23.24 -44.21 -8.91
N VAL A 235 22.45 -43.14 -9.05
CA VAL A 235 21.02 -43.21 -8.74
C VAL A 235 20.22 -42.50 -9.82
N PRO A 236 19.01 -42.98 -10.18
CA PRO A 236 18.23 -42.43 -11.29
C PRO A 236 17.35 -41.25 -10.87
N THR A 237 17.94 -40.28 -10.17
CA THR A 237 17.22 -39.11 -9.68
C THR A 237 16.38 -38.48 -10.79
N VAL A 238 15.17 -38.05 -10.43
CA VAL A 238 14.29 -37.35 -11.36
C VAL A 238 14.73 -35.89 -11.44
N VAL A 239 15.03 -35.41 -12.64
CA VAL A 239 15.56 -34.07 -12.86
C VAL A 239 14.47 -33.22 -13.53
N ILE A 240 14.15 -32.10 -12.89
CA ILE A 240 13.04 -31.25 -13.28
C ILE A 240 13.60 -29.90 -13.69
N ALA A 241 13.21 -29.43 -14.87
CA ALA A 241 13.62 -28.14 -15.37
C ALA A 241 12.48 -27.16 -15.18
N ARG A 242 12.79 -25.99 -14.62
CA ARG A 242 11.82 -24.93 -14.42
C ARG A 242 12.27 -23.70 -15.20
N THR A 243 11.35 -23.05 -15.91
CA THR A 243 11.65 -21.79 -16.58
C THR A 243 10.82 -20.67 -15.97
N ASP A 244 11.48 -19.53 -15.78
CA ASP A 244 10.87 -18.32 -15.25
C ASP A 244 10.64 -17.25 -16.31
N ALA A 245 10.61 -17.66 -17.58
CA ALA A 245 10.56 -16.70 -18.69
C ALA A 245 9.18 -16.10 -18.90
N GLU A 246 8.14 -16.60 -18.24
CA GLU A 246 6.82 -16.03 -18.44
C GLU A 246 6.75 -14.61 -17.94
N ALA A 247 7.41 -14.32 -16.81
CA ALA A 247 7.37 -13.00 -16.19
C ALA A 247 8.69 -12.26 -16.19
N ALA A 248 9.82 -12.95 -16.22
CA ALA A 248 11.09 -12.24 -16.15
C ALA A 248 11.26 -11.37 -17.38
N THR A 249 11.61 -10.09 -17.16
CA THR A 249 11.87 -9.17 -18.26
C THR A 249 13.35 -8.83 -18.40
N LEU A 250 14.21 -9.57 -17.71
CA LEU A 250 15.64 -9.34 -17.72
C LEU A 250 16.37 -10.64 -17.97
N ILE A 251 17.50 -10.53 -18.65
CA ILE A 251 18.39 -11.66 -18.88
C ILE A 251 19.81 -11.12 -18.77
N THR A 252 20.73 -11.97 -18.31
CA THR A 252 22.09 -11.51 -18.03
C THR A 252 22.85 -11.18 -19.31
N SER A 253 22.57 -11.90 -20.39
CA SER A 253 23.38 -11.87 -21.60
C SER A 253 22.54 -12.22 -22.82
N ASP A 254 22.87 -11.60 -23.95
CA ASP A 254 22.31 -11.95 -25.25
C ASP A 254 23.16 -12.98 -25.97
N VAL A 255 23.99 -13.73 -25.25
CA VAL A 255 24.95 -14.62 -25.89
C VAL A 255 24.25 -15.70 -26.72
N ASP A 256 23.14 -16.25 -26.24
CA ASP A 256 22.53 -17.43 -26.85
C ASP A 256 21.57 -17.04 -27.97
N GLU A 257 21.77 -17.61 -29.15
CA GLU A 257 20.94 -17.26 -30.30
C GLU A 257 19.48 -17.67 -30.08
N ARG A 258 19.23 -18.70 -29.28
CA ARG A 258 17.85 -19.04 -28.95
C ARG A 258 17.16 -17.94 -28.17
N ASP A 259 17.92 -17.18 -27.37
CA ASP A 259 17.34 -16.09 -26.58
C ASP A 259 17.26 -14.78 -27.35
N GLN A 260 18.07 -14.60 -28.39
CA GLN A 260 18.17 -13.30 -29.03
C GLN A 260 16.87 -12.78 -29.64
N PRO A 261 15.97 -13.60 -30.20
CA PRO A 261 14.74 -13.05 -30.77
C PRO A 261 13.88 -12.28 -29.77
N PHE A 262 14.06 -12.49 -28.46
CA PHE A 262 13.30 -11.79 -27.44
C PHE A 262 14.05 -10.61 -26.83
N ILE A 263 15.32 -10.43 -27.18
CA ILE A 263 16.14 -9.32 -26.69
C ILE A 263 15.75 -8.06 -27.43
N THR A 264 15.55 -6.97 -26.68
CA THR A 264 15.16 -5.71 -27.32
C THR A 264 16.35 -4.85 -27.71
N GLY A 265 17.51 -5.07 -27.07
CA GLY A 265 18.69 -4.27 -27.24
C GLY A 265 18.94 -3.29 -26.12
N GLU A 266 17.91 -2.96 -25.34
CA GLU A 266 18.03 -2.05 -24.22
C GLU A 266 18.63 -2.77 -23.01
N ARG A 267 19.45 -2.04 -22.23
CA ARG A 267 20.09 -2.62 -21.06
C ARG A 267 19.83 -1.74 -19.84
N THR A 268 19.84 -2.36 -18.67
CA THR A 268 19.67 -1.66 -17.41
C THR A 268 21.00 -1.07 -16.95
N ARG A 269 20.95 -0.26 -15.88
CA ARG A 269 22.17 0.35 -15.35
C ARG A 269 23.15 -0.71 -14.87
N GLU A 270 22.65 -1.89 -14.45
CA GLU A 270 23.53 -2.98 -14.07
C GLU A 270 24.09 -3.73 -15.27
N GLY A 271 23.60 -3.46 -16.48
CA GLY A 271 24.03 -4.17 -17.65
C GLY A 271 23.15 -5.35 -18.03
N PHE A 272 22.05 -5.59 -17.33
CA PHE A 272 21.13 -6.65 -17.72
C PHE A 272 20.44 -6.28 -19.02
N TYR A 273 20.09 -7.30 -19.81
CA TYR A 273 19.39 -7.09 -21.07
C TYR A 273 17.89 -7.24 -20.86
N ARG A 274 17.12 -6.29 -21.40
CA ARG A 274 15.68 -6.36 -21.36
C ARG A 274 15.19 -7.39 -22.37
N THR A 275 14.19 -8.18 -21.99
CA THR A 275 13.73 -9.26 -22.83
C THR A 275 12.22 -9.37 -22.75
N LYS A 276 11.61 -9.72 -23.87
CA LYS A 276 10.15 -9.80 -23.99
C LYS A 276 9.67 -11.11 -23.37
N ASN A 277 8.92 -10.99 -22.28
CA ASN A 277 8.49 -12.15 -21.50
C ASN A 277 7.18 -12.70 -22.04
N GLY A 278 6.85 -13.91 -21.61
CA GLY A 278 5.55 -14.47 -21.91
C GLY A 278 5.69 -15.94 -22.24
N ILE A 279 4.60 -16.52 -22.75
CA ILE A 279 4.57 -17.96 -22.98
C ILE A 279 5.53 -18.36 -24.09
N GLU A 280 5.78 -17.47 -25.07
CA GLU A 280 6.64 -17.82 -26.20
C GLU A 280 8.06 -18.21 -25.80
N PRO A 281 8.81 -17.39 -25.05
CA PRO A 281 10.14 -17.85 -24.62
C PRO A 281 10.09 -19.06 -23.71
N CYS A 282 8.99 -19.24 -22.97
CA CYS A 282 8.84 -20.44 -22.15
C CYS A 282 8.75 -21.69 -23.01
N ILE A 283 7.95 -21.63 -24.07
CA ILE A 283 7.87 -22.77 -24.99
C ILE A 283 9.24 -23.03 -25.59
N ALA A 284 9.94 -21.98 -26.02
CA ALA A 284 11.24 -22.18 -26.65
C ALA A 284 12.22 -22.80 -25.66
N ARG A 285 12.27 -22.28 -24.44
CA ARG A 285 13.23 -22.81 -23.46
C ARG A 285 12.87 -24.23 -23.07
N ALA A 286 11.57 -24.52 -22.93
CA ALA A 286 11.11 -25.86 -22.60
C ALA A 286 11.56 -26.87 -23.65
N LYS A 287 11.37 -26.52 -24.93
CA LYS A 287 11.84 -27.38 -26.00
C LYS A 287 13.34 -27.59 -25.92
N ALA A 288 14.09 -26.53 -25.60
CA ALA A 288 15.53 -26.65 -25.46
C ALA A 288 15.92 -27.46 -24.23
N TYR A 289 15.13 -27.39 -23.16
CA TYR A 289 15.43 -28.15 -21.95
C TYR A 289 14.98 -29.61 -22.02
N ALA A 290 14.04 -29.94 -22.91
CA ALA A 290 13.40 -31.25 -22.89
C ALA A 290 14.39 -32.41 -22.93
N PRO A 291 15.39 -32.44 -23.82
CA PRO A 291 16.32 -33.58 -23.83
C PRO A 291 17.07 -33.77 -22.52
N PHE A 292 17.05 -32.78 -21.63
CA PHE A 292 17.82 -32.81 -20.39
C PHE A 292 16.93 -32.84 -19.16
N ALA A 293 15.62 -33.02 -19.32
CA ALA A 293 14.69 -32.88 -18.21
C ALA A 293 13.64 -33.99 -18.21
N ASP A 294 13.45 -34.60 -17.05
CA ASP A 294 12.42 -35.62 -16.89
C ASP A 294 11.03 -35.02 -16.77
N LEU A 295 10.94 -33.83 -16.19
CA LEU A 295 9.72 -33.03 -16.12
C LEU A 295 10.12 -31.61 -16.48
N ILE A 296 9.18 -30.87 -17.07
CA ILE A 296 9.41 -29.47 -17.38
C ILE A 296 8.26 -28.66 -16.79
N TRP A 297 8.59 -27.50 -16.27
CA TRP A 297 7.69 -26.72 -15.44
C TRP A 297 7.84 -25.26 -15.85
N MET A 298 6.72 -24.60 -16.10
CA MET A 298 6.70 -23.19 -16.45
C MET A 298 5.99 -22.42 -15.33
N GLU A 299 6.70 -21.51 -14.69
CA GLU A 299 6.04 -20.61 -13.76
C GLU A 299 5.07 -19.73 -14.52
N THR A 300 3.94 -19.43 -13.89
CA THR A 300 2.90 -18.63 -14.52
C THR A 300 2.34 -17.63 -13.52
N GLY A 301 1.73 -16.57 -14.03
CA GLY A 301 1.25 -15.50 -13.19
C GLY A 301 -0.14 -15.72 -12.60
N THR A 302 -0.90 -16.65 -13.16
CA THR A 302 -2.24 -16.97 -12.70
C THR A 302 -2.47 -18.45 -12.90
N PRO A 303 -3.45 -19.04 -12.20
CA PRO A 303 -3.85 -20.42 -12.49
C PRO A 303 -4.84 -20.44 -13.64
N ASP A 304 -4.36 -20.78 -14.83
CA ASP A 304 -5.14 -20.67 -16.06
C ASP A 304 -5.04 -21.99 -16.80
N LEU A 305 -6.14 -22.74 -16.84
CA LEU A 305 -6.14 -24.01 -17.55
C LEU A 305 -5.80 -23.83 -19.03
N GLU A 306 -6.31 -22.75 -19.64
CA GLU A 306 -6.06 -22.55 -21.07
C GLU A 306 -4.61 -22.22 -21.35
N ALA A 307 -3.98 -21.42 -20.50
CA ALA A 307 -2.57 -21.13 -20.67
C ALA A 307 -1.74 -22.40 -20.50
N ALA A 308 -2.12 -23.25 -19.54
CA ALA A 308 -1.40 -24.49 -19.33
C ALA A 308 -1.55 -25.43 -20.53
N ARG A 309 -2.73 -25.43 -21.13
CA ARG A 309 -2.97 -26.26 -22.31
C ARG A 309 -2.14 -25.78 -23.49
N GLN A 310 -2.12 -24.46 -23.71
CA GLN A 310 -1.30 -23.92 -24.79
C GLN A 310 0.16 -24.32 -24.62
N PHE A 311 0.68 -24.21 -23.40
CA PHE A 311 2.06 -24.62 -23.15
C PHE A 311 2.23 -26.11 -23.39
N SER A 312 1.31 -26.92 -22.87
CA SER A 312 1.42 -28.37 -22.98
C SER A 312 1.41 -28.82 -24.42
N GLU A 313 0.47 -28.30 -25.22
CA GLU A 313 0.37 -28.72 -26.61
C GLU A 313 1.62 -28.34 -27.40
N ALA A 314 2.15 -27.14 -27.16
CA ALA A 314 3.32 -26.70 -27.92
C ALA A 314 4.53 -27.56 -27.61
N VAL A 315 4.68 -27.95 -26.35
CA VAL A 315 5.81 -28.80 -25.97
C VAL A 315 5.61 -30.20 -26.56
N LYS A 316 4.47 -30.83 -26.28
CA LYS A 316 4.25 -32.20 -26.71
C LYS A 316 4.20 -32.32 -28.22
N ALA A 317 3.97 -31.21 -28.93
CA ALA A 317 4.09 -31.26 -30.38
C ALA A 317 5.47 -31.73 -30.80
N GLU A 318 6.51 -31.35 -30.05
CA GLU A 318 7.88 -31.76 -30.33
C GLU A 318 8.31 -32.98 -29.54
N TYR A 319 7.89 -33.09 -28.29
CA TYR A 319 8.30 -34.15 -27.38
C TYR A 319 7.04 -34.76 -26.80
N PRO A 320 6.37 -35.65 -27.56
CA PRO A 320 5.05 -36.12 -27.13
C PRO A 320 5.04 -36.86 -25.81
N ASP A 321 6.14 -37.49 -25.43
CA ASP A 321 6.21 -38.23 -24.16
C ASP A 321 6.75 -37.39 -23.03
N GLN A 322 7.00 -36.11 -23.24
CA GLN A 322 7.57 -35.26 -22.20
C GLN A 322 6.55 -34.97 -21.12
N MET A 323 6.84 -35.38 -19.89
CA MET A 323 5.94 -35.08 -18.77
C MET A 323 6.18 -33.67 -18.24
N LEU A 324 5.14 -33.09 -17.69
CA LEU A 324 5.17 -31.72 -17.22
C LEU A 324 4.85 -31.67 -15.73
N ALA A 325 5.19 -30.54 -15.12
CA ALA A 325 4.86 -30.29 -13.72
C ALA A 325 4.23 -28.90 -13.60
N TYR A 326 3.35 -28.75 -12.62
CA TYR A 326 2.56 -27.53 -12.44
C TYR A 326 2.52 -27.12 -10.98
N ASN A 327 2.90 -25.87 -10.72
CA ASN A 327 2.90 -25.29 -9.38
C ASN A 327 1.54 -24.68 -9.07
N CYS A 328 0.79 -25.34 -8.20
CA CYS A 328 -0.49 -24.83 -7.72
C CYS A 328 -0.21 -23.91 -6.54
N SER A 329 0.17 -22.68 -6.88
CA SER A 329 0.87 -21.82 -5.95
C SER A 329 -0.10 -21.10 -5.03
N PRO A 330 0.16 -21.07 -3.71
CA PRO A 330 -0.57 -20.16 -2.83
C PRO A 330 -0.28 -18.68 -3.08
N SER A 331 0.70 -18.36 -3.93
CA SER A 331 0.92 -16.98 -4.34
C SER A 331 -0.15 -16.49 -5.30
N PHE A 332 -1.02 -17.37 -5.75
CA PHE A 332 -2.25 -16.99 -6.43
C PHE A 332 -3.37 -16.77 -5.41
N ASN A 333 -4.17 -15.73 -5.65
CA ASN A 333 -5.47 -15.60 -4.97
C ASN A 333 -6.48 -16.39 -5.79
N TRP A 334 -6.80 -17.60 -5.33
CA TRP A 334 -7.47 -18.57 -6.19
C TRP A 334 -8.90 -18.14 -6.52
N LYS A 335 -9.66 -17.69 -5.52
CA LYS A 335 -11.03 -17.28 -5.79
C LYS A 335 -11.12 -15.90 -6.45
N LYS A 336 -10.01 -15.16 -6.54
CA LYS A 336 -10.04 -13.97 -7.38
C LYS A 336 -10.07 -14.35 -8.85
N HIS A 337 -9.49 -15.49 -9.22
CA HIS A 337 -9.32 -15.85 -10.62
C HIS A 337 -10.28 -16.92 -11.10
N LEU A 338 -10.65 -17.87 -10.25
CA LEU A 338 -11.41 -19.04 -10.67
C LEU A 338 -12.68 -19.16 -9.84
N ASP A 339 -13.71 -19.74 -10.45
CA ASP A 339 -14.90 -20.12 -9.72
C ASP A 339 -14.68 -21.46 -9.05
N ASP A 340 -15.62 -21.82 -8.15
CA ASP A 340 -15.47 -23.06 -7.40
C ASP A 340 -15.42 -24.27 -8.32
N ALA A 341 -16.29 -24.32 -9.33
CA ALA A 341 -16.30 -25.48 -10.21
C ALA A 341 -14.96 -25.67 -10.89
N THR A 342 -14.34 -24.58 -11.34
CA THR A 342 -13.04 -24.70 -11.99
C THR A 342 -11.96 -25.10 -10.98
N ILE A 343 -12.07 -24.61 -9.74
CA ILE A 343 -11.10 -24.98 -8.71
C ILE A 343 -11.17 -26.47 -8.45
N ALA A 344 -12.38 -27.03 -8.42
CA ALA A 344 -12.56 -28.43 -8.08
C ALA A 344 -12.00 -29.36 -9.15
N LYS A 345 -12.05 -28.96 -10.42
CA LYS A 345 -11.57 -29.78 -11.52
C LYS A 345 -10.12 -29.47 -11.91
N PHE A 346 -9.50 -28.45 -11.29
CA PHE A 346 -8.23 -27.91 -11.79
C PHE A 346 -7.18 -29.00 -11.99
N GLN A 347 -6.81 -29.71 -10.92
CA GLN A 347 -5.71 -30.66 -11.03
C GLN A 347 -6.05 -31.82 -11.97
N LYS A 348 -7.30 -32.29 -11.96
CA LYS A 348 -7.67 -33.39 -12.83
C LYS A 348 -7.59 -32.97 -14.30
N GLU A 349 -7.99 -31.75 -14.62
CA GLU A 349 -7.87 -31.27 -15.99
C GLU A 349 -6.41 -31.12 -16.39
N LEU A 350 -5.58 -30.59 -15.50
CA LEU A 350 -4.15 -30.47 -15.79
C LEU A 350 -3.52 -31.82 -16.06
N ALA A 351 -3.92 -32.84 -15.29
CA ALA A 351 -3.34 -34.16 -15.46
C ALA A 351 -3.55 -34.68 -16.88
N ALA A 352 -4.75 -34.45 -17.43
CA ALA A 352 -5.05 -34.89 -18.79
C ALA A 352 -4.19 -34.21 -19.83
N MET A 353 -3.66 -33.01 -19.51
CA MET A 353 -2.76 -32.29 -20.41
C MET A 353 -1.32 -32.75 -20.29
N GLY A 354 -1.02 -33.71 -19.43
CA GLY A 354 0.34 -34.17 -19.25
C GLY A 354 1.08 -33.58 -18.07
N PHE A 355 0.40 -32.82 -17.21
CA PHE A 355 1.00 -32.31 -15.98
C PHE A 355 0.87 -33.41 -14.94
N LYS A 356 1.90 -34.25 -14.87
CA LYS A 356 1.88 -35.45 -14.04
C LYS A 356 2.39 -35.22 -12.61
N PHE A 357 3.08 -34.11 -12.35
CA PHE A 357 3.45 -33.75 -11.00
C PHE A 357 2.91 -32.37 -10.69
N GLN A 358 2.00 -32.30 -9.71
CA GLN A 358 1.36 -31.06 -9.28
C GLN A 358 1.55 -30.90 -7.78
N PHE A 359 1.79 -29.67 -7.34
CA PHE A 359 2.19 -29.47 -5.95
C PHE A 359 1.75 -28.10 -5.47
N ILE A 360 1.25 -28.05 -4.24
CA ILE A 360 1.01 -26.78 -3.56
C ILE A 360 2.25 -26.43 -2.73
N THR A 361 3.00 -25.45 -3.24
CA THR A 361 4.34 -25.19 -2.76
C THR A 361 4.37 -24.75 -1.30
N LEU A 362 3.55 -23.78 -0.93
CA LEU A 362 3.62 -23.18 0.40
C LEU A 362 2.53 -23.70 1.33
N ALA A 363 1.99 -24.89 1.07
CA ALA A 363 0.96 -25.46 1.93
C ALA A 363 1.40 -25.52 3.39
N GLY A 364 2.64 -25.93 3.63
CA GLY A 364 3.10 -26.09 5.01
C GLY A 364 3.22 -24.77 5.74
N PHE A 365 3.77 -23.74 5.07
CA PHE A 365 3.83 -22.42 5.67
C PHE A 365 2.45 -21.95 6.09
N HIS A 366 1.44 -22.14 5.24
CA HIS A 366 0.12 -21.58 5.56
C HIS A 366 -0.62 -22.41 6.59
N ALA A 367 -0.54 -23.73 6.52
CA ALA A 367 -1.14 -24.57 7.54
C ALA A 367 -0.54 -24.26 8.90
N LEU A 368 0.79 -24.09 8.95
CA LEU A 368 1.47 -23.85 10.22
C LEU A 368 1.12 -22.48 10.78
N ASN A 369 1.23 -21.43 9.97
CA ASN A 369 0.96 -20.09 10.47
C ASN A 369 -0.50 -19.92 10.86
N TYR A 370 -1.41 -20.36 10.01
CA TYR A 370 -2.82 -20.14 10.28
C TYR A 370 -3.28 -20.91 11.52
N SER A 371 -2.87 -22.16 11.65
CA SER A 371 -3.34 -22.96 12.77
C SER A 371 -2.81 -22.43 14.09
N MET A 372 -1.58 -21.91 14.11
CA MET A 372 -1.08 -21.39 15.38
C MET A 372 -1.67 -20.02 15.69
N PHE A 373 -1.89 -19.19 14.67
CA PHE A 373 -2.56 -17.92 14.92
C PHE A 373 -3.96 -18.16 15.47
N ASP A 374 -4.70 -19.08 14.85
CA ASP A 374 -6.03 -19.42 15.32
C ASP A 374 -6.00 -19.92 16.75
N LEU A 375 -5.11 -20.88 17.04
CA LEU A 375 -5.03 -21.41 18.39
C LEU A 375 -4.61 -20.32 19.38
N ALA A 376 -3.58 -19.55 19.03
CA ALA A 376 -3.06 -18.56 19.95
C ALA A 376 -4.06 -17.46 20.19
N TYR A 377 -4.82 -17.07 19.16
CA TYR A 377 -5.84 -16.05 19.33
C TYR A 377 -6.91 -16.49 20.32
N GLY A 378 -7.50 -17.67 20.09
CA GLY A 378 -8.50 -18.17 21.02
C GLY A 378 -7.94 -18.37 22.41
N TYR A 379 -6.70 -18.84 22.50
CA TYR A 379 -6.06 -18.99 23.81
C TYR A 379 -5.95 -17.65 24.53
N ALA A 380 -5.58 -16.60 23.80
CA ALA A 380 -5.47 -15.29 24.41
C ALA A 380 -6.80 -14.79 24.95
N GLN A 381 -7.91 -15.27 24.37
CA GLN A 381 -9.25 -14.89 24.83
C GLN A 381 -9.78 -15.82 25.93
N ASN A 382 -9.68 -17.14 25.73
CA ASN A 382 -10.39 -18.11 26.55
C ASN A 382 -9.49 -19.15 27.20
N GLN A 383 -8.17 -18.98 27.11
CA GLN A 383 -7.23 -19.93 27.68
C GLN A 383 -7.59 -21.37 27.30
N MET A 384 -7.85 -22.23 28.28
CA MET A 384 -7.90 -23.66 28.02
C MET A 384 -9.06 -24.06 27.13
N SER A 385 -10.14 -23.28 27.08
CA SER A 385 -11.25 -23.64 26.21
C SER A 385 -10.79 -23.76 24.77
N ALA A 386 -9.93 -22.84 24.31
CA ALA A 386 -9.52 -22.82 22.92
C ALA A 386 -8.70 -24.06 22.57
N TYR A 387 -7.87 -24.54 23.50
CA TYR A 387 -7.04 -25.69 23.17
C TYR A 387 -7.87 -26.97 23.17
N VAL A 388 -8.85 -27.05 24.05
CA VAL A 388 -9.71 -28.23 24.10
C VAL A 388 -10.48 -28.39 22.81
N GLU A 389 -10.89 -27.29 22.20
CA GLU A 389 -11.49 -27.38 20.87
C GLU A 389 -10.56 -28.12 19.92
N LEU A 390 -9.26 -27.77 19.92
CA LEU A 390 -8.31 -28.45 19.06
C LEU A 390 -8.21 -29.94 19.42
N GLN A 391 -8.02 -30.24 20.71
CA GLN A 391 -7.87 -31.63 21.09
C GLN A 391 -9.10 -32.43 20.69
N GLU A 392 -10.29 -31.83 20.81
CA GLU A 392 -11.52 -32.53 20.45
C GLU A 392 -11.60 -32.74 18.93
N ARG A 393 -11.12 -31.77 18.15
CA ARG A 393 -11.06 -31.97 16.70
C ARG A 393 -10.14 -33.13 16.36
N GLU A 394 -9.00 -33.22 17.07
CA GLU A 394 -8.08 -34.33 16.86
C GLU A 394 -8.76 -35.66 17.15
N PHE A 395 -9.47 -35.75 18.28
CA PHE A 395 -10.19 -36.99 18.60
C PHE A 395 -11.14 -37.39 17.48
N ALA A 396 -11.85 -36.40 16.91
CA ALA A 396 -12.81 -36.73 15.86
C ALA A 396 -12.12 -37.12 14.57
N ALA A 397 -10.93 -36.60 14.30
CA ALA A 397 -10.21 -36.96 13.09
C ALA A 397 -9.68 -38.39 13.15
N GLU A 398 -9.74 -39.04 14.30
CA GLU A 398 -9.17 -40.37 14.42
C GLU A 398 -9.89 -41.37 13.53
N GLU A 399 -11.18 -41.17 13.26
CA GLU A 399 -11.91 -42.05 12.37
C GLU A 399 -11.44 -41.94 10.92
N ARG A 400 -10.74 -40.85 10.58
CA ARG A 400 -10.18 -40.67 9.26
C ARG A 400 -8.73 -41.14 9.17
N GLY A 401 -8.17 -41.64 10.27
CA GLY A 401 -6.82 -42.15 10.28
C GLY A 401 -5.82 -41.32 11.05
N TYR A 402 -6.24 -40.21 11.66
CA TYR A 402 -5.33 -39.39 12.46
C TYR A 402 -4.91 -40.13 13.71
N THR A 403 -3.61 -40.13 14.01
CA THR A 403 -3.06 -40.86 15.15
C THR A 403 -2.28 -39.98 16.14
N ALA A 404 -2.02 -38.73 15.81
CA ALA A 404 -1.09 -37.92 16.59
C ALA A 404 -1.68 -37.41 17.90
N THR A 405 -2.99 -37.60 18.12
CA THR A 405 -3.55 -37.28 19.43
C THR A 405 -2.78 -38.02 20.53
N LYS A 406 -2.45 -39.29 20.30
CA LYS A 406 -1.55 -40.03 21.19
C LYS A 406 -0.13 -39.68 20.78
N HIS A 407 0.32 -38.53 21.29
CA HIS A 407 1.58 -37.97 20.82
C HIS A 407 2.78 -38.79 21.25
N GLN A 408 2.69 -39.52 22.37
CA GLN A 408 3.85 -40.25 22.86
C GLN A 408 4.23 -41.36 21.87
N ARG A 409 3.28 -42.21 21.51
CA ARG A 409 3.54 -43.25 20.52
C ARG A 409 3.84 -42.67 19.15
N GLU A 410 3.25 -41.51 18.83
CA GLU A 410 3.43 -40.92 17.52
C GLU A 410 4.89 -40.63 17.22
N VAL A 411 5.68 -40.25 18.23
CA VAL A 411 7.08 -39.88 18.06
C VAL A 411 8.02 -41.00 18.48
N GLY A 412 7.49 -42.18 18.77
CA GLY A 412 8.31 -43.38 18.94
C GLY A 412 8.52 -43.88 20.35
N ALA A 413 7.73 -43.43 21.33
CA ALA A 413 7.95 -43.88 22.69
C ALA A 413 7.81 -45.40 22.79
N GLY A 414 6.88 -45.98 22.03
CA GLY A 414 6.74 -47.43 22.02
C GLY A 414 7.83 -48.12 21.23
N TYR A 415 8.33 -47.47 20.17
CA TYR A 415 9.45 -48.06 19.43
C TYR A 415 10.69 -48.12 20.31
N PHE A 416 11.00 -47.03 21.03
CA PHE A 416 12.18 -47.02 21.89
C PHE A 416 12.01 -47.90 23.12
N ASP A 417 10.78 -48.03 23.63
CA ASP A 417 10.51 -49.06 24.64
C ASP A 417 10.88 -50.44 24.13
N ARG A 418 10.56 -50.72 22.87
CA ARG A 418 10.93 -52.01 22.28
C ARG A 418 12.45 -52.14 22.19
N ILE A 419 13.15 -51.08 21.78
CA ILE A 419 14.61 -51.13 21.83
C ILE A 419 15.09 -51.43 23.25
N ALA A 420 14.58 -50.68 24.23
CA ALA A 420 15.06 -50.81 25.60
C ALA A 420 14.83 -52.22 26.15
N THR A 421 13.67 -52.81 25.87
CA THR A 421 13.39 -54.15 26.39
C THR A 421 14.09 -55.22 25.56
N THR A 422 14.52 -54.90 24.34
CA THR A 422 15.38 -55.83 23.61
C THR A 422 16.77 -55.86 24.24
N VAL A 423 17.27 -54.70 24.66
CA VAL A 423 18.58 -54.63 25.31
C VAL A 423 18.53 -55.24 26.71
N ASP A 424 17.50 -54.90 27.48
CA ASP A 424 17.33 -55.41 28.85
C ASP A 424 15.84 -55.67 29.06
N PRO A 425 15.39 -56.92 28.86
CA PRO A 425 13.96 -57.19 29.03
C PRO A 425 13.42 -56.83 30.41
N ASN A 426 14.28 -56.77 31.42
CA ASN A 426 13.89 -56.50 32.80
C ASN A 426 13.94 -55.01 33.16
N SER A 427 14.04 -54.14 32.17
CA SER A 427 14.13 -52.71 32.46
C SER A 427 12.93 -52.24 33.27
N SER A 428 13.19 -51.45 34.30
CA SER A 428 12.12 -50.83 35.07
C SER A 428 11.90 -49.38 34.68
N THR A 429 12.43 -48.95 33.53
CA THR A 429 12.40 -47.55 33.11
C THR A 429 11.79 -47.37 31.73
N THR A 430 10.88 -48.25 31.33
CA THR A 430 10.16 -48.06 30.08
C THR A 430 9.08 -46.99 30.25
N ALA A 431 8.71 -46.36 29.14
CA ALA A 431 8.01 -45.07 29.10
C ALA A 431 6.50 -45.18 28.95
N LEU A 432 6.00 -46.06 28.06
CA LEU A 432 4.56 -46.08 27.84
C LEU A 432 3.82 -46.73 29.00
N THR A 433 4.43 -47.70 29.66
CA THR A 433 3.80 -48.35 30.80
C THR A 433 3.81 -47.39 31.97
N GLY A 434 2.62 -46.94 32.37
CA GLY A 434 2.45 -45.95 33.40
C GLY A 434 2.20 -44.55 32.88
N SER A 435 2.25 -44.34 31.56
CA SER A 435 2.06 -43.00 31.03
C SER A 435 0.60 -42.58 31.17
N THR A 436 0.38 -41.26 31.15
CA THR A 436 -0.99 -40.77 31.08
C THR A 436 -1.64 -41.09 29.74
N GLU A 437 -0.83 -41.25 28.68
CA GLU A 437 -1.37 -41.71 27.41
C GLU A 437 -2.00 -43.09 27.55
N GLU A 438 -1.31 -44.00 28.22
CA GLU A 438 -1.89 -45.32 28.48
C GLU A 438 -3.15 -45.22 29.32
N GLY A 439 -3.18 -44.30 30.28
CA GLY A 439 -4.27 -44.25 31.23
C GLY A 439 -5.46 -43.41 30.82
N GLN A 440 -5.29 -42.53 29.83
CA GLN A 440 -6.32 -41.56 29.51
C GLN A 440 -6.70 -41.48 28.04
N PHE A 441 -6.01 -42.18 27.15
CA PHE A 441 -6.25 -42.07 25.70
C PHE A 441 -6.51 -43.41 25.03
N MET B 15 44.16 -2.38 26.51
CA MET B 15 43.62 -2.46 25.13
C MET B 15 42.32 -1.66 25.03
N SER B 16 41.19 -2.34 25.11
CA SER B 16 39.87 -1.72 25.06
C SER B 16 39.20 -1.83 26.43
N VAL B 17 38.07 -1.15 26.58
CA VAL B 17 37.26 -1.25 27.79
C VAL B 17 35.92 -1.93 27.54
N VAL B 18 35.61 -2.26 26.28
CA VAL B 18 34.34 -2.90 25.98
C VAL B 18 34.27 -4.24 26.68
N GLY B 19 33.14 -4.50 27.35
CA GLY B 19 32.96 -5.75 28.06
C GLY B 19 33.79 -5.92 29.31
N THR B 20 34.30 -4.83 29.89
CA THR B 20 35.05 -4.96 31.13
C THR B 20 34.15 -5.53 32.21
N PRO B 21 34.61 -6.51 32.99
CA PRO B 21 33.74 -7.08 34.03
C PRO B 21 33.49 -6.10 35.17
N LYS B 22 32.34 -6.27 35.81
CA LYS B 22 32.08 -5.56 37.04
C LYS B 22 33.02 -6.05 38.12
N SER B 23 33.18 -5.24 39.14
CA SER B 23 33.90 -5.68 40.33
C SER B 23 32.99 -6.56 41.18
N ALA B 24 33.62 -7.33 42.07
CA ALA B 24 32.84 -8.15 43.00
C ALA B 24 31.96 -7.28 43.89
N GLU B 25 32.43 -6.09 44.26
CA GLU B 25 31.63 -5.21 45.11
C GLU B 25 30.35 -4.79 44.41
N GLN B 26 30.44 -4.43 43.12
CA GLN B 26 29.25 -4.04 42.36
C GLN B 26 28.26 -5.20 42.28
N ILE B 27 28.75 -6.39 41.94
CA ILE B 27 27.88 -7.56 41.94
C ILE B 27 27.20 -7.72 43.29
N GLN B 28 27.98 -7.60 44.37
CA GLN B 28 27.41 -7.79 45.70
C GLN B 28 26.34 -6.74 45.98
N GLN B 29 26.62 -5.47 45.68
CA GLN B 29 25.62 -4.43 45.86
C GLN B 29 24.34 -4.78 45.10
N GLU B 30 24.46 -5.24 43.85
CA GLU B 30 23.29 -5.65 43.09
C GLU B 30 22.53 -6.76 43.82
N TRP B 31 23.24 -7.77 44.30
CA TRP B 31 22.60 -8.83 45.06
C TRP B 31 21.93 -8.30 46.33
N ASP B 32 22.55 -7.29 46.96
CA ASP B 32 22.08 -6.82 48.26
C ASP B 32 20.90 -5.85 48.13
N THR B 33 20.77 -5.14 47.02
CA THR B 33 19.80 -4.06 46.91
C THR B 33 18.75 -4.24 45.81
N ASN B 34 19.01 -5.06 44.80
CA ASN B 34 18.03 -5.24 43.72
C ASN B 34 16.91 -6.16 44.17
N PRO B 35 15.65 -5.72 44.21
CA PRO B 35 14.56 -6.60 44.66
C PRO B 35 14.43 -7.86 43.85
N ARG B 36 15.05 -7.92 42.67
CA ARG B 36 15.09 -9.15 41.89
C ARG B 36 15.70 -10.29 42.71
N TRP B 37 16.66 -10.00 43.58
CA TRP B 37 17.39 -11.03 44.28
C TRP B 37 16.96 -11.18 45.73
N LYS B 38 15.81 -10.62 46.10
CA LYS B 38 15.39 -10.61 47.49
C LYS B 38 15.33 -12.01 48.07
N ASP B 39 14.68 -12.94 47.36
CA ASP B 39 14.46 -14.27 47.92
C ASP B 39 15.41 -15.31 47.34
N VAL B 40 16.54 -14.90 46.78
CA VAL B 40 17.43 -15.79 46.05
C VAL B 40 18.64 -16.10 46.90
N THR B 41 18.83 -17.39 47.21
CA THR B 41 20.00 -17.87 47.94
C THR B 41 21.08 -18.29 46.95
N ARG B 42 22.32 -17.91 47.25
CA ARG B 42 23.49 -18.29 46.44
C ARG B 42 24.55 -18.85 47.37
N THR B 43 24.91 -20.12 47.17
CA THR B 43 25.89 -20.72 48.06
C THR B 43 27.33 -20.39 47.70
N TYR B 44 27.55 -19.66 46.61
CA TYR B 44 28.85 -19.16 46.21
C TYR B 44 28.85 -17.64 46.37
N SER B 45 30.03 -17.04 46.28
CA SER B 45 30.24 -15.61 46.49
C SER B 45 30.34 -14.85 45.17
N ALA B 46 30.36 -13.52 45.29
CA ALA B 46 30.53 -12.66 44.12
C ALA B 46 31.95 -12.75 43.56
N GLU B 47 32.95 -12.88 44.44
CA GLU B 47 34.31 -13.08 43.96
C GLU B 47 34.43 -14.37 43.16
N ASP B 48 33.70 -15.42 43.57
CA ASP B 48 33.66 -16.67 42.81
C ASP B 48 33.11 -16.42 41.40
N VAL B 49 32.08 -15.58 41.29
CA VAL B 49 31.52 -15.24 39.98
C VAL B 49 32.57 -14.53 39.12
N VAL B 50 33.23 -13.52 39.70
CA VAL B 50 34.21 -12.72 38.97
C VAL B 50 35.39 -13.59 38.54
N ALA B 51 35.81 -14.54 39.40
CA ALA B 51 36.93 -15.41 39.08
C ALA B 51 36.71 -16.21 37.80
N LEU B 52 35.47 -16.40 37.40
CA LEU B 52 35.16 -17.25 36.26
C LEU B 52 34.91 -16.48 34.98
N GLN B 53 35.02 -15.15 35.02
CA GLN B 53 34.56 -14.31 33.92
C GLN B 53 35.67 -13.90 32.95
N GLY B 54 36.89 -14.36 33.15
CA GLY B 54 37.95 -13.93 32.24
C GLY B 54 38.13 -12.44 32.33
N SER B 55 38.61 -11.83 31.24
CA SER B 55 38.84 -10.39 31.26
C SER B 55 37.85 -9.62 30.39
N VAL B 56 36.88 -10.31 29.78
CA VAL B 56 35.85 -9.68 28.97
C VAL B 56 34.53 -10.43 29.19
N VAL B 57 33.44 -9.70 29.42
CA VAL B 57 32.12 -10.32 29.58
C VAL B 57 31.28 -9.92 28.36
N GLU B 58 30.86 -10.92 27.58
CA GLU B 58 29.96 -10.64 26.47
C GLU B 58 28.61 -10.17 26.99
N GLU B 59 28.12 -9.07 26.44
CA GLU B 59 26.74 -8.68 26.66
C GLU B 59 25.81 -9.61 25.91
N HIS B 60 24.68 -9.94 26.55
CA HIS B 60 23.64 -10.81 25.98
C HIS B 60 22.32 -10.02 25.98
N THR B 61 22.13 -9.17 24.96
CA THR B 61 21.04 -8.21 24.98
C THR B 61 19.69 -8.89 25.12
N LEU B 62 19.39 -9.88 24.28
CA LEU B 62 18.05 -10.46 24.31
C LEU B 62 17.79 -11.28 25.56
N ALA B 63 18.82 -11.94 26.10
CA ALA B 63 18.66 -12.68 27.35
C ALA B 63 18.41 -11.72 28.51
N ARG B 64 19.09 -10.57 28.53
CA ARG B 64 18.84 -9.59 29.57
C ARG B 64 17.47 -8.98 29.40
N ARG B 65 17.14 -8.54 28.19
CA ARG B 65 15.86 -7.89 27.99
C ARG B 65 14.72 -8.85 28.26
N GLY B 66 14.80 -10.07 27.72
CA GLY B 66 13.75 -11.05 27.95
C GLY B 66 13.58 -11.38 29.41
N ALA B 67 14.68 -11.60 30.13
CA ALA B 67 14.59 -11.94 31.54
C ALA B 67 13.97 -10.81 32.36
N GLU B 68 14.33 -9.55 32.05
CA GLU B 68 13.77 -8.42 32.80
C GLU B 68 12.28 -8.25 32.52
N VAL B 69 11.90 -8.36 31.23
CA VAL B 69 10.49 -8.27 30.86
C VAL B 69 9.69 -9.39 31.50
N LEU B 70 10.23 -10.60 31.45
CA LEU B 70 9.55 -11.74 32.04
C LEU B 70 9.32 -11.52 33.52
N TRP B 71 10.36 -11.05 34.23
CA TRP B 71 10.20 -10.83 35.67
C TRP B 71 9.20 -9.71 35.93
N GLU B 72 9.21 -8.65 35.12
CA GLU B 72 8.24 -7.59 35.32
C GLU B 72 6.82 -8.06 34.99
N GLN B 73 6.67 -8.87 33.94
CA GLN B 73 5.36 -9.39 33.58
C GLN B 73 4.80 -10.31 34.67
N LEU B 74 5.63 -11.18 35.24
CA LEU B 74 5.14 -12.11 36.27
C LEU B 74 4.59 -11.39 37.48
N HIS B 75 4.91 -10.10 37.62
CA HIS B 75 4.44 -9.30 38.74
C HIS B 75 3.40 -8.25 38.37
N ASP B 76 3.32 -7.83 37.10
CA ASP B 76 2.33 -6.87 36.66
C ASP B 76 1.06 -7.56 36.16
N LEU B 77 1.21 -8.55 35.26
CA LEU B 77 0.06 -9.25 34.74
C LEU B 77 -0.55 -10.16 35.80
N GLU B 78 -1.86 -10.42 35.67
CA GLU B 78 -2.51 -11.35 36.59
C GLU B 78 -1.89 -12.75 36.48
N TRP B 79 -1.47 -13.13 35.28
CA TRP B 79 -0.60 -14.28 35.10
C TRP B 79 -0.09 -14.24 33.66
N VAL B 80 1.06 -14.89 33.45
CA VAL B 80 1.67 -15.00 32.14
C VAL B 80 1.40 -16.40 31.61
N ASN B 81 0.86 -16.49 30.39
CA ASN B 81 0.61 -17.79 29.79
C ASN B 81 1.27 -17.86 28.42
N ALA B 82 1.42 -19.09 27.93
CA ALA B 82 2.18 -19.31 26.71
C ALA B 82 1.81 -20.65 26.10
N LEU B 83 2.19 -20.81 24.85
CA LEU B 83 2.04 -22.03 24.10
C LEU B 83 3.41 -22.51 23.64
N GLY B 84 3.55 -23.82 23.52
CA GLY B 84 4.78 -24.38 23.01
C GLY B 84 5.00 -23.97 21.57
N ALA B 85 6.21 -23.50 21.26
CA ALA B 85 6.59 -23.13 19.90
C ALA B 85 7.82 -23.94 19.51
N LEU B 86 7.79 -24.54 18.30
CA LEU B 86 8.92 -25.31 17.82
C LEU B 86 9.49 -24.78 16.51
N THR B 87 8.88 -23.78 15.90
CA THR B 87 9.47 -23.05 14.79
C THR B 87 9.36 -21.56 15.07
N GLY B 88 10.18 -20.80 14.34
CA GLY B 88 10.13 -19.34 14.47
C GLY B 88 8.78 -18.75 14.09
N ASN B 89 8.23 -19.18 12.93
CA ASN B 89 6.92 -18.70 12.52
C ASN B 89 5.86 -18.96 13.58
N MET B 90 5.97 -20.06 14.34
CA MET B 90 5.00 -20.34 15.38
C MET B 90 5.02 -19.25 16.44
N ALA B 91 6.22 -18.86 16.87
CA ALA B 91 6.35 -17.80 17.86
C ALA B 91 5.77 -16.49 17.32
N VAL B 92 6.05 -16.17 16.06
CA VAL B 92 5.56 -14.92 15.48
C VAL B 92 4.04 -14.87 15.59
N GLN B 93 3.36 -15.97 15.26
CA GLN B 93 1.90 -15.95 15.31
C GLN B 93 1.41 -15.88 16.75
N GLN B 94 2.11 -16.54 17.67
CA GLN B 94 1.71 -16.46 19.08
C GLN B 94 1.78 -15.02 19.56
N VAL B 95 2.84 -14.29 19.18
CA VAL B 95 2.97 -12.89 19.59
C VAL B 95 1.98 -12.00 18.84
N ARG B 96 1.74 -12.31 17.56
CA ARG B 96 0.76 -11.55 16.77
C ARG B 96 -0.63 -11.70 17.35
N ALA B 97 -0.95 -12.87 17.90
CA ALA B 97 -2.29 -13.12 18.41
C ALA B 97 -2.51 -12.55 19.79
N GLY B 98 -1.47 -12.00 20.43
CA GLY B 98 -1.61 -11.31 21.69
C GLY B 98 -0.79 -11.86 22.84
N LEU B 99 -0.18 -13.03 22.70
CA LEU B 99 0.53 -13.65 23.81
C LEU B 99 1.81 -12.88 24.11
N LYS B 100 2.24 -12.96 25.38
CA LYS B 100 3.34 -12.15 25.85
C LYS B 100 4.48 -12.99 26.39
N ALA B 101 4.46 -14.29 26.13
CA ALA B 101 5.62 -15.12 26.37
C ALA B 101 5.55 -16.33 25.46
N ILE B 102 6.69 -16.98 25.29
CA ILE B 102 6.82 -18.17 24.45
C ILE B 102 7.41 -19.30 25.27
N TYR B 103 6.79 -20.48 25.21
CA TYR B 103 7.30 -21.67 25.87
C TYR B 103 8.03 -22.54 24.85
N LEU B 104 9.27 -22.92 25.17
CA LEU B 104 10.09 -23.76 24.30
C LEU B 104 10.18 -25.16 24.89
N SER B 105 9.31 -26.04 24.42
CA SER B 105 9.20 -27.41 24.91
C SER B 105 10.34 -28.29 24.42
N GLY B 106 10.96 -29.02 25.34
CA GLY B 106 11.95 -30.00 24.93
C GLY B 106 11.31 -31.21 24.26
N TRP B 107 10.12 -31.59 24.74
CA TRP B 107 9.34 -32.64 24.08
C TRP B 107 9.22 -32.38 22.59
N GLN B 108 8.80 -31.16 22.23
CA GLN B 108 8.57 -30.82 20.82
C GLN B 108 9.88 -30.81 20.02
N VAL B 109 10.97 -30.38 20.65
CA VAL B 109 12.29 -30.43 20.01
C VAL B 109 12.67 -31.88 19.73
N ALA B 110 12.45 -32.76 20.71
CA ALA B 110 12.69 -34.18 20.52
C ALA B 110 11.88 -34.73 19.35
N GLY B 111 10.60 -34.33 19.27
CA GLY B 111 9.72 -34.91 18.28
C GLY B 111 9.86 -34.35 16.88
N ASP B 112 10.32 -33.11 16.74
CA ASP B 112 10.27 -32.51 15.40
C ASP B 112 11.23 -31.33 15.15
N ALA B 113 12.21 -31.08 16.03
CA ALA B 113 13.09 -29.95 15.77
C ALA B 113 14.42 -30.03 16.52
N ASN B 114 15.15 -31.12 16.37
CA ASN B 114 16.42 -31.27 17.05
C ASN B 114 17.54 -31.57 16.06
N LEU B 115 18.77 -31.38 16.53
CA LEU B 115 19.93 -31.33 15.65
C LEU B 115 20.40 -32.68 15.17
N SER B 116 19.80 -33.77 15.64
CA SER B 116 20.09 -35.07 15.08
C SER B 116 19.36 -35.31 13.75
N GLY B 117 18.32 -34.53 13.46
CA GLY B 117 17.40 -34.81 12.37
C GLY B 117 16.35 -35.89 12.62
N HIS B 118 16.39 -36.56 13.77
CA HIS B 118 15.53 -37.70 14.03
C HIS B 118 14.32 -37.28 14.84
N THR B 119 13.29 -38.10 14.73
CA THR B 119 12.11 -38.00 15.59
C THR B 119 12.34 -38.84 16.83
N TYR B 120 12.25 -38.22 18.00
CA TYR B 120 12.54 -38.93 19.23
C TYR B 120 11.41 -38.78 20.23
N PRO B 121 11.16 -39.80 21.06
CA PRO B 121 10.38 -39.60 22.28
C PRO B 121 11.18 -38.78 23.27
N ASP B 122 10.49 -38.34 24.35
CA ASP B 122 11.02 -37.30 25.22
C ASP B 122 11.88 -37.92 26.32
N GLN B 123 13.11 -38.28 25.93
CA GLN B 123 13.99 -39.05 26.80
C GLN B 123 15.43 -38.53 26.77
N SER B 124 15.62 -37.23 26.52
CA SER B 124 16.94 -36.59 26.45
C SER B 124 17.85 -37.33 25.47
N LEU B 125 17.27 -37.74 24.34
CA LEU B 125 18.04 -38.45 23.33
C LEU B 125 18.79 -37.52 22.40
N TYR B 126 18.30 -36.31 22.19
CA TYR B 126 18.84 -35.42 21.17
C TYR B 126 20.09 -34.67 21.67
N PRO B 127 20.83 -34.05 20.74
CA PRO B 127 22.07 -33.34 21.13
C PRO B 127 21.78 -32.12 21.99
N ALA B 128 22.64 -31.91 22.98
CA ALA B 128 22.31 -30.97 24.07
C ALA B 128 22.27 -29.51 23.64
N ASN B 129 22.72 -29.16 22.43
CA ASN B 129 22.60 -27.77 21.98
C ASN B 129 21.34 -27.53 21.13
N SER B 130 20.43 -28.52 21.06
CA SER B 130 19.24 -28.40 20.21
C SER B 130 18.30 -27.28 20.68
N VAL B 131 17.99 -27.22 21.96
CA VAL B 131 17.05 -26.20 22.43
C VAL B 131 17.65 -24.79 22.29
N PRO B 132 18.92 -24.59 22.65
CA PRO B 132 19.52 -23.26 22.39
C PRO B 132 19.40 -22.81 20.96
N GLN B 133 19.57 -23.73 19.99
CA GLN B 133 19.44 -23.36 18.59
C GLN B 133 18.03 -22.90 18.28
N VAL B 134 17.02 -23.53 18.89
CA VAL B 134 15.65 -23.12 18.65
C VAL B 134 15.36 -21.79 19.36
N VAL B 135 15.95 -21.58 20.54
CA VAL B 135 15.82 -20.26 21.17
C VAL B 135 16.31 -19.18 20.22
N ARG B 136 17.52 -19.37 19.66
CA ARG B 136 18.09 -18.38 18.74
C ARG B 136 17.18 -18.18 17.53
N ARG B 137 16.62 -19.28 17.03
CA ARG B 137 15.71 -19.24 15.88
C ARG B 137 14.46 -18.44 16.19
N ILE B 138 13.87 -18.68 17.36
CA ILE B 138 12.66 -17.96 17.74
C ILE B 138 12.97 -16.47 17.86
N ASN B 139 14.10 -16.13 18.47
CA ASN B 139 14.48 -14.72 18.59
C ASN B 139 14.73 -14.10 17.22
N ASN B 140 15.41 -14.85 16.34
CA ASN B 140 15.62 -14.33 14.97
C ASN B 140 14.28 -14.03 14.30
N ALA B 141 13.31 -14.93 14.47
CA ALA B 141 12.02 -14.78 13.80
C ALA B 141 11.23 -13.63 14.36
N LEU B 142 11.26 -13.46 15.67
CA LEU B 142 10.58 -12.33 16.29
C LEU B 142 11.26 -11.02 15.89
N GLN B 143 12.59 -11.04 15.78
CA GLN B 143 13.30 -9.84 15.36
C GLN B 143 12.93 -9.44 13.94
N ARG B 144 12.77 -10.44 13.08
CA ARG B 144 12.33 -10.15 11.71
C ARG B 144 10.93 -9.54 11.71
N ALA B 145 10.02 -10.12 12.49
CA ALA B 145 8.68 -9.53 12.58
C ALA B 145 8.76 -8.11 13.11
N ASP B 146 9.65 -7.87 14.06
CA ASP B 146 9.83 -6.54 14.62
C ASP B 146 10.39 -5.58 13.57
N GLN B 147 11.35 -6.04 12.77
CA GLN B 147 11.88 -5.22 11.68
C GLN B 147 10.80 -4.92 10.65
N ILE B 148 10.00 -5.93 10.28
CA ILE B 148 8.95 -5.73 9.31
C ILE B 148 7.90 -4.75 9.82
N ALA B 149 7.51 -4.90 11.09
CA ALA B 149 6.51 -3.99 11.64
C ALA B 149 6.99 -2.54 11.58
N LYS B 150 8.28 -2.31 11.78
CA LYS B 150 8.78 -0.94 11.80
C LYS B 150 8.64 -0.27 10.44
N ILE B 151 9.11 -0.93 9.38
CA ILE B 151 9.00 -0.30 8.06
C ILE B 151 7.56 -0.27 7.58
N GLU B 152 6.69 -1.11 8.12
CA GLU B 152 5.28 -1.09 7.77
C GLU B 152 4.47 -0.12 8.61
N GLY B 153 5.09 0.53 9.59
CA GLY B 153 4.35 1.38 10.51
C GLY B 153 3.36 0.63 11.36
N ASP B 154 3.54 -0.67 11.51
CA ASP B 154 2.63 -1.52 12.28
C ASP B 154 2.98 -1.40 13.76
N THR B 155 2.07 -0.80 14.53
CA THR B 155 2.26 -0.64 15.96
C THR B 155 1.26 -1.46 16.78
N SER B 156 0.72 -2.53 16.19
CA SER B 156 -0.32 -3.31 16.85
C SER B 156 0.25 -4.24 17.91
N VAL B 157 1.52 -4.63 17.82
CA VAL B 157 2.18 -5.43 18.83
C VAL B 157 3.15 -4.53 19.59
N GLU B 158 2.96 -4.43 20.90
CA GLU B 158 3.81 -3.57 21.72
C GLU B 158 5.24 -4.08 21.77
N ASN B 159 5.42 -5.38 21.96
CA ASN B 159 6.74 -5.98 22.16
C ASN B 159 6.81 -7.28 21.36
N TRP B 160 7.50 -7.24 20.23
CA TRP B 160 7.70 -8.46 19.46
C TRP B 160 8.67 -9.40 20.16
N LEU B 161 9.62 -8.87 20.93
CA LEU B 161 10.63 -9.68 21.59
C LEU B 161 10.06 -10.22 22.91
N ALA B 162 9.13 -11.16 22.76
CA ALA B 162 8.49 -11.76 23.91
C ALA B 162 9.47 -12.66 24.64
N PRO B 163 9.43 -12.72 25.97
CA PRO B 163 10.38 -13.57 26.69
C PRO B 163 10.16 -15.04 26.38
N ILE B 164 11.26 -15.78 26.27
CA ILE B 164 11.25 -17.20 25.96
C ILE B 164 11.61 -17.98 27.22
N VAL B 165 10.76 -18.90 27.62
CA VAL B 165 11.05 -19.85 28.69
C VAL B 165 11.37 -21.19 28.04
N ALA B 166 12.56 -21.71 28.28
CA ALA B 166 13.09 -22.86 27.57
C ALA B 166 13.35 -24.02 28.53
N ASP B 167 13.33 -25.23 27.96
CA ASP B 167 13.43 -26.48 28.70
C ASP B 167 14.89 -26.91 28.81
N GLY B 168 15.41 -27.00 30.03
CA GLY B 168 16.72 -27.52 30.30
C GLY B 168 16.73 -28.99 30.67
N GLU B 169 15.56 -29.62 30.68
CA GLU B 169 15.38 -31.04 30.96
C GLU B 169 16.09 -31.36 32.28
N ALA B 170 16.87 -32.44 32.35
CA ALA B 170 17.65 -32.83 33.51
C ALA B 170 19.12 -32.44 33.36
N GLY B 171 19.43 -31.48 32.49
CA GLY B 171 20.80 -30.99 32.36
C GLY B 171 21.72 -31.79 31.45
N PHE B 172 21.25 -32.91 30.91
CA PHE B 172 22.07 -33.74 30.01
C PHE B 172 23.36 -34.21 30.66
N GLY B 173 23.31 -34.47 31.97
CA GLY B 173 24.49 -34.95 32.65
C GLY B 173 24.62 -34.40 34.05
N GLY B 174 25.83 -33.97 34.38
CA GLY B 174 26.14 -33.46 35.70
C GLY B 174 26.06 -31.95 35.76
N ALA B 175 26.56 -31.40 36.87
CA ALA B 175 26.49 -29.96 37.09
C ALA B 175 27.12 -29.18 35.93
N LEU B 176 28.19 -29.70 35.35
CA LEU B 176 28.87 -28.99 34.25
C LEU B 176 28.07 -29.04 32.95
N ASN B 177 27.34 -30.14 32.70
CA ASN B 177 26.42 -30.16 31.57
C ASN B 177 25.30 -29.14 31.77
N VAL B 178 24.76 -29.06 32.99
CA VAL B 178 23.77 -28.02 33.32
C VAL B 178 24.36 -26.65 33.03
N TYR B 179 25.57 -26.40 33.50
CA TYR B 179 26.17 -25.08 33.38
C TYR B 179 26.25 -24.67 31.91
N GLU B 180 26.71 -25.58 31.06
CA GLU B 180 26.91 -25.25 29.65
C GLU B 180 25.59 -25.07 28.93
N LEU B 181 24.58 -25.88 29.25
CA LEU B 181 23.27 -25.68 28.63
C LEU B 181 22.70 -24.31 29.00
N GLN B 182 22.78 -23.93 30.28
CA GLN B 182 22.29 -22.62 30.66
C GLN B 182 23.06 -21.52 29.93
N LYS B 183 24.39 -21.65 29.82
CA LYS B 183 25.17 -20.65 29.11
C LYS B 183 24.75 -20.57 27.64
N ALA B 184 24.53 -21.71 26.99
CA ALA B 184 24.11 -21.70 25.59
C ALA B 184 22.70 -21.11 25.43
N LEU B 185 21.78 -21.45 26.33
CA LEU B 185 20.45 -20.83 26.32
C LEU B 185 20.55 -19.31 26.44
N ILE B 186 21.42 -18.82 27.32
CA ILE B 186 21.57 -17.38 27.50
C ILE B 186 22.17 -16.76 26.25
N ALA B 187 23.20 -17.37 25.67
CA ALA B 187 23.81 -16.83 24.47
C ALA B 187 22.77 -16.66 23.36
N ALA B 188 21.81 -17.59 23.27
CA ALA B 188 20.74 -17.57 22.27
C ALA B 188 19.60 -16.60 22.59
N GLY B 189 19.55 -16.04 23.79
CA GLY B 189 18.58 -15.03 24.13
C GLY B 189 17.44 -15.51 24.99
N VAL B 190 17.64 -16.55 25.79
CA VAL B 190 16.57 -17.08 26.63
C VAL B 190 16.28 -16.09 27.75
N ALA B 191 15.04 -16.09 28.21
CA ALA B 191 14.61 -15.30 29.37
C ALA B 191 14.52 -16.13 30.64
N GLY B 192 14.08 -17.39 30.51
CA GLY B 192 14.02 -18.30 31.64
C GLY B 192 14.26 -19.72 31.16
N SER B 193 14.64 -20.57 32.12
CA SER B 193 14.92 -21.97 31.84
C SER B 193 14.46 -22.81 33.02
N HIS B 194 13.98 -24.02 32.72
CA HIS B 194 13.51 -24.92 33.78
C HIS B 194 14.30 -26.22 33.81
N TRP B 195 14.37 -26.79 35.00
CA TRP B 195 15.30 -27.84 35.33
C TRP B 195 14.60 -28.81 36.26
N GLU B 196 14.65 -30.10 35.95
CA GLU B 196 13.87 -31.10 36.67
C GLU B 196 14.77 -32.06 37.44
N ASP B 197 14.22 -32.63 38.52
CA ASP B 197 14.98 -33.49 39.44
C ASP B 197 14.98 -34.96 38.99
N GLN B 198 15.22 -35.21 37.70
CA GLN B 198 15.30 -36.55 37.13
C GLN B 198 16.75 -36.93 36.86
N LEU B 199 16.99 -38.24 36.84
CA LEU B 199 18.25 -38.77 36.35
C LEU B 199 18.31 -38.59 34.84
N ALA B 200 19.27 -37.78 34.36
CA ALA B 200 19.31 -37.45 32.93
C ALA B 200 19.37 -38.70 32.06
N SER B 201 20.17 -39.68 32.45
CA SER B 201 20.31 -40.89 31.65
C SER B 201 19.00 -41.67 31.53
N GLU B 202 18.01 -41.41 32.39
CA GLU B 202 16.72 -42.06 32.28
C GLU B 202 15.59 -41.03 32.15
N LYS B 203 15.93 -39.84 31.65
CA LYS B 203 14.96 -38.75 31.61
C LYS B 203 13.71 -39.16 30.87
N LYS B 204 12.57 -38.70 31.36
CA LYS B 204 11.27 -38.92 30.72
C LYS B 204 10.46 -37.64 30.70
N EJA B 205 9.47 -37.60 29.83
CA EJA B 205 8.42 -36.58 29.92
CB EJA B 205 7.47 -36.69 28.72
SG EJA B 205 5.91 -35.73 28.96
CD EJA B 205 6.12 -33.86 28.83
CE EJA B 205 5.25 -33.12 27.87
CZ EJA B 205 3.85 -33.02 28.45
OT1 EJA B 205 3.22 -31.90 28.55
OT2 EJA B 205 3.31 -34.09 28.91
NE EJA B 205 6.93 -33.15 29.56
OZ EJA B 205 7.69 -33.82 30.46
C EJA B 205 7.67 -36.81 31.27
O EJA B 205 7.58 -37.94 31.73
H EJA B 205 9.36 -38.17 29.15
HA EJA B 205 8.81 -35.70 29.93
HB2 EJA B 205 7.19 -37.61 28.57
HB3 EJA B 205 7.89 -36.40 27.90
HE2 EJA B 205 5.54 -32.22 27.66
HE1 EJA B 205 5.17 -33.56 27.00
HOZ EJA B 205 7.66 -33.34 31.16
N GLY B 206 7.12 -35.75 31.85
CA GLY B 206 6.51 -35.88 33.17
C GLY B 206 5.31 -36.81 33.18
N HIS B 207 4.70 -37.00 32.03
CA HIS B 207 3.51 -37.83 31.88
C HIS B 207 3.80 -39.15 31.19
N LEU B 208 5.07 -39.52 31.08
CA LEU B 208 5.47 -40.89 30.76
C LEU B 208 5.83 -41.61 32.05
N GLY B 209 5.81 -42.94 31.98
CA GLY B 209 6.26 -43.76 33.08
C GLY B 209 7.76 -43.96 33.06
N GLY B 210 8.22 -44.78 34.00
CA GLY B 210 9.62 -45.11 34.12
C GLY B 210 10.52 -43.97 34.58
N LYS B 211 10.03 -43.08 35.44
CA LYS B 211 10.82 -41.93 35.86
C LYS B 211 11.68 -42.27 37.08
N VAL B 212 12.89 -41.70 37.09
CA VAL B 212 13.87 -41.89 38.16
C VAL B 212 14.26 -40.52 38.69
N LEU B 213 14.05 -40.31 39.99
CA LEU B 213 14.46 -39.07 40.63
C LEU B 213 15.94 -39.13 41.01
N ILE B 214 16.54 -37.95 41.18
CA ILE B 214 17.85 -37.84 41.81
C ILE B 214 17.65 -37.26 43.22
N PRO B 215 18.65 -37.32 44.09
CA PRO B 215 18.46 -36.81 45.46
C PRO B 215 18.20 -35.31 45.48
N THR B 216 17.49 -34.87 46.53
CA THR B 216 17.14 -33.47 46.64
C THR B 216 18.35 -32.56 46.52
N GLN B 217 19.46 -32.91 47.17
CA GLN B 217 20.64 -32.06 47.13
C GLN B 217 21.23 -31.99 45.73
N GLN B 218 21.14 -33.08 44.97
CA GLN B 218 21.68 -33.06 43.62
C GLN B 218 20.89 -32.10 42.74
N HIS B 219 19.58 -31.97 42.96
CA HIS B 219 18.85 -31.00 42.18
C HIS B 219 19.13 -29.57 42.66
N ILE B 220 19.42 -29.38 43.94
CA ILE B 220 19.88 -28.08 44.40
C ILE B 220 21.19 -27.72 43.70
N ARG B 221 22.05 -28.71 43.49
CA ARG B 221 23.29 -28.48 42.76
C ARG B 221 22.99 -28.04 41.33
N THR B 222 22.02 -28.69 40.70
CA THR B 222 21.57 -28.27 39.37
C THR B 222 21.13 -26.81 39.39
N LEU B 223 20.24 -26.46 40.32
CA LEU B 223 19.73 -25.10 40.38
C LEU B 223 20.84 -24.10 40.69
N THR B 224 21.79 -24.49 41.55
CA THR B 224 22.93 -23.62 41.82
C THR B 224 23.78 -23.44 40.58
N SER B 225 24.02 -24.52 39.83
CA SER B 225 24.80 -24.44 38.61
C SER B 225 24.13 -23.54 37.59
N ALA B 226 22.81 -23.71 37.41
CA ALA B 226 22.07 -22.84 36.48
C ALA B 226 22.14 -21.38 36.91
N ARG B 227 22.08 -21.10 38.21
CA ARG B 227 22.22 -19.70 38.63
C ARG B 227 23.63 -19.21 38.40
N LEU B 228 24.63 -20.05 38.67
CA LEU B 228 26.01 -19.62 38.48
C LEU B 228 26.28 -19.23 37.03
N ALA B 229 25.81 -20.05 36.10
CA ALA B 229 25.99 -19.75 34.67
C ALA B 229 25.35 -18.42 34.30
N ALA B 230 24.17 -18.13 34.85
CA ALA B 230 23.53 -16.86 34.60
C ALA B 230 24.33 -15.72 35.21
N ASP B 231 24.78 -15.90 36.45
CA ASP B 231 25.58 -14.86 37.11
C ASP B 231 26.86 -14.60 36.34
N VAL B 232 27.55 -15.65 35.93
CA VAL B 232 28.79 -15.44 35.18
C VAL B 232 28.49 -14.72 33.87
N ALA B 233 27.41 -15.09 33.18
CA ALA B 233 27.02 -14.38 31.97
C ALA B 233 26.41 -13.01 32.24
N ASP B 234 26.19 -12.65 33.52
CA ASP B 234 25.77 -11.31 33.94
C ASP B 234 24.35 -10.95 33.41
N VAL B 235 23.43 -11.92 33.47
CA VAL B 235 22.03 -11.66 33.11
C VAL B 235 21.11 -12.28 34.15
N PRO B 236 19.93 -11.63 34.49
CA PRO B 236 19.04 -12.11 35.56
C PRO B 236 18.04 -13.19 35.13
N THR B 237 18.55 -14.25 34.50
CA THR B 237 17.71 -15.31 33.97
C THR B 237 16.77 -15.87 35.03
N VAL B 238 15.52 -16.07 34.64
CA VAL B 238 14.53 -16.67 35.52
C VAL B 238 14.78 -18.17 35.56
N VAL B 239 15.02 -18.70 36.76
CA VAL B 239 15.39 -20.11 36.96
C VAL B 239 14.19 -20.82 37.57
N ILE B 240 13.73 -21.86 36.89
CA ILE B 240 12.52 -22.58 37.27
C ILE B 240 12.91 -23.99 37.69
N ALA B 241 12.37 -24.44 38.82
CA ALA B 241 12.62 -25.78 39.35
C ALA B 241 11.36 -26.61 39.19
N ARG B 242 11.50 -27.75 38.52
CA ARG B 242 10.42 -28.70 38.31
C ARG B 242 10.72 -29.97 39.10
N THR B 243 9.71 -30.52 39.76
CA THR B 243 9.84 -31.80 40.44
C THR B 243 8.92 -32.82 39.79
N ASP B 244 9.44 -34.04 39.65
CA ASP B 244 8.71 -35.15 39.07
C ASP B 244 8.30 -36.18 40.12
N ALA B 245 8.25 -35.79 41.39
CA ALA B 245 8.05 -36.74 42.48
C ALA B 245 6.61 -37.18 42.61
N GLU B 246 5.68 -36.57 41.90
CA GLU B 246 4.28 -36.98 42.03
C GLU B 246 4.08 -38.39 41.50
N ALA B 247 4.72 -38.74 40.39
CA ALA B 247 4.49 -40.02 39.76
C ALA B 247 5.69 -40.95 39.80
N ALA B 248 6.91 -40.44 39.97
CA ALA B 248 8.10 -41.28 39.96
C ALA B 248 8.11 -42.20 41.17
N THR B 249 8.40 -43.49 40.93
CA THR B 249 8.52 -44.46 42.01
C THR B 249 9.95 -44.95 42.18
N LEU B 250 10.92 -44.30 41.53
CA LEU B 250 12.32 -44.68 41.59
C LEU B 250 13.17 -43.46 41.93
N ILE B 251 14.25 -43.69 42.66
CA ILE B 251 15.24 -42.66 42.95
C ILE B 251 16.60 -43.35 42.92
N THR B 252 17.64 -42.58 42.60
CA THR B 252 18.95 -43.17 42.38
C THR B 252 19.63 -43.60 43.68
N SER B 253 19.32 -42.94 44.79
CA SER B 253 20.08 -43.11 46.02
C SER B 253 19.21 -42.70 47.20
N ASP B 254 19.48 -43.30 48.36
CA ASP B 254 18.88 -42.87 49.62
C ASP B 254 19.79 -41.97 50.44
N VAL B 255 20.80 -41.35 49.81
CA VAL B 255 21.86 -40.69 50.57
C VAL B 255 21.35 -39.42 51.27
N ASP B 256 20.32 -38.78 50.75
CA ASP B 256 19.86 -37.48 51.26
C ASP B 256 18.76 -37.72 52.28
N GLU B 257 18.97 -37.25 53.51
CA GLU B 257 18.02 -37.53 54.58
C GLU B 257 16.64 -36.96 54.31
N ARG B 258 16.53 -35.92 53.50
CA ARG B 258 15.22 -35.39 53.12
C ARG B 258 14.44 -36.36 52.25
N ASP B 259 15.10 -37.31 51.60
CA ASP B 259 14.44 -38.28 50.74
C ASP B 259 14.16 -39.59 51.45
N GLN B 260 14.86 -39.88 52.55
CA GLN B 260 14.71 -41.16 53.22
C GLN B 260 13.29 -41.42 53.74
N PRO B 261 12.50 -40.41 54.16
CA PRO B 261 11.14 -40.72 54.64
C PRO B 261 10.27 -41.40 53.60
N PHE B 262 10.68 -41.38 52.33
CA PHE B 262 9.90 -41.96 51.24
C PHE B 262 10.54 -43.21 50.65
N ILE B 263 11.76 -43.55 51.06
CA ILE B 263 12.41 -44.76 50.57
C ILE B 263 11.73 -45.96 51.19
N THR B 264 11.33 -46.93 50.36
CA THR B 264 10.61 -48.10 50.87
C THR B 264 11.52 -49.27 51.23
N GLY B 265 12.77 -49.27 50.77
CA GLY B 265 13.67 -50.40 50.93
C GLY B 265 13.71 -51.34 49.75
N GLU B 266 12.68 -51.36 48.91
CA GLU B 266 12.68 -52.20 47.73
C GLU B 266 13.66 -51.64 46.71
N ARG B 267 14.33 -52.54 45.97
CA ARG B 267 15.34 -52.17 45.00
C ARG B 267 14.99 -52.67 43.62
N THR B 268 15.74 -52.20 42.63
CA THR B 268 15.71 -52.74 41.28
C THR B 268 17.07 -53.35 40.92
N ARG B 269 17.08 -54.12 39.83
CA ARG B 269 18.32 -54.75 39.38
C ARG B 269 19.32 -53.73 38.87
N GLU B 270 18.85 -52.57 38.39
CA GLU B 270 19.76 -51.49 38.03
C GLU B 270 20.45 -50.88 39.25
N GLY B 271 19.94 -51.13 40.45
CA GLY B 271 20.43 -50.49 41.65
C GLY B 271 19.61 -49.33 42.13
N PHE B 272 18.46 -49.05 41.51
CA PHE B 272 17.62 -47.95 41.96
C PHE B 272 16.93 -48.31 43.28
N TYR B 273 16.35 -47.29 43.92
CA TYR B 273 15.53 -47.43 45.12
C TYR B 273 14.09 -47.07 44.81
N ARG B 274 13.16 -47.91 45.23
CA ARG B 274 11.76 -47.56 45.17
C ARG B 274 11.45 -46.48 46.20
N THR B 275 10.58 -45.55 45.84
CA THR B 275 10.22 -44.44 46.70
C THR B 275 8.73 -44.16 46.57
N LYS B 276 8.13 -43.70 47.67
CA LYS B 276 6.69 -43.44 47.71
C LYS B 276 6.38 -42.11 47.07
N ASN B 277 5.54 -42.14 46.05
CA ASN B 277 5.24 -40.98 45.22
C ASN B 277 3.96 -40.29 45.70
N GLY B 278 3.73 -39.10 45.16
CA GLY B 278 2.54 -38.32 45.47
C GLY B 278 2.88 -36.89 45.77
N ILE B 279 1.87 -36.14 46.24
CA ILE B 279 2.05 -34.73 46.48
C ILE B 279 2.95 -34.45 47.68
N GLU B 280 3.04 -35.38 48.63
CA GLU B 280 3.86 -35.15 49.82
C GLU B 280 5.33 -34.96 49.50
N PRO B 281 6.00 -35.82 48.74
CA PRO B 281 7.41 -35.56 48.41
C PRO B 281 7.60 -34.36 47.47
N CYS B 282 6.58 -34.03 46.67
CA CYS B 282 6.64 -32.83 45.85
C CYS B 282 6.70 -31.58 46.72
N ILE B 283 5.86 -31.53 47.77
CA ILE B 283 5.87 -30.38 48.67
C ILE B 283 7.24 -30.27 49.34
N ALA B 284 7.75 -31.38 49.86
CA ALA B 284 9.04 -31.35 50.53
C ALA B 284 10.14 -30.88 49.58
N ARG B 285 10.20 -31.47 48.39
CA ARG B 285 11.22 -31.04 47.45
C ARG B 285 11.04 -29.57 47.07
N ALA B 286 9.79 -29.15 46.85
CA ALA B 286 9.52 -27.77 46.47
C ALA B 286 10.02 -26.81 47.55
N LYS B 287 9.76 -27.14 48.81
CA LYS B 287 10.27 -26.32 49.90
C LYS B 287 11.80 -26.27 49.87
N ALA B 288 12.44 -27.40 49.54
CA ALA B 288 13.89 -27.45 49.52
C ALA B 288 14.46 -26.68 48.33
N TYR B 289 13.71 -26.62 47.22
CA TYR B 289 14.15 -25.90 46.04
C TYR B 289 13.87 -24.40 46.13
N ALA B 290 12.98 -23.98 47.03
CA ALA B 290 12.47 -22.60 47.00
C ALA B 290 13.56 -21.55 47.12
N PRO B 291 14.57 -21.69 47.98
CA PRO B 291 15.63 -20.67 48.01
C PRO B 291 16.41 -20.56 46.71
N PHE B 292 16.30 -21.55 45.82
CA PHE B 292 17.11 -21.60 44.60
C PHE B 292 16.26 -21.45 43.35
N ALA B 293 14.97 -21.13 43.49
CA ALA B 293 14.03 -21.21 42.38
C ALA B 293 13.19 -19.95 42.31
N ASP B 294 13.21 -19.30 41.14
CA ASP B 294 12.36 -18.14 40.90
C ASP B 294 10.90 -18.55 40.70
N LEU B 295 10.68 -19.74 40.13
CA LEU B 295 9.35 -20.35 40.08
C LEU B 295 9.51 -21.85 40.33
N ILE B 296 8.46 -22.43 40.90
CA ILE B 296 8.45 -23.83 41.30
C ILE B 296 7.27 -24.50 40.62
N TRP B 297 7.51 -25.71 40.12
CA TRP B 297 6.59 -26.42 39.24
C TRP B 297 6.58 -27.88 39.63
N MET B 298 5.38 -28.43 39.81
CA MET B 298 5.18 -29.83 40.13
C MET B 298 4.39 -30.49 39.00
N GLU B 299 5.00 -31.47 38.34
CA GLU B 299 4.23 -32.25 37.38
C GLU B 299 3.15 -33.05 38.11
N THR B 300 1.99 -33.16 37.48
CA THR B 300 0.86 -33.87 38.07
C THR B 300 0.23 -34.75 36.99
N GLY B 301 -0.54 -35.74 37.45
CA GLY B 301 -1.12 -36.72 36.53
C GLY B 301 -2.45 -36.35 35.91
N THR B 302 -3.15 -35.34 36.44
CA THR B 302 -4.46 -34.94 35.97
C THR B 302 -4.60 -33.43 36.14
N PRO B 303 -5.43 -32.77 35.33
CA PRO B 303 -5.66 -31.33 35.55
C PRO B 303 -6.65 -31.10 36.68
N ASP B 304 -6.14 -30.90 37.90
CA ASP B 304 -6.97 -30.93 39.10
C ASP B 304 -6.73 -29.65 39.91
N LEU B 305 -7.76 -28.81 40.01
CA LEU B 305 -7.61 -27.53 40.69
C LEU B 305 -7.37 -27.71 42.19
N GLU B 306 -7.98 -28.73 42.78
CA GLU B 306 -7.82 -28.93 44.22
C GLU B 306 -6.44 -29.42 44.57
N ALA B 307 -5.90 -30.35 43.79
CA ALA B 307 -4.53 -30.80 44.01
C ALA B 307 -3.56 -29.65 43.83
N ALA B 308 -3.81 -28.80 42.82
CA ALA B 308 -2.98 -27.62 42.60
C ALA B 308 -3.03 -26.67 43.79
N ARG B 309 -4.22 -26.46 44.36
CA ARG B 309 -4.35 -25.56 45.48
C ARG B 309 -3.67 -26.10 46.72
N GLN B 310 -3.74 -27.42 46.92
CA GLN B 310 -3.07 -28.04 48.06
C GLN B 310 -1.56 -27.84 47.97
N PHE B 311 -0.99 -28.03 46.78
CA PHE B 311 0.43 -27.78 46.60
C PHE B 311 0.77 -26.31 46.78
N SER B 312 -0.08 -25.43 46.23
CA SER B 312 0.18 -23.99 46.31
C SER B 312 0.21 -23.51 47.77
N GLU B 313 -0.72 -23.97 48.57
CA GLU B 313 -0.78 -23.46 49.94
C GLU B 313 0.27 -24.08 50.83
N ALA B 314 0.62 -25.34 50.60
CA ALA B 314 1.70 -25.95 51.38
C ALA B 314 3.03 -25.25 51.12
N VAL B 315 3.28 -24.85 49.88
CA VAL B 315 4.52 -24.17 49.56
C VAL B 315 4.48 -22.72 50.06
N LYS B 316 3.36 -22.04 49.86
CA LYS B 316 3.29 -20.65 50.27
C LYS B 316 3.19 -20.51 51.78
N ALA B 317 2.81 -21.57 52.50
CA ALA B 317 2.79 -21.49 53.96
C ALA B 317 4.18 -21.23 54.53
N GLU B 318 5.23 -21.63 53.81
CA GLU B 318 6.59 -21.36 54.23
C GLU B 318 7.29 -20.29 53.40
N TYR B 319 6.93 -20.15 52.13
CA TYR B 319 7.49 -19.13 51.24
C TYR B 319 6.33 -18.36 50.62
N PRO B 320 5.80 -17.37 51.34
CA PRO B 320 4.57 -16.72 50.86
C PRO B 320 4.70 -16.06 49.51
N ASP B 321 5.88 -15.54 49.17
CA ASP B 321 6.08 -14.84 47.92
C ASP B 321 6.61 -15.73 46.81
N GLN B 322 6.59 -17.05 47.02
CA GLN B 322 7.08 -17.98 46.00
C GLN B 322 6.09 -18.11 44.86
N MET B 323 6.53 -17.76 43.66
CA MET B 323 5.70 -17.91 42.48
C MET B 323 5.80 -19.34 41.95
N LEU B 324 4.73 -19.77 41.28
CA LEU B 324 4.59 -21.15 40.84
C LEU B 324 4.29 -21.20 39.35
N ALA B 325 4.54 -22.36 38.77
CA ALA B 325 4.26 -22.59 37.36
C ALA B 325 3.49 -23.89 37.20
N TYR B 326 2.62 -23.94 36.19
CA TYR B 326 1.72 -25.05 35.99
C TYR B 326 1.68 -25.43 34.52
N ASN B 327 1.88 -26.71 34.27
CA ASN B 327 1.88 -27.27 32.92
C ASN B 327 0.46 -27.69 32.58
N CYS B 328 -0.16 -26.95 31.65
CA CYS B 328 -1.48 -27.30 31.13
C CYS B 328 -1.27 -28.26 29.97
N SER B 329 -1.09 -29.53 30.31
CA SER B 329 -0.44 -30.50 29.41
C SER B 329 -1.43 -31.10 28.42
N PRO B 330 -1.13 -31.08 27.12
CA PRO B 330 -1.90 -31.92 26.18
C PRO B 330 -1.83 -33.40 26.48
N SER B 331 -0.92 -33.85 27.35
CA SER B 331 -0.92 -35.24 27.77
C SER B 331 -2.10 -35.58 28.68
N PHE B 332 -2.92 -34.59 29.04
CA PHE B 332 -4.20 -34.86 29.69
C PHE B 332 -5.27 -34.97 28.62
N ASN B 333 -6.22 -35.85 28.84
CA ASN B 333 -7.49 -35.83 28.11
C ASN B 333 -8.39 -34.89 28.90
N TRP B 334 -8.60 -33.69 28.36
CA TRP B 334 -9.16 -32.63 29.19
C TRP B 334 -10.64 -32.86 29.48
N LYS B 335 -11.42 -33.20 28.46
CA LYS B 335 -12.85 -33.39 28.67
C LYS B 335 -13.17 -34.73 29.35
N LYS B 336 -12.17 -35.59 29.54
CA LYS B 336 -12.34 -36.80 30.32
C LYS B 336 -12.37 -36.51 31.82
N HIS B 337 -11.80 -35.39 32.25
CA HIS B 337 -11.69 -35.05 33.65
C HIS B 337 -12.49 -33.82 34.05
N LEU B 338 -12.70 -32.88 33.15
CA LEU B 338 -13.30 -31.61 33.50
C LEU B 338 -14.50 -31.31 32.61
N ASP B 339 -15.46 -30.57 33.16
CA ASP B 339 -16.54 -30.02 32.36
C ASP B 339 -16.12 -28.68 31.77
N ASP B 340 -16.92 -28.18 30.84
CA ASP B 340 -16.52 -27.00 30.08
C ASP B 340 -16.38 -25.78 30.99
N ALA B 341 -17.29 -25.64 31.96
CA ALA B 341 -17.22 -24.51 32.87
C ALA B 341 -15.89 -24.49 33.63
N THR B 342 -15.46 -25.64 34.15
CA THR B 342 -14.16 -25.71 34.81
C THR B 342 -13.03 -25.41 33.82
N ILE B 343 -13.11 -25.96 32.61
CA ILE B 343 -12.07 -25.72 31.63
C ILE B 343 -11.93 -24.23 31.37
N ALA B 344 -13.05 -23.51 31.28
CA ALA B 344 -13.02 -22.08 30.96
C ALA B 344 -12.33 -21.29 32.06
N LYS B 345 -12.55 -21.64 33.32
CA LYS B 345 -11.99 -20.89 34.43
C LYS B 345 -10.65 -21.44 34.89
N PHE B 346 -10.18 -22.53 34.29
CA PHE B 346 -9.05 -23.28 34.84
C PHE B 346 -7.84 -22.38 35.10
N GLN B 347 -7.33 -21.72 34.06
CA GLN B 347 -6.13 -20.90 34.22
C GLN B 347 -6.35 -19.75 35.19
N LYS B 348 -7.52 -19.11 35.12
CA LYS B 348 -7.81 -18.03 36.05
C LYS B 348 -7.76 -18.51 37.49
N GLU B 349 -8.29 -19.71 37.74
CA GLU B 349 -8.31 -20.25 39.09
C GLU B 349 -6.91 -20.56 39.59
N LEU B 350 -6.07 -21.11 38.71
CA LEU B 350 -4.68 -21.37 39.08
C LEU B 350 -3.94 -20.07 39.36
N ALA B 351 -4.27 -18.99 38.65
CA ALA B 351 -3.54 -17.74 38.85
C ALA B 351 -3.79 -17.18 40.24
N ALA B 352 -5.01 -17.32 40.76
CA ALA B 352 -5.33 -16.87 42.12
C ALA B 352 -4.56 -17.67 43.17
N MET B 353 -4.08 -18.86 42.82
CA MET B 353 -3.28 -19.69 43.71
C MET B 353 -1.80 -19.37 43.64
N GLY B 354 -1.36 -18.46 42.77
CA GLY B 354 0.04 -18.15 42.64
C GLY B 354 0.74 -18.81 41.47
N PHE B 355 0.02 -19.54 40.61
CA PHE B 355 0.61 -20.07 39.38
C PHE B 355 0.65 -18.94 38.36
N LYS B 356 1.79 -18.25 38.30
CA LYS B 356 1.92 -17.07 37.47
C LYS B 356 2.49 -17.36 36.08
N PHE B 357 2.97 -18.57 35.82
CA PHE B 357 3.38 -19.00 34.49
C PHE B 357 2.67 -20.30 34.16
N GLN B 358 1.79 -20.25 33.14
CA GLN B 358 0.98 -21.40 32.75
C GLN B 358 1.14 -21.61 31.25
N PHE B 359 1.38 -22.85 30.84
CA PHE B 359 1.82 -23.10 29.46
C PHE B 359 1.23 -24.40 28.94
N ILE B 360 0.79 -24.37 27.68
CA ILE B 360 0.39 -25.60 26.99
C ILE B 360 1.62 -26.08 26.24
N THR B 361 2.25 -27.13 26.78
CA THR B 361 3.57 -27.55 26.34
C THR B 361 3.57 -27.97 24.87
N LEU B 362 2.68 -28.90 24.49
CA LEU B 362 2.74 -29.51 23.16
C LEU B 362 1.77 -28.86 22.17
N ALA B 363 1.35 -27.62 22.43
CA ALA B 363 0.40 -26.96 21.56
C ALA B 363 0.91 -26.92 20.10
N GLY B 364 2.20 -26.64 19.90
CA GLY B 364 2.74 -26.55 18.55
C GLY B 364 2.75 -27.89 17.81
N PHE B 365 3.17 -28.95 18.50
CA PHE B 365 3.10 -30.28 17.92
C PHE B 365 1.70 -30.59 17.40
N HIS B 366 0.68 -30.30 18.22
CA HIS B 366 -0.68 -30.70 17.86
C HIS B 366 -1.28 -29.78 16.80
N ALA B 367 -1.05 -28.48 16.90
CA ALA B 367 -1.49 -27.58 15.85
C ALA B 367 -0.87 -27.99 14.50
N LEU B 368 0.44 -28.26 14.49
CA LEU B 368 1.14 -28.55 13.24
C LEU B 368 0.70 -29.89 12.64
N ASN B 369 0.57 -30.93 13.46
CA ASN B 369 0.21 -32.24 12.94
C ASN B 369 -1.26 -32.28 12.50
N TYR B 370 -2.16 -31.70 13.30
CA TYR B 370 -3.58 -31.74 12.96
C TYR B 370 -3.88 -30.91 11.72
N SER B 371 -3.39 -29.67 11.69
CA SER B 371 -3.68 -28.81 10.54
C SER B 371 -3.18 -29.43 9.24
N MET B 372 -2.02 -30.09 9.27
CA MET B 372 -1.51 -30.65 8.02
C MET B 372 -2.23 -31.95 7.66
N PHE B 373 -2.60 -32.75 8.66
CA PHE B 373 -3.41 -33.93 8.37
C PHE B 373 -4.73 -33.51 7.74
N ASP B 374 -5.38 -32.52 8.34
CA ASP B 374 -6.70 -32.12 7.86
C ASP B 374 -6.61 -31.58 6.44
N LEU B 375 -5.56 -30.83 6.13
CA LEU B 375 -5.39 -30.29 4.79
C LEU B 375 -5.04 -31.39 3.79
N ALA B 376 -4.09 -32.26 4.16
CA ALA B 376 -3.66 -33.30 3.24
C ALA B 376 -4.76 -34.32 3.00
N TYR B 377 -5.58 -34.59 4.01
CA TYR B 377 -6.69 -35.51 3.83
C TYR B 377 -7.69 -34.98 2.81
N GLY B 378 -8.06 -33.70 2.93
CA GLY B 378 -8.99 -33.13 1.97
C GLY B 378 -8.34 -32.96 0.61
N TYR B 379 -7.05 -32.64 0.59
CA TYR B 379 -6.32 -32.53 -0.67
C TYR B 379 -6.26 -33.87 -1.41
N ALA B 380 -6.07 -34.96 -0.67
CA ALA B 380 -6.04 -36.27 -1.31
C ALA B 380 -7.34 -36.56 -2.01
N GLN B 381 -8.46 -36.02 -1.52
CA GLN B 381 -9.77 -36.28 -2.08
C GLN B 381 -10.26 -35.22 -3.05
N ASN B 382 -10.10 -33.93 -2.74
CA ASN B 382 -10.68 -32.85 -3.53
C ASN B 382 -9.65 -31.87 -4.10
N GLN B 383 -8.36 -32.18 -3.99
CA GLN B 383 -7.27 -31.36 -4.53
C GLN B 383 -7.45 -29.88 -4.21
N MET B 384 -7.53 -29.01 -5.22
CA MET B 384 -7.42 -27.58 -4.92
C MET B 384 -8.55 -27.09 -4.02
N SER B 385 -9.73 -27.71 -4.09
CA SER B 385 -10.85 -27.24 -3.27
C SER B 385 -10.44 -27.18 -1.80
N ALA B 386 -9.69 -28.18 -1.34
CA ALA B 386 -9.32 -28.25 0.07
C ALA B 386 -8.37 -27.12 0.46
N TYR B 387 -7.45 -26.75 -0.43
CA TYR B 387 -6.50 -25.69 -0.08
C TYR B 387 -7.17 -24.34 -0.13
N VAL B 388 -8.06 -24.11 -1.09
CA VAL B 388 -8.76 -22.84 -1.16
C VAL B 388 -9.59 -22.61 0.10
N GLU B 389 -10.13 -23.69 0.69
CA GLU B 389 -10.80 -23.56 1.98
C GLU B 389 -9.87 -22.94 3.00
N LEU B 390 -8.64 -23.44 3.09
CA LEU B 390 -7.68 -22.88 4.03
C LEU B 390 -7.37 -21.44 3.69
N GLN B 391 -7.21 -21.13 2.40
CA GLN B 391 -6.82 -19.77 2.02
C GLN B 391 -7.93 -18.79 2.37
N GLU B 392 -9.18 -19.19 2.16
CA GLU B 392 -10.31 -18.32 2.49
C GLU B 392 -10.43 -18.13 4.00
N ARG B 393 -10.14 -19.17 4.78
CA ARG B 393 -10.08 -18.99 6.23
C ARG B 393 -8.99 -18.00 6.60
N GLU B 394 -7.89 -17.98 5.85
CA GLU B 394 -6.81 -17.03 6.10
C GLU B 394 -7.27 -15.62 5.79
N PHE B 395 -7.91 -15.41 4.62
CA PHE B 395 -8.46 -14.10 4.31
C PHE B 395 -9.41 -13.62 5.41
N ALA B 396 -10.34 -14.49 5.82
CA ALA B 396 -11.31 -14.11 6.83
C ALA B 396 -10.66 -13.82 8.17
N ALA B 397 -9.49 -14.39 8.43
CA ALA B 397 -8.78 -14.16 9.68
C ALA B 397 -8.04 -12.83 9.71
N GLU B 398 -7.93 -12.15 8.57
CA GLU B 398 -7.28 -10.84 8.58
C GLU B 398 -8.02 -9.88 9.50
N GLU B 399 -9.35 -10.02 9.63
CA GLU B 399 -10.11 -9.16 10.55
C GLU B 399 -9.63 -9.32 11.99
N ARG B 400 -9.12 -10.51 12.34
CA ARG B 400 -8.61 -10.75 13.69
C ARG B 400 -7.15 -10.35 13.85
N GLY B 401 -6.52 -9.81 12.80
CA GLY B 401 -5.13 -9.38 12.85
C GLY B 401 -4.15 -10.28 12.12
N TYR B 402 -4.62 -11.35 11.49
CA TYR B 402 -3.72 -12.26 10.78
C TYR B 402 -3.12 -11.57 9.57
N THR B 403 -1.82 -11.71 9.38
CA THR B 403 -1.12 -11.05 8.28
C THR B 403 -0.42 -12.02 7.34
N ALA B 404 -0.26 -13.28 7.72
CA ALA B 404 0.58 -14.21 6.97
C ALA B 404 -0.03 -14.69 5.66
N THR B 405 -1.27 -14.32 5.34
CA THR B 405 -1.82 -14.64 4.03
C THR B 405 -0.94 -14.06 2.91
N LYS B 406 -0.47 -12.84 3.10
CA LYS B 406 0.53 -12.24 2.21
C LYS B 406 1.90 -12.73 2.67
N HIS B 407 2.24 -13.93 2.21
CA HIS B 407 3.40 -14.61 2.76
C HIS B 407 4.72 -13.94 2.39
N GLN B 408 4.77 -13.19 1.27
CA GLN B 408 6.07 -12.62 0.87
C GLN B 408 6.51 -11.55 1.87
N ARG B 409 5.63 -10.62 2.20
CA ARG B 409 5.97 -9.59 3.18
C ARG B 409 6.10 -10.17 4.58
N GLU B 410 5.40 -11.27 4.85
CA GLU B 410 5.45 -11.87 6.18
C GLU B 410 6.84 -12.39 6.49
N VAL B 411 7.58 -12.86 5.50
CA VAL B 411 8.92 -13.38 5.74
C VAL B 411 10.00 -12.36 5.39
N GLY B 412 9.62 -11.14 5.02
CA GLY B 412 10.55 -10.04 4.90
C GLY B 412 10.91 -9.58 3.50
N ALA B 413 10.13 -9.94 2.48
CA ALA B 413 10.43 -9.47 1.12
C ALA B 413 10.53 -7.96 1.07
N GLY B 414 9.65 -7.25 1.79
CA GLY B 414 9.68 -5.80 1.77
C GLY B 414 10.85 -5.25 2.57
N TYR B 415 11.18 -5.93 3.67
CA TYR B 415 12.32 -5.52 4.48
C TYR B 415 13.61 -5.62 3.69
N PHE B 416 13.80 -6.73 2.97
CA PHE B 416 15.02 -6.90 2.20
C PHE B 416 15.03 -6.00 0.97
N ASP B 417 13.85 -5.68 0.41
CA ASP B 417 13.76 -4.65 -0.62
C ASP B 417 14.29 -3.32 -0.09
N ARG B 418 13.97 -3.00 1.17
CA ARG B 418 14.45 -1.75 1.75
C ARG B 418 15.95 -1.77 1.93
N ILE B 419 16.51 -2.90 2.38
CA ILE B 419 17.98 -3.03 2.38
C ILE B 419 18.51 -2.81 0.98
N ALA B 420 17.92 -3.48 -0.01
CA ALA B 420 18.44 -3.43 -1.37
C ALA B 420 18.48 -1.99 -1.86
N THR B 421 17.41 -1.23 -1.64
CA THR B 421 17.35 0.12 -2.17
C THR B 421 18.12 1.11 -1.31
N THR B 422 18.39 0.78 -0.05
CA THR B 422 19.36 1.58 0.71
C THR B 422 20.74 1.46 0.09
N VAL B 423 21.12 0.26 -0.34
CA VAL B 423 22.42 0.05 -0.97
C VAL B 423 22.46 0.59 -2.39
N ASP B 424 21.40 0.34 -3.17
CA ASP B 424 21.33 0.74 -4.59
C ASP B 424 19.90 1.14 -4.92
N PRO B 425 19.57 2.43 -4.73
CA PRO B 425 18.18 2.87 -4.98
C PRO B 425 17.71 2.66 -6.42
N ASN B 426 18.62 2.53 -7.39
CA ASN B 426 18.23 2.33 -8.78
C ASN B 426 18.13 0.86 -9.15
N SER B 427 18.19 -0.06 -8.18
CA SER B 427 18.17 -1.48 -8.49
C SER B 427 16.92 -1.87 -9.27
N SER B 428 17.11 -2.65 -10.33
CA SER B 428 15.99 -3.16 -11.09
C SER B 428 15.63 -4.60 -10.72
N THR B 429 16.14 -5.10 -9.60
CA THR B 429 15.90 -6.48 -9.19
C THR B 429 15.34 -6.54 -7.77
N THR B 430 14.52 -5.56 -7.37
CA THR B 430 13.77 -5.73 -6.13
C THR B 430 12.60 -6.71 -6.33
N ALA B 431 12.04 -7.19 -5.22
CA ALA B 431 11.17 -8.36 -5.20
C ALA B 431 9.68 -8.05 -5.27
N LEU B 432 9.18 -7.12 -4.46
CA LEU B 432 7.72 -6.99 -4.28
C LEU B 432 7.05 -6.30 -5.47
N THR B 433 7.72 -5.31 -6.08
CA THR B 433 7.19 -4.67 -7.28
C THR B 433 7.08 -5.67 -8.41
N GLY B 434 5.87 -5.83 -8.95
CA GLY B 434 5.60 -6.81 -9.97
C GLY B 434 5.26 -8.19 -9.46
N SER B 435 5.16 -8.37 -8.14
CA SER B 435 4.85 -9.69 -7.60
C SER B 435 3.34 -9.96 -7.69
N THR B 436 2.97 -11.24 -7.57
CA THR B 436 1.56 -11.58 -7.55
C THR B 436 0.92 -11.16 -6.24
N GLU B 437 1.71 -11.04 -5.18
CA GLU B 437 1.18 -10.54 -3.92
C GLU B 437 0.72 -9.10 -4.06
N GLU B 438 1.53 -8.26 -4.70
CA GLU B 438 1.12 -6.89 -4.92
C GLU B 438 -0.08 -6.80 -5.85
N GLY B 439 -0.20 -7.73 -6.79
CA GLY B 439 -1.26 -7.63 -7.78
C GLY B 439 -2.53 -8.41 -7.50
N GLN B 440 -2.47 -9.36 -6.58
CA GLN B 440 -3.62 -10.23 -6.31
C GLN B 440 -4.10 -10.21 -4.87
N PHE B 441 -3.33 -9.65 -3.94
CA PHE B 441 -3.70 -9.65 -2.53
C PHE B 441 -3.87 -8.22 -2.09
N HIS B 442 -5.05 -7.90 -1.53
CA HIS B 442 -5.41 -6.54 -1.21
C HIS B 442 -5.22 -6.24 0.27
N MET C 15 8.31 -3.49 27.64
CA MET C 15 8.48 -2.17 28.33
C MET C 15 9.85 -2.10 29.03
N SER C 16 10.91 -2.36 28.27
CA SER C 16 12.28 -2.32 28.77
C SER C 16 13.13 -1.43 27.87
N VAL C 17 14.16 -0.82 28.44
CA VAL C 17 15.05 0.05 27.69
C VAL C 17 16.32 -0.66 27.23
N VAL C 18 16.45 -1.96 27.48
CA VAL C 18 17.64 -2.68 27.07
C VAL C 18 17.68 -2.75 25.55
N GLY C 19 18.82 -2.39 24.98
CA GLY C 19 19.00 -2.47 23.53
C GLY C 19 18.29 -1.41 22.74
N THR C 20 17.83 -0.34 23.39
CA THR C 20 17.15 0.73 22.68
C THR C 20 18.05 1.25 21.56
N PRO C 21 17.52 1.46 20.35
CA PRO C 21 18.37 1.99 19.28
C PRO C 21 18.69 3.45 19.47
N LYS C 22 19.86 3.85 19.01
CA LYS C 22 20.22 5.25 18.95
C LYS C 22 19.28 5.99 17.99
N SER C 23 19.30 7.30 18.09
CA SER C 23 18.58 8.12 17.13
C SER C 23 19.47 8.38 15.93
N ALA C 24 18.84 8.75 14.81
CA ALA C 24 19.62 9.11 13.65
C ALA C 24 20.58 10.27 13.95
N GLU C 25 20.19 11.19 14.83
CA GLU C 25 21.06 12.32 15.13
C GLU C 25 22.32 11.86 15.84
N GLN C 26 22.19 10.91 16.78
CA GLN C 26 23.36 10.36 17.45
C GLN C 26 24.28 9.67 16.46
N ILE C 27 23.72 8.83 15.59
CA ILE C 27 24.52 8.17 14.55
C ILE C 27 25.23 9.21 13.70
N GLN C 28 24.48 10.23 13.25
CA GLN C 28 25.08 11.28 12.42
C GLN C 28 26.23 11.97 13.13
N GLN C 29 26.05 12.31 14.42
CA GLN C 29 27.12 12.97 15.15
C GLN C 29 28.35 12.07 15.25
N GLU C 30 28.13 10.76 15.43
CA GLU C 30 29.24 9.82 15.42
C GLU C 30 30.00 9.88 14.11
N TRP C 31 29.27 9.82 12.98
CA TRP C 31 29.93 9.88 11.68
C TRP C 31 30.66 11.20 11.48
N ASP C 32 30.16 12.29 12.08
CA ASP C 32 30.75 13.62 11.87
C ASP C 32 31.96 13.89 12.74
N THR C 33 32.02 13.28 13.93
CA THR C 33 33.01 13.65 14.93
C THR C 33 34.01 12.54 15.27
N ASN C 34 33.69 11.28 15.01
CA ASN C 34 34.63 10.21 15.33
C ASN C 34 35.68 10.09 14.22
N PRO C 35 36.97 10.26 14.52
CA PRO C 35 37.99 10.16 13.46
C PRO C 35 37.94 8.84 12.72
N ARG C 36 37.40 7.79 13.35
CA ARG C 36 37.23 6.50 12.70
C ARG C 36 36.60 6.64 11.32
N TRP C 37 35.67 7.58 11.15
CA TRP C 37 34.88 7.70 9.93
C TRP C 37 35.38 8.82 9.02
N LYS C 38 36.52 9.44 9.32
CA LYS C 38 36.87 10.67 8.64
C LYS C 38 37.06 10.46 7.14
N ASP C 39 37.45 9.26 6.73
CA ASP C 39 37.71 8.98 5.31
C ASP C 39 36.70 8.01 4.71
N VAL C 40 35.55 7.80 5.36
CA VAL C 40 34.57 6.79 4.98
C VAL C 40 33.39 7.48 4.31
N THR C 41 33.14 7.11 3.05
CA THR C 41 31.97 7.58 2.34
C THR C 41 30.81 6.61 2.55
N ARG C 42 29.64 7.14 2.89
CA ARG C 42 28.40 6.36 2.96
C ARG C 42 27.38 6.97 2.02
N THR C 43 26.92 6.19 1.05
CA THR C 43 25.96 6.72 0.09
C THR C 43 24.52 6.64 0.58
N TYR C 44 24.29 6.13 1.78
CA TYR C 44 22.98 6.12 2.44
C TYR C 44 23.04 7.00 3.69
N SER C 45 21.88 7.30 4.25
CA SER C 45 21.74 8.24 5.35
C SER C 45 21.74 7.53 6.70
N ALA C 46 21.91 8.33 7.76
CA ALA C 46 21.81 7.81 9.12
C ALA C 46 20.39 7.38 9.44
N GLU C 47 19.40 8.08 8.90
CA GLU C 47 18.02 7.67 9.07
C GLU C 47 17.75 6.34 8.36
N ASP C 48 18.41 6.09 7.23
CA ASP C 48 18.26 4.80 6.56
C ASP C 48 18.75 3.66 7.44
N VAL C 49 19.81 3.90 8.21
CA VAL C 49 20.32 2.88 9.12
C VAL C 49 19.30 2.60 10.21
N VAL C 50 18.73 3.66 10.80
CA VAL C 50 17.80 3.48 11.90
C VAL C 50 16.54 2.76 11.43
N ALA C 51 16.09 3.05 10.20
CA ALA C 51 14.87 2.45 9.68
C ALA C 51 14.95 0.93 9.60
N LEU C 52 16.16 0.37 9.54
CA LEU C 52 16.37 -1.06 9.40
C LEU C 52 16.61 -1.78 10.71
N GLN C 53 16.59 -1.08 11.85
CA GLN C 53 17.04 -1.63 13.11
C GLN C 53 15.92 -2.18 13.99
N GLY C 54 14.68 -2.19 13.51
CA GLY C 54 13.66 -2.67 14.42
C GLY C 54 13.67 -1.80 15.66
N SER C 55 13.23 -2.37 16.79
CA SER C 55 13.16 -1.62 18.03
C SER C 55 14.15 -2.11 19.08
N VAL C 56 14.95 -3.11 18.77
CA VAL C 56 16.01 -3.57 19.66
C VAL C 56 17.27 -3.80 18.82
N VAL C 57 18.41 -3.31 19.32
CA VAL C 57 19.70 -3.52 18.69
C VAL C 57 20.53 -4.40 19.62
N GLU C 58 20.84 -5.62 19.16
CA GLU C 58 21.69 -6.52 19.94
C GLU C 58 23.10 -5.98 20.01
N GLU C 59 23.65 -5.93 21.22
CA GLU C 59 25.06 -5.60 21.39
C GLU C 59 25.93 -6.78 20.94
N HIS C 60 26.98 -6.46 20.20
CA HIS C 60 27.95 -7.46 19.71
C HIS C 60 29.30 -7.11 20.33
N THR C 61 29.47 -7.52 21.59
CA THR C 61 30.64 -7.14 22.37
C THR C 61 31.95 -7.47 21.67
N LEU C 62 32.09 -8.70 21.19
CA LEU C 62 33.39 -9.09 20.65
C LEU C 62 33.66 -8.43 19.30
N ALA C 63 32.62 -8.24 18.50
CA ALA C 63 32.78 -7.54 17.24
C ALA C 63 33.19 -6.09 17.46
N ARG C 64 32.57 -5.44 18.45
CA ARG C 64 32.93 -4.06 18.80
C ARG C 64 34.36 -3.97 19.32
N ARG C 65 34.68 -4.77 20.34
CA ARG C 65 36.01 -4.75 20.92
C ARG C 65 37.06 -5.11 19.89
N GLY C 66 36.80 -6.18 19.12
CA GLY C 66 37.76 -6.61 18.13
C GLY C 66 38.06 -5.53 17.12
N ALA C 67 37.01 -4.90 16.58
CA ALA C 67 37.17 -3.87 15.56
C ALA C 67 37.84 -2.62 16.12
N GLU C 68 37.51 -2.23 17.35
CA GLU C 68 38.17 -1.09 17.97
C GLU C 68 39.64 -1.38 18.19
N VAL C 69 39.95 -2.56 18.74
CA VAL C 69 41.34 -2.94 18.96
C VAL C 69 42.09 -3.00 17.64
N LEU C 70 41.46 -3.60 16.62
CA LEU C 70 42.11 -3.69 15.33
C LEU C 70 42.43 -2.29 14.77
N TRP C 71 41.46 -1.40 14.77
CA TRP C 71 41.67 -0.05 14.23
C TRP C 71 42.78 0.67 14.98
N GLU C 72 42.81 0.55 16.31
CA GLU C 72 43.84 1.18 17.10
C GLU C 72 45.21 0.58 16.77
N GLN C 73 45.27 -0.75 16.65
CA GLN C 73 46.53 -1.42 16.38
C GLN C 73 47.08 -1.05 15.01
N LEU C 74 46.21 -0.89 14.03
CA LEU C 74 46.69 -0.53 12.70
C LEU C 74 47.34 0.85 12.66
N HIS C 75 47.02 1.72 13.63
CA HIS C 75 47.64 3.04 13.71
C HIS C 75 48.75 3.13 14.75
N ASP C 76 48.82 2.21 15.71
CA ASP C 76 49.84 2.24 16.74
C ASP C 76 51.06 1.41 16.37
N LEU C 77 50.86 0.21 15.86
CA LEU C 77 51.97 -0.68 15.62
C LEU C 77 52.63 -0.34 14.29
N GLU C 78 53.88 -0.79 14.14
CA GLU C 78 54.56 -0.62 12.86
C GLU C 78 53.78 -1.34 11.76
N TRP C 79 53.28 -2.53 12.06
CA TRP C 79 52.25 -3.15 11.25
C TRP C 79 51.66 -4.30 12.04
N VAL C 80 50.49 -4.75 11.60
CA VAL C 80 49.79 -5.89 12.17
C VAL C 80 49.98 -7.08 11.25
N ASN C 81 50.52 -8.19 11.76
CA ASN C 81 50.64 -9.39 10.94
C ASN C 81 49.92 -10.55 11.60
N ALA C 82 49.53 -11.51 10.76
CA ALA C 82 48.69 -12.61 11.20
C ALA C 82 49.00 -13.85 10.39
N LEU C 83 48.54 -14.98 10.91
CA LEU C 83 48.58 -16.27 10.25
C LEU C 83 47.16 -16.82 10.12
N GLY C 84 46.91 -17.55 9.04
CA GLY C 84 45.62 -18.16 8.83
C GLY C 84 45.35 -19.19 9.91
N ALA C 85 44.16 -19.18 10.50
CA ALA C 85 43.77 -20.16 11.51
C ALA C 85 42.47 -20.82 11.09
N LEU C 86 42.40 -22.14 11.20
CA LEU C 86 41.20 -22.88 10.85
C LEU C 86 40.62 -23.70 11.99
N THR C 87 41.27 -23.74 13.15
CA THR C 87 40.68 -24.28 14.36
C THR C 87 40.92 -23.32 15.52
N GLY C 88 40.17 -23.52 16.61
CA GLY C 88 40.31 -22.64 17.77
C GLY C 88 41.68 -22.73 18.41
N ASN C 89 42.19 -23.96 18.60
CA ASN C 89 43.52 -24.14 19.19
C ASN C 89 44.61 -23.45 18.36
N MET C 90 44.44 -23.42 17.05
CA MET C 90 45.43 -22.72 16.22
C MET C 90 45.52 -21.27 16.61
N ALA C 91 44.37 -20.63 16.80
CA ALA C 91 44.35 -19.23 17.16
C ALA C 91 44.95 -19.02 18.54
N VAL C 92 44.73 -19.95 19.45
CA VAL C 92 45.30 -19.83 20.79
C VAL C 92 46.82 -19.81 20.71
N GLN C 93 47.40 -20.72 19.91
CA GLN C 93 48.85 -20.77 19.83
C GLN C 93 49.41 -19.54 19.14
N GLN C 94 48.68 -18.99 18.17
CA GLN C 94 49.12 -17.75 17.54
C GLN C 94 49.19 -16.63 18.56
N VAL C 95 48.17 -16.51 19.41
CA VAL C 95 48.16 -15.45 20.40
C VAL C 95 49.19 -15.73 21.49
N ARG C 96 49.27 -16.98 21.93
CA ARG C 96 50.26 -17.38 22.92
C ARG C 96 51.68 -17.07 22.44
N ALA C 97 51.91 -17.17 21.14
CA ALA C 97 53.24 -16.92 20.59
C ALA C 97 53.51 -15.44 20.38
N GLY C 98 52.52 -14.57 20.64
CA GLY C 98 52.72 -13.14 20.61
C GLY C 98 52.04 -12.39 19.49
N LEU C 99 51.29 -13.07 18.62
CA LEU C 99 50.61 -12.35 17.54
C LEU C 99 49.40 -11.61 18.09
N LYS C 100 49.01 -10.56 17.37
CA LYS C 100 47.99 -9.64 17.85
C LYS C 100 46.80 -9.54 16.91
N ALA C 101 46.70 -10.45 15.96
CA ALA C 101 45.53 -10.57 15.10
C ALA C 101 45.48 -12.00 14.58
N ILE C 102 44.28 -12.41 14.17
CA ILE C 102 44.02 -13.73 13.58
C ILE C 102 43.49 -13.52 12.16
N TYR C 103 44.01 -14.28 11.21
CA TYR C 103 43.47 -14.25 9.86
C TYR C 103 42.64 -15.51 9.61
N LEU C 104 41.41 -15.33 9.12
CA LEU C 104 40.49 -16.47 8.92
C LEU C 104 40.31 -16.67 7.42
N SER C 105 41.09 -17.61 6.86
CA SER C 105 41.11 -17.89 5.42
C SER C 105 39.87 -18.66 4.99
N GLY C 106 39.20 -18.15 3.95
CA GLY C 106 38.13 -18.92 3.33
C GLY C 106 38.65 -20.15 2.59
N TRP C 107 39.85 -20.04 2.01
CA TRP C 107 40.53 -21.17 1.41
C TRP C 107 40.64 -22.32 2.39
N GLN C 108 41.12 -22.04 3.60
CA GLN C 108 41.32 -23.09 4.59
C GLN C 108 39.99 -23.69 5.04
N VAL C 109 38.96 -22.85 5.17
CA VAL C 109 37.62 -23.32 5.49
C VAL C 109 37.11 -24.25 4.40
N ALA C 110 37.34 -23.89 3.12
CA ALA C 110 36.95 -24.79 2.05
C ALA C 110 37.70 -26.11 2.13
N GLY C 111 39.00 -26.06 2.42
CA GLY C 111 39.80 -27.27 2.40
C GLY C 111 39.58 -28.21 3.57
N ASP C 112 39.19 -27.68 4.74
CA ASP C 112 39.23 -28.54 5.93
C ASP C 112 38.40 -28.01 7.10
N ALA C 113 37.49 -27.05 6.93
CA ALA C 113 36.72 -26.57 8.06
C ALA C 113 35.40 -25.89 7.68
N ASN C 114 34.57 -26.54 6.87
CA ASN C 114 33.31 -25.94 6.45
C ASN C 114 32.15 -26.89 6.72
N LEU C 115 30.97 -26.32 6.71
CA LEU C 115 29.76 -26.97 7.22
C LEU C 115 29.16 -28.01 6.29
N SER C 116 29.70 -28.21 5.08
CA SER C 116 29.29 -29.32 4.26
C SER C 116 29.92 -30.63 4.69
N GLY C 117 31.03 -30.55 5.42
CA GLY C 117 31.86 -31.68 5.77
C GLY C 117 32.81 -32.12 4.68
N HIS C 118 32.81 -31.46 3.53
CA HIS C 118 33.61 -31.89 2.40
C HIS C 118 34.88 -31.06 2.28
N THR C 119 35.87 -31.64 1.59
CA THR C 119 37.08 -30.97 1.19
C THR C 119 36.83 -30.33 -0.16
N TYR C 120 37.05 -29.02 -0.24
CA TYR C 120 36.77 -28.25 -1.45
C TYR C 120 37.96 -27.39 -1.86
N PRO C 121 38.17 -27.23 -3.16
CA PRO C 121 38.99 -26.12 -3.65
C PRO C 121 38.27 -24.79 -3.41
N ASP C 122 39.00 -23.71 -3.64
CA ASP C 122 38.61 -22.39 -3.13
C ASP C 122 37.77 -21.69 -4.18
N GLN C 123 36.49 -22.07 -4.23
CA GLN C 123 35.61 -21.66 -5.32
C GLN C 123 34.20 -21.35 -4.82
N SER C 124 34.06 -20.94 -3.55
CA SER C 124 32.77 -20.60 -2.95
C SER C 124 31.79 -21.76 -3.08
N LEU C 125 32.28 -22.96 -2.79
CA LEU C 125 31.47 -24.17 -2.83
C LEU C 125 30.78 -24.49 -1.51
N TYR C 126 31.31 -24.03 -0.42
CA TYR C 126 30.81 -24.42 0.90
C TYR C 126 29.64 -23.54 1.33
N PRO C 127 28.89 -23.96 2.36
CA PRO C 127 27.74 -23.17 2.79
C PRO C 127 28.16 -21.84 3.38
N ALA C 128 27.37 -20.81 3.09
CA ALA C 128 27.79 -19.44 3.33
C ALA C 128 27.91 -19.08 4.81
N ASN C 129 27.43 -19.92 5.74
CA ASN C 129 27.60 -19.60 7.15
C ASN C 129 28.83 -20.27 7.76
N SER C 130 29.69 -20.87 6.93
CA SER C 130 30.85 -21.62 7.42
C SER C 130 31.90 -20.71 8.08
N VAL C 131 32.29 -19.60 7.43
CA VAL C 131 33.27 -18.72 8.06
C VAL C 131 32.73 -18.11 9.35
N PRO C 132 31.48 -17.64 9.41
CA PRO C 132 30.95 -17.14 10.69
C PRO C 132 31.07 -18.14 11.84
N GLN C 133 30.82 -19.43 11.57
CA GLN C 133 30.98 -20.44 12.61
C GLN C 133 32.43 -20.54 13.06
N VAL C 134 33.37 -20.42 12.13
CA VAL C 134 34.77 -20.51 12.55
C VAL C 134 35.17 -19.25 13.31
N VAL C 135 34.62 -18.08 12.95
CA VAL C 135 34.84 -16.89 13.78
C VAL C 135 34.39 -17.14 15.21
N ARG C 136 33.16 -17.63 15.37
CA ARG C 136 32.64 -17.91 16.70
C ARG C 136 33.52 -18.91 17.43
N ARG C 137 33.97 -19.95 16.72
CA ARG C 137 34.85 -20.97 17.30
C ARG C 137 36.16 -20.38 17.77
N ILE C 138 36.79 -19.54 16.94
CA ILE C 138 38.06 -18.94 17.31
C ILE C 138 37.87 -18.05 18.54
N ASN C 139 36.80 -17.27 18.58
CA ASN C 139 36.58 -16.40 19.74
C ASN C 139 36.33 -17.24 20.99
N ASN C 140 35.53 -18.31 20.85
CA ASN C 140 35.28 -19.20 21.99
C ASN C 140 36.58 -19.76 22.54
N ALA C 141 37.49 -20.14 21.65
CA ALA C 141 38.75 -20.73 22.08
C ALA C 141 39.63 -19.71 22.77
N LEU C 142 39.65 -18.49 22.25
CA LEU C 142 40.42 -17.43 22.89
C LEU C 142 39.82 -17.05 24.23
N GLN C 143 38.48 -17.02 24.34
CA GLN C 143 37.84 -16.76 25.62
C GLN C 143 38.24 -17.82 26.65
N ARG C 144 38.38 -19.07 26.22
CA ARG C 144 38.77 -20.11 27.15
C ARG C 144 40.20 -19.91 27.62
N ALA C 145 41.10 -19.59 26.69
CA ALA C 145 42.48 -19.28 27.07
C ALA C 145 42.52 -18.11 28.04
N ASP C 146 41.67 -17.11 27.82
CA ASP C 146 41.56 -15.96 28.71
C ASP C 146 41.10 -16.39 30.10
N GLN C 147 40.05 -17.21 30.15
CA GLN C 147 39.52 -17.72 31.42
C GLN C 147 40.58 -18.51 32.17
N ILE C 148 41.28 -19.41 31.47
CA ILE C 148 42.31 -20.24 32.10
C ILE C 148 43.41 -19.35 32.64
N ALA C 149 43.88 -18.41 31.82
CA ALA C 149 44.94 -17.52 32.25
C ALA C 149 44.56 -16.81 33.54
N LYS C 150 43.32 -16.34 33.63
CA LYS C 150 42.91 -15.62 34.85
C LYS C 150 43.02 -16.50 36.09
N ILE C 151 42.50 -17.73 36.02
CA ILE C 151 42.54 -18.55 37.24
C ILE C 151 43.96 -19.05 37.53
N GLU C 152 44.84 -19.04 36.53
CA GLU C 152 46.23 -19.44 36.71
C GLU C 152 47.13 -18.25 37.03
N GLY C 153 46.58 -17.05 37.21
CA GLY C 153 47.40 -15.87 37.43
C GLY C 153 48.39 -15.63 36.34
N ASP C 154 48.08 -16.06 35.12
CA ASP C 154 48.98 -15.94 33.99
C ASP C 154 48.73 -14.60 33.32
N THR C 155 49.68 -13.67 33.45
CA THR C 155 49.57 -12.36 32.83
C THR C 155 50.49 -12.22 31.62
N SER C 156 50.90 -13.35 31.01
CA SER C 156 51.92 -13.33 29.98
C SER C 156 51.38 -12.85 28.63
N VAL C 157 50.07 -12.87 28.44
CA VAL C 157 49.43 -12.38 27.22
C VAL C 157 48.53 -11.21 27.62
N GLU C 158 48.76 -10.04 27.02
CA GLU C 158 48.00 -8.86 27.42
C GLU C 158 46.55 -8.95 26.95
N ASN C 159 46.33 -9.42 25.73
CA ASN C 159 44.98 -9.46 25.17
C ASN C 159 44.78 -10.79 24.45
N TRP C 160 44.07 -11.71 25.12
CA TRP C 160 43.76 -12.97 24.47
C TRP C 160 42.73 -12.81 23.37
N LEU C 161 41.85 -11.82 23.47
CA LEU C 161 40.81 -11.61 22.47
C LEU C 161 41.36 -10.78 21.31
N ALA C 162 42.34 -11.36 20.64
CA ALA C 162 42.91 -10.71 19.48
C ALA C 162 41.87 -10.55 18.38
N PRO C 163 41.90 -9.46 17.63
CA PRO C 163 40.90 -9.23 16.58
C PRO C 163 41.03 -10.24 15.43
N ILE C 164 39.89 -10.63 14.88
CA ILE C 164 39.82 -11.60 13.79
C ILE C 164 39.47 -10.89 12.49
N VAL C 165 40.28 -11.12 11.46
CA VAL C 165 39.98 -10.62 10.11
C VAL C 165 39.58 -11.82 9.27
N ALA C 166 38.36 -11.81 8.75
CA ALA C 166 37.75 -12.98 8.13
C ALA C 166 37.34 -12.69 6.69
N ASP C 167 37.19 -13.77 5.95
CA ASP C 167 37.09 -13.77 4.49
C ASP C 167 35.61 -13.79 4.08
N GLY C 168 35.13 -12.71 3.47
CA GLY C 168 33.80 -12.69 2.88
C GLY C 168 33.72 -13.12 1.42
N GLU C 169 34.82 -13.56 0.87
CA GLU C 169 34.93 -14.02 -0.53
C GLU C 169 34.26 -12.98 -1.43
N ALA C 170 33.40 -13.39 -2.36
CA ALA C 170 32.64 -12.52 -3.22
C ALA C 170 31.19 -12.35 -2.77
N GLY C 171 30.90 -12.68 -1.50
CA GLY C 171 29.57 -12.45 -0.95
C GLY C 171 28.55 -13.54 -1.17
N PHE C 172 28.89 -14.60 -1.90
CA PHE C 172 27.99 -15.74 -2.13
C PHE C 172 26.68 -15.33 -2.78
N GLY C 173 26.70 -14.31 -3.64
CA GLY C 173 25.53 -13.94 -4.38
C GLY C 173 25.51 -12.46 -4.67
N GLY C 174 24.35 -11.85 -4.43
CA GLY C 174 24.17 -10.42 -4.62
C GLY C 174 24.40 -9.63 -3.35
N ALA C 175 24.01 -8.36 -3.41
CA ALA C 175 24.20 -7.44 -2.28
C ALA C 175 23.56 -7.97 -1.00
N LEU C 176 22.44 -8.67 -1.09
CA LEU C 176 21.79 -9.17 0.12
C LEU C 176 22.55 -10.36 0.72
N ASN C 177 23.15 -11.20 -0.12
CA ASN C 177 24.01 -12.25 0.41
C ASN C 177 25.22 -11.64 1.11
N VAL C 178 25.78 -10.58 0.54
CA VAL C 178 26.87 -9.85 1.19
C VAL C 178 26.41 -9.37 2.56
N TYR C 179 25.24 -8.74 2.61
CA TYR C 179 24.73 -8.14 3.84
C TYR C 179 24.63 -9.21 4.92
N GLU C 180 24.07 -10.37 4.56
CA GLU C 180 23.80 -11.40 5.54
C GLU C 180 25.09 -12.02 6.04
N LEU C 181 26.06 -12.22 5.15
CA LEU C 181 27.37 -12.74 5.58
C LEU C 181 28.04 -11.77 6.56
N GLN C 182 28.07 -10.48 6.22
CA GLN C 182 28.65 -9.50 7.14
C GLN C 182 27.94 -9.54 8.49
N LYS C 183 26.61 -9.55 8.46
CA LYS C 183 25.85 -9.60 9.71
C LYS C 183 26.21 -10.84 10.53
N ALA C 184 26.36 -11.99 9.87
CA ALA C 184 26.68 -13.23 10.58
C ALA C 184 28.12 -13.23 11.10
N LEU C 185 29.05 -12.64 10.35
CA LEU C 185 30.42 -12.46 10.86
C LEU C 185 30.44 -11.60 12.11
N ILE C 186 29.68 -10.50 12.12
CA ILE C 186 29.61 -9.64 13.28
C ILE C 186 28.98 -10.36 14.46
N ALA C 187 27.85 -11.04 14.23
CA ALA C 187 27.24 -11.79 15.31
C ALA C 187 28.27 -12.70 15.99
N ALA C 188 29.15 -13.32 15.19
CA ALA C 188 30.16 -14.25 15.68
C ALA C 188 31.36 -13.58 16.32
N GLY C 189 31.52 -12.27 16.17
CA GLY C 189 32.60 -11.55 16.81
C GLY C 189 33.75 -11.12 15.93
N VAL C 190 33.54 -10.97 14.61
CA VAL C 190 34.63 -10.62 13.71
C VAL C 190 35.03 -9.16 13.95
N ALA C 191 36.30 -8.86 13.72
CA ALA C 191 36.78 -7.48 13.80
C ALA C 191 36.87 -6.80 12.45
N GLY C 192 37.19 -7.56 11.41
CA GLY C 192 37.23 -7.04 10.06
C GLY C 192 36.89 -8.13 9.07
N SER C 193 36.49 -7.71 7.87
CA SER C 193 36.08 -8.65 6.85
C SER C 193 36.51 -8.11 5.50
N HIS C 194 36.85 -9.02 4.58
CA HIS C 194 37.32 -8.60 3.26
C HIS C 194 36.46 -9.20 2.15
N TRP C 195 36.39 -8.43 1.06
CA TRP C 195 35.44 -8.63 -0.03
C TRP C 195 36.15 -8.36 -1.34
N GLU C 196 35.99 -9.25 -2.32
CA GLU C 196 36.75 -9.24 -3.57
C GLU C 196 35.83 -9.05 -4.76
N ASP C 197 36.36 -8.39 -5.79
CA ASP C 197 35.56 -7.98 -6.96
C ASP C 197 35.43 -9.10 -8.02
N GLN C 198 35.15 -10.34 -7.58
CA GLN C 198 34.95 -11.49 -8.45
C GLN C 198 33.48 -11.85 -8.58
N LEU C 199 33.17 -12.54 -9.67
CA LEU C 199 31.84 -13.12 -9.85
C LEU C 199 31.69 -14.29 -8.90
N ALA C 200 30.69 -14.22 -8.01
CA ALA C 200 30.59 -15.23 -6.95
C ALA C 200 30.45 -16.63 -7.55
N SER C 201 29.65 -16.77 -8.60
CA SER C 201 29.40 -18.09 -9.17
C SER C 201 30.64 -18.67 -9.84
N GLU C 202 31.70 -17.86 -10.04
CA GLU C 202 32.95 -18.34 -10.62
C GLU C 202 34.14 -18.02 -9.71
N LYS C 203 33.89 -17.81 -8.42
CA LYS C 203 34.92 -17.37 -7.51
C LYS C 203 36.12 -18.30 -7.52
N LYS C 204 37.29 -17.71 -7.39
CA LYS C 204 38.53 -18.47 -7.29
C LYS C 204 39.41 -17.88 -6.22
N EJA C 205 40.31 -18.71 -5.70
CA EJA C 205 41.48 -18.19 -4.99
CB EJA C 205 42.37 -19.35 -4.57
SG EJA C 205 44.01 -18.78 -3.85
CD EJA C 205 43.90 -17.97 -2.13
CE EJA C 205 44.78 -18.51 -1.08
CZ EJA C 205 46.19 -18.01 -1.37
OT1 EJA C 205 46.71 -18.32 -2.51
OT2 EJA C 205 46.82 -17.28 -0.53
NE EJA C 205 43.18 -16.93 -1.80
OZ EJA C 205 42.39 -16.36 -2.73
C EJA C 205 42.23 -17.21 -5.97
O EJA C 205 42.28 -17.43 -7.20
H EJA C 205 40.28 -19.60 -5.73
HA EJA C 205 41.20 -17.69 -4.21
HB2 EJA C 205 41.96 -19.89 -3.88
HB3 EJA C 205 42.56 -19.95 -5.31
HE2 EJA C 205 44.56 -18.24 -0.17
HE1 EJA C 205 44.81 -19.47 -1.05
HOZ EJA C 205 41.62 -16.34 -2.36
N GLY C 206 42.83 -16.16 -5.40
CA GLY C 206 43.50 -15.15 -6.21
C GLY C 206 44.66 -15.71 -7.00
N HIS C 207 45.16 -16.87 -6.59
CA HIS C 207 46.30 -17.50 -7.24
C HIS C 207 45.92 -18.74 -8.03
N LEU C 208 44.64 -18.93 -8.29
CA LEU C 208 44.15 -19.87 -9.27
C LEU C 208 43.79 -19.11 -10.53
N GLY C 209 43.65 -19.85 -11.64
CA GLY C 209 43.19 -19.28 -12.89
C GLY C 209 41.68 -19.27 -12.98
N GLY C 210 41.19 -18.79 -14.12
CA GLY C 210 39.76 -18.79 -14.38
C GLY C 210 38.97 -17.77 -13.59
N LYS C 211 39.61 -16.66 -13.22
CA LYS C 211 38.95 -15.62 -12.43
C LYS C 211 38.15 -14.71 -13.32
N VAL C 212 37.01 -14.26 -12.80
CA VAL C 212 36.07 -13.40 -13.52
C VAL C 212 35.75 -12.21 -12.63
N LEU C 213 36.07 -11.01 -13.11
CA LEU C 213 35.76 -9.80 -12.37
C LEU C 213 34.31 -9.41 -12.56
N ILE C 214 33.81 -8.63 -11.61
CA ILE C 214 32.51 -7.99 -11.79
C ILE C 214 32.78 -6.50 -12.00
N PRO C 215 31.81 -5.71 -12.45
CA PRO C 215 32.09 -4.30 -12.73
C PRO C 215 32.45 -3.52 -11.48
N THR C 216 33.24 -2.47 -11.67
CA THR C 216 33.71 -1.65 -10.54
C THR C 216 32.54 -1.22 -9.66
N GLN C 217 31.46 -0.72 -10.27
CA GLN C 217 30.32 -0.28 -9.48
C GLN C 217 29.68 -1.44 -8.70
N GLN C 218 29.66 -2.65 -9.26
CA GLN C 218 29.07 -3.74 -8.49
C GLN C 218 29.87 -4.01 -7.23
N HIS C 219 31.20 -3.88 -7.28
CA HIS C 219 31.95 -4.07 -6.04
C HIS C 219 31.80 -2.90 -5.08
N ILE C 220 31.67 -1.67 -5.58
CA ILE C 220 31.30 -0.56 -4.68
C ILE C 220 30.02 -0.90 -3.95
N ARG C 221 29.08 -1.52 -4.66
CA ARG C 221 27.82 -1.93 -4.04
C ARG C 221 28.06 -2.98 -2.95
N THR C 222 28.93 -3.96 -3.22
CA THR C 222 29.33 -4.93 -2.20
C THR C 222 29.91 -4.24 -0.96
N LEU C 223 30.86 -3.31 -1.16
CA LEU C 223 31.48 -2.61 -0.05
C LEU C 223 30.46 -1.77 0.70
N THR C 224 29.50 -1.19 -0.03
CA THR C 224 28.44 -0.40 0.58
C THR C 224 27.51 -1.28 1.41
N SER C 225 27.20 -2.49 0.94
CA SER C 225 26.35 -3.40 1.69
C SER C 225 27.04 -3.88 2.97
N ALA C 226 28.34 -4.17 2.89
CA ALA C 226 29.07 -4.61 4.08
C ALA C 226 29.12 -3.52 5.15
N ARG C 227 29.30 -2.25 4.73
CA ARG C 227 29.26 -1.17 5.69
C ARG C 227 27.87 -1.02 6.29
N LEU C 228 26.83 -1.13 5.45
CA LEU C 228 25.47 -0.97 5.93
C LEU C 228 25.16 -2.00 7.00
N ALA C 229 25.55 -3.26 6.77
CA ALA C 229 25.28 -4.30 7.76
C ALA C 229 26.02 -4.00 9.07
N ALA C 230 27.26 -3.51 8.98
CA ALA C 230 27.99 -3.13 10.20
C ALA C 230 27.31 -1.95 10.89
N ASP C 231 26.84 -0.97 10.13
CA ASP C 231 26.14 0.17 10.71
C ASP C 231 24.82 -0.25 11.36
N VAL C 232 24.06 -1.13 10.69
CA VAL C 232 22.80 -1.58 11.29
C VAL C 232 23.07 -2.36 12.57
N ALA C 233 24.14 -3.17 12.58
CA ALA C 233 24.55 -3.87 13.80
C ALA C 233 25.34 -2.97 14.75
N ASP C 234 25.55 -1.70 14.41
CA ASP C 234 26.08 -0.69 15.34
C ASP C 234 27.48 -1.05 15.83
N VAL C 235 28.34 -1.54 14.93
CA VAL C 235 29.71 -1.84 15.28
C VAL C 235 30.65 -1.33 14.20
N PRO C 236 31.87 -0.83 14.54
CA PRO C 236 32.77 -0.19 13.57
C PRO C 236 33.67 -1.20 12.85
N THR C 237 33.06 -2.26 12.30
CA THR C 237 33.80 -3.31 11.62
C THR C 237 34.75 -2.71 10.59
N VAL C 238 35.94 -3.28 10.51
CA VAL C 238 36.93 -2.85 9.52
C VAL C 238 36.60 -3.54 8.19
N VAL C 239 36.42 -2.75 7.13
CA VAL C 239 36.01 -3.27 5.82
C VAL C 239 37.20 -3.19 4.86
N ILE C 240 37.51 -4.31 4.24
CA ILE C 240 38.70 -4.46 3.39
C ILE C 240 38.27 -4.81 1.97
N ALA C 241 38.80 -4.07 1.01
CA ALA C 241 38.47 -4.28 -0.39
C ALA C 241 39.65 -4.97 -1.06
N ARG C 242 39.37 -6.10 -1.68
CA ARG C 242 40.35 -6.88 -2.42
C ARG C 242 40.02 -6.77 -3.89
N THR C 243 41.04 -6.57 -4.72
CA THR C 243 40.88 -6.62 -6.17
C THR C 243 41.69 -7.76 -6.75
N ASP C 244 41.08 -8.52 -7.66
CA ASP C 244 41.71 -9.61 -8.38
C ASP C 244 42.09 -9.24 -9.83
N ALA C 245 42.17 -7.95 -10.15
CA ALA C 245 42.38 -7.51 -11.52
C ALA C 245 43.81 -7.69 -12.02
N GLU C 246 44.76 -8.06 -11.16
CA GLU C 246 46.14 -8.19 -11.63
C GLU C 246 46.32 -9.38 -12.55
N ALA C 247 45.55 -10.46 -12.30
CA ALA C 247 45.63 -11.71 -13.06
C ALA C 247 44.36 -12.06 -13.82
N ALA C 248 43.19 -11.62 -13.35
CA ALA C 248 41.94 -11.94 -14.03
C ALA C 248 41.94 -11.37 -15.43
N THR C 249 41.63 -12.21 -16.42
CA THR C 249 41.52 -11.74 -17.80
C THR C 249 40.08 -11.76 -18.29
N LEU C 250 39.12 -11.95 -17.40
CA LEU C 250 37.71 -11.96 -17.75
C LEU C 250 36.94 -11.00 -16.84
N ILE C 251 35.87 -10.44 -17.40
CA ILE C 251 34.94 -9.61 -16.66
C ILE C 251 33.54 -9.90 -17.21
N THR C 252 32.53 -9.76 -16.36
CA THR C 252 31.18 -10.17 -16.76
C THR C 252 30.53 -9.20 -17.73
N SER C 253 30.95 -7.94 -17.73
CA SER C 253 30.18 -6.94 -18.47
C SER C 253 31.04 -5.71 -18.75
N ASP C 254 30.66 -4.98 -19.81
CA ASP C 254 31.31 -3.74 -20.17
C ASP C 254 30.50 -2.52 -19.71
N VAL C 255 29.54 -2.71 -18.81
CA VAL C 255 28.58 -1.65 -18.50
C VAL C 255 29.25 -0.45 -17.83
N ASP C 256 30.32 -0.66 -17.06
CA ASP C 256 30.93 0.39 -16.25
C ASP C 256 32.04 1.08 -17.03
N GLU C 257 31.86 2.38 -17.29
CA GLU C 257 32.83 3.12 -18.10
C GLU C 257 34.23 3.08 -17.51
N ARG C 258 34.35 2.92 -16.19
CA ARG C 258 35.66 2.80 -15.57
C ARG C 258 36.38 1.52 -15.97
N ASP C 259 35.64 0.50 -16.39
CA ASP C 259 36.25 -0.78 -16.76
C ASP C 259 36.55 -0.86 -18.25
N GLN C 260 35.90 -0.03 -19.06
CA GLN C 260 35.99 -0.17 -20.51
C GLN C 260 37.39 0.05 -21.07
N PRO C 261 38.24 0.91 -20.50
CA PRO C 261 39.60 1.05 -21.05
C PRO C 261 40.35 -0.25 -21.18
N PHE C 262 40.00 -1.26 -20.36
CA PHE C 262 40.72 -2.52 -20.33
C PHE C 262 40.02 -3.63 -21.11
N ILE C 263 38.76 -3.43 -21.52
CA ILE C 263 38.04 -4.43 -22.32
C ILE C 263 38.70 -4.50 -23.69
N THR C 264 38.98 -5.71 -24.16
CA THR C 264 39.67 -5.85 -25.43
C THR C 264 38.73 -6.04 -26.61
N GLY C 265 37.50 -6.48 -26.36
CA GLY C 265 36.58 -6.82 -27.42
C GLY C 265 36.45 -8.31 -27.66
N GLU C 266 37.39 -9.10 -27.15
CA GLU C 266 37.32 -10.54 -27.28
C GLU C 266 36.30 -11.10 -26.28
N ARG C 267 35.63 -12.20 -26.68
CA ARG C 267 34.55 -12.76 -25.88
C ARG C 267 34.80 -14.25 -25.64
N THR C 268 34.11 -14.80 -24.63
CA THR C 268 34.09 -16.24 -24.42
C THR C 268 32.71 -16.77 -24.79
N ARG C 269 32.65 -18.09 -25.01
CA ARG C 269 31.40 -18.74 -25.37
C ARG C 269 30.32 -18.51 -24.31
N GLU C 270 30.72 -18.32 -23.05
CA GLU C 270 29.74 -18.05 -22.00
C GLU C 270 29.19 -16.63 -22.08
N GLY C 271 29.83 -15.74 -22.82
CA GLY C 271 29.42 -14.36 -22.87
C GLY C 271 30.24 -13.42 -22.02
N PHE C 272 31.31 -13.90 -21.41
CA PHE C 272 32.21 -13.02 -20.67
C PHE C 272 33.02 -12.16 -21.64
N TYR C 273 33.67 -11.13 -21.10
CA TYR C 273 34.50 -10.20 -21.83
C TYR C 273 35.94 -10.37 -21.39
N ARG C 274 36.84 -10.59 -22.36
CA ARG C 274 38.27 -10.54 -22.06
C ARG C 274 38.65 -9.11 -21.69
N THR C 275 39.59 -8.97 -20.75
CA THR C 275 40.04 -7.69 -20.25
C THR C 275 41.55 -7.78 -19.98
N LYS C 276 42.24 -6.64 -20.15
CA LYS C 276 43.69 -6.58 -19.95
C LYS C 276 44.03 -6.48 -18.47
N ASN C 277 44.68 -7.50 -17.95
CA ASN C 277 45.04 -7.59 -16.54
C ASN C 277 46.36 -6.88 -16.26
N GLY C 278 46.59 -6.60 -14.99
CA GLY C 278 47.86 -6.07 -14.57
C GLY C 278 47.67 -5.06 -13.46
N ILE C 279 48.74 -4.33 -13.14
CA ILE C 279 48.68 -3.40 -12.03
C ILE C 279 47.80 -2.20 -12.37
N GLU C 280 47.74 -1.81 -13.65
CA GLU C 280 46.94 -0.65 -14.04
C GLU C 280 45.50 -0.78 -13.62
N PRO C 281 44.78 -1.84 -14.00
CA PRO C 281 43.37 -1.93 -13.54
C PRO C 281 43.27 -2.08 -12.03
N CYS C 282 44.26 -2.68 -11.38
CA CYS C 282 44.27 -2.73 -9.92
C CYS C 282 44.32 -1.33 -9.32
N ILE C 283 45.22 -0.48 -9.84
CA ILE C 283 45.32 0.88 -9.32
C ILE C 283 44.00 1.61 -9.52
N ALA C 284 43.43 1.52 -10.73
CA ALA C 284 42.17 2.19 -11.00
C ALA C 284 41.06 1.68 -10.09
N ARG C 285 40.95 0.37 -9.92
CA ARG C 285 39.89 -0.14 -9.05
C ARG C 285 40.13 0.28 -7.60
N ALA C 286 41.40 0.26 -7.16
CA ALA C 286 41.68 0.64 -5.78
C ALA C 286 41.25 2.08 -5.51
N LYS C 287 41.54 2.99 -6.44
CA LYS C 287 41.12 4.38 -6.27
C LYS C 287 39.61 4.49 -6.20
N ALA C 288 38.89 3.69 -7.00
CA ALA C 288 37.43 3.70 -6.97
C ALA C 288 36.89 3.10 -5.67
N TYR C 289 37.61 2.14 -5.08
CA TYR C 289 37.16 1.51 -3.84
C TYR C 289 37.55 2.32 -2.60
N ALA C 290 38.56 3.19 -2.73
CA ALA C 290 39.14 3.88 -1.57
C ALA C 290 38.09 4.54 -0.68
N PRO C 291 37.14 5.30 -1.20
CA PRO C 291 36.15 5.92 -0.31
C PRO C 291 35.32 4.91 0.49
N PHE C 292 35.35 3.63 0.13
CA PHE C 292 34.49 2.61 0.72
C PHE C 292 35.27 1.53 1.46
N ALA C 293 36.57 1.69 1.60
CA ALA C 293 37.44 0.63 2.12
C ALA C 293 38.35 1.19 3.20
N ASP C 294 38.33 0.55 4.37
CA ASP C 294 39.28 0.90 5.42
C ASP C 294 40.68 0.41 5.07
N LEU C 295 40.79 -0.66 4.30
CA LEU C 295 42.06 -1.16 3.77
C LEU C 295 41.84 -1.68 2.37
N ILE C 296 42.87 -1.51 1.54
CA ILE C 296 42.83 -1.95 0.15
C ILE C 296 43.95 -2.94 -0.08
N TRP C 297 43.62 -3.99 -0.83
CA TRP C 297 44.45 -5.15 -1.01
C TRP C 297 44.38 -5.55 -2.47
N MET C 298 45.54 -5.71 -3.10
CA MET C 298 45.67 -6.16 -4.47
C MET C 298 46.33 -7.54 -4.45
N GLU C 299 45.65 -8.54 -4.98
CA GLU C 299 46.27 -9.84 -5.17
C GLU C 299 47.33 -9.75 -6.26
N THR C 300 48.44 -10.47 -6.06
CA THR C 300 49.57 -10.42 -6.99
C THR C 300 50.05 -11.82 -7.32
N GLY C 301 50.81 -11.92 -8.42
CA GLY C 301 51.28 -13.21 -8.89
C GLY C 301 52.60 -13.66 -8.28
N THR C 302 53.32 -12.74 -7.65
CA THR C 302 54.63 -13.04 -7.10
C THR C 302 54.86 -12.15 -5.90
N PRO C 303 55.73 -12.56 -4.99
CA PRO C 303 56.12 -11.68 -3.87
C PRO C 303 57.17 -10.69 -4.33
N ASP C 304 56.73 -9.48 -4.70
CA ASP C 304 57.59 -8.50 -5.36
C ASP C 304 57.44 -7.14 -4.68
N LEU C 305 58.49 -6.69 -4.00
CA LEU C 305 58.44 -5.41 -3.29
C LEU C 305 58.29 -4.23 -4.24
N GLU C 306 58.92 -4.29 -5.41
CA GLU C 306 58.82 -3.17 -6.35
C GLU C 306 57.39 -3.00 -6.87
N ALA C 307 56.72 -4.10 -7.22
CA ALA C 307 55.32 -4.01 -7.66
C ALA C 307 54.42 -3.51 -6.54
N ALA C 308 54.69 -3.93 -5.30
CA ALA C 308 53.93 -3.41 -4.17
C ALA C 308 54.12 -1.89 -4.04
N ARG C 309 55.35 -1.41 -4.24
CA ARG C 309 55.62 0.01 -4.11
C ARG C 309 54.87 0.82 -5.15
N GLN C 310 54.89 0.36 -6.40
CA GLN C 310 54.16 1.07 -7.46
C GLN C 310 52.69 1.19 -7.10
N PHE C 311 52.08 0.10 -6.64
CA PHE C 311 50.68 0.13 -6.25
C PHE C 311 50.46 1.09 -5.08
N SER C 312 51.23 0.91 -4.01
CA SER C 312 51.09 1.79 -2.85
C SER C 312 51.23 3.25 -3.24
N GLU C 313 52.26 3.59 -4.02
CA GLU C 313 52.53 4.98 -4.34
C GLU C 313 51.43 5.58 -5.20
N ALA C 314 50.89 4.80 -6.14
CA ALA C 314 49.86 5.33 -7.01
C ALA C 314 48.55 5.54 -6.25
N VAL C 315 48.23 4.65 -5.30
CA VAL C 315 47.02 4.83 -4.52
C VAL C 315 47.17 6.01 -3.57
N LYS C 316 48.27 6.06 -2.82
CA LYS C 316 48.48 7.13 -1.85
C LYS C 316 48.69 8.49 -2.53
N ALA C 317 49.01 8.51 -3.83
CA ALA C 317 49.07 9.79 -4.52
C ALA C 317 47.73 10.50 -4.49
N GLU C 318 46.63 9.75 -4.46
CA GLU C 318 45.29 10.32 -4.37
C GLU C 318 44.67 10.19 -2.98
N TYR C 319 44.98 9.11 -2.25
CA TYR C 319 44.49 8.90 -0.89
C TYR C 319 45.70 8.67 0.01
N PRO C 320 46.33 9.76 0.49
CA PRO C 320 47.59 9.59 1.24
C PRO C 320 47.46 8.77 2.50
N ASP C 321 46.31 8.77 3.15
CA ASP C 321 46.15 8.07 4.42
C ASP C 321 45.55 6.68 4.23
N GLN C 322 45.36 6.24 3.00
CA GLN C 322 44.73 4.93 2.77
C GLN C 322 45.67 3.82 3.19
N MET C 323 45.24 3.03 4.16
CA MET C 323 46.00 1.85 4.58
C MET C 323 45.77 0.71 3.60
N LEU C 324 46.80 -0.10 3.44
CA LEU C 324 46.77 -1.22 2.52
C LEU C 324 47.05 -2.52 3.28
N ALA C 325 46.77 -3.63 2.60
CA ALA C 325 46.94 -4.97 3.14
C ALA C 325 47.61 -5.85 2.10
N TYR C 326 48.44 -6.79 2.57
CA TYR C 326 49.22 -7.62 1.67
C TYR C 326 49.15 -9.09 2.06
N ASN C 327 48.94 -9.94 1.07
CA ASN C 327 48.84 -11.39 1.23
C ASN C 327 50.22 -12.01 1.00
N CYS C 328 50.85 -12.45 2.09
CA CYS C 328 52.11 -13.19 2.04
C CYS C 328 51.77 -14.66 1.84
N SER C 329 51.42 -14.97 0.59
CA SER C 329 50.66 -16.17 0.26
C SER C 329 51.57 -17.38 0.16
N PRO C 330 51.18 -18.52 0.76
CA PRO C 330 51.90 -19.77 0.47
C PRO C 330 51.70 -20.30 -0.96
N SER C 331 50.83 -19.68 -1.76
CA SER C 331 50.76 -20.01 -3.17
C SER C 331 51.96 -19.51 -3.96
N PHE C 332 52.85 -18.73 -3.36
CA PHE C 332 54.13 -18.38 -3.96
C PHE C 332 55.17 -19.40 -3.52
N ASN C 333 56.05 -19.77 -4.45
CA ASN C 333 57.26 -20.52 -4.13
C ASN C 333 58.32 -19.49 -3.74
N TRP C 334 58.47 -19.26 -2.43
CA TRP C 334 59.19 -18.07 -1.98
C TRP C 334 60.67 -18.10 -2.38
N LYS C 335 61.39 -19.18 -2.07
CA LYS C 335 62.80 -19.23 -2.40
C LYS C 335 63.05 -19.32 -3.91
N LYS C 336 62.03 -19.58 -4.71
CA LYS C 336 62.21 -19.54 -6.15
C LYS C 336 62.32 -18.10 -6.65
N HIS C 337 61.68 -17.16 -5.95
CA HIS C 337 61.63 -15.77 -6.37
C HIS C 337 62.57 -14.86 -5.60
N LEU C 338 62.88 -15.18 -4.35
CA LEU C 338 63.58 -14.25 -3.48
C LEU C 338 64.74 -14.92 -2.77
N ASP C 339 65.81 -14.16 -2.56
CA ASP C 339 66.89 -14.64 -1.71
C ASP C 339 66.53 -14.44 -0.24
N ASP C 340 67.35 -15.01 0.63
CA ASP C 340 67.01 -15.05 2.05
C ASP C 340 66.95 -13.65 2.64
N ALA C 341 67.87 -12.77 2.23
CA ALA C 341 67.90 -11.41 2.77
C ALA C 341 66.61 -10.65 2.43
N THR C 342 66.09 -10.83 1.22
CA THR C 342 64.86 -10.14 0.84
C THR C 342 63.67 -10.74 1.58
N ILE C 343 63.63 -12.06 1.72
CA ILE C 343 62.59 -12.71 2.52
C ILE C 343 62.57 -12.12 3.93
N ALA C 344 63.75 -11.94 4.52
CA ALA C 344 63.83 -11.49 5.91
C ALA C 344 63.33 -10.07 6.10
N LYS C 345 63.50 -9.18 5.10
CA LYS C 345 63.06 -7.80 5.25
C LYS C 345 61.66 -7.56 4.68
N PHE C 346 61.05 -8.57 4.06
CA PHE C 346 59.84 -8.39 3.27
C PHE C 346 58.75 -7.62 4.01
N GLN C 347 58.31 -8.15 5.14
CA GLN C 347 57.18 -7.51 5.81
C GLN C 347 57.54 -6.11 6.29
N LYS C 348 58.75 -5.92 6.80
CA LYS C 348 59.14 -4.60 7.30
C LYS C 348 59.21 -3.58 6.17
N GLU C 349 59.55 -4.02 4.95
CA GLU C 349 59.60 -3.11 3.80
C GLU C 349 58.21 -2.71 3.34
N LEU C 350 57.30 -3.69 3.28
CA LEU C 350 55.92 -3.41 2.93
C LEU C 350 55.25 -2.51 3.96
N ALA C 351 55.56 -2.71 5.24
CA ALA C 351 55.00 -1.84 6.28
C ALA C 351 55.35 -0.37 6.03
N ALA C 352 56.61 -0.10 5.67
CA ALA C 352 57.04 1.27 5.37
C ALA C 352 56.33 1.87 4.16
N MET C 353 55.77 1.03 3.28
CA MET C 353 54.97 1.46 2.13
C MET C 353 53.48 1.62 2.44
N GLY C 354 53.05 1.37 3.69
CA GLY C 354 51.66 1.53 4.06
C GLY C 354 50.87 0.24 4.13
N PHE C 355 51.51 -0.91 3.93
CA PHE C 355 50.81 -2.20 4.06
C PHE C 355 50.78 -2.53 5.55
N LYS C 356 49.70 -2.12 6.22
CA LYS C 356 49.64 -2.23 7.67
C LYS C 356 49.00 -3.52 8.16
N PHE C 357 48.40 -4.32 7.28
CA PHE C 357 47.92 -5.65 7.63
C PHE C 357 48.51 -6.64 6.65
N GLN C 358 49.34 -7.53 7.15
CA GLN C 358 50.02 -8.55 6.34
C GLN C 358 49.73 -9.91 6.94
N PHE C 359 49.49 -10.91 6.10
CA PHE C 359 48.98 -12.19 6.60
C PHE C 359 49.43 -13.33 5.70
N ILE C 360 49.79 -14.45 6.30
CA ILE C 360 50.11 -15.68 5.58
C ILE C 360 48.84 -16.54 5.59
N THR C 361 48.14 -16.54 4.46
CA THR C 361 46.76 -17.01 4.39
C THR C 361 46.63 -18.50 4.76
N LEU C 362 47.46 -19.36 4.16
CA LEU C 362 47.30 -20.81 4.32
C LEU C 362 48.29 -21.41 5.32
N ALA C 363 48.78 -20.60 6.26
CA ALA C 363 49.72 -21.10 7.26
C ALA C 363 49.18 -22.30 8.00
N GLY C 364 47.90 -22.26 8.39
CA GLY C 364 47.35 -23.35 9.18
C GLY C 364 47.24 -24.64 8.40
N PHE C 365 46.81 -24.55 7.15
CA PHE C 365 46.74 -25.75 6.31
C PHE C 365 48.11 -26.41 6.20
N HIS C 366 49.17 -25.62 5.96
CA HIS C 366 50.49 -26.22 5.80
C HIS C 366 51.08 -26.69 7.13
N ALA C 367 50.88 -25.93 8.21
CA ALA C 367 51.34 -26.40 9.52
C ALA C 367 50.64 -27.71 9.90
N LEU C 368 49.32 -27.76 9.73
CA LEU C 368 48.56 -28.95 10.08
C LEU C 368 48.96 -30.15 9.22
N ASN C 369 49.02 -29.96 7.90
CA ASN C 369 49.24 -31.08 6.99
C ASN C 369 50.68 -31.61 7.08
N TYR C 370 51.68 -30.72 7.10
CA TYR C 370 53.07 -31.17 7.18
C TYR C 370 53.36 -31.87 8.51
N SER C 371 52.94 -31.27 9.63
CA SER C 371 53.27 -31.85 10.93
C SER C 371 52.67 -33.23 11.10
N MET C 372 51.48 -33.46 10.55
CA MET C 372 50.89 -34.79 10.68
C MET C 372 51.50 -35.76 9.68
N PHE C 373 51.84 -35.32 8.48
CA PHE C 373 52.59 -36.21 7.60
C PHE C 373 53.90 -36.62 8.25
N ASP C 374 54.65 -35.64 8.77
CA ASP C 374 55.94 -35.94 9.39
C ASP C 374 55.78 -36.90 10.57
N LEU C 375 54.78 -36.67 11.41
CA LEU C 375 54.59 -37.55 12.55
C LEU C 375 54.20 -38.94 12.11
N ALA C 376 53.23 -39.03 11.19
CA ALA C 376 52.69 -40.32 10.79
C ALA C 376 53.71 -41.14 10.00
N TYR C 377 54.54 -40.47 9.20
CA TYR C 377 55.59 -41.16 8.49
C TYR C 377 56.56 -41.80 9.47
N GLY C 378 56.95 -41.06 10.51
CA GLY C 378 57.85 -41.62 11.50
C GLY C 378 57.18 -42.73 12.27
N TYR C 379 55.93 -42.51 12.68
CA TYR C 379 55.16 -43.51 13.41
C TYR C 379 55.02 -44.79 12.59
N ALA C 380 54.77 -44.65 11.29
CA ALA C 380 54.63 -45.81 10.42
C ALA C 380 55.88 -46.67 10.44
N GLN C 381 57.04 -46.04 10.60
CA GLN C 381 58.31 -46.76 10.58
C GLN C 381 58.82 -47.14 11.97
N ASN C 382 58.69 -46.26 12.96
CA ASN C 382 59.35 -46.44 14.25
C ASN C 382 58.39 -46.40 15.43
N GLN C 383 57.08 -46.38 15.17
CA GLN C 383 56.04 -46.31 16.20
C GLN C 383 56.37 -45.30 17.29
N MET C 384 56.45 -45.72 18.56
CA MET C 384 56.44 -44.75 19.64
C MET C 384 57.64 -43.81 19.60
N SER C 385 58.77 -44.28 19.06
CA SER C 385 59.95 -43.44 18.96
C SER C 385 59.64 -42.12 18.26
N ALA C 386 58.79 -42.16 17.22
CA ALA C 386 58.52 -40.95 16.45
C ALA C 386 57.66 -39.97 17.23
N TYR C 387 56.72 -40.47 18.03
CA TYR C 387 55.89 -39.58 18.83
C TYR C 387 56.69 -38.97 19.97
N VAL C 388 57.60 -39.73 20.57
CA VAL C 388 58.37 -39.22 21.69
C VAL C 388 59.25 -38.04 21.27
N GLU C 389 59.79 -38.09 20.05
CA GLU C 389 60.49 -36.94 19.51
C GLU C 389 59.63 -35.68 19.59
N LEU C 390 58.37 -35.78 19.14
CA LEU C 390 57.48 -34.63 19.22
C LEU C 390 57.26 -34.20 20.67
N GLN C 391 56.97 -35.17 21.56
CA GLN C 391 56.74 -34.80 22.95
C GLN C 391 57.94 -34.08 23.54
N GLU C 392 59.15 -34.56 23.25
CA GLU C 392 60.35 -33.90 23.76
C GLU C 392 60.50 -32.49 23.19
N ARG C 393 60.17 -32.29 21.91
CA ARG C 393 60.17 -30.94 21.37
C ARG C 393 59.19 -30.04 22.09
N GLU C 394 58.00 -30.57 22.40
CA GLU C 394 57.04 -29.82 23.20
C GLU C 394 57.62 -29.45 24.56
N PHE C 395 58.18 -30.44 25.27
CA PHE C 395 58.87 -30.13 26.51
C PHE C 395 59.90 -29.02 26.31
N ALA C 396 60.63 -29.09 25.21
CA ALA C 396 61.68 -28.11 24.97
C ALA C 396 61.10 -26.73 24.69
N ALA C 397 59.91 -26.67 24.08
CA ALA C 397 59.32 -25.37 23.74
C ALA C 397 58.78 -24.63 24.95
N GLU C 398 58.70 -25.29 26.11
CA GLU C 398 58.09 -24.64 27.27
C GLU C 398 58.87 -23.39 27.68
N GLU C 399 60.18 -23.37 27.43
CA GLU C 399 60.92 -22.16 27.77
C GLU C 399 60.62 -21.01 26.83
N ARG C 400 60.06 -21.29 25.66
CA ARG C 400 59.60 -20.26 24.74
C ARG C 400 58.16 -19.83 25.03
N GLY C 401 57.52 -20.39 26.06
CA GLY C 401 56.17 -20.02 26.41
C GLY C 401 55.12 -21.06 26.08
N TYR C 402 55.48 -22.17 25.43
CA TYR C 402 54.53 -23.21 25.09
C TYR C 402 53.93 -23.83 26.35
N THR C 403 52.63 -24.10 26.32
CA THR C 403 51.91 -24.64 27.47
C THR C 403 51.11 -25.90 27.17
N ALA C 404 50.89 -26.24 25.90
CA ALA C 404 49.94 -27.28 25.54
C ALA C 404 50.46 -28.68 25.83
N THR C 405 51.72 -28.83 26.23
CA THR C 405 52.19 -30.14 26.65
C THR C 405 51.32 -30.69 27.77
N LYS C 406 50.91 -29.81 28.70
CA LYS C 406 49.94 -30.11 29.75
C LYS C 406 48.56 -29.92 29.15
N HIS C 407 48.10 -30.96 28.43
CA HIS C 407 46.93 -30.78 27.59
C HIS C 407 45.63 -30.68 28.39
N GLN C 408 45.58 -31.19 29.61
CA GLN C 408 44.32 -31.15 30.34
C GLN C 408 43.98 -29.72 30.74
N ARG C 409 44.93 -29.00 31.35
CA ARG C 409 44.68 -27.61 31.71
C ARG C 409 44.58 -26.74 30.46
N GLU C 410 45.24 -27.13 29.37
CA GLU C 410 45.20 -26.33 28.15
C GLU C 410 43.78 -26.20 27.62
N VAL C 411 42.99 -27.27 27.69
CA VAL C 411 41.61 -27.25 27.21
C VAL C 411 40.62 -26.96 28.34
N GLY C 412 41.12 -26.65 29.54
CA GLY C 412 40.30 -26.06 30.58
C GLY C 412 39.88 -26.97 31.71
N ALA C 413 40.56 -28.10 31.91
CA ALA C 413 40.17 -28.99 33.00
C ALA C 413 40.28 -28.31 34.35
N GLY C 414 41.20 -27.36 34.50
CA GLY C 414 41.28 -26.63 35.76
C GLY C 414 40.19 -25.59 35.89
N TYR C 415 39.79 -24.99 34.77
CA TYR C 415 38.69 -24.04 34.77
C TYR C 415 37.37 -24.71 35.14
N PHE C 416 37.06 -25.85 34.51
CA PHE C 416 35.82 -26.52 34.86
C PHE C 416 35.88 -27.12 36.25
N ASP C 417 37.07 -27.48 36.73
CA ASP C 417 37.19 -27.86 38.14
C ASP C 417 36.75 -26.71 39.03
N ARG C 418 37.13 -25.48 38.68
CA ARG C 418 36.77 -24.34 39.49
C ARG C 418 35.26 -24.10 39.46
N ILE C 419 34.62 -24.25 38.30
CA ILE C 419 33.17 -24.22 38.25
C ILE C 419 32.59 -25.26 39.19
N ALA C 420 33.11 -26.49 39.09
CA ALA C 420 32.53 -27.60 39.85
C ALA C 420 32.64 -27.36 41.34
N THR C 421 33.80 -26.86 41.80
CA THR C 421 33.96 -26.61 43.22
C THR C 421 33.23 -25.35 43.66
N THR C 422 32.98 -24.42 42.75
CA THR C 422 32.14 -23.27 43.08
C THR C 422 30.71 -23.72 43.31
N VAL C 423 30.24 -24.66 42.51
CA VAL C 423 28.89 -25.18 42.68
C VAL C 423 28.82 -26.08 43.91
N ASP C 424 29.81 -26.95 44.09
CA ASP C 424 29.81 -27.94 45.18
C ASP C 424 31.24 -28.10 45.67
N PRO C 425 31.63 -27.32 46.68
CA PRO C 425 33.02 -27.43 47.20
C PRO C 425 33.43 -28.85 47.58
N ASN C 426 32.49 -29.72 47.92
CA ASN C 426 32.83 -31.06 48.40
C ASN C 426 32.79 -32.13 47.31
N SER C 427 32.76 -31.72 46.05
CA SER C 427 32.70 -32.68 44.96
C SER C 427 33.84 -33.68 45.04
N SER C 428 33.52 -34.97 44.93
CA SER C 428 34.54 -36.00 44.84
C SER C 428 34.85 -36.39 43.40
N THR C 429 34.40 -35.62 42.41
CA THR C 429 34.54 -36.02 41.01
C THR C 429 35.19 -34.93 40.18
N THR C 430 36.10 -34.14 40.77
CA THR C 430 36.86 -33.18 39.99
C THR C 430 37.91 -33.94 39.16
N ALA C 431 38.47 -33.22 38.17
CA ALA C 431 39.25 -33.86 37.11
C ALA C 431 40.75 -33.89 37.41
N LEU C 432 41.34 -32.75 37.79
CA LEU C 432 42.80 -32.66 37.80
C LEU C 432 43.42 -33.37 39.00
N THR C 433 42.77 -33.33 40.16
CA THR C 433 43.27 -34.09 41.29
C THR C 433 43.26 -35.58 40.93
N GLY C 434 44.44 -36.21 40.99
CA GLY C 434 44.59 -37.62 40.68
C GLY C 434 44.92 -37.92 39.23
N SER C 435 45.01 -36.90 38.38
CA SER C 435 45.32 -37.11 36.97
C SER C 435 46.81 -37.41 36.78
N THR C 436 47.12 -38.00 35.62
CA THR C 436 48.51 -38.23 35.24
C THR C 436 49.21 -36.94 34.83
N GLU C 437 48.46 -35.92 34.42
CA GLU C 437 49.05 -34.61 34.22
C GLU C 437 49.60 -34.06 35.54
N GLU C 438 48.80 -34.15 36.61
CA GLU C 438 49.27 -33.69 37.91
C GLU C 438 50.50 -34.46 38.35
N GLY C 439 50.52 -35.77 38.12
CA GLY C 439 51.56 -36.64 38.66
C GLY C 439 52.78 -36.82 37.79
N GLN C 440 52.66 -36.61 36.47
CA GLN C 440 53.78 -36.83 35.56
C GLN C 440 54.22 -35.58 34.79
N PHE C 441 53.47 -34.48 34.89
CA PHE C 441 53.78 -33.26 34.14
C PHE C 441 53.93 -32.06 35.08
N HIS C 442 54.44 -32.30 36.27
CA HIS C 442 54.66 -31.23 37.26
C HIS C 442 55.64 -30.18 36.71
N MET D 15 5.80 -51.48 -3.14
CA MET D 15 6.27 -50.43 -4.10
C MET D 15 7.52 -50.93 -4.82
N SER D 16 8.66 -50.85 -4.13
CA SER D 16 9.97 -51.21 -4.64
C SER D 16 10.58 -52.31 -3.76
N VAL D 17 11.69 -52.88 -4.22
CA VAL D 17 12.43 -53.87 -3.44
C VAL D 17 13.77 -53.34 -2.95
N VAL D 18 14.16 -52.13 -3.33
CA VAL D 18 15.40 -51.57 -2.81
C VAL D 18 15.29 -51.47 -1.30
N GLY D 19 16.32 -51.94 -0.60
CA GLY D 19 16.38 -51.90 0.85
C GLY D 19 15.57 -52.95 1.60
N THR D 20 14.99 -53.94 0.92
CA THR D 20 14.15 -54.91 1.62
C THR D 20 14.96 -55.58 2.72
N PRO D 21 14.45 -55.65 3.95
CA PRO D 21 15.22 -56.29 5.02
C PRO D 21 15.38 -57.79 4.78
N LYS D 22 16.43 -58.36 5.35
CA LYS D 22 16.57 -59.81 5.34
C LYS D 22 15.57 -60.45 6.30
N SER D 23 15.35 -61.76 6.12
CA SER D 23 14.57 -62.51 7.09
C SER D 23 15.41 -62.81 8.32
N ALA D 24 14.73 -63.12 9.42
CA ALA D 24 15.44 -63.54 10.62
C ALA D 24 16.25 -64.80 10.37
N GLU D 25 15.70 -65.74 9.59
CA GLU D 25 16.47 -66.94 9.28
C GLU D 25 17.78 -66.59 8.59
N GLN D 26 17.75 -65.63 7.65
CA GLN D 26 18.99 -65.21 6.99
C GLN D 26 19.98 -64.63 7.99
N ILE D 27 19.49 -63.73 8.87
CA ILE D 27 20.35 -63.16 9.91
C ILE D 27 20.92 -64.26 10.80
N GLN D 28 20.05 -65.19 11.23
CA GLN D 28 20.49 -66.26 12.12
C GLN D 28 21.57 -67.11 11.46
N GLN D 29 21.42 -67.37 10.16
CA GLN D 29 22.42 -68.16 9.47
C GLN D 29 23.76 -67.45 9.42
N GLU D 30 23.73 -66.11 9.26
CA GLU D 30 24.97 -65.33 9.33
C GLU D 30 25.63 -65.48 10.70
N TRP D 31 24.86 -65.30 11.77
CA TRP D 31 25.42 -65.43 13.11
C TRP D 31 25.96 -66.84 13.34
N ASP D 32 25.30 -67.85 12.77
CA ASP D 32 25.68 -69.23 13.02
C ASP D 32 26.94 -69.65 12.25
N THR D 33 27.20 -69.06 11.09
CA THR D 33 28.23 -69.59 10.18
C THR D 33 29.32 -68.59 9.83
N ASN D 34 29.10 -67.29 9.92
CA ASN D 34 30.15 -66.32 9.63
C ASN D 34 31.17 -66.34 10.76
N PRO D 35 32.45 -66.65 10.48
CA PRO D 35 33.44 -66.66 11.58
C PRO D 35 33.57 -65.33 12.27
N ARG D 36 33.07 -64.26 11.66
CA ARG D 36 33.07 -62.96 12.32
C ARG D 36 32.39 -63.03 13.68
N TRP D 37 31.34 -63.83 13.79
CA TRP D 37 30.51 -63.88 14.99
C TRP D 37 30.86 -65.04 15.89
N LYS D 38 31.95 -65.77 15.60
CA LYS D 38 32.26 -66.99 16.32
C LYS D 38 32.26 -66.78 17.83
N ASP D 39 32.79 -65.66 18.30
CA ASP D 39 33.00 -65.46 19.72
C ASP D 39 32.02 -64.45 20.32
N VAL D 40 30.94 -64.14 19.62
CA VAL D 40 30.08 -63.01 19.93
C VAL D 40 28.76 -63.51 20.51
N THR D 41 28.48 -63.12 21.76
CA THR D 41 27.22 -63.43 22.41
C THR D 41 26.20 -62.34 22.12
N ARG D 42 24.97 -62.75 21.83
CA ARG D 42 23.85 -61.82 21.69
C ARG D 42 22.71 -62.33 22.57
N THR D 43 22.35 -61.54 23.59
CA THR D 43 21.27 -61.93 24.49
C THR D 43 19.89 -61.64 23.90
N TYR D 44 19.81 -61.11 22.70
CA TYR D 44 18.57 -60.94 21.97
C TYR D 44 18.60 -61.78 20.71
N SER D 45 17.47 -61.84 20.02
CA SER D 45 17.25 -62.80 18.94
C SER D 45 17.34 -62.13 17.58
N ALA D 46 17.47 -62.96 16.54
CA ALA D 46 17.48 -62.44 15.19
C ALA D 46 16.14 -61.82 14.85
N GLU D 47 15.05 -62.42 15.33
CA GLU D 47 13.72 -61.86 15.11
C GLU D 47 13.55 -60.51 15.78
N ASP D 48 14.18 -60.31 16.95
CA ASP D 48 14.13 -59.00 17.60
C ASP D 48 14.77 -57.93 16.73
N VAL D 49 15.88 -58.25 16.07
CA VAL D 49 16.51 -57.31 15.16
C VAL D 49 15.54 -56.93 14.05
N VAL D 50 14.98 -57.95 13.37
CA VAL D 50 14.08 -57.68 12.25
C VAL D 50 12.93 -56.79 12.68
N ALA D 51 12.42 -57.00 13.89
CA ALA D 51 11.27 -56.24 14.39
C ALA D 51 11.56 -54.75 14.46
N LEU D 52 12.83 -54.35 14.53
CA LEU D 52 13.19 -52.95 14.69
C LEU D 52 13.56 -52.27 13.39
N GLN D 53 13.47 -52.96 12.25
CA GLN D 53 14.03 -52.48 10.99
C GLN D 53 13.01 -51.82 10.08
N GLY D 54 11.74 -51.75 10.47
CA GLY D 54 10.78 -51.17 9.55
C GLY D 54 10.68 -51.96 8.23
N SER D 55 10.35 -51.24 7.16
CA SER D 55 10.17 -51.81 5.83
C SER D 55 11.41 -51.72 4.94
N VAL D 56 12.36 -50.87 5.29
CA VAL D 56 13.52 -50.56 4.46
C VAL D 56 14.73 -50.42 5.34
N VAL D 57 15.82 -51.09 4.97
CA VAL D 57 17.12 -50.94 5.63
C VAL D 57 18.04 -50.15 4.69
N GLU D 58 18.52 -49.01 5.17
CA GLU D 58 19.52 -48.23 4.44
C GLU D 58 20.86 -48.96 4.45
N GLU D 59 21.47 -49.09 3.27
CA GLU D 59 22.82 -49.60 3.18
C GLU D 59 23.81 -48.54 3.68
N HIS D 60 24.79 -48.97 4.48
CA HIS D 60 25.81 -48.07 5.01
C HIS D 60 27.16 -48.55 4.45
N THR D 61 27.47 -48.10 3.23
CA THR D 61 28.57 -48.68 2.48
C THR D 61 29.89 -48.51 3.24
N LEU D 62 30.18 -47.29 3.72
CA LEU D 62 31.49 -47.08 4.33
C LEU D 62 31.60 -47.72 5.69
N ALA D 63 30.50 -47.78 6.45
CA ALA D 63 30.50 -48.54 7.71
C ALA D 63 30.73 -50.03 7.45
N ARG D 64 30.04 -50.61 6.46
CA ARG D 64 30.25 -52.03 6.16
C ARG D 64 31.67 -52.28 5.69
N ARG D 65 32.12 -51.54 4.68
CA ARG D 65 33.45 -51.74 4.13
C ARG D 65 34.53 -51.52 5.18
N GLY D 66 34.40 -50.46 5.97
CA GLY D 66 35.42 -50.16 6.96
C GLY D 66 35.48 -51.22 8.06
N ALA D 67 34.31 -51.64 8.53
CA ALA D 67 34.25 -52.69 9.55
C ALA D 67 34.86 -53.99 9.02
N GLU D 68 34.57 -54.34 7.77
CA GLU D 68 35.15 -55.56 7.19
C GLU D 68 36.65 -55.45 7.06
N VAL D 69 37.14 -54.30 6.57
CA VAL D 69 38.58 -54.11 6.40
C VAL D 69 39.29 -54.14 7.75
N LEU D 70 38.75 -53.45 8.75
CA LEU D 70 39.37 -53.43 10.06
C LEU D 70 39.47 -54.84 10.64
N TRP D 71 38.39 -55.62 10.56
CA TRP D 71 38.43 -57.00 11.05
C TRP D 71 39.50 -57.81 10.31
N GLU D 72 39.58 -57.66 8.98
CA GLU D 72 40.60 -58.40 8.24
C GLU D 72 41.99 -58.00 8.69
N GLN D 73 42.23 -56.68 8.83
CA GLN D 73 43.55 -56.18 9.22
C GLN D 73 43.96 -56.70 10.59
N LEU D 74 43.03 -56.74 11.54
CA LEU D 74 43.35 -57.18 12.89
C LEU D 74 43.81 -58.64 12.93
N HIS D 75 43.37 -59.43 11.96
CA HIS D 75 43.75 -60.83 11.89
C HIS D 75 44.85 -61.09 10.89
N ASP D 76 45.22 -60.12 10.06
CA ASP D 76 46.24 -60.31 9.04
C ASP D 76 47.54 -59.58 9.35
N LEU D 77 47.46 -58.36 9.83
CA LEU D 77 48.66 -57.60 10.14
C LEU D 77 49.22 -58.01 11.50
N GLU D 78 50.52 -57.77 11.69
CA GLU D 78 51.11 -58.05 13.00
C GLU D 78 50.38 -57.28 14.08
N TRP D 79 50.12 -56.00 13.85
CA TRP D 79 49.12 -55.24 14.59
C TRP D 79 48.70 -54.04 13.75
N VAL D 80 47.56 -53.46 14.13
CA VAL D 80 47.02 -52.26 13.50
C VAL D 80 47.28 -51.10 14.44
N ASN D 81 47.90 -50.03 13.94
CA ASN D 81 48.11 -48.85 14.77
C ASN D 81 47.55 -47.62 14.08
N ALA D 82 47.33 -46.59 14.88
CA ALA D 82 46.67 -45.39 14.41
C ALA D 82 47.07 -44.21 15.27
N LEU D 83 46.79 -43.02 14.74
CA LEU D 83 46.93 -41.76 15.46
C LEU D 83 45.57 -41.08 15.53
N GLY D 84 45.34 -40.35 16.62
CA GLY D 84 44.19 -39.48 16.74
C GLY D 84 44.13 -38.43 15.65
N ALA D 85 42.96 -38.26 15.04
CA ALA D 85 42.74 -37.28 13.98
C ALA D 85 41.49 -36.48 14.32
N LEU D 86 41.58 -35.16 14.22
CA LEU D 86 40.44 -34.30 14.53
C LEU D 86 40.01 -33.42 13.37
N THR D 87 40.71 -33.48 12.24
CA THR D 87 40.25 -32.89 11.00
C THR D 87 40.44 -33.89 9.87
N GLY D 88 39.71 -33.67 8.77
CA GLY D 88 39.85 -34.54 7.61
C GLY D 88 41.25 -34.57 7.01
N ASN D 89 41.85 -33.40 6.78
CA ASN D 89 43.21 -33.35 6.26
C ASN D 89 44.15 -34.18 7.12
N MET D 90 43.92 -34.16 8.43
CA MET D 90 44.79 -34.90 9.33
C MET D 90 44.75 -36.38 8.98
N ALA D 91 43.55 -36.92 8.71
CA ALA D 91 43.43 -38.33 8.35
C ALA D 91 44.02 -38.62 6.98
N VAL D 92 43.92 -37.67 6.04
CA VAL D 92 44.52 -37.85 4.74
C VAL D 92 46.02 -38.05 4.87
N GLN D 93 46.67 -37.22 5.70
CA GLN D 93 48.12 -37.35 5.84
C GLN D 93 48.49 -38.65 6.55
N GLN D 94 47.68 -39.06 7.54
CA GLN D 94 47.93 -40.35 8.18
C GLN D 94 47.87 -41.51 7.18
N VAL D 95 46.91 -41.49 6.27
CA VAL D 95 46.82 -42.56 5.27
C VAL D 95 47.89 -42.39 4.20
N ARG D 96 48.14 -41.16 3.75
CA ARG D 96 49.20 -40.91 2.80
C ARG D 96 50.54 -41.44 3.30
N ALA D 97 50.82 -41.25 4.59
CA ALA D 97 52.09 -41.66 5.16
C ALA D 97 52.16 -43.15 5.42
N GLY D 98 51.07 -43.89 5.21
CA GLY D 98 51.11 -45.33 5.24
C GLY D 98 50.30 -45.99 6.35
N LEU D 99 49.59 -45.26 7.20
CA LEU D 99 48.83 -45.87 8.26
C LEU D 99 47.55 -46.49 7.72
N LYS D 100 47.12 -47.57 8.36
CA LYS D 100 46.01 -48.40 7.90
C LYS D 100 44.73 -48.20 8.70
N ALA D 101 44.71 -47.25 9.63
CA ALA D 101 43.51 -46.99 10.43
C ALA D 101 43.60 -45.58 10.98
N ILE D 102 42.41 -45.00 11.22
CA ILE D 102 42.25 -43.69 11.82
C ILE D 102 41.67 -43.88 13.21
N TYR D 103 42.25 -43.19 14.21
CA TYR D 103 41.66 -43.16 15.54
C TYR D 103 40.96 -41.81 15.76
N LEU D 104 39.69 -41.83 16.16
CA LEU D 104 38.91 -40.62 16.37
C LEU D 104 38.69 -40.41 17.86
N SER D 105 39.54 -39.58 18.46
CA SER D 105 39.53 -39.31 19.90
C SER D 105 38.38 -38.40 20.29
N GLY D 106 37.63 -38.82 21.31
CA GLY D 106 36.62 -37.93 21.89
C GLY D 106 37.24 -36.76 22.63
N TRP D 107 38.38 -37.00 23.29
CA TRP D 107 39.13 -35.94 23.94
C TRP D 107 39.45 -34.81 22.96
N GLN D 108 39.97 -35.15 21.78
CA GLN D 108 40.33 -34.12 20.81
C GLN D 108 39.11 -33.40 20.29
N VAL D 109 38.00 -34.12 20.14
CA VAL D 109 36.75 -33.49 19.72
C VAL D 109 36.30 -32.50 20.77
N ALA D 110 36.39 -32.88 22.05
CA ALA D 110 36.08 -31.94 23.13
C ALA D 110 36.97 -30.70 23.08
N GLY D 111 38.28 -30.90 22.89
CA GLY D 111 39.21 -29.78 22.95
C GLY D 111 39.18 -28.85 21.76
N ASP D 112 38.78 -29.35 20.57
CA ASP D 112 38.99 -28.49 19.39
C ASP D 112 38.11 -28.87 18.20
N ALA D 113 37.08 -29.70 18.34
CA ALA D 113 36.31 -30.05 17.15
C ALA D 113 34.91 -30.58 17.47
N ASN D 114 34.11 -29.84 18.24
CA ASN D 114 32.76 -30.31 18.58
C ASN D 114 31.73 -29.24 18.24
N LEU D 115 30.47 -29.67 18.21
CA LEU D 115 29.42 -28.85 17.62
C LEU D 115 28.92 -27.71 18.52
N SER D 116 29.40 -27.59 19.75
CA SER D 116 29.08 -26.39 20.52
C SER D 116 29.94 -25.21 20.11
N GLY D 117 31.05 -25.44 19.42
CA GLY D 117 32.05 -24.44 19.13
C GLY D 117 32.97 -24.10 20.29
N HIS D 118 32.82 -24.78 21.44
CA HIS D 118 33.58 -24.46 22.64
C HIS D 118 34.76 -25.43 22.83
N THR D 119 35.76 -24.96 23.57
CA THR D 119 36.87 -25.77 24.05
C THR D 119 36.48 -26.37 25.39
N TYR D 120 36.52 -27.70 25.48
CA TYR D 120 36.08 -28.44 26.65
C TYR D 120 37.15 -29.40 27.14
N PRO D 121 37.24 -29.61 28.44
CA PRO D 121 37.92 -30.80 28.95
C PRO D 121 37.10 -32.04 28.63
N ASP D 122 37.71 -33.19 28.88
CA ASP D 122 37.17 -34.45 28.38
C ASP D 122 36.20 -35.05 29.39
N GLN D 123 34.99 -34.48 29.41
CA GLN D 123 34.00 -34.84 30.42
C GLN D 123 32.59 -34.97 29.83
N SER D 124 32.49 -35.38 28.56
CA SER D 124 31.20 -35.58 27.89
C SER D 124 30.34 -34.31 27.93
N LEU D 125 30.99 -33.16 27.72
CA LEU D 125 30.30 -31.88 27.73
C LEU D 125 29.73 -31.48 26.39
N TYR D 126 30.24 -32.01 25.33
CA TYR D 126 29.86 -31.55 24.00
C TYR D 126 28.63 -32.28 23.49
N PRO D 127 27.99 -31.74 22.45
CA PRO D 127 26.78 -32.40 21.91
C PRO D 127 27.09 -33.79 21.38
N ALA D 128 26.17 -34.74 21.60
CA ALA D 128 26.44 -36.16 21.37
C ALA D 128 26.55 -36.55 19.92
N ASN D 129 26.20 -35.68 18.97
CA ASN D 129 26.43 -35.99 17.57
C ASN D 129 27.74 -35.42 17.05
N SER D 130 28.62 -34.94 17.94
CA SER D 130 29.87 -34.32 17.49
C SER D 130 30.83 -35.34 16.87
N VAL D 131 30.98 -36.50 17.50
CA VAL D 131 31.95 -37.46 16.96
C VAL D 131 31.41 -38.02 15.64
N PRO D 132 30.11 -38.32 15.52
CA PRO D 132 29.59 -38.73 14.20
C PRO D 132 29.91 -37.74 13.08
N GLN D 133 29.79 -36.43 13.34
CA GLN D 133 30.11 -35.46 12.30
C GLN D 133 31.57 -35.55 11.88
N VAL D 134 32.47 -35.77 12.83
CA VAL D 134 33.86 -35.89 12.49
C VAL D 134 34.15 -37.19 11.75
N VAL D 135 33.45 -38.28 12.10
CA VAL D 135 33.55 -39.50 11.28
C VAL D 135 33.17 -39.19 9.84
N ARG D 136 32.00 -38.58 9.64
CA ARG D 136 31.57 -38.25 8.28
C ARG D 136 32.60 -37.39 7.59
N ARG D 137 33.15 -36.41 8.32
CA ARG D 137 34.14 -35.51 7.75
C ARG D 137 35.41 -36.25 7.34
N ILE D 138 35.90 -37.12 8.22
CA ILE D 138 37.10 -37.87 7.87
C ILE D 138 36.83 -38.75 6.65
N ASN D 139 35.65 -39.36 6.57
CA ASN D 139 35.35 -40.17 5.39
C ASN D 139 35.28 -39.31 4.13
N ASN D 140 34.64 -38.15 4.23
CA ASN D 140 34.59 -37.24 3.08
C ASN D 140 35.99 -36.86 2.61
N ALA D 141 36.90 -36.61 3.55
CA ALA D 141 38.23 -36.15 3.17
C ALA D 141 39.02 -37.28 2.51
N LEU D 142 38.88 -38.50 3.03
CA LEU D 142 39.52 -39.67 2.42
C LEU D 142 38.94 -39.97 1.05
N GLN D 143 37.63 -39.77 0.88
CA GLN D 143 37.04 -39.97 -0.43
C GLN D 143 37.58 -38.97 -1.43
N ARG D 144 37.84 -37.76 -0.97
CA ARG D 144 38.36 -36.74 -1.88
C ARG D 144 39.78 -37.07 -2.31
N ALA D 145 40.61 -37.51 -1.36
CA ALA D 145 41.96 -37.97 -1.69
C ALA D 145 41.92 -39.14 -2.64
N ASP D 146 40.96 -40.05 -2.43
CA ASP D 146 40.78 -41.20 -3.32
C ASP D 146 40.37 -40.75 -4.71
N GLN D 147 39.47 -39.77 -4.81
CA GLN D 147 39.06 -39.26 -6.10
C GLN D 147 40.21 -38.57 -6.82
N ILE D 148 40.96 -37.75 -6.09
CA ILE D 148 42.13 -37.06 -6.67
C ILE D 148 43.13 -38.08 -7.16
N ALA D 149 43.45 -39.05 -6.30
CA ALA D 149 44.42 -40.06 -6.69
C ALA D 149 44.01 -40.73 -7.98
N LYS D 150 42.71 -40.96 -8.15
CA LYS D 150 42.27 -41.67 -9.34
C LYS D 150 42.56 -40.85 -10.60
N ILE D 151 42.20 -39.57 -10.59
CA ILE D 151 42.43 -38.77 -11.80
C ILE D 151 43.90 -38.46 -12.01
N GLU D 152 44.72 -38.54 -10.96
CA GLU D 152 46.16 -38.35 -11.07
C GLU D 152 46.91 -39.64 -11.41
N GLY D 153 46.21 -40.76 -11.55
CA GLY D 153 46.87 -42.04 -11.76
C GLY D 153 47.76 -42.43 -10.61
N ASP D 154 47.43 -41.99 -9.41
CA ASP D 154 48.23 -42.26 -8.21
C ASP D 154 47.72 -43.55 -7.58
N THR D 155 48.52 -44.62 -7.69
CA THR D 155 48.21 -45.91 -7.09
C THR D 155 49.17 -46.26 -5.97
N SER D 156 49.72 -45.25 -5.28
CA SER D 156 50.69 -45.50 -4.23
C SER D 156 50.05 -45.83 -2.89
N VAL D 157 48.75 -45.58 -2.72
CA VAL D 157 48.01 -45.97 -1.53
C VAL D 157 46.96 -46.97 -1.95
N GLU D 158 46.98 -48.15 -1.34
CA GLU D 158 46.05 -49.20 -1.72
C GLU D 158 44.63 -48.85 -1.33
N ASN D 159 44.42 -48.35 -0.10
CA ASN D 159 43.08 -48.08 0.41
C ASN D 159 43.06 -46.72 1.08
N TRP D 160 42.53 -45.73 0.37
CA TRP D 160 42.34 -44.42 0.99
C TRP D 160 41.28 -44.46 2.09
N LEU D 161 40.31 -45.37 1.99
CA LEU D 161 39.21 -45.45 2.97
C LEU D 161 39.62 -46.34 4.15
N ALA D 162 40.59 -45.85 4.90
CA ALA D 162 41.08 -46.57 6.07
C ALA D 162 39.99 -46.63 7.13
N PRO D 163 39.91 -47.71 7.89
CA PRO D 163 38.85 -47.83 8.88
C PRO D 163 39.04 -46.84 10.01
N ILE D 164 37.91 -46.27 10.44
CA ILE D 164 37.84 -45.29 11.51
C ILE D 164 37.34 -46.00 12.76
N VAL D 165 38.11 -45.92 13.83
CA VAL D 165 37.68 -46.35 15.16
C VAL D 165 37.40 -45.08 15.96
N ALA D 166 36.16 -44.91 16.43
CA ALA D 166 35.72 -43.66 17.02
C ALA D 166 35.26 -43.87 18.46
N ASP D 167 35.30 -42.78 19.22
CA ASP D 167 35.09 -42.76 20.67
C ASP D 167 33.60 -42.64 20.99
N GLY D 168 33.01 -43.68 21.60
CA GLY D 168 31.65 -43.62 22.09
C GLY D 168 31.52 -43.12 23.51
N GLU D 169 32.65 -42.84 24.15
CA GLU D 169 32.70 -42.35 25.52
C GLU D 169 31.89 -43.29 26.39
N ALA D 170 31.04 -42.74 27.26
CA ALA D 170 30.17 -43.52 28.13
C ALA D 170 28.73 -43.52 27.61
N GLY D 171 28.52 -43.17 26.34
CA GLY D 171 27.22 -43.24 25.71
C GLY D 171 26.33 -42.03 25.87
N PHE D 172 26.75 -41.00 26.59
CA PHE D 172 25.94 -39.80 26.79
C PHE D 172 24.55 -40.12 27.36
N GLY D 173 24.49 -41.08 28.29
CA GLY D 173 23.26 -41.32 29.00
C GLY D 173 23.02 -42.78 29.21
N GLY D 174 21.81 -43.25 28.91
CA GLY D 174 21.43 -44.63 29.12
C GLY D 174 21.62 -45.45 27.86
N ALA D 175 21.02 -46.65 27.88
CA ALA D 175 21.23 -47.56 26.75
C ALA D 175 20.68 -46.99 25.45
N LEU D 176 19.60 -46.19 25.51
CA LEU D 176 19.07 -45.59 24.29
C LEU D 176 19.98 -44.50 23.73
N ASN D 177 20.71 -43.80 24.60
CA ASN D 177 21.68 -42.82 24.10
C ASN D 177 22.85 -43.52 23.42
N VAL D 178 23.28 -44.63 24.01
CA VAL D 178 24.27 -45.50 23.39
C VAL D 178 23.81 -45.93 22.01
N TYR D 179 22.59 -46.43 21.94
CA TYR D 179 22.05 -46.94 20.68
C TYR D 179 22.09 -45.85 19.60
N GLU D 180 21.64 -44.65 19.94
CA GLU D 180 21.57 -43.59 18.94
C GLU D 180 22.97 -43.13 18.52
N LEU D 181 23.91 -43.05 19.46
CA LEU D 181 25.27 -42.70 19.10
C LEU D 181 25.88 -43.76 18.16
N GLN D 182 25.75 -45.04 18.49
CA GLN D 182 26.23 -46.08 17.59
C GLN D 182 25.57 -45.98 16.21
N LYS D 183 24.25 -45.75 16.18
CA LYS D 183 23.57 -45.60 14.90
C LYS D 183 24.16 -44.44 14.10
N ALA D 184 24.40 -43.31 14.77
CA ALA D 184 24.91 -42.13 14.09
C ALA D 184 26.32 -42.36 13.57
N LEU D 185 27.18 -43.03 14.37
CA LEU D 185 28.54 -43.34 13.94
C LEU D 185 28.53 -44.22 12.70
N ILE D 186 27.64 -45.22 12.69
CA ILE D 186 27.51 -46.10 11.53
C ILE D 186 27.08 -45.29 10.31
N ALA D 187 26.01 -44.50 10.46
CA ALA D 187 25.53 -43.70 9.33
C ALA D 187 26.65 -42.85 8.75
N ALA D 188 27.55 -42.35 9.60
CA ALA D 188 28.66 -41.53 9.15
C ALA D 188 29.79 -42.34 8.52
N GLY D 189 29.81 -43.67 8.71
CA GLY D 189 30.79 -44.54 8.08
C GLY D 189 31.84 -45.13 9.00
N VAL D 190 31.53 -45.26 10.30
CA VAL D 190 32.53 -45.73 11.24
C VAL D 190 32.77 -47.22 11.03
N ALA D 191 33.98 -47.67 11.33
CA ALA D 191 34.37 -49.08 11.29
C ALA D 191 34.28 -49.76 12.64
N GLY D 192 34.58 -49.05 13.72
CA GLY D 192 34.51 -49.59 15.07
C GLY D 192 34.31 -48.47 16.06
N SER D 193 33.81 -48.84 17.24
CA SER D 193 33.49 -47.85 18.25
C SER D 193 33.82 -48.44 19.62
N HIS D 194 34.25 -47.56 20.54
CA HIS D 194 34.63 -48.03 21.87
C HIS D 194 33.79 -47.34 22.94
N TRP D 195 33.55 -48.08 24.02
CA TRP D 195 32.60 -47.73 25.05
C TRP D 195 33.19 -48.06 26.42
N GLU D 196 33.13 -47.12 27.36
CA GLU D 196 33.80 -47.25 28.64
C GLU D 196 32.79 -47.39 29.79
N ASP D 197 33.20 -48.09 30.84
CA ASP D 197 32.28 -48.42 31.95
C ASP D 197 32.21 -47.31 33.00
N GLN D 198 32.01 -46.08 32.54
CA GLN D 198 31.94 -44.89 33.39
C GLN D 198 30.53 -44.34 33.48
N LEU D 199 30.23 -43.65 34.59
CA LEU D 199 29.02 -42.87 34.71
C LEU D 199 29.07 -41.71 33.73
N ALA D 200 28.11 -41.66 32.79
CA ALA D 200 28.17 -40.65 31.74
C ALA D 200 28.18 -39.24 32.33
N SER D 201 27.37 -38.99 33.38
CA SER D 201 27.26 -37.64 33.92
C SER D 201 28.54 -37.17 34.60
N GLU D 202 29.48 -38.08 34.88
CA GLU D 202 30.75 -37.73 35.51
C GLU D 202 31.93 -38.24 34.67
N LYS D 203 31.72 -38.47 33.38
CA LYS D 203 32.74 -39.06 32.53
C LYS D 203 34.03 -38.26 32.60
N LYS D 204 35.15 -38.97 32.62
CA LYS D 204 36.48 -38.34 32.55
C LYS D 204 37.34 -39.03 31.52
N EJA D 205 38.37 -38.33 31.06
CA EJA D 205 39.45 -38.96 30.32
CB EJA D 205 40.49 -37.91 29.88
SG EJA D 205 42.10 -38.67 29.30
CD EJA D 205 41.98 -39.57 27.61
CE EJA D 205 43.01 -39.23 26.58
CZ EJA D 205 44.33 -39.87 26.88
OT1 EJA D 205 44.91 -40.64 26.04
OT2 EJA D 205 44.86 -39.65 28.02
NE EJA D 205 41.08 -40.47 27.29
OZ EJA D 205 40.12 -40.85 28.19
C EJA D 205 40.07 -40.05 31.28
O EJA D 205 40.10 -39.85 32.49
H EJA D 205 38.47 -37.45 31.16
HA EJA D 205 39.10 -39.42 29.54
HB2 EJA D 205 40.73 -37.32 30.59
HB3 EJA D 205 40.15 -37.36 29.15
HE2 EJA D 205 43.17 -38.28 26.46
HE1 EJA D 205 42.75 -39.52 25.68
HOZ EJA D 205 39.40 -40.79 27.74
N GLY D 206 40.52 -41.17 30.71
CA GLY D 206 41.04 -42.27 31.52
C GLY D 206 42.18 -41.85 32.45
N HIS D 207 42.89 -40.79 32.05
CA HIS D 207 44.04 -40.30 32.81
C HIS D 207 43.74 -39.00 33.55
N LEU D 208 42.45 -38.66 33.70
CA LEU D 208 42.01 -37.65 34.64
C LEU D 208 41.50 -38.34 35.89
N GLY D 209 41.37 -37.58 36.97
CA GLY D 209 40.83 -38.11 38.21
C GLY D 209 39.32 -37.93 38.29
N GLY D 210 38.77 -38.32 39.44
CA GLY D 210 37.34 -38.18 39.67
C GLY D 210 36.48 -39.07 38.80
N LYS D 211 36.93 -40.29 38.55
CA LYS D 211 36.19 -41.22 37.72
C LYS D 211 35.25 -42.05 38.58
N VAL D 212 34.11 -42.40 38.00
CA VAL D 212 33.07 -43.14 38.70
C VAL D 212 32.68 -44.29 37.79
N LEU D 213 32.88 -45.52 38.24
CA LEU D 213 32.47 -46.68 37.49
C LEU D 213 30.97 -46.89 37.58
N ILE D 214 30.43 -47.59 36.58
CA ILE D 214 29.06 -48.06 36.65
C ILE D 214 29.15 -49.56 36.87
N PRO D 215 28.07 -50.23 37.27
CA PRO D 215 28.17 -51.67 37.54
C PRO D 215 28.55 -52.46 36.30
N THR D 216 29.16 -53.63 36.53
CA THR D 216 29.58 -54.47 35.42
C THR D 216 28.41 -54.75 34.47
N GLN D 217 27.24 -55.12 35.03
CA GLN D 217 26.09 -55.44 34.19
C GLN D 217 25.63 -54.23 33.39
N GLN D 218 25.73 -53.03 33.97
CA GLN D 218 25.32 -51.85 33.21
C GLN D 218 26.17 -51.68 31.96
N HIS D 219 27.47 -51.97 32.06
CA HIS D 219 28.29 -51.82 30.87
C HIS D 219 28.05 -52.93 29.85
N ILE D 220 27.73 -54.15 30.32
CA ILE D 220 27.29 -55.20 29.40
C ILE D 220 26.05 -54.72 28.65
N ARG D 221 25.16 -54.00 29.34
CA ARG D 221 24.01 -53.40 28.71
C ARG D 221 24.43 -52.42 27.62
N THR D 222 25.45 -51.61 27.90
CA THR D 222 25.96 -50.68 26.89
C THR D 222 26.51 -51.42 25.68
N LEU D 223 27.37 -52.42 25.92
CA LEU D 223 27.95 -53.21 24.83
C LEU D 223 26.86 -53.92 24.05
N THR D 224 25.84 -54.44 24.75
CA THR D 224 24.69 -55.07 24.10
C THR D 224 23.95 -54.08 23.21
N SER D 225 23.72 -52.87 23.71
CA SER D 225 23.01 -51.86 22.93
C SER D 225 23.81 -51.43 21.71
N ALA D 226 25.14 -51.30 21.87
CA ALA D 226 25.99 -50.96 20.74
C ALA D 226 25.96 -52.04 19.67
N ARG D 227 25.94 -53.31 20.06
CA ARG D 227 25.85 -54.38 19.08
C ARG D 227 24.49 -54.41 18.39
N LEU D 228 23.42 -54.17 19.16
CA LEU D 228 22.07 -54.15 18.61
C LEU D 228 21.91 -53.06 17.56
N ALA D 229 22.42 -51.87 17.83
CA ALA D 229 22.31 -50.82 16.83
C ALA D 229 23.04 -51.21 15.55
N ALA D 230 24.18 -51.87 15.67
CA ALA D 230 24.91 -52.34 14.49
C ALA D 230 24.13 -53.44 13.77
N ASP D 231 23.53 -54.38 14.51
CA ASP D 231 22.74 -55.44 13.88
C ASP D 231 21.53 -54.85 13.16
N VAL D 232 20.84 -53.91 13.81
CA VAL D 232 19.68 -53.26 13.19
C VAL D 232 20.10 -52.52 11.92
N ALA D 233 21.28 -51.88 11.95
CA ALA D 233 21.83 -51.22 10.77
C ALA D 233 22.49 -52.20 9.81
N ASP D 234 22.51 -53.49 10.16
CA ASP D 234 22.98 -54.56 9.26
C ASP D 234 24.42 -54.35 8.84
N VAL D 235 25.30 -53.98 9.78
CA VAL D 235 26.73 -53.89 9.48
C VAL D 235 27.53 -54.46 10.65
N PRO D 236 28.69 -55.06 10.33
CA PRO D 236 29.48 -55.81 11.31
C PRO D 236 30.47 -54.96 12.11
N THR D 237 29.97 -53.89 12.70
CA THR D 237 30.81 -52.92 13.39
C THR D 237 31.67 -53.59 14.46
N VAL D 238 32.93 -53.18 14.55
CA VAL D 238 33.81 -53.67 15.61
C VAL D 238 33.47 -52.94 16.91
N VAL D 239 33.14 -53.72 17.94
CA VAL D 239 32.73 -53.18 19.24
C VAL D 239 33.86 -53.41 20.23
N ILE D 240 34.35 -52.31 20.83
CA ILE D 240 35.49 -52.30 21.73
C ILE D 240 34.98 -51.93 23.12
N ALA D 241 35.39 -52.70 24.13
CA ALA D 241 35.05 -52.42 25.52
C ALA D 241 36.26 -51.85 26.23
N ARG D 242 36.06 -50.73 26.90
CA ARG D 242 37.09 -50.06 27.68
C ARG D 242 36.71 -50.11 29.14
N THR D 243 37.64 -50.51 30.01
CA THR D 243 37.41 -50.41 31.44
C THR D 243 38.33 -49.36 32.06
N ASP D 244 37.75 -48.56 32.96
CA ASP D 244 38.48 -47.54 33.72
C ASP D 244 38.73 -47.94 35.17
N ALA D 245 38.65 -49.24 35.48
CA ALA D 245 38.74 -49.69 36.86
C ALA D 245 40.16 -49.66 37.42
N GLU D 246 41.16 -49.33 36.62
CA GLU D 246 42.54 -49.33 37.13
C GLU D 246 42.75 -48.17 38.10
N ALA D 247 42.16 -47.01 37.81
CA ALA D 247 42.34 -45.83 38.65
C ALA D 247 41.08 -45.35 39.34
N ALA D 248 39.90 -45.72 38.83
CA ALA D 248 38.67 -45.25 39.42
C ALA D 248 38.48 -45.85 40.81
N THR D 249 38.23 -44.99 41.80
CA THR D 249 37.98 -45.41 43.19
C THR D 249 36.53 -45.22 43.63
N LEU D 250 35.62 -44.95 42.70
CA LEU D 250 34.22 -44.75 42.97
C LEU D 250 33.40 -45.61 42.01
N ILE D 251 32.24 -46.07 42.49
CA ILE D 251 31.27 -46.77 41.66
C ILE D 251 29.89 -46.31 42.09
N THR D 252 28.93 -46.32 41.16
CA THR D 252 27.60 -45.80 41.48
C THR D 252 26.84 -46.70 42.45
N SER D 253 27.08 -48.01 42.41
CA SER D 253 26.22 -48.96 43.12
C SER D 253 26.99 -50.24 43.38
N ASP D 254 26.58 -50.94 44.45
CA ASP D 254 27.10 -52.27 44.75
C ASP D 254 26.10 -53.36 44.37
N VAL D 255 25.21 -53.09 43.43
CA VAL D 255 24.16 -54.05 43.11
C VAL D 255 24.73 -55.32 42.50
N ASP D 256 25.83 -55.22 41.76
CA ASP D 256 26.36 -56.33 40.97
C ASP D 256 27.34 -57.15 41.81
N GLU D 257 27.08 -58.45 41.96
CA GLU D 257 27.92 -59.26 42.82
C GLU D 257 29.34 -59.41 42.28
N ARG D 258 29.56 -59.13 41.01
CA ARG D 258 30.93 -59.17 40.50
C ARG D 258 31.74 -57.95 40.94
N ASP D 259 31.08 -56.85 41.29
CA ASP D 259 31.78 -55.67 41.77
C ASP D 259 31.94 -55.66 43.29
N GLN D 260 31.15 -56.45 44.01
CA GLN D 260 31.14 -56.36 45.47
C GLN D 260 32.48 -56.69 46.12
N PRO D 261 33.30 -57.61 45.61
CA PRO D 261 34.60 -57.87 46.26
C PRO D 261 35.50 -56.66 46.40
N PHE D 262 35.26 -55.59 45.64
CA PHE D 262 36.10 -54.40 45.69
C PHE D 262 35.44 -53.24 46.41
N ILE D 263 34.17 -53.35 46.76
CA ILE D 263 33.54 -52.33 47.58
C ILE D 263 34.20 -52.33 48.94
N THR D 264 34.37 -51.15 49.54
CA THR D 264 34.91 -51.01 50.88
C THR D 264 33.85 -50.73 51.93
N GLY D 265 32.69 -50.22 51.53
CA GLY D 265 31.64 -49.83 52.44
C GLY D 265 31.49 -48.33 52.61
N GLU D 266 32.57 -47.56 52.38
CA GLU D 266 32.49 -46.12 52.50
C GLU D 266 31.63 -45.54 51.37
N ARG D 267 30.94 -44.45 51.67
CA ARG D 267 30.09 -43.75 50.70
C ARG D 267 30.46 -42.28 50.70
N THR D 268 30.50 -41.68 49.51
CA THR D 268 30.66 -40.24 49.41
C THR D 268 29.34 -39.54 49.72
N ARG D 269 29.42 -38.22 49.90
CA ARG D 269 28.23 -37.41 50.14
C ARG D 269 27.27 -37.48 48.95
N GLU D 270 27.78 -37.76 47.76
CA GLU D 270 26.93 -37.89 46.58
C GLU D 270 26.17 -39.20 46.59
N GLY D 271 26.61 -40.17 47.39
CA GLY D 271 26.06 -41.50 47.38
C GLY D 271 26.89 -42.53 46.65
N PHE D 272 28.04 -42.15 46.10
CA PHE D 272 28.89 -43.12 45.44
C PHE D 272 29.53 -44.07 46.45
N TYR D 273 29.90 -45.24 45.96
CA TYR D 273 30.55 -46.28 46.75
C TYR D 273 32.04 -46.25 46.47
N ARG D 274 32.84 -46.24 47.53
CA ARG D 274 34.28 -46.35 47.35
C ARG D 274 34.64 -47.78 46.96
N THR D 275 35.61 -47.91 46.05
CA THR D 275 35.97 -49.21 45.51
C THR D 275 37.48 -49.28 45.27
N LYS D 276 38.03 -50.48 45.49
CA LYS D 276 39.47 -50.73 45.39
C LYS D 276 39.87 -50.84 43.93
N ASN D 277 40.64 -49.87 43.46
CA ASN D 277 41.07 -49.83 42.06
C ASN D 277 42.29 -50.71 41.88
N GLY D 278 42.57 -51.05 40.63
CA GLY D 278 43.78 -51.75 40.31
C GLY D 278 43.56 -52.70 39.14
N ILE D 279 44.56 -53.53 38.89
CA ILE D 279 44.49 -54.42 37.74
C ILE D 279 43.48 -55.53 37.99
N GLU D 280 43.30 -55.94 39.25
CA GLU D 280 42.39 -57.06 39.52
C GLU D 280 40.96 -56.76 39.10
N PRO D 281 40.35 -55.63 39.47
CA PRO D 281 39.01 -55.30 38.93
C PRO D 281 38.97 -55.19 37.41
N CYS D 282 40.07 -54.77 36.78
CA CYS D 282 40.09 -54.64 35.33
C CYS D 282 40.06 -56.00 34.65
N ILE D 283 40.84 -56.93 35.17
CA ILE D 283 40.80 -58.32 34.68
C ILE D 283 39.40 -58.89 34.84
N ALA D 284 38.80 -58.74 36.03
CA ALA D 284 37.47 -59.28 36.26
C ALA D 284 36.47 -58.66 35.30
N ARG D 285 36.53 -57.33 35.11
CA ARG D 285 35.60 -56.70 34.20
C ARG D 285 35.85 -57.14 32.76
N ALA D 286 37.12 -57.18 32.36
CA ALA D 286 37.44 -57.66 31.00
C ALA D 286 36.84 -59.03 30.74
N LYS D 287 37.04 -59.98 31.66
CA LYS D 287 36.47 -61.31 31.51
C LYS D 287 34.95 -61.24 31.34
N ALA D 288 34.30 -60.35 32.11
CA ALA D 288 32.85 -60.22 32.03
C ALA D 288 32.40 -59.60 30.72
N TYR D 289 33.20 -58.68 30.18
CA TYR D 289 32.88 -58.04 28.92
C TYR D 289 33.23 -58.87 27.70
N ALA D 290 34.12 -59.85 27.83
CA ALA D 290 34.66 -60.51 26.67
C ALA D 290 33.61 -61.09 25.73
N PRO D 291 32.55 -61.76 26.20
CA PRO D 291 31.56 -62.31 25.25
C PRO D 291 30.87 -61.24 24.40
N PHE D 292 30.98 -59.97 24.79
CA PHE D 292 30.25 -58.87 24.16
C PHE D 292 31.20 -57.86 23.53
N ALA D 293 32.48 -58.20 23.37
CA ALA D 293 33.47 -57.23 22.92
C ALA D 293 34.43 -57.86 21.92
N ASP D 294 34.63 -57.18 20.79
CA ASP D 294 35.58 -57.65 19.79
C ASP D 294 37.01 -57.34 20.20
N LEU D 295 37.22 -56.29 21.00
CA LEU D 295 38.50 -55.97 21.60
C LEU D 295 38.26 -55.41 22.99
N ILE D 296 39.24 -55.61 23.87
CA ILE D 296 39.15 -55.15 25.24
C ILE D 296 40.36 -54.29 25.54
N TRP D 297 40.13 -53.24 26.31
CA TRP D 297 41.13 -52.20 26.56
C TRP D 297 41.00 -51.82 28.02
N MET D 298 42.11 -51.83 28.76
CA MET D 298 42.11 -51.26 30.11
C MET D 298 42.98 -50.02 30.11
N GLU D 299 42.41 -48.91 30.55
CA GLU D 299 43.21 -47.72 30.76
C GLU D 299 44.24 -48.00 31.83
N THR D 300 45.44 -47.43 31.67
CA THR D 300 46.48 -47.64 32.67
C THR D 300 47.18 -46.32 32.98
N GLY D 301 47.79 -46.27 34.16
CA GLY D 301 48.42 -45.05 34.63
C GLY D 301 49.78 -44.77 34.04
N THR D 302 50.45 -45.80 33.53
CA THR D 302 51.79 -45.68 32.97
C THR D 302 51.93 -46.64 31.81
N PRO D 303 52.80 -46.35 30.86
CA PRO D 303 53.10 -47.32 29.80
C PRO D 303 54.03 -48.41 30.29
N ASP D 304 53.48 -49.57 30.62
CA ASP D 304 54.25 -50.62 31.28
C ASP D 304 53.99 -51.95 30.60
N LEU D 305 55.05 -52.53 30.04
CA LEU D 305 54.92 -53.79 29.30
C LEU D 305 54.57 -54.93 30.24
N GLU D 306 55.09 -54.92 31.46
CA GLU D 306 54.80 -56.03 32.36
C GLU D 306 53.37 -55.98 32.86
N ALA D 307 52.89 -54.79 33.24
CA ALA D 307 51.49 -54.62 33.60
C ALA D 307 50.57 -55.02 32.44
N ALA D 308 50.93 -54.64 31.22
CA ALA D 308 50.13 -55.05 30.07
C ALA D 308 50.18 -56.57 29.88
N ARG D 309 51.35 -57.19 30.07
CA ARG D 309 51.45 -58.63 29.95
C ARG D 309 50.60 -59.33 31.01
N GLN D 310 50.62 -58.80 32.23
CA GLN D 310 49.81 -59.35 33.31
C GLN D 310 48.33 -59.33 32.92
N PHE D 311 47.87 -58.21 32.37
CA PHE D 311 46.46 -58.12 31.97
C PHE D 311 46.17 -59.09 30.83
N SER D 312 47.02 -59.08 29.81
CA SER D 312 46.79 -59.92 28.63
C SER D 312 46.74 -61.38 29.01
N GLU D 313 47.73 -61.84 29.78
CA GLU D 313 47.79 -63.26 30.14
C GLU D 313 46.55 -63.69 30.91
N ALA D 314 46.09 -62.87 31.85
CA ALA D 314 44.94 -63.27 32.66
C ALA D 314 43.67 -63.31 31.84
N VAL D 315 43.49 -62.37 30.92
CA VAL D 315 42.30 -62.38 30.09
C VAL D 315 42.32 -63.58 29.14
N LYS D 316 43.45 -63.81 28.48
CA LYS D 316 43.55 -64.90 27.52
C LYS D 316 43.58 -66.27 28.18
N ALA D 317 43.82 -66.32 29.49
CA ALA D 317 43.66 -67.59 30.18
C ALA D 317 42.25 -68.13 30.04
N GLU D 318 41.25 -67.23 30.01
CA GLU D 318 39.86 -67.63 29.89
C GLU D 318 39.33 -67.52 28.46
N TYR D 319 39.81 -66.54 27.70
CA TYR D 319 39.39 -66.32 26.32
C TYR D 319 40.63 -66.21 25.46
N PRO D 320 41.19 -67.33 25.02
CA PRO D 320 42.50 -67.29 24.35
C PRO D 320 42.52 -66.46 23.08
N ASP D 321 41.42 -66.40 22.34
CA ASP D 321 41.39 -65.69 21.07
C ASP D 321 40.95 -64.23 21.20
N GLN D 322 40.72 -63.75 22.41
CA GLN D 322 40.27 -62.37 22.61
C GLN D 322 41.39 -61.39 22.25
N MET D 323 41.11 -60.53 21.27
CA MET D 323 42.03 -59.46 20.91
C MET D 323 41.90 -58.28 21.87
N LEU D 324 43.02 -57.60 22.10
CA LEU D 324 43.11 -56.51 23.07
C LEU D 324 43.54 -55.22 22.36
N ALA D 325 43.31 -54.09 23.02
CA ALA D 325 43.70 -52.79 22.49
C ALA D 325 44.47 -52.00 23.55
N TYR D 326 45.40 -51.17 23.09
CA TYR D 326 46.30 -50.45 23.99
C TYR D 326 46.38 -48.98 23.61
N ASN D 327 46.17 -48.12 24.60
CA ASN D 327 46.22 -46.67 24.42
C ASN D 327 47.63 -46.17 24.72
N CYS D 328 48.38 -45.83 23.67
CA CYS D 328 49.72 -45.25 23.85
C CYS D 328 49.53 -43.75 24.05
N SER D 329 49.26 -43.39 25.29
CA SER D 329 48.64 -42.09 25.59
C SER D 329 49.68 -40.99 25.68
N PRO D 330 49.47 -39.84 25.03
CA PRO D 330 50.30 -38.66 25.32
C PRO D 330 50.15 -38.14 26.73
N SER D 331 49.12 -38.59 27.48
CA SER D 331 48.99 -38.27 28.89
C SER D 331 50.07 -38.91 29.74
N PHE D 332 50.82 -39.86 29.18
CA PHE D 332 52.04 -40.34 29.79
C PHE D 332 53.19 -39.40 29.47
N ASN D 333 54.19 -39.40 30.33
CA ASN D 333 55.46 -38.70 30.08
C ASN D 333 56.48 -39.81 29.78
N TRP D 334 56.69 -40.05 28.48
CA TRP D 334 57.29 -41.32 28.04
C TRP D 334 58.73 -41.47 28.50
N LYS D 335 59.58 -40.47 28.23
CA LYS D 335 60.97 -40.61 28.65
C LYS D 335 61.14 -40.55 30.17
N LYS D 336 60.07 -40.19 30.90
CA LYS D 336 60.15 -40.26 32.37
C LYS D 336 60.15 -41.71 32.85
N HIS D 337 59.36 -42.57 32.19
CA HIS D 337 59.21 -43.96 32.60
C HIS D 337 60.14 -44.91 31.87
N LEU D 338 60.35 -44.69 30.57
CA LEU D 338 60.99 -45.68 29.72
C LEU D 338 62.27 -45.13 29.11
N ASP D 339 63.16 -46.06 28.77
CA ASP D 339 64.37 -45.78 28.01
C ASP D 339 64.09 -45.84 26.51
N ASP D 340 65.04 -45.33 25.73
CA ASP D 340 64.86 -45.29 24.28
C ASP D 340 64.66 -46.68 23.70
N ALA D 341 65.42 -47.67 24.18
CA ALA D 341 65.29 -49.02 23.66
C ALA D 341 63.89 -49.58 23.89
N THR D 342 63.34 -49.38 25.10
CA THR D 342 62.01 -49.90 25.39
C THR D 342 60.95 -49.17 24.58
N ILE D 343 61.09 -47.85 24.44
CA ILE D 343 60.16 -47.07 23.63
C ILE D 343 60.16 -47.60 22.19
N ALA D 344 61.33 -47.88 21.65
CA ALA D 344 61.41 -48.34 20.26
C ALA D 344 60.70 -49.67 20.08
N LYS D 345 60.73 -50.55 21.09
CA LYS D 345 60.13 -51.88 20.98
C LYS D 345 58.72 -51.94 21.55
N PHE D 346 58.22 -50.85 22.14
CA PHE D 346 56.99 -50.89 22.93
C PHE D 346 55.85 -51.55 22.17
N GLN D 347 55.49 -50.98 21.01
CA GLN D 347 54.31 -51.46 20.30
C GLN D 347 54.50 -52.89 19.78
N LYS D 348 55.71 -53.22 19.31
CA LYS D 348 55.94 -54.57 18.82
C LYS D 348 55.77 -55.61 19.92
N GLU D 349 56.24 -55.29 21.14
CA GLU D 349 56.07 -56.20 22.27
C GLU D 349 54.60 -56.38 22.63
N LEU D 350 53.86 -55.28 22.69
CA LEU D 350 52.43 -55.38 22.99
C LEU D 350 51.72 -56.28 22.00
N ALA D 351 52.07 -56.15 20.72
CA ALA D 351 51.41 -56.94 19.68
C ALA D 351 51.58 -58.43 19.93
N ALA D 352 52.77 -58.86 20.34
CA ALA D 352 53.01 -60.26 20.67
C ALA D 352 52.20 -60.71 21.88
N MET D 353 51.63 -59.79 22.63
CA MET D 353 50.80 -60.12 23.78
C MET D 353 49.32 -60.15 23.43
N GLY D 354 48.94 -59.77 22.22
CA GLY D 354 47.55 -59.77 21.80
C GLY D 354 46.97 -58.38 21.63
N PHE D 355 47.73 -57.33 21.89
CA PHE D 355 47.26 -55.97 21.67
C PHE D 355 47.38 -55.68 20.17
N LYS D 356 46.29 -55.95 19.46
CA LYS D 356 46.28 -55.87 18.01
C LYS D 356 45.81 -54.52 17.48
N PHE D 357 45.26 -53.67 18.35
CA PHE D 357 44.94 -52.29 17.98
C PHE D 357 45.61 -51.38 19.00
N GLN D 358 46.52 -50.52 18.52
CA GLN D 358 47.28 -49.62 19.36
C GLN D 358 47.21 -48.22 18.77
N PHE D 359 47.03 -47.21 19.62
CA PHE D 359 46.69 -45.88 19.13
C PHE D 359 47.27 -44.81 20.04
N ILE D 360 47.70 -43.71 19.43
CA ILE D 360 48.14 -42.51 20.17
C ILE D 360 46.99 -41.53 20.13
N THR D 361 46.26 -41.47 21.24
CA THR D 361 44.97 -40.79 21.26
C THR D 361 45.05 -39.32 20.88
N LEU D 362 45.96 -38.56 21.50
CA LEU D 362 45.98 -37.11 21.32
C LEU D 362 47.08 -36.65 20.36
N ALA D 363 47.50 -37.53 19.45
CA ALA D 363 48.56 -37.17 18.49
C ALA D 363 48.22 -35.91 17.71
N GLY D 364 46.97 -35.78 17.29
CA GLY D 364 46.59 -34.64 16.45
C GLY D 364 46.56 -33.33 17.22
N PHE D 365 46.06 -33.38 18.46
CA PHE D 365 46.08 -32.19 19.32
C PHE D 365 47.49 -31.67 19.50
N HIS D 366 48.44 -32.57 19.77
CA HIS D 366 49.80 -32.13 20.03
C HIS D 366 50.51 -31.70 18.75
N ALA D 367 50.31 -32.41 17.65
CA ALA D 367 50.92 -31.99 16.39
C ALA D 367 50.37 -30.64 15.95
N LEU D 368 49.06 -30.46 16.05
CA LEU D 368 48.45 -29.20 15.63
C LEU D 368 48.95 -28.05 16.50
N ASN D 369 48.87 -28.22 17.82
CA ASN D 369 49.21 -27.12 18.72
C ASN D 369 50.69 -26.78 18.67
N TYR D 370 51.56 -27.80 18.72
CA TYR D 370 52.99 -27.52 18.68
C TYR D 370 53.41 -26.86 17.36
N SER D 371 52.93 -27.40 16.24
CA SER D 371 53.39 -26.93 14.94
C SER D 371 52.98 -25.47 14.70
N MET D 372 51.79 -25.08 15.16
CA MET D 372 51.40 -23.68 15.00
C MET D 372 52.16 -22.79 15.98
N PHE D 373 52.36 -23.25 17.22
CA PHE D 373 53.15 -22.43 18.13
C PHE D 373 54.55 -22.23 17.60
N ASP D 374 55.18 -23.31 17.12
CA ASP D 374 56.53 -23.19 16.60
C ASP D 374 56.56 -22.20 15.45
N LEU D 375 55.62 -22.32 14.52
CA LEU D 375 55.59 -21.44 13.37
C LEU D 375 55.30 -20.01 13.80
N ALA D 376 54.30 -19.81 14.65
CA ALA D 376 53.90 -18.47 15.03
C ALA D 376 54.96 -17.79 15.89
N TYR D 377 55.66 -18.57 16.72
CA TYR D 377 56.72 -17.97 17.51
C TYR D 377 57.82 -17.39 16.61
N GLY D 378 58.22 -18.15 15.59
CA GLY D 378 59.23 -17.66 14.69
C GLY D 378 58.72 -16.51 13.84
N TYR D 379 57.47 -16.61 13.38
CA TYR D 379 56.85 -15.52 12.63
C TYR D 379 56.86 -14.22 13.43
N ALA D 380 56.54 -14.30 14.72
CA ALA D 380 56.55 -13.12 15.57
C ALA D 380 57.94 -12.49 15.60
N GLN D 381 58.97 -13.32 15.67
CA GLN D 381 60.34 -12.84 15.78
C GLN D 381 60.94 -12.44 14.43
N ASN D 382 60.69 -13.21 13.37
CA ASN D 382 61.40 -13.03 12.10
C ASN D 382 60.49 -12.97 10.87
N GLN D 383 59.18 -12.92 11.07
CA GLN D 383 58.22 -12.79 9.98
C GLN D 383 58.44 -13.85 8.89
N MET D 384 58.65 -13.44 7.64
CA MET D 384 58.52 -14.41 6.54
C MET D 384 59.57 -15.50 6.60
N SER D 385 60.74 -15.22 7.16
CA SER D 385 61.79 -16.23 7.24
C SER D 385 61.28 -17.50 7.93
N ALA D 386 60.42 -17.34 8.93
CA ALA D 386 59.90 -18.48 9.68
C ALA D 386 58.99 -19.35 8.81
N TYR D 387 58.15 -18.73 7.99
CA TYR D 387 57.27 -19.54 7.16
C TYR D 387 58.04 -20.23 6.04
N VAL D 388 59.05 -19.55 5.47
CA VAL D 388 59.80 -20.14 4.39
C VAL D 388 60.53 -21.40 4.85
N GLU D 389 61.00 -21.43 6.11
CA GLU D 389 61.57 -22.66 6.65
C GLU D 389 60.58 -23.82 6.54
N LEU D 390 59.31 -23.58 6.88
CA LEU D 390 58.31 -24.63 6.80
C LEU D 390 58.10 -25.07 5.34
N GLN D 391 57.89 -24.10 4.43
CA GLN D 391 57.66 -24.46 3.04
C GLN D 391 58.81 -25.29 2.48
N GLU D 392 60.05 -24.99 2.88
CA GLU D 392 61.20 -25.75 2.40
C GLU D 392 61.23 -27.15 2.98
N ARG D 393 60.81 -27.32 4.23
CA ARG D 393 60.65 -28.66 4.78
C ARG D 393 59.60 -29.44 3.98
N GLU D 394 58.50 -28.78 3.63
CA GLU D 394 57.48 -29.41 2.81
C GLU D 394 58.07 -29.87 1.48
N PHE D 395 58.80 -28.99 0.79
CA PHE D 395 59.47 -29.39 -0.44
C PHE D 395 60.36 -30.60 -0.22
N ALA D 396 61.15 -30.55 0.86
CA ALA D 396 62.03 -31.68 1.19
C ALA D 396 61.23 -32.94 1.48
N ALA D 397 60.01 -32.79 1.97
CA ALA D 397 59.21 -33.96 2.33
C ALA D 397 58.65 -34.70 1.12
N GLU D 398 58.73 -34.10 -0.07
CA GLU D 398 58.08 -34.69 -1.22
C GLU D 398 58.72 -36.00 -1.66
N GLU D 399 59.98 -36.24 -1.34
CA GLU D 399 60.57 -37.53 -1.65
C GLU D 399 60.09 -38.63 -0.71
N ARG D 400 59.59 -38.27 0.47
CA ARG D 400 58.96 -39.24 1.36
C ARG D 400 57.50 -39.49 1.01
N GLY D 401 56.97 -38.79 0.01
CA GLY D 401 55.61 -38.97 -0.44
C GLY D 401 54.68 -37.82 -0.12
N TYR D 402 55.15 -36.78 0.55
CA TYR D 402 54.31 -35.64 0.87
C TYR D 402 53.86 -34.93 -0.40
N THR D 403 52.57 -34.57 -0.46
CA THR D 403 52.00 -33.93 -1.64
C THR D 403 51.32 -32.60 -1.36
N ALA D 404 51.17 -32.19 -0.11
CA ALA D 404 50.32 -31.05 0.21
C ALA D 404 51.01 -29.71 -0.01
N THR D 405 52.31 -29.70 -0.34
CA THR D 405 52.95 -28.45 -0.74
C THR D 405 52.16 -27.80 -1.87
N LYS D 406 51.71 -28.60 -2.84
CA LYS D 406 50.79 -28.16 -3.89
C LYS D 406 49.37 -28.23 -3.33
N HIS D 407 48.98 -27.17 -2.60
CA HIS D 407 47.75 -27.20 -1.82
C HIS D 407 46.50 -27.16 -2.68
N GLN D 408 46.59 -26.61 -3.91
CA GLN D 408 45.41 -26.51 -4.75
C GLN D 408 44.94 -27.90 -5.20
N ARG D 409 45.84 -28.68 -5.80
CA ARG D 409 45.43 -30.02 -6.19
C ARG D 409 45.14 -30.89 -4.98
N GLU D 410 45.76 -30.60 -3.83
CA GLU D 410 45.57 -31.41 -2.63
C GLU D 410 44.13 -31.35 -2.11
N VAL D 411 43.44 -30.23 -2.30
CA VAL D 411 42.06 -30.10 -1.87
C VAL D 411 41.07 -30.27 -3.02
N GLY D 412 41.53 -30.69 -4.20
CA GLY D 412 40.65 -31.10 -5.27
C GLY D 412 40.43 -30.09 -6.38
N ALA D 413 41.33 -29.11 -6.55
CA ALA D 413 41.15 -28.16 -7.65
C ALA D 413 41.16 -28.89 -8.99
N GLY D 414 41.98 -29.93 -9.11
CA GLY D 414 42.06 -30.65 -10.37
C GLY D 414 40.85 -31.56 -10.55
N TYR D 415 40.37 -32.14 -9.45
CA TYR D 415 39.16 -32.97 -9.51
C TYR D 415 37.95 -32.15 -9.93
N PHE D 416 37.77 -30.95 -9.36
CA PHE D 416 36.62 -30.13 -9.77
C PHE D 416 36.82 -29.53 -11.16
N ASP D 417 38.07 -29.29 -11.57
CA ASP D 417 38.30 -28.95 -12.98
C ASP D 417 37.75 -30.05 -13.88
N ARG D 418 37.98 -31.31 -13.48
CA ARG D 418 37.52 -32.44 -14.26
C ARG D 418 35.99 -32.49 -14.30
N ILE D 419 35.32 -32.20 -13.18
CA ILE D 419 33.86 -32.06 -13.20
C ILE D 419 33.46 -30.97 -14.18
N ALA D 420 34.11 -29.79 -14.08
CA ALA D 420 33.71 -28.66 -14.89
C ALA D 420 33.85 -28.97 -16.39
N THR D 421 34.93 -29.62 -16.79
CA THR D 421 35.13 -29.89 -18.20
C THR D 421 34.32 -31.09 -18.67
N THR D 422 33.87 -31.94 -17.75
CA THR D 422 32.88 -32.95 -18.10
C THR D 422 31.54 -32.31 -18.43
N VAL D 423 31.13 -31.32 -17.65
CA VAL D 423 29.89 -30.61 -17.92
C VAL D 423 30.04 -29.71 -19.15
N ASP D 424 31.17 -29.03 -19.29
CA ASP D 424 31.39 -28.07 -20.39
C ASP D 424 32.85 -28.10 -20.75
N PRO D 425 33.23 -28.96 -21.70
CA PRO D 425 34.66 -29.04 -22.07
C PRO D 425 35.28 -27.72 -22.49
N ASN D 426 34.49 -26.73 -22.89
CA ASN D 426 35.03 -25.46 -23.38
C ASN D 426 34.98 -24.35 -22.34
N SER D 427 34.71 -24.69 -21.08
CA SER D 427 34.68 -23.69 -20.02
C SER D 427 35.96 -22.88 -20.02
N SER D 428 35.83 -21.56 -19.97
CA SER D 428 36.99 -20.70 -19.84
C SER D 428 37.30 -20.33 -18.39
N THR D 429 36.71 -21.04 -17.41
CA THR D 429 36.85 -20.67 -16.00
C THR D 429 37.33 -21.83 -15.14
N THR D 430 38.12 -22.74 -15.70
CA THR D 430 38.72 -23.75 -14.85
C THR D 430 39.88 -23.15 -14.05
N ALA D 431 40.33 -23.89 -13.04
CA ALA D 431 41.11 -23.33 -11.93
C ALA D 431 42.61 -23.52 -12.04
N LEU D 432 43.09 -24.71 -12.39
CA LEU D 432 44.52 -24.98 -12.28
C LEU D 432 45.31 -24.36 -13.43
N THR D 433 44.74 -24.33 -14.64
CA THR D 433 45.43 -23.69 -15.74
C THR D 433 45.59 -22.21 -15.46
N GLY D 434 46.83 -21.75 -15.44
CA GLY D 434 47.14 -20.37 -15.12
C GLY D 434 47.35 -20.09 -13.65
N SER D 435 47.23 -21.09 -12.79
CA SER D 435 47.46 -20.91 -11.37
C SER D 435 48.95 -20.72 -11.09
N THR D 436 49.25 -20.11 -9.93
CA THR D 436 50.65 -20.01 -9.53
C THR D 436 51.19 -21.37 -9.13
N GLU D 437 50.31 -22.30 -8.74
CA GLU D 437 50.74 -23.67 -8.48
C GLU D 437 51.31 -24.31 -9.75
N GLU D 438 50.56 -24.21 -10.86
CA GLU D 438 51.08 -24.67 -12.14
C GLU D 438 52.33 -23.90 -12.53
N GLY D 439 52.43 -22.63 -12.11
CA GLY D 439 53.51 -21.79 -12.57
C GLY D 439 54.77 -21.87 -11.75
N GLN D 440 54.65 -22.21 -10.46
CA GLN D 440 55.78 -22.05 -9.55
C GLN D 440 56.17 -23.31 -8.80
N PHE D 441 55.44 -24.40 -8.94
CA PHE D 441 55.67 -25.63 -8.19
C PHE D 441 55.89 -26.75 -9.20
N HIS D 442 57.15 -27.00 -9.54
CA HIS D 442 57.49 -28.01 -10.52
C HIS D 442 57.97 -29.28 -9.82
N MET E 15 5.86 19.46 -26.73
CA MET E 15 4.66 20.30 -27.02
C MET E 15 4.98 21.77 -26.68
N SER E 16 4.75 22.15 -25.43
CA SER E 16 4.95 23.52 -24.98
C SER E 16 5.54 23.50 -23.58
N VAL E 17 6.12 24.63 -23.16
CA VAL E 17 6.66 24.77 -21.81
C VAL E 17 5.80 25.65 -20.94
N VAL E 18 4.71 26.21 -21.46
CA VAL E 18 3.81 27.00 -20.63
C VAL E 18 3.30 26.13 -19.49
N GLY E 19 3.43 26.63 -18.26
CA GLY E 19 2.88 25.95 -17.11
C GLY E 19 3.68 24.76 -16.62
N THR E 20 4.94 24.67 -17.00
CA THR E 20 5.78 23.59 -16.55
C THR E 20 5.89 23.57 -15.02
N PRO E 21 5.63 22.45 -14.36
CA PRO E 21 5.79 22.43 -12.90
C PRO E 21 7.24 22.56 -12.48
N LYS E 22 7.43 23.19 -11.32
CA LYS E 22 8.73 23.27 -10.69
C LYS E 22 9.19 21.88 -10.24
N SER E 23 10.49 21.74 -10.05
CA SER E 23 11.02 20.53 -9.46
C SER E 23 10.79 20.54 -7.95
N ALA E 24 10.90 19.34 -7.36
CA ALA E 24 10.81 19.24 -5.91
C ALA E 24 11.94 20.03 -5.24
N GLU E 25 13.11 20.05 -5.87
CA GLU E 25 14.23 20.79 -5.31
C GLU E 25 13.94 22.29 -5.28
N GLN E 26 13.26 22.80 -6.31
CA GLN E 26 12.88 24.20 -6.30
C GLN E 26 11.89 24.49 -5.17
N ILE E 27 10.84 23.69 -5.07
CA ILE E 27 9.86 23.88 -4.00
C ILE E 27 10.52 23.84 -2.64
N GLN E 28 11.42 22.87 -2.44
CA GLN E 28 12.12 22.75 -1.16
C GLN E 28 12.96 23.98 -0.89
N GLN E 29 13.59 24.54 -1.92
CA GLN E 29 14.39 25.76 -1.75
CA GLN E 29 14.38 25.76 -1.73
C GLN E 29 13.51 26.92 -1.26
N GLU E 30 12.31 27.05 -1.82
CA GLU E 30 11.37 28.07 -1.36
C GLU E 30 11.01 27.86 0.11
N TRP E 31 10.65 26.62 0.47
CA TRP E 31 10.27 26.34 1.85
C TRP E 31 11.41 26.63 2.81
N ASP E 32 12.66 26.47 2.34
CA ASP E 32 13.81 26.60 3.22
C ASP E 32 14.24 28.05 3.39
N THR E 33 14.05 28.89 2.35
CA THR E 33 14.64 30.21 2.32
C THR E 33 13.65 31.36 2.25
N ASN E 34 12.39 31.10 1.93
CA ASN E 34 11.40 32.17 1.87
C ASN E 34 10.85 32.41 3.28
N PRO E 35 10.98 33.62 3.84
CA PRO E 35 10.52 33.83 5.22
C PRO E 35 9.02 33.65 5.38
N ARG E 36 8.27 33.70 4.27
CA ARG E 36 6.85 33.38 4.32
C ARG E 36 6.60 32.05 5.02
N TRP E 37 7.51 31.10 4.89
CA TRP E 37 7.33 29.76 5.40
C TRP E 37 8.10 29.52 6.70
N LYS E 38 8.67 30.58 7.27
CA LYS E 38 9.51 30.44 8.46
C LYS E 38 8.84 29.61 9.55
N ASP E 39 7.55 29.81 9.78
CA ASP E 39 6.90 29.18 10.93
C ASP E 39 5.91 28.10 10.52
N VAL E 40 6.05 27.55 9.32
CA VAL E 40 5.03 26.68 8.73
C VAL E 40 5.56 25.25 8.73
N THR E 41 4.85 24.38 9.46
CA THR E 41 5.10 22.94 9.44
C THR E 41 4.29 22.30 8.32
N ARG E 42 4.94 21.45 7.53
CA ARG E 42 4.28 20.61 6.53
C ARG E 42 4.66 19.17 6.82
N THR E 43 3.67 18.32 7.09
CA THR E 43 3.96 16.92 7.40
C THR E 43 4.12 16.05 6.16
N TYR E 44 4.08 16.63 4.97
CA TYR E 44 4.37 15.95 3.72
C TYR E 44 5.59 16.62 3.07
N SER E 45 6.07 16.02 1.99
CA SER E 45 7.32 16.44 1.35
C SER E 45 7.05 17.27 0.10
N ALA E 46 8.10 17.96 -0.35
CA ALA E 46 8.03 18.65 -1.63
C ALA E 46 7.76 17.68 -2.76
N GLU E 47 8.41 16.51 -2.72
CA GLU E 47 8.15 15.47 -3.72
C GLU E 47 6.68 15.07 -3.75
N ASP E 48 6.04 14.99 -2.57
CA ASP E 48 4.62 14.66 -2.52
C ASP E 48 3.78 15.69 -3.26
N VAL E 49 4.19 16.96 -3.21
CA VAL E 49 3.45 18.01 -3.90
C VAL E 49 3.59 17.84 -5.41
N VAL E 50 4.82 17.63 -5.88
CA VAL E 50 5.04 17.45 -7.30
C VAL E 50 4.22 16.28 -7.83
N ALA E 51 4.17 15.18 -7.09
CA ALA E 51 3.52 13.97 -7.59
C ALA E 51 2.04 14.17 -7.84
N LEU E 52 1.42 15.18 -7.22
CA LEU E 52 0.01 15.47 -7.40
C LEU E 52 -0.27 16.54 -8.45
N GLN E 53 0.77 17.11 -9.06
CA GLN E 53 0.61 18.25 -9.97
C GLN E 53 0.43 17.85 -11.44
N GLY E 54 0.56 16.58 -11.77
CA GLY E 54 0.43 16.32 -13.19
C GLY E 54 1.56 16.98 -13.96
N SER E 55 1.31 17.32 -15.22
CA SER E 55 2.36 17.86 -16.06
C SER E 55 2.13 19.32 -16.45
N VAL E 56 1.04 19.96 -16.01
CA VAL E 56 0.82 21.37 -16.24
C VAL E 56 0.23 21.99 -14.98
N VAL E 57 0.82 23.09 -14.50
CA VAL E 57 0.32 23.83 -13.34
C VAL E 57 -0.28 25.14 -13.83
N GLU E 58 -1.60 25.28 -13.67
CA GLU E 58 -2.25 26.54 -14.00
C GLU E 58 -1.78 27.65 -13.07
N GLU E 59 -1.44 28.80 -13.65
CA GLU E 59 -1.17 29.99 -12.88
C GLU E 59 -2.47 30.57 -12.35
N HIS E 60 -2.48 30.94 -11.08
CA HIS E 60 -3.61 31.59 -10.42
C HIS E 60 -3.20 33.03 -10.01
N THR E 61 -3.28 33.96 -10.95
CA THR E 61 -2.71 35.29 -10.76
C THR E 61 -3.30 36.00 -9.53
N LEU E 62 -4.63 36.06 -9.42
CA LEU E 62 -5.25 36.83 -8.35
C LEU E 62 -5.05 36.18 -6.98
N ALA E 63 -5.02 34.85 -6.94
CA ALA E 63 -4.76 34.15 -5.68
C ALA E 63 -3.33 34.37 -5.22
N ARG E 64 -2.37 34.34 -6.14
CA ARG E 64 -0.99 34.63 -5.78
C ARG E 64 -0.82 36.09 -5.34
N ARG E 65 -1.29 37.02 -6.16
CA ARG E 65 -1.17 38.44 -5.84
C ARG E 65 -1.89 38.77 -4.54
N GLY E 66 -3.12 38.27 -4.39
CA GLY E 66 -3.88 38.54 -3.17
C GLY E 66 -3.18 38.00 -1.94
N ALA E 67 -2.69 36.75 -2.01
CA ALA E 67 -2.05 36.14 -0.85
C ALA E 67 -0.75 36.87 -0.50
N GLU E 68 0.00 37.34 -1.51
CA GLU E 68 1.23 38.08 -1.24
C GLU E 68 0.91 39.43 -0.63
N VAL E 69 -0.07 40.14 -1.19
CA VAL E 69 -0.45 41.45 -0.68
C VAL E 69 -0.97 41.33 0.74
N LEU E 70 -1.81 40.32 1.00
CA LEU E 70 -2.34 40.13 2.33
C LEU E 70 -1.22 39.88 3.34
N TRP E 71 -0.27 39.01 3.00
CA TRP E 71 0.79 38.70 3.95
C TRP E 71 1.62 39.94 4.26
N GLU E 72 1.91 40.76 3.25
CA GLU E 72 2.70 41.96 3.50
C GLU E 72 1.92 42.96 4.34
N GLN E 73 0.63 43.15 4.05
CA GLN E 73 -0.19 44.04 4.87
C GLN E 73 -0.21 43.60 6.32
N LEU E 74 -0.35 42.30 6.57
CA LEU E 74 -0.42 41.82 7.94
C LEU E 74 0.86 42.12 8.70
N HIS E 75 1.97 42.23 8.00
CA HIS E 75 3.21 42.61 8.65
C HIS E 75 3.47 44.10 8.59
N ASP E 76 2.92 44.82 7.62
CA ASP E 76 3.24 46.23 7.42
C ASP E 76 2.28 47.16 8.14
N LEU E 77 0.99 46.83 8.18
CA LEU E 77 0.02 47.71 8.81
C LEU E 77 -0.15 47.38 10.30
N GLU E 78 -0.67 48.36 11.04
CA GLU E 78 -0.95 48.15 12.46
C GLU E 78 -1.91 46.97 12.63
N TRP E 79 -2.98 46.95 11.85
CA TRP E 79 -3.76 45.75 11.61
C TRP E 79 -4.49 45.91 10.28
N VAL E 80 -5.08 44.82 9.83
CA VAL E 80 -5.87 44.76 8.62
C VAL E 80 -7.31 44.53 9.04
N ASN E 81 -8.22 45.40 8.64
CA ASN E 81 -9.60 45.15 8.96
C ASN E 81 -10.45 45.06 7.69
N ALA E 82 -11.63 44.49 7.88
CA ALA E 82 -12.49 44.17 6.76
C ALA E 82 -13.95 44.15 7.22
N LEU E 83 -14.82 44.24 6.23
CA LEU E 83 -16.25 44.04 6.38
C LEU E 83 -16.68 42.89 5.49
N GLY E 84 -17.72 42.19 5.94
CA GLY E 84 -18.26 41.09 5.14
C GLY E 84 -18.93 41.63 3.88
N ALA E 85 -18.65 41.00 2.75
CA ALA E 85 -19.26 41.38 1.49
C ALA E 85 -19.94 40.16 0.88
N LEU E 86 -21.20 40.32 0.47
CA LEU E 86 -21.91 39.24 -0.21
C LEU E 86 -22.27 39.55 -1.66
N THR E 87 -21.98 40.75 -2.17
CA THR E 87 -22.08 41.04 -3.59
C THR E 87 -20.82 41.77 -4.06
N GLY E 88 -20.65 41.77 -5.38
CA GLY E 88 -19.47 42.41 -5.96
C GLY E 88 -19.45 43.90 -5.69
N ASN E 89 -20.58 44.57 -5.93
CA ASN E 89 -20.67 46.00 -5.67
C ASN E 89 -20.30 46.31 -4.21
N MET E 90 -20.68 45.44 -3.26
CA MET E 90 -20.36 45.71 -1.86
C MET E 90 -18.86 45.80 -1.67
N ALA E 91 -18.13 44.87 -2.27
CA ALA E 91 -16.68 44.92 -2.13
C ALA E 91 -16.11 46.19 -2.76
N VAL E 92 -16.60 46.56 -3.94
CA VAL E 92 -16.14 47.78 -4.59
C VAL E 92 -16.25 48.97 -3.64
N GLN E 93 -17.42 49.14 -3.01
CA GLN E 93 -17.58 50.29 -2.10
C GLN E 93 -16.64 50.19 -0.91
N GLN E 94 -16.39 48.98 -0.42
CA GLN E 94 -15.46 48.81 0.70
C GLN E 94 -14.09 49.31 0.31
N VAL E 95 -13.66 49.01 -0.92
CA VAL E 95 -12.35 49.45 -1.38
C VAL E 95 -12.37 50.94 -1.68
N ARG E 96 -13.46 51.43 -2.28
CA ARG E 96 -13.58 52.85 -2.58
C ARG E 96 -13.54 53.70 -1.30
N ALA E 97 -14.09 53.18 -0.20
CA ALA E 97 -14.05 53.87 1.09
C ALA E 97 -12.71 53.72 1.81
N GLY E 98 -11.78 52.95 1.25
CA GLY E 98 -10.41 52.88 1.74
C GLY E 98 -10.01 51.60 2.44
N LEU E 99 -10.87 50.58 2.49
CA LEU E 99 -10.48 49.34 3.13
C LEU E 99 -9.52 48.55 2.25
N LYS E 100 -8.68 47.74 2.90
CA LYS E 100 -7.55 47.07 2.26
C LYS E 100 -7.73 45.57 2.18
N ALA E 101 -8.89 45.07 2.59
CA ALA E 101 -9.19 43.64 2.54
C ALA E 101 -10.70 43.49 2.52
N ILE E 102 -11.15 42.35 1.97
CA ILE E 102 -12.54 41.95 1.89
C ILE E 102 -12.70 40.70 2.72
N TYR E 103 -13.76 40.63 3.53
CA TYR E 103 -14.10 39.40 4.24
C TYR E 103 -15.32 38.76 3.58
N LEU E 104 -15.22 37.47 3.27
CA LEU E 104 -16.30 36.73 2.62
C LEU E 104 -16.88 35.74 3.63
N SER E 105 -18.01 36.12 4.20
CA SER E 105 -18.70 35.35 5.24
C SER E 105 -19.50 34.22 4.62
N GLY E 106 -19.37 33.03 5.19
CA GLY E 106 -20.22 31.91 4.78
C GLY E 106 -21.63 32.07 5.28
N TRP E 107 -21.79 32.72 6.45
CA TRP E 107 -23.10 33.04 6.99
C TRP E 107 -23.90 33.84 5.99
N GLN E 108 -23.27 34.89 5.42
CA GLN E 108 -23.98 35.77 4.48
C GLN E 108 -24.30 35.02 3.19
N VAL E 109 -23.41 34.13 2.75
CA VAL E 109 -23.69 33.30 1.59
C VAL E 109 -24.88 32.38 1.88
N ALA E 110 -24.91 31.78 3.07
CA ALA E 110 -26.08 30.99 3.44
C ALA E 110 -27.36 31.82 3.40
N GLY E 111 -27.29 33.05 3.93
CA GLY E 111 -28.49 33.86 4.06
C GLY E 111 -29.01 34.48 2.78
N ASP E 112 -28.14 34.82 1.84
CA ASP E 112 -28.60 35.62 0.71
C ASP E 112 -27.76 35.51 -0.57
N ALA E 113 -26.85 34.53 -0.67
CA ALA E 113 -26.02 34.46 -1.87
C ALA E 113 -25.38 33.10 -2.11
N ASN E 114 -26.19 32.03 -2.11
CA ASN E 114 -25.63 30.71 -2.36
C ASN E 114 -26.34 30.05 -3.56
N LEU E 115 -25.72 29.00 -4.08
CA LEU E 115 -26.15 28.44 -5.35
C LEU E 115 -27.40 27.57 -5.27
N SER E 116 -27.94 27.31 -4.08
CA SER E 116 -29.26 26.68 -4.02
C SER E 116 -30.37 27.65 -4.39
N GLY E 117 -30.11 28.95 -4.31
CA GLY E 117 -31.17 29.94 -4.40
C GLY E 117 -31.97 30.11 -3.13
N HIS E 118 -31.72 29.34 -2.09
CA HIS E 118 -32.50 29.44 -0.87
C HIS E 118 -31.83 30.30 0.19
N THR E 119 -32.65 30.77 1.12
CA THR E 119 -32.22 31.44 2.34
C THR E 119 -32.04 30.38 3.43
N TYR E 120 -30.83 30.34 4.01
CA TYR E 120 -30.46 29.30 4.97
C TYR E 120 -29.85 29.93 6.22
N PRO E 121 -30.05 29.30 7.37
CA PRO E 121 -29.19 29.56 8.53
C PRO E 121 -27.82 28.97 8.29
N ASP E 122 -26.90 29.35 9.17
CA ASP E 122 -25.47 29.13 8.95
C ASP E 122 -25.11 27.73 9.44
N GLN E 123 -25.50 26.72 8.65
CA GLN E 123 -25.33 25.33 9.07
C GLN E 123 -24.82 24.44 7.94
N SER E 124 -23.99 24.98 7.05
CA SER E 124 -23.40 24.25 5.94
C SER E 124 -24.48 23.57 5.09
N LEU E 125 -25.59 24.28 4.85
CA LEU E 125 -26.67 23.70 4.07
C LEU E 125 -26.53 23.94 2.57
N TYR E 126 -25.83 24.99 2.17
CA TYR E 126 -25.75 25.38 0.76
C TYR E 126 -24.69 24.57 0.02
N PRO E 127 -24.72 24.58 -1.32
CA PRO E 127 -23.76 23.77 -2.08
C PRO E 127 -22.34 24.29 -1.93
N ALA E 128 -21.39 23.36 -1.83
CA ALA E 128 -20.03 23.69 -1.42
C ALA E 128 -19.24 24.56 -2.40
N ASN E 129 -19.70 24.78 -3.63
CA ASN E 129 -19.00 25.72 -4.50
C ASN E 129 -19.56 27.14 -4.43
N SER E 130 -20.45 27.41 -3.47
CA SER E 130 -21.07 28.74 -3.37
C SER E 130 -20.08 29.84 -3.00
N VAL E 131 -19.22 29.61 -1.99
CA VAL E 131 -18.27 30.67 -1.61
C VAL E 131 -17.25 30.89 -2.73
N PRO E 132 -16.67 29.85 -3.33
CA PRO E 132 -15.82 30.07 -4.51
C PRO E 132 -16.43 30.96 -5.58
N GLN E 133 -17.71 30.74 -5.91
CA GLN E 133 -18.35 31.61 -6.90
C GLN E 133 -18.39 33.06 -6.43
N VAL E 134 -18.63 33.31 -5.13
CA VAL E 134 -18.66 34.68 -4.65
C VAL E 134 -17.26 35.29 -4.65
N VAL E 135 -16.24 34.50 -4.33
CA VAL E 135 -14.86 34.98 -4.48
C VAL E 135 -14.63 35.45 -5.91
N ARG E 136 -15.02 34.62 -6.89
CA ARG E 136 -14.80 34.98 -8.29
C ARG E 136 -15.57 36.25 -8.64
N ARG E 137 -16.78 36.37 -8.12
CA ARG E 137 -17.63 37.53 -8.39
C ARG E 137 -17.00 38.79 -7.82
N ILE E 138 -16.54 38.73 -6.58
CA ILE E 138 -15.92 39.89 -5.95
C ILE E 138 -14.67 40.30 -6.72
N ASN E 139 -13.86 39.32 -7.12
CA ASN E 139 -12.68 39.67 -7.90
C ASN E 139 -13.08 40.32 -9.24
N ASN E 140 -14.09 39.79 -9.91
CA ASN E 140 -14.57 40.38 -11.16
C ASN E 140 -15.05 41.81 -10.96
N ALA E 141 -15.76 42.08 -9.86
CA ALA E 141 -16.26 43.43 -9.60
C ALA E 141 -15.12 44.38 -9.32
N LEU E 142 -14.11 43.94 -8.56
CA LEU E 142 -12.95 44.78 -8.31
C LEU E 142 -12.17 45.04 -9.58
N GLN E 143 -12.02 44.01 -10.43
CA GLN E 143 -11.36 44.18 -11.72
C GLN E 143 -12.09 45.21 -12.56
N ARG E 144 -13.41 45.18 -12.56
CA ARG E 144 -14.16 46.17 -13.33
C ARG E 144 -13.88 47.57 -12.82
N ALA E 145 -13.93 47.78 -11.50
CA ALA E 145 -13.63 49.10 -10.94
C ALA E 145 -12.22 49.55 -11.30
N ASP E 146 -11.28 48.61 -11.30
CA ASP E 146 -9.89 48.90 -11.66
C ASP E 146 -9.81 49.34 -13.12
N GLN E 147 -10.53 48.64 -14.01
CA GLN E 147 -10.56 48.98 -15.43
C GLN E 147 -11.17 50.36 -15.66
N ILE E 148 -12.27 50.65 -14.95
CA ILE E 148 -12.94 51.95 -15.08
C ILE E 148 -12.02 53.05 -14.57
N ALA E 149 -11.38 52.84 -13.40
CA ALA E 149 -10.51 53.86 -12.83
C ALA E 149 -9.37 54.21 -13.78
N LYS E 150 -8.85 53.21 -14.50
CA LYS E 150 -7.75 53.47 -15.43
C LYS E 150 -8.18 54.39 -16.57
N ILE E 151 -9.28 54.06 -17.25
CA ILE E 151 -9.71 54.93 -18.34
C ILE E 151 -10.24 56.26 -17.82
N GLU E 152 -10.65 56.34 -16.55
CA GLU E 152 -11.07 57.61 -15.99
C GLU E 152 -9.90 58.42 -15.46
N GLY E 153 -8.68 57.88 -15.46
CA GLY E 153 -7.57 58.55 -14.82
C GLY E 153 -7.73 58.71 -13.34
N ASP E 154 -8.49 57.82 -12.69
CA ASP E 154 -8.78 57.92 -11.27
C ASP E 154 -7.72 57.14 -10.51
N THR E 155 -6.87 57.86 -9.78
CA THR E 155 -5.77 57.27 -9.02
C THR E 155 -6.00 57.32 -7.52
N SER E 156 -7.24 57.54 -7.08
CA SER E 156 -7.46 57.71 -5.65
C SER E 156 -7.40 56.40 -4.87
N VAL E 157 -7.59 55.26 -5.53
CA VAL E 157 -7.44 53.94 -4.92
C VAL E 157 -6.15 53.33 -5.42
N GLU E 158 -5.23 53.02 -4.51
CA GLU E 158 -3.95 52.47 -4.91
C GLU E 158 -4.09 51.03 -5.40
N ASN E 159 -4.90 50.23 -4.71
CA ASN E 159 -5.03 48.80 -5.04
C ASN E 159 -6.50 48.43 -5.06
N TRP E 160 -7.08 48.32 -6.25
CA TRP E 160 -8.46 47.87 -6.36
C TRP E 160 -8.60 46.40 -6.03
N LEU E 161 -7.57 45.59 -6.30
CA LEU E 161 -7.61 44.15 -6.06
C LEU E 161 -7.21 43.85 -4.62
N ALA E 162 -8.07 44.28 -3.72
CA ALA E 162 -7.85 44.03 -2.31
C ALA E 162 -7.94 42.53 -2.04
N PRO E 163 -7.10 41.99 -1.16
CA PRO E 163 -7.17 40.55 -0.87
C PRO E 163 -8.49 40.15 -0.21
N ILE E 164 -8.93 38.93 -0.55
CA ILE E 164 -10.19 38.37 -0.08
C ILE E 164 -9.86 37.23 0.87
N VAL E 165 -10.39 37.31 2.09
CA VAL E 165 -10.33 36.21 3.06
C VAL E 165 -11.72 35.58 3.09
N ALA E 166 -11.77 34.29 2.80
CA ALA E 166 -13.03 33.59 2.62
C ALA E 166 -13.19 32.42 3.59
N ASP E 167 -14.46 32.05 3.79
CA ASP E 167 -14.91 31.09 4.79
C ASP E 167 -14.93 29.68 4.16
N GLY E 168 -14.04 28.79 4.63
CA GLY E 168 -14.11 27.36 4.31
C GLY E 168 -14.94 26.51 5.26
N GLU E 169 -15.59 27.14 6.24
CA GLU E 169 -16.51 26.52 7.20
C GLU E 169 -15.79 25.29 7.78
N ALA E 170 -16.45 24.15 7.86
CA ALA E 170 -15.82 22.91 8.30
C ALA E 170 -15.42 22.02 7.13
N GLY E 171 -15.30 22.59 5.93
CA GLY E 171 -14.81 21.82 4.80
C GLY E 171 -15.83 20.95 4.10
N PHE E 172 -17.08 20.92 4.57
CA PHE E 172 -18.16 20.22 3.89
C PHE E 172 -17.89 18.72 3.76
N GLY E 173 -17.20 18.15 4.76
CA GLY E 173 -17.02 16.72 4.84
C GLY E 173 -15.66 16.36 5.40
N GLY E 174 -14.92 15.56 4.65
CA GLY E 174 -13.63 15.08 5.07
C GLY E 174 -12.48 15.89 4.49
N ALA E 175 -11.27 15.34 4.66
CA ALA E 175 -10.07 16.03 4.17
C ALA E 175 -10.11 16.27 2.67
N LEU E 176 -10.80 15.41 1.92
CA LEU E 176 -10.88 15.60 0.47
C LEU E 176 -11.85 16.72 0.11
N ASN E 177 -12.94 16.86 0.87
CA ASN E 177 -13.83 17.99 0.65
C ASN E 177 -13.13 19.30 0.99
N VAL E 178 -12.33 19.32 2.06
CA VAL E 178 -11.50 20.48 2.38
C VAL E 178 -10.60 20.82 1.20
N TYR E 179 -9.88 19.82 0.70
CA TYR E 179 -8.94 20.01 -0.40
C TYR E 179 -9.61 20.66 -1.59
N GLU E 180 -10.78 20.14 -1.98
CA GLU E 180 -11.46 20.66 -3.17
C GLU E 180 -11.97 22.06 -2.93
N LEU E 181 -12.42 22.36 -1.72
CA LEU E 181 -12.90 23.71 -1.44
C LEU E 181 -11.75 24.72 -1.51
N GLN E 182 -10.60 24.38 -0.92
CA GLN E 182 -9.43 25.26 -1.00
C GLN E 182 -8.98 25.46 -2.44
N LYS E 183 -8.95 24.38 -3.23
CA LYS E 183 -8.58 24.49 -4.63
C LYS E 183 -9.54 25.41 -5.40
N ALA E 184 -10.84 25.28 -5.17
CA ALA E 184 -11.80 26.15 -5.84
C ALA E 184 -11.70 27.61 -5.39
N LEU E 185 -11.48 27.84 -4.09
CA LEU E 185 -11.26 29.22 -3.63
C LEU E 185 -10.04 29.81 -4.30
N ILE E 186 -8.99 29.02 -4.44
CA ILE E 186 -7.78 29.50 -5.08
C ILE E 186 -8.04 29.81 -6.55
N ALA E 187 -8.73 28.90 -7.25
CA ALA E 187 -9.02 29.14 -8.66
C ALA E 187 -9.77 30.46 -8.85
N ALA E 188 -10.68 30.77 -7.93
CA ALA E 188 -11.47 31.99 -8.01
C ALA E 188 -10.70 33.25 -7.59
N GLY E 189 -9.49 33.11 -7.06
CA GLY E 189 -8.67 34.24 -6.70
C GLY E 189 -8.60 34.61 -5.23
N VAL E 190 -8.79 33.66 -4.31
CA VAL E 190 -8.81 33.99 -2.89
C VAL E 190 -7.39 34.26 -2.39
N ALA E 191 -7.28 35.12 -1.37
CA ALA E 191 -6.02 35.42 -0.69
C ALA E 191 -5.81 34.59 0.56
N GLY E 192 -6.86 34.35 1.33
CA GLY E 192 -6.77 33.51 2.51
C GLY E 192 -8.09 32.79 2.73
N SER E 193 -8.04 31.74 3.56
CA SER E 193 -9.22 30.92 3.83
C SER E 193 -9.17 30.43 5.27
N HIS E 194 -10.33 30.37 5.92
CA HIS E 194 -10.37 29.92 7.30
C HIS E 194 -11.19 28.66 7.46
N TRP E 195 -10.80 27.86 8.46
CA TRP E 195 -11.27 26.49 8.64
C TRP E 195 -11.50 26.22 10.12
N GLU E 196 -12.67 25.70 10.49
CA GLU E 196 -13.05 25.57 11.89
C GLU E 196 -13.11 24.10 12.31
N ASP E 197 -12.86 23.86 13.61
CA ASP E 197 -12.81 22.51 14.17
C ASP E 197 -14.19 21.96 14.57
N GLN E 198 -15.19 22.15 13.73
CA GLN E 198 -16.52 21.59 13.92
C GLN E 198 -16.77 20.38 13.04
N LEU E 199 -17.68 19.53 13.49
CA LEU E 199 -18.24 18.47 12.67
C LEU E 199 -19.08 19.07 11.53
N ALA E 200 -18.72 18.76 10.28
CA ALA E 200 -19.36 19.43 9.16
C ALA E 200 -20.87 19.17 9.14
N SER E 201 -21.28 17.95 9.48
CA SER E 201 -22.69 17.62 9.36
C SER E 201 -23.53 18.37 10.38
N GLU E 202 -22.90 18.92 11.42
CA GLU E 202 -23.64 19.66 12.42
C GLU E 202 -23.10 21.07 12.58
N LYS E 203 -22.50 21.59 11.51
CA LYS E 203 -21.84 22.89 11.55
C LYS E 203 -22.80 23.99 11.98
N LYS E 204 -22.30 24.91 12.82
CA LYS E 204 -23.05 26.09 13.25
C LYS E 204 -22.19 27.34 13.12
N EJA E 205 -22.85 28.47 12.96
CA EJA E 205 -22.20 29.77 13.23
CB EJA E 205 -23.24 30.87 13.08
SG EJA E 205 -22.61 32.51 13.74
CD EJA E 205 -21.33 33.28 12.56
CE EJA E 205 -21.60 34.65 12.11
CZ EJA E 205 -21.36 35.56 13.35
OT1 EJA E 205 -20.54 36.53 13.26
OT2 EJA E 205 -21.94 35.28 14.45
NE EJA E 205 -20.19 32.78 12.19
OZ EJA E 205 -19.81 31.54 12.61
C EJA E 205 -21.61 29.71 14.69
O EJA E 205 -22.18 29.03 15.55
H EJA E 205 -23.69 28.54 12.67
HA EJA E 205 -21.47 29.91 12.60
HB2 EJA E 205 -24.05 30.69 13.59
HB3 EJA E 205 -23.51 31.01 12.16
HE2 EJA E 205 -21.06 34.97 11.38
HE1 EJA E 205 -22.52 34.79 11.81
HOZ EJA E 205 -19.75 31.09 11.90
N GLY E 206 -20.51 30.41 14.95
CA GLY E 206 -19.89 30.34 16.27
C GLY E 206 -20.81 30.82 17.37
N HIS E 207 -21.78 31.66 17.03
CA HIS E 207 -22.64 32.26 18.03
C HIS E 207 -24.03 31.64 18.07
N LEU E 208 -24.21 30.48 17.45
CA LEU E 208 -25.38 29.63 17.61
C LEU E 208 -25.06 28.51 18.59
N GLY E 209 -26.10 27.87 19.09
CA GLY E 209 -25.93 26.71 19.92
C GLY E 209 -25.79 25.45 19.09
N GLY E 210 -25.66 24.34 19.79
CA GLY E 210 -25.65 23.04 19.16
C GLY E 210 -24.40 22.70 18.39
N LYS E 211 -23.25 23.24 18.82
CA LYS E 211 -21.99 23.01 18.12
C LYS E 211 -21.36 21.70 18.55
N VAL E 212 -20.68 21.04 17.61
CA VAL E 212 -20.00 19.78 17.86
C VAL E 212 -18.59 19.87 17.33
N LEU E 213 -17.62 19.66 18.21
CA LEU E 213 -16.21 19.68 17.87
C LEU E 213 -15.80 18.33 17.27
N ILE E 214 -14.71 18.38 16.51
CA ILE E 214 -14.03 17.18 16.06
C ILE E 214 -12.72 17.14 16.83
N PRO E 215 -12.02 16.00 16.86
CA PRO E 215 -10.78 15.91 17.62
C PRO E 215 -9.72 16.88 17.12
N THR E 216 -8.84 17.27 18.04
CA THR E 216 -7.74 18.17 17.69
C THR E 216 -7.00 17.69 16.44
N GLN E 217 -6.63 16.41 16.41
CA GLN E 217 -5.88 15.87 15.28
C GLN E 217 -6.65 15.96 13.98
N GLN E 218 -7.97 15.80 14.03
CA GLN E 218 -8.75 15.89 12.81
C GLN E 218 -8.69 17.30 12.23
N HIS E 219 -8.63 18.32 13.08
CA HIS E 219 -8.52 19.67 12.52
C HIS E 219 -7.11 19.93 11.97
N ILE E 220 -6.07 19.35 12.60
CA ILE E 220 -4.74 19.42 12.01
C ILE E 220 -4.76 18.80 10.61
N ARG E 221 -5.49 17.69 10.45
N ARG E 221 -5.50 17.70 10.46
CA ARG E 221 -5.68 17.10 9.13
CA ARG E 221 -5.68 17.10 9.13
C ARG E 221 -6.32 18.11 8.17
C ARG E 221 -6.33 18.09 8.17
N THR E 222 -7.38 18.78 8.61
CA THR E 222 -8.03 19.80 7.79
C THR E 222 -7.04 20.90 7.39
N LEU E 223 -6.25 21.39 8.35
CA LEU E 223 -5.33 22.47 8.06
C LEU E 223 -4.19 22.02 7.15
N THR E 224 -3.74 20.76 7.32
CA THR E 224 -2.74 20.14 6.44
C THR E 224 -3.28 20.03 5.01
N SER E 225 -4.53 19.57 4.87
CA SER E 225 -5.16 19.46 3.56
C SER E 225 -5.29 20.82 2.89
N ALA E 226 -5.63 21.85 3.65
CA ALA E 226 -5.77 23.19 3.05
C ALA E 226 -4.43 23.72 2.58
N ARG E 227 -3.36 23.45 3.34
CA ARG E 227 -2.03 23.84 2.89
C ARG E 227 -1.64 23.04 1.65
N LEU E 228 -1.86 21.71 1.68
CA LEU E 228 -1.51 20.87 0.54
C LEU E 228 -2.17 21.37 -0.73
N ALA E 229 -3.45 21.71 -0.67
CA ALA E 229 -4.12 22.18 -1.88
C ALA E 229 -3.48 23.48 -2.37
N ALA E 230 -3.07 24.34 -1.44
CA ALA E 230 -2.39 25.58 -1.81
C ALA E 230 -1.02 25.29 -2.40
N ASP E 231 -0.32 24.27 -1.88
CA ASP E 231 1.00 23.94 -2.42
C ASP E 231 0.88 23.36 -3.82
N VAL E 232 -0.05 22.43 -4.02
CA VAL E 232 -0.26 21.84 -5.35
C VAL E 232 -0.66 22.90 -6.35
N ALA E 233 -1.49 23.86 -5.94
CA ALA E 233 -1.84 24.99 -6.77
C ALA E 233 -0.75 26.06 -6.85
N ASP E 234 0.35 25.89 -6.11
CA ASP E 234 1.55 26.73 -6.24
C ASP E 234 1.28 28.20 -5.88
N VAL E 235 0.44 28.44 -4.87
CA VAL E 235 0.21 29.80 -4.36
C VAL E 235 0.30 29.84 -2.84
N PRO E 236 0.78 30.98 -2.23
CA PRO E 236 1.04 31.05 -0.80
C PRO E 236 -0.17 31.47 0.05
N THR E 237 -1.31 30.81 -0.17
CA THR E 237 -2.58 31.15 0.46
C THR E 237 -2.42 31.25 1.98
N VAL E 238 -3.02 32.29 2.56
CA VAL E 238 -3.01 32.47 4.01
C VAL E 238 -4.04 31.51 4.61
N VAL E 239 -3.60 30.64 5.50
CA VAL E 239 -4.43 29.58 6.09
C VAL E 239 -4.73 29.97 7.53
N ILE E 240 -6.01 30.10 7.84
CA ILE E 240 -6.48 30.56 9.14
C ILE E 240 -7.20 29.42 9.85
N ALA E 241 -6.85 29.20 11.12
CA ALA E 241 -7.46 28.17 11.94
C ALA E 241 -8.40 28.82 12.96
N ARG E 242 -9.64 28.33 12.98
CA ARG E 242 -10.68 28.79 13.90
C ARG E 242 -11.05 27.68 14.87
N THR E 243 -11.15 28.01 16.15
CA THR E 243 -11.62 27.04 17.12
C THR E 243 -12.93 27.51 17.74
N ASP E 244 -13.85 26.57 17.86
CA ASP E 244 -15.18 26.80 18.38
C ASP E 244 -15.33 26.24 19.79
N ALA E 245 -14.22 26.00 20.48
CA ALA E 245 -14.22 25.32 21.77
C ALA E 245 -14.67 26.20 22.95
N GLU E 246 -14.85 27.50 22.74
CA GLU E 246 -15.23 28.36 23.87
C GLU E 246 -16.64 28.05 24.34
N ALA E 247 -17.54 27.76 23.40
CA ALA E 247 -18.94 27.50 23.67
C ALA E 247 -19.38 26.07 23.40
N ALA E 248 -18.71 25.34 22.51
CA ALA E 248 -19.13 23.99 22.16
C ALA E 248 -19.00 23.06 23.37
N THR E 249 -20.05 22.28 23.65
CA THR E 249 -20.03 21.29 24.73
C THR E 249 -20.14 19.85 24.23
N LEU E 250 -20.01 19.63 22.93
CA LEU E 250 -20.06 18.30 22.34
C LEU E 250 -18.82 18.09 21.49
N ILE E 251 -18.37 16.83 21.44
CA ILE E 251 -17.27 16.42 20.59
C ILE E 251 -17.57 15.01 20.09
N THR E 252 -17.08 14.70 18.89
CA THR E 252 -17.44 13.44 18.25
C THR E 252 -16.76 12.25 18.93
N SER E 253 -15.57 12.46 19.48
CA SER E 253 -14.81 11.33 20.01
C SER E 253 -13.86 11.82 21.09
N ASP E 254 -13.49 10.89 21.98
CA ASP E 254 -12.46 11.14 22.99
C ASP E 254 -11.13 10.50 22.64
N VAL E 255 -10.91 10.23 21.34
CA VAL E 255 -9.74 9.46 20.91
C VAL E 255 -8.45 10.24 21.08
N ASP E 256 -8.49 11.57 20.98
CA ASP E 256 -7.28 12.37 21.00
C ASP E 256 -6.96 12.75 22.44
N GLU E 257 -5.76 12.38 22.89
CA GLU E 257 -5.38 12.59 24.28
C GLU E 257 -5.37 14.07 24.63
N ARG E 258 -5.17 14.94 23.65
CA ARG E 258 -5.21 16.35 23.93
C ARG E 258 -6.62 16.82 24.27
N ASP E 259 -7.66 16.10 23.84
CA ASP E 259 -9.02 16.50 24.15
C ASP E 259 -9.54 15.84 25.42
N GLN E 260 -8.87 14.78 25.86
CA GLN E 260 -9.41 13.98 26.94
C GLN E 260 -9.51 14.72 28.27
N PRO E 261 -8.68 15.71 28.60
CA PRO E 261 -8.85 16.38 29.91
C PRO E 261 -10.17 17.12 30.03
N PHE E 262 -10.85 17.42 28.94
CA PHE E 262 -12.10 18.15 28.97
C PHE E 262 -13.34 17.26 28.85
N ILE E 263 -13.14 15.97 28.57
CA ILE E 263 -14.25 15.03 28.44
C ILE E 263 -14.88 14.82 29.81
N THR E 264 -16.18 15.03 29.92
CA THR E 264 -16.87 14.86 31.19
C THR E 264 -17.30 13.43 31.46
N GLY E 265 -17.50 12.64 30.41
CA GLY E 265 -17.98 11.28 30.55
C GLY E 265 -19.44 11.12 30.19
N GLU E 266 -20.22 12.18 30.24
CA GLU E 266 -21.60 12.09 29.80
C GLU E 266 -21.64 11.94 28.27
N ARG E 267 -22.62 11.18 27.80
CA ARG E 267 -22.84 10.92 26.38
C ARG E 267 -24.25 11.32 25.99
N THR E 268 -24.42 11.66 24.72
CA THR E 268 -25.74 11.87 24.12
C THR E 268 -26.15 10.64 23.32
N ARG E 269 -27.42 10.58 22.96
CA ARG E 269 -27.89 9.44 22.20
C ARG E 269 -27.46 9.47 20.74
N GLU E 270 -26.96 10.60 20.25
CA GLU E 270 -26.31 10.56 18.95
C GLU E 270 -24.95 9.87 19.03
N GLY E 271 -24.42 9.66 20.22
CA GLY E 271 -23.07 9.17 20.37
C GLY E 271 -22.02 10.23 20.61
N PHE E 272 -22.40 11.50 20.77
CA PHE E 272 -21.41 12.52 21.05
C PHE E 272 -20.92 12.38 22.49
N TYR E 273 -19.74 12.96 22.75
CA TYR E 273 -19.20 13.10 24.08
C TYR E 273 -19.44 14.53 24.56
N ARG E 274 -19.98 14.68 25.77
CA ARG E 274 -20.03 16.02 26.34
C ARG E 274 -18.63 16.43 26.80
N THR E 275 -18.32 17.72 26.61
CA THR E 275 -16.99 18.27 26.89
C THR E 275 -17.09 19.63 27.57
N LYS E 276 -16.11 19.92 28.43
CA LYS E 276 -16.10 21.16 29.21
C LYS E 276 -15.54 22.28 28.34
N ASN E 277 -16.38 23.25 28.01
CA ASN E 277 -16.04 24.36 27.13
C ASN E 277 -15.35 25.48 27.90
N GLY E 278 -14.74 26.41 27.18
CA GLY E 278 -14.15 27.57 27.80
C GLY E 278 -12.87 28.00 27.10
N ILE E 279 -12.20 29.03 27.63
CA ILE E 279 -10.96 29.51 27.02
C ILE E 279 -9.86 28.47 27.10
N GLU E 280 -9.88 27.62 28.14
CA GLU E 280 -8.81 26.63 28.31
C GLU E 280 -8.70 25.67 27.13
N PRO E 281 -9.76 25.06 26.65
CA PRO E 281 -9.61 24.22 25.45
C PRO E 281 -9.30 25.03 24.18
N CYS E 282 -9.73 26.28 24.10
CA CYS E 282 -9.35 27.11 22.97
C CYS E 282 -7.85 27.36 22.94
N ILE E 283 -7.27 27.66 24.11
CA ILE E 283 -5.83 27.87 24.21
C ILE E 283 -5.08 26.61 23.82
N ALA E 284 -5.48 25.47 24.39
CA ALA E 284 -4.83 24.21 24.05
C ALA E 284 -4.93 23.95 22.56
N ARG E 285 -6.13 24.08 21.99
CA ARG E 285 -6.28 23.79 20.58
C ARG E 285 -5.48 24.78 19.73
N ALA E 286 -5.46 26.05 20.12
CA ALA E 286 -4.70 27.04 19.37
C ALA E 286 -3.23 26.68 19.32
N LYS E 287 -2.67 26.24 20.45
CA LYS E 287 -1.27 25.82 20.45
C LYS E 287 -1.05 24.61 19.54
N ALA E 288 -1.98 23.66 19.53
CA ALA E 288 -1.84 22.51 18.64
C ALA E 288 -1.90 22.92 17.18
N TYR E 289 -2.76 23.89 16.85
CA TYR E 289 -2.95 24.32 15.46
C TYR E 289 -1.85 25.26 14.96
N ALA E 290 -1.12 25.92 15.87
CA ALA E 290 -0.23 27.02 15.51
C ALA E 290 0.78 26.65 14.42
N PRO E 291 1.48 25.51 14.49
CA PRO E 291 2.44 25.19 13.43
C PRO E 291 1.79 25.01 12.07
N PHE E 292 0.46 24.93 12.03
CA PHE E 292 -0.30 24.69 10.81
C PHE E 292 -1.16 25.89 10.44
N ALA E 293 -1.00 27.05 11.09
CA ALA E 293 -1.92 28.14 10.81
C ALA E 293 -1.19 29.47 10.72
N ASP E 294 -1.44 30.22 9.64
CA ASP E 294 -0.88 31.55 9.49
C ASP E 294 -1.55 32.54 10.45
N LEU E 295 -2.81 32.29 10.78
CA LEU E 295 -3.51 33.04 11.81
C LEU E 295 -4.41 32.11 12.60
N ILE E 296 -4.62 32.45 13.87
CA ILE E 296 -5.47 31.69 14.76
C ILE E 296 -6.55 32.59 15.36
N TRP E 297 -7.75 32.04 15.48
CA TRP E 297 -8.97 32.72 15.86
C TRP E 297 -9.78 31.79 16.76
N MET E 298 -10.22 32.28 17.92
CA MET E 298 -11.18 31.56 18.73
C MET E 298 -12.47 32.35 18.77
N GLU E 299 -13.58 31.68 18.49
CA GLU E 299 -14.86 32.33 18.66
C GLU E 299 -15.10 32.57 20.14
N THR E 300 -15.82 33.64 20.44
CA THR E 300 -16.11 33.98 21.82
C THR E 300 -17.56 34.47 21.91
N GLY E 301 -18.09 34.44 23.12
CA GLY E 301 -19.48 34.75 23.39
C GLY E 301 -19.81 36.23 23.58
N THR E 302 -18.80 37.07 23.88
CA THR E 302 -19.01 38.49 24.02
C THR E 302 -17.80 39.24 23.49
N PRO E 303 -17.93 40.50 23.15
CA PRO E 303 -16.75 41.30 22.80
C PRO E 303 -16.04 41.77 24.04
N ASP E 304 -14.89 41.16 24.36
CA ASP E 304 -14.25 41.39 25.66
C ASP E 304 -12.74 41.49 25.44
N LEU E 305 -12.18 42.69 25.66
CA LEU E 305 -10.75 42.89 25.47
C LEU E 305 -9.92 42.05 26.44
N GLU E 306 -10.40 41.90 27.67
CA GLU E 306 -9.62 41.15 28.67
C GLU E 306 -9.55 39.67 28.32
N ALA E 307 -10.66 39.07 27.88
CA ALA E 307 -10.65 37.67 27.44
C ALA E 307 -9.79 37.47 26.19
N ALA E 308 -9.79 38.44 25.28
CA ALA E 308 -8.92 38.37 24.11
C ALA E 308 -7.46 38.43 24.53
N ARG E 309 -7.12 39.29 25.49
CA ARG E 309 -5.73 39.38 25.95
C ARG E 309 -5.30 38.07 26.60
N GLN E 310 -6.20 37.45 27.37
CA GLN E 310 -5.87 36.17 27.99
C GLN E 310 -5.51 35.13 26.92
N PHE E 311 -6.29 35.07 25.84
CA PHE E 311 -6.01 34.14 24.75
C PHE E 311 -4.69 34.48 24.08
N SER E 312 -4.54 35.73 23.66
CA SER E 312 -3.35 36.16 22.96
C SER E 312 -2.09 35.84 23.76
N GLU E 313 -2.06 36.24 25.02
CA GLU E 313 -0.86 36.05 25.82
C GLU E 313 -0.54 34.56 25.96
N ALA E 314 -1.56 33.72 26.13
CA ALA E 314 -1.31 32.31 26.33
C ALA E 314 -0.75 31.67 25.06
N VAL E 315 -1.28 32.03 23.90
CA VAL E 315 -0.77 31.49 22.64
C VAL E 315 0.63 32.00 22.37
N LYS E 316 0.85 33.30 22.54
CA LYS E 316 2.15 33.88 22.23
C LYS E 316 3.22 33.51 23.25
N ALA E 317 2.85 33.06 24.45
CA ALA E 317 3.83 32.54 25.38
C ALA E 317 4.57 31.34 24.81
N GLU E 318 3.93 30.63 23.88
CA GLU E 318 4.50 29.47 23.21
C GLU E 318 4.91 29.78 21.79
N TYR E 319 4.18 30.64 21.10
CA TYR E 319 4.47 31.01 19.71
C TYR E 319 4.49 32.54 19.65
N PRO E 320 5.63 33.16 19.97
CA PRO E 320 5.63 34.62 20.12
C PRO E 320 5.23 35.39 18.86
N ASP E 321 5.46 34.85 17.67
CA ASP E 321 5.15 35.57 16.43
C ASP E 321 3.83 35.12 15.80
N GLN E 322 3.11 34.21 16.42
CA GLN E 322 1.82 33.80 15.91
C GLN E 322 0.88 35.00 15.84
N MET E 323 0.39 35.29 14.64
CA MET E 323 -0.63 36.31 14.46
C MET E 323 -2.02 35.75 14.70
N LEU E 324 -2.94 36.61 15.12
CA LEU E 324 -4.28 36.21 15.50
C LEU E 324 -5.31 36.98 14.72
N ALA E 325 -6.53 36.45 14.70
CA ALA E 325 -7.66 37.10 14.04
C ALA E 325 -8.81 37.16 15.03
N TYR E 326 -9.62 38.20 14.90
CA TYR E 326 -10.72 38.44 15.81
C TYR E 326 -12.00 38.77 15.05
N ASN E 327 -13.06 38.04 15.36
CA ASN E 327 -14.37 38.25 14.76
C ASN E 327 -15.12 39.34 15.53
N CYS E 328 -15.23 40.52 14.92
CA CYS E 328 -16.02 41.60 15.51
C CYS E 328 -17.47 41.40 15.07
N SER E 329 -18.16 40.48 15.75
CA SER E 329 -19.40 39.90 15.23
C SER E 329 -20.63 40.78 15.50
N PRO E 330 -21.50 40.97 14.49
CA PRO E 330 -22.85 41.53 14.76
C PRO E 330 -23.78 40.62 15.55
N SER E 331 -23.37 39.38 15.83
CA SER E 331 -24.11 38.51 16.73
C SER E 331 -23.95 38.94 18.19
N PHE E 332 -23.08 39.91 18.46
CA PHE E 332 -23.01 40.58 19.77
C PHE E 332 -23.94 41.80 19.76
N ASN E 333 -24.62 42.01 20.89
CA ASN E 333 -25.32 43.26 21.14
C ASN E 333 -24.32 44.22 21.78
N TRP E 334 -23.69 45.05 20.95
CA TRP E 334 -22.46 45.72 21.36
C TRP E 334 -22.70 46.67 22.54
N LYS E 335 -23.67 47.56 22.42
CA LYS E 335 -23.85 48.55 23.48
C LYS E 335 -24.45 47.93 24.74
N LYS E 336 -25.04 46.73 24.64
CA LYS E 336 -25.50 46.05 25.84
C LYS E 336 -24.32 45.62 26.70
N HIS E 337 -23.19 45.30 26.09
CA HIS E 337 -22.03 44.82 26.80
C HIS E 337 -20.95 45.86 27.02
N LEU E 338 -20.79 46.79 26.10
CA LEU E 338 -19.67 47.72 26.10
C LEU E 338 -20.16 49.17 26.09
N ASP E 339 -19.38 50.04 26.73
CA ASP E 339 -19.53 51.48 26.64
C ASP E 339 -18.93 51.98 25.33
N ASP E 340 -19.27 53.23 24.96
CA ASP E 340 -18.80 53.82 23.71
C ASP E 340 -17.28 53.93 23.65
N ALA E 341 -16.63 54.28 24.77
CA ALA E 341 -15.18 54.44 24.76
C ALA E 341 -14.49 53.11 24.48
N THR E 342 -14.96 52.03 25.10
CA THR E 342 -14.35 50.73 24.86
C THR E 342 -14.61 50.29 23.42
N ILE E 343 -15.79 50.64 22.89
CA ILE E 343 -16.10 50.35 21.49
C ILE E 343 -15.15 51.08 20.56
N ALA E 344 -14.89 52.37 20.84
CA ALA E 344 -14.05 53.17 19.96
C ALA E 344 -12.61 52.68 19.92
N LYS E 345 -12.08 52.17 21.04
CA LYS E 345 -10.71 51.67 21.06
C LYS E 345 -10.60 50.18 20.71
N PHE E 346 -11.73 49.49 20.51
CA PHE E 346 -11.74 48.03 20.53
C PHE E 346 -10.73 47.44 19.56
N GLN E 347 -10.78 47.84 18.29
CA GLN E 347 -9.90 47.23 17.30
C GLN E 347 -8.45 47.62 17.54
N LYS E 348 -8.21 48.89 17.88
CA LYS E 348 -6.83 49.32 18.10
C LYS E 348 -6.20 48.56 19.26
N GLU E 349 -6.95 48.35 20.35
CA GLU E 349 -6.41 47.57 21.46
C GLU E 349 -6.19 46.11 21.09
N LEU E 350 -7.10 45.51 20.31
CA LEU E 350 -6.89 44.13 19.85
C LEU E 350 -5.63 44.02 19.01
N ALA E 351 -5.37 45.02 18.18
CA ALA E 351 -4.20 45.00 17.32
C ALA E 351 -2.92 44.93 18.12
N ALA E 352 -2.82 45.73 19.20
CA ALA E 352 -1.62 45.70 20.01
C ALA E 352 -1.41 44.35 20.68
N MET E 353 -2.48 43.56 20.84
CA MET E 353 -2.38 42.20 21.39
C MET E 353 -1.94 41.17 20.36
N GLY E 354 -1.95 41.51 19.08
CA GLY E 354 -1.54 40.59 18.05
C GLY E 354 -2.65 40.14 17.14
N PHE E 355 -3.86 40.67 17.29
CA PHE E 355 -4.96 40.36 16.39
C PHE E 355 -4.78 41.25 15.16
N LYS E 356 -4.07 40.73 14.15
CA LYS E 356 -3.74 41.51 12.96
C LYS E 356 -4.78 41.43 11.85
N PHE E 357 -5.75 40.54 11.96
CA PHE E 357 -6.88 40.53 11.04
C PHE E 357 -8.16 40.60 11.86
N GLN E 358 -8.94 41.65 11.63
CA GLN E 358 -10.20 41.87 12.33
C GLN E 358 -11.29 42.18 11.32
N PHE E 359 -12.49 41.66 11.56
CA PHE E 359 -13.51 41.68 10.52
C PHE E 359 -14.91 41.69 11.12
N ILE E 360 -15.80 42.49 10.54
CA ILE E 360 -17.22 42.49 10.91
C ILE E 360 -17.94 41.57 9.94
N THR E 361 -18.23 40.36 10.43
CA THR E 361 -18.65 39.24 9.58
C THR E 361 -19.91 39.56 8.79
N LEU E 362 -20.96 40.01 9.48
CA LEU E 362 -22.28 40.16 8.85
C LEU E 362 -22.58 41.60 8.48
N ALA E 363 -21.53 42.42 8.23
CA ALA E 363 -21.74 43.82 7.91
C ALA E 363 -22.60 44.00 6.67
N GLY E 364 -22.42 43.13 5.66
CA GLY E 364 -23.19 43.28 4.43
C GLY E 364 -24.65 42.93 4.61
N PHE E 365 -24.93 41.82 5.29
CA PHE E 365 -26.31 41.48 5.59
C PHE E 365 -27.03 42.65 6.27
N HIS E 366 -26.42 43.23 7.29
CA HIS E 366 -27.14 44.25 8.03
C HIS E 366 -27.27 45.55 7.23
N ALA E 367 -26.23 45.95 6.52
CA ALA E 367 -26.34 47.17 5.71
C ALA E 367 -27.41 47.02 4.63
N LEU E 368 -27.40 45.88 3.94
CA LEU E 368 -28.38 45.61 2.89
C LEU E 368 -29.81 45.54 3.44
N ASN E 369 -30.03 44.79 4.52
CA ASN E 369 -31.39 44.64 5.00
C ASN E 369 -31.91 45.94 5.60
N TYR E 370 -31.08 46.65 6.37
CA TYR E 370 -31.55 47.87 7.01
C TYR E 370 -31.84 48.95 5.98
N SER E 371 -30.91 49.18 5.06
CA SER E 371 -31.09 50.26 4.11
C SER E 371 -32.31 50.02 3.24
N MET E 372 -32.58 48.76 2.88
CA MET E 372 -33.75 48.52 2.04
C MET E 372 -35.04 48.65 2.85
N PHE E 373 -35.04 48.17 4.09
CA PHE E 373 -36.22 48.39 4.93
C PHE E 373 -36.49 49.87 5.11
N ASP E 374 -35.44 50.63 5.43
CA ASP E 374 -35.63 52.06 5.67
C ASP E 374 -36.21 52.73 4.44
N LEU E 375 -35.63 52.45 3.27
CA LEU E 375 -36.13 53.04 2.03
C LEU E 375 -37.56 52.58 1.75
N ALA E 376 -37.77 51.26 1.79
CA ALA E 376 -39.08 50.72 1.46
C ALA E 376 -40.14 51.26 2.42
N TYR E 377 -39.80 51.38 3.71
CA TYR E 377 -40.75 51.91 4.67
C TYR E 377 -41.17 53.33 4.30
N GLY E 378 -40.20 54.20 4.05
CA GLY E 378 -40.53 55.57 3.67
C GLY E 378 -41.31 55.63 2.37
N TYR E 379 -40.88 54.83 1.39
CA TYR E 379 -41.59 54.72 0.11
C TYR E 379 -43.04 54.30 0.32
N ALA E 380 -43.27 53.34 1.20
CA ALA E 380 -44.64 52.92 1.45
C ALA E 380 -45.51 54.08 1.95
N GLN E 381 -44.90 55.06 2.62
CA GLN E 381 -45.66 56.17 3.22
C GLN E 381 -45.72 57.41 2.34
N ASN E 382 -44.62 57.72 1.62
N ASN E 382 -44.63 57.74 1.63
CA ASN E 382 -44.48 58.99 0.93
CA ASN E 382 -44.59 59.00 0.89
C ASN E 382 -43.98 58.86 -0.50
C ASN E 382 -44.04 58.85 -0.52
N GLN E 383 -43.83 57.64 -1.02
CA GLN E 383 -43.41 57.39 -2.40
C GLN E 383 -42.12 58.14 -2.74
N MET E 384 -42.12 59.00 -3.76
CA MET E 384 -40.85 59.48 -4.30
C MET E 384 -40.05 60.31 -3.30
N SER E 385 -40.72 60.98 -2.37
CA SER E 385 -40.00 61.79 -1.39
C SER E 385 -38.94 60.96 -0.67
N ALA E 386 -39.28 59.72 -0.31
CA ALA E 386 -38.33 58.85 0.37
C ALA E 386 -37.13 58.51 -0.49
N TYR E 387 -37.33 58.26 -1.79
CA TYR E 387 -36.17 57.95 -2.62
C TYR E 387 -35.31 59.18 -2.85
N VAL E 388 -35.92 60.35 -2.98
CA VAL E 388 -35.12 61.54 -3.23
C VAL E 388 -34.20 61.82 -2.04
N GLU E 389 -34.68 61.56 -0.82
CA GLU E 389 -33.79 61.68 0.34
C GLU E 389 -32.53 60.85 0.15
N LEU E 390 -32.68 59.61 -0.35
CA LEU E 390 -31.51 58.75 -0.57
C LEU E 390 -30.61 59.31 -1.66
N GLN E 391 -31.19 59.73 -2.80
CA GLN E 391 -30.38 60.25 -3.89
C GLN E 391 -29.62 61.51 -3.45
N GLU E 392 -30.26 62.36 -2.65
CA GLU E 392 -29.58 63.53 -2.14
C GLU E 392 -28.45 63.16 -1.18
N ARG E 393 -28.67 62.13 -0.35
CA ARG E 393 -27.57 61.63 0.48
C ARG E 393 -26.41 61.17 -0.39
N GLU E 394 -26.71 60.50 -1.50
CA GLU E 394 -25.67 60.07 -2.42
C GLU E 394 -24.90 61.25 -2.99
N PHE E 395 -25.60 62.26 -3.50
CA PHE E 395 -24.92 63.45 -3.99
C PHE E 395 -23.98 64.02 -2.94
N ALA E 396 -24.47 64.14 -1.70
CA ALA E 396 -23.66 64.73 -0.65
C ALA E 396 -22.48 63.84 -0.27
N ALA E 397 -22.59 62.53 -0.49
CA ALA E 397 -21.49 61.63 -0.21
C ALA E 397 -20.37 61.73 -1.25
N GLU E 398 -20.59 62.41 -2.37
CA GLU E 398 -19.54 62.47 -3.38
C GLU E 398 -18.31 63.20 -2.86
N GLU E 399 -18.48 64.17 -1.95
CA GLU E 399 -17.30 64.83 -1.42
C GLU E 399 -16.49 63.89 -0.53
N ARG E 400 -17.07 62.80 -0.06
CA ARG E 400 -16.31 61.76 0.64
C ARG E 400 -15.67 60.76 -0.32
N GLY E 401 -15.97 60.84 -1.62
CA GLY E 401 -15.39 59.95 -2.61
C GLY E 401 -16.36 58.95 -3.20
N TYR E 402 -17.63 59.02 -2.82
CA TYR E 402 -18.66 58.14 -3.37
C TYR E 402 -18.84 58.45 -4.85
N THR E 403 -18.97 57.41 -5.67
CA THR E 403 -19.13 57.60 -7.09
C THR E 403 -20.37 56.95 -7.70
N ALA E 404 -21.11 56.13 -6.93
CA ALA E 404 -22.15 55.32 -7.55
C ALA E 404 -23.45 56.08 -7.81
N THR E 405 -23.56 57.35 -7.42
CA THR E 405 -24.70 58.13 -7.84
C THR E 405 -24.81 58.12 -9.37
N LYS E 406 -23.66 58.16 -10.06
CA LYS E 406 -23.60 58.00 -11.51
C LYS E 406 -23.47 56.51 -11.78
N HIS E 407 -24.62 55.84 -11.78
CA HIS E 407 -24.64 54.38 -11.80
C HIS E 407 -24.23 53.80 -13.16
N GLN E 408 -24.40 54.55 -14.25
CA GLN E 408 -24.05 54.01 -15.57
C GLN E 408 -22.55 53.78 -15.68
N ARG E 409 -21.74 54.81 -15.40
CA ARG E 409 -20.29 54.64 -15.43
C ARG E 409 -19.81 53.73 -14.31
N GLU E 410 -20.56 53.64 -13.21
CA GLU E 410 -20.13 52.81 -12.08
C GLU E 410 -20.07 51.33 -12.46
N VAL E 411 -20.99 50.87 -13.32
CA VAL E 411 -20.99 49.47 -13.77
C VAL E 411 -20.30 49.27 -15.11
N GLY E 412 -19.71 50.32 -15.67
CA GLY E 412 -18.82 50.19 -16.80
C GLY E 412 -19.36 50.61 -18.16
N ALA E 413 -20.43 51.40 -18.22
CA ALA E 413 -20.93 51.83 -19.53
C ALA E 413 -19.83 52.53 -20.31
N GLY E 414 -18.98 53.30 -19.60
CA GLY E 414 -17.90 54.00 -20.28
C GLY E 414 -16.78 53.06 -20.72
N TYR E 415 -16.51 52.03 -19.91
CA TYR E 415 -15.49 51.05 -20.26
C TYR E 415 -15.92 50.23 -21.47
N PHE E 416 -17.17 49.76 -21.51
CA PHE E 416 -17.62 49.04 -22.70
C PHE E 416 -17.77 49.95 -23.92
N ASP E 417 -18.07 51.23 -23.71
CA ASP E 417 -18.00 52.20 -24.80
C ASP E 417 -16.60 52.22 -25.39
N ARG E 418 -15.56 52.18 -24.54
N ARG E 418 -15.56 52.15 -24.55
CA ARG E 418 -14.20 52.17 -25.05
CA ARG E 418 -14.20 52.18 -25.06
C ARG E 418 -13.90 50.89 -25.82
C ARG E 418 -13.85 50.89 -25.79
N ILE E 419 -14.34 49.74 -25.30
CA ILE E 419 -14.20 48.51 -26.07
C ILE E 419 -14.88 48.69 -27.42
N ALA E 420 -16.10 49.23 -27.42
CA ALA E 420 -16.88 49.32 -28.64
C ALA E 420 -16.17 50.19 -29.67
N THR E 421 -15.64 51.34 -29.25
CA THR E 421 -15.00 52.22 -30.22
C THR E 421 -13.59 51.76 -30.58
N THR E 422 -13.02 50.84 -29.81
CA THR E 422 -11.78 50.20 -30.23
C THR E 422 -12.03 49.21 -31.36
N VAL E 423 -13.15 48.46 -31.28
CA VAL E 423 -13.52 47.54 -32.35
C VAL E 423 -13.99 48.31 -33.58
N ASP E 424 -14.83 49.33 -33.37
CA ASP E 424 -15.45 50.09 -34.46
C ASP E 424 -15.53 51.55 -34.06
N PRO E 425 -14.51 52.34 -34.39
CA PRO E 425 -14.55 53.75 -33.97
C PRO E 425 -15.78 54.51 -34.43
N ASN E 426 -16.43 54.06 -35.51
N ASN E 426 -16.42 54.11 -35.53
CA ASN E 426 -17.56 54.75 -36.11
CA ASN E 426 -17.56 54.84 -36.07
C ASN E 426 -18.91 54.34 -35.55
C ASN E 426 -18.89 54.24 -35.64
N SER E 427 -18.93 53.47 -34.56
CA SER E 427 -20.18 52.92 -34.07
C SER E 427 -21.15 54.04 -33.67
N SER E 428 -22.40 53.91 -34.08
CA SER E 428 -23.44 54.84 -33.67
C SER E 428 -24.22 54.32 -32.46
N THR E 429 -23.75 53.25 -31.82
CA THR E 429 -24.52 52.60 -30.77
C THR E 429 -23.77 52.53 -29.44
N THR E 430 -22.90 53.48 -29.13
CA THR E 430 -22.35 53.53 -27.77
C THR E 430 -23.38 54.13 -26.81
N ALA E 431 -23.12 53.97 -25.52
CA ALA E 431 -24.15 54.10 -24.49
C ALA E 431 -24.08 55.39 -23.68
N LEU E 432 -22.89 55.81 -23.23
CA LEU E 432 -22.80 56.92 -22.28
C LEU E 432 -23.07 58.26 -22.95
N THR E 433 -22.47 58.50 -24.10
CA THR E 433 -22.84 59.68 -24.87
C THR E 433 -24.32 59.57 -25.24
N GLY E 434 -25.08 60.58 -24.87
CA GLY E 434 -26.51 60.58 -25.08
C GLY E 434 -27.32 60.14 -23.88
N SER E 435 -26.66 59.65 -22.83
CA SER E 435 -27.37 59.18 -21.65
C SER E 435 -27.88 60.36 -20.82
N THR E 436 -28.91 60.08 -20.01
CA THR E 436 -29.36 61.08 -19.04
C THR E 436 -28.32 61.32 -17.97
N GLU E 437 -27.41 60.37 -17.75
CA GLU E 437 -26.37 60.58 -16.76
C GLU E 437 -25.50 61.77 -17.14
N GLU E 438 -25.03 61.79 -18.38
CA GLU E 438 -24.22 62.92 -18.83
C GLU E 438 -25.05 64.18 -18.85
N GLY E 439 -26.35 64.07 -19.14
CA GLY E 439 -27.20 65.25 -19.24
C GLY E 439 -27.65 65.84 -17.92
N GLN E 440 -27.73 65.04 -16.86
CA GLN E 440 -28.34 65.49 -15.61
C GLN E 440 -27.47 65.38 -14.37
N PHE E 441 -26.29 64.78 -14.47
CA PHE E 441 -25.42 64.55 -13.31
C PHE E 441 -24.07 65.19 -13.58
N HIS E 442 -23.71 66.20 -12.79
CA HIS E 442 -22.45 66.91 -12.97
C HIS E 442 -21.30 66.10 -12.38
N MET F 15 -51.22 5.99 -18.19
CA MET F 15 -50.31 5.97 -17.01
C MET F 15 -50.98 6.66 -15.82
N SER F 16 -51.11 7.99 -15.90
CA SER F 16 -51.64 8.80 -14.80
C SER F 16 -52.40 9.98 -15.40
N VAL F 17 -53.18 10.65 -14.56
CA VAL F 17 -53.93 11.84 -14.99
C VAL F 17 -53.36 13.12 -14.40
N VAL F 18 -52.34 13.04 -13.55
CA VAL F 18 -51.72 14.25 -13.02
C VAL F 18 -51.15 15.08 -14.17
N GLY F 19 -51.53 16.36 -14.22
CA GLY F 19 -51.01 17.26 -15.21
C GLY F 19 -51.62 17.14 -16.59
N THR F 20 -52.75 16.44 -16.73
CA THR F 20 -53.37 16.27 -18.02
C THR F 20 -53.73 17.63 -18.62
N PRO F 21 -53.44 17.89 -19.88
CA PRO F 21 -53.76 19.21 -20.46
C PRO F 21 -55.27 19.40 -20.60
N LYS F 22 -55.69 20.66 -20.63
CA LYS F 22 -57.07 20.99 -20.95
C LYS F 22 -57.34 20.77 -22.42
N SER F 23 -58.63 20.65 -22.76
CA SER F 23 -59.01 20.63 -24.16
C SER F 23 -58.90 22.02 -24.76
N ALA F 24 -58.79 22.08 -26.10
CA ALA F 24 -58.84 23.37 -26.77
C ALA F 24 -60.13 24.11 -26.42
N GLU F 25 -61.23 23.37 -26.27
CA GLU F 25 -62.51 23.98 -25.96
C GLU F 25 -62.48 24.63 -24.58
N GLN F 26 -61.86 23.98 -23.60
CA GLN F 26 -61.75 24.57 -22.27
C GLN F 26 -60.99 25.88 -22.32
N ILE F 27 -59.82 25.87 -22.97
CA ILE F 27 -59.04 27.08 -23.17
C ILE F 27 -59.88 28.16 -23.85
N GLN F 28 -60.63 27.76 -24.88
CA GLN F 28 -61.40 28.75 -25.63
C GLN F 28 -62.50 29.35 -24.76
N GLN F 29 -63.13 28.55 -23.90
CA GLN F 29 -64.14 29.10 -23.02
C GLN F 29 -63.54 30.08 -22.02
N GLU F 30 -62.34 29.80 -21.51
CA GLU F 30 -61.67 30.75 -20.62
C GLU F 30 -61.40 32.07 -21.33
N TRP F 31 -60.88 32.00 -22.56
CA TRP F 31 -60.61 33.21 -23.31
C TRP F 31 -61.88 34.01 -23.57
N ASP F 32 -63.02 33.32 -23.74
CA ASP F 32 -64.28 33.95 -24.08
C ASP F 32 -65.00 34.54 -22.87
N THR F 33 -64.88 33.92 -21.69
CA THR F 33 -65.69 34.29 -20.55
C THR F 33 -64.92 34.95 -19.42
N ASN F 34 -63.65 34.64 -19.24
CA ASN F 34 -62.88 35.20 -18.12
C ASN F 34 -62.59 36.67 -18.40
N PRO F 35 -63.03 37.61 -17.57
CA PRO F 35 -62.77 39.03 -17.86
C PRO F 35 -61.30 39.39 -17.94
N ARG F 36 -60.43 38.55 -17.38
CA ARG F 36 -58.99 38.74 -17.52
C ARG F 36 -58.58 38.94 -18.97
N TRP F 37 -59.27 38.31 -19.91
CA TRP F 37 -58.90 38.33 -21.31
C TRP F 37 -59.76 39.28 -22.13
N LYS F 38 -60.54 40.13 -21.45
CA LYS F 38 -61.50 40.98 -22.14
C LYS F 38 -60.85 41.79 -23.27
N ASP F 39 -59.64 42.29 -23.05
CA ASP F 39 -59.04 43.21 -24.00
C ASP F 39 -57.77 42.63 -24.63
N VAL F 40 -57.68 41.31 -24.69
CA VAL F 40 -56.46 40.62 -25.10
C VAL F 40 -56.68 39.97 -26.46
N THR F 41 -55.93 40.43 -27.44
CA THR F 41 -55.91 39.82 -28.76
C THR F 41 -54.87 38.71 -28.83
N ARG F 42 -55.29 37.57 -29.38
CA ARG F 42 -54.38 36.46 -29.65
C ARG F 42 -54.54 36.13 -31.12
N THR F 43 -53.45 36.21 -31.89
CA THR F 43 -53.50 35.91 -33.32
C THR F 43 -53.34 34.42 -33.62
N TYR F 44 -53.12 33.59 -32.61
CA TYR F 44 -53.11 32.15 -32.75
C TYR F 44 -54.37 31.58 -32.09
N SER F 45 -54.58 30.28 -32.25
CA SER F 45 -55.80 29.64 -31.78
C SER F 45 -55.56 28.86 -30.49
N ALA F 46 -56.66 28.54 -29.80
CA ALA F 46 -56.56 27.63 -28.67
C ALA F 46 -55.95 26.29 -29.09
N GLU F 47 -56.36 25.78 -30.25
CA GLU F 47 -55.80 24.53 -30.76
C GLU F 47 -54.29 24.60 -30.89
N ASP F 48 -53.76 25.72 -31.40
CA ASP F 48 -52.32 25.88 -31.53
C ASP F 48 -51.64 25.73 -30.18
N VAL F 49 -52.22 26.33 -29.14
CA VAL F 49 -51.65 26.19 -27.80
C VAL F 49 -51.58 24.72 -27.41
N VAL F 50 -52.70 24.01 -27.54
CA VAL F 50 -52.75 22.61 -27.13
C VAL F 50 -51.68 21.81 -27.86
N ALA F 51 -51.51 22.07 -29.15
CA ALA F 51 -50.58 21.29 -29.95
C ALA F 51 -49.17 21.37 -29.42
N LEU F 52 -48.83 22.43 -28.68
CA LEU F 52 -47.49 22.64 -28.18
C LEU F 52 -47.27 22.11 -26.76
N GLN F 53 -48.31 21.60 -26.10
CA GLN F 53 -48.25 21.29 -24.69
C GLN F 53 -47.82 19.85 -24.39
N GLY F 54 -47.64 19.01 -25.40
CA GLY F 54 -47.23 17.67 -25.08
C GLY F 54 -48.32 16.90 -24.33
N SER F 55 -47.88 15.92 -23.54
CA SER F 55 -48.80 15.05 -22.81
C SER F 55 -49.10 15.53 -21.41
N VAL F 56 -48.22 16.34 -20.83
CA VAL F 56 -48.31 16.74 -19.43
C VAL F 56 -47.98 18.23 -19.36
N VAL F 57 -48.75 18.97 -18.58
CA VAL F 57 -48.55 20.40 -18.36
C VAL F 57 -48.21 20.58 -16.90
N GLU F 58 -46.98 21.03 -16.62
CA GLU F 58 -46.58 21.31 -15.26
C GLU F 58 -47.38 22.48 -14.70
N GLU F 59 -47.88 22.31 -13.49
CA GLU F 59 -48.44 23.43 -12.75
C GLU F 59 -47.33 24.37 -12.29
N HIS F 60 -47.57 25.67 -12.42
CA HIS F 60 -46.62 26.70 -11.96
C HIS F 60 -47.36 27.53 -10.90
N THR F 61 -47.32 27.02 -9.66
CA THR F 61 -48.16 27.58 -8.60
C THR F 61 -47.86 29.06 -8.37
N LEU F 62 -46.59 29.40 -8.19
CA LEU F 62 -46.26 30.79 -7.83
C LEU F 62 -46.48 31.75 -8.99
N ALA F 63 -46.30 31.27 -10.23
CA ALA F 63 -46.57 32.12 -11.38
C ALA F 63 -48.06 32.38 -11.53
N ARG F 64 -48.88 31.35 -11.26
CA ARG F 64 -50.32 31.52 -11.32
C ARG F 64 -50.81 32.46 -10.22
N ARG F 65 -50.41 32.17 -8.97
CA ARG F 65 -50.89 32.95 -7.84
C ARG F 65 -50.42 34.39 -7.96
N GLY F 66 -49.15 34.58 -8.27
CA GLY F 66 -48.61 35.92 -8.41
C GLY F 66 -49.31 36.72 -9.49
N ALA F 67 -49.50 36.12 -10.67
CA ALA F 67 -50.16 36.83 -11.76
C ALA F 67 -51.61 37.14 -11.42
N GLU F 68 -52.29 36.24 -10.71
CA GLU F 68 -53.67 36.54 -10.31
C GLU F 68 -53.71 37.67 -9.29
N VAL F 69 -52.81 37.65 -8.30
CA VAL F 69 -52.80 38.69 -7.28
C VAL F 69 -52.44 40.04 -7.91
N LEU F 70 -51.44 40.04 -8.78
CA LEU F 70 -51.04 41.28 -9.44
C LEU F 70 -52.20 41.90 -10.22
N TRP F 71 -52.90 41.07 -10.99
CA TRP F 71 -54.03 41.59 -11.77
C TRP F 71 -55.11 42.16 -10.87
N GLU F 72 -55.43 41.46 -9.77
CA GLU F 72 -56.44 41.98 -8.87
C GLU F 72 -56.00 43.29 -8.24
N GLN F 73 -54.75 43.37 -7.78
CA GLN F 73 -54.26 44.60 -7.17
C GLN F 73 -54.29 45.77 -8.15
N LEU F 74 -53.90 45.54 -9.41
CA LEU F 74 -53.91 46.60 -10.39
C LEU F 74 -55.29 47.19 -10.57
N HIS F 75 -56.33 46.43 -10.28
CA HIS F 75 -57.69 46.94 -10.43
C HIS F 75 -58.31 47.36 -9.10
N ASP F 76 -57.77 46.92 -7.97
CA ASP F 76 -58.38 47.22 -6.67
C ASP F 76 -57.69 48.34 -5.92
N LEU F 77 -56.38 48.51 -6.08
CA LEU F 77 -55.63 49.58 -5.45
C LEU F 77 -55.61 50.83 -6.32
N GLU F 78 -55.42 51.99 -5.68
CA GLU F 78 -55.26 53.23 -6.43
C GLU F 78 -54.09 53.13 -7.39
N TRP F 79 -53.01 52.48 -6.97
CA TRP F 79 -51.98 52.04 -7.90
C TRP F 79 -51.08 51.06 -7.18
N VAL F 80 -50.30 50.34 -7.94
CA VAL F 80 -49.34 49.39 -7.41
C VAL F 80 -47.96 49.97 -7.62
N ASN F 81 -47.15 50.03 -6.55
CA ASN F 81 -45.81 50.55 -6.69
C ASN F 81 -44.81 49.56 -6.08
N ALA F 82 -43.55 49.73 -6.48
CA ALA F 82 -42.52 48.75 -6.21
C ALA F 82 -41.14 49.39 -6.32
N LEU F 83 -40.16 48.69 -5.75
CA LEU F 83 -38.76 49.04 -5.81
C LEU F 83 -38.00 47.89 -6.43
N GLY F 84 -36.94 48.23 -7.16
CA GLY F 84 -36.04 47.21 -7.67
C GLY F 84 -35.42 46.36 -6.57
N ALA F 85 -35.42 45.04 -6.77
CA ALA F 85 -34.78 44.11 -5.85
C ALA F 85 -33.83 43.21 -6.64
N LEU F 86 -32.58 43.09 -6.16
CA LEU F 86 -31.61 42.22 -6.80
C LEU F 86 -31.15 41.08 -5.90
N THR F 87 -31.59 41.03 -4.65
CA THR F 87 -31.35 39.89 -3.78
C THR F 87 -32.65 39.49 -3.09
N GLY F 88 -32.67 38.25 -2.64
CA GLY F 88 -33.83 37.75 -1.92
C GLY F 88 -34.13 38.58 -0.69
N ASN F 89 -33.12 38.87 0.12
CA ASN F 89 -33.33 39.64 1.36
C ASN F 89 -33.89 41.03 1.05
N MET F 90 -33.54 41.61 -0.11
CA MET F 90 -34.09 42.92 -0.46
C MET F 90 -35.59 42.85 -0.63
N ALA F 91 -36.08 41.83 -1.31
CA ALA F 91 -37.51 41.68 -1.52
C ALA F 91 -38.21 41.43 -0.20
N VAL F 92 -37.59 40.66 0.67
CA VAL F 92 -38.19 40.41 1.98
C VAL F 92 -38.41 41.72 2.72
N GLN F 93 -37.39 42.60 2.75
CA GLN F 93 -37.54 43.86 3.47
C GLN F 93 -38.58 44.76 2.80
N GLN F 94 -38.68 44.70 1.48
CA GLN F 94 -39.70 45.48 0.79
C GLN F 94 -41.10 45.06 1.23
N VAL F 95 -41.33 43.75 1.35
CA VAL F 95 -42.65 43.27 1.76
C VAL F 95 -42.87 43.51 3.25
N ARG F 96 -41.83 43.30 4.08
CA ARG F 96 -41.94 43.59 5.50
C ARG F 96 -42.32 45.05 5.74
N ALA F 97 -41.77 45.95 4.93
CA ALA F 97 -42.07 47.36 5.02
C ALA F 97 -43.45 47.71 4.49
N GLY F 98 -44.14 46.77 3.85
CA GLY F 98 -45.52 46.97 3.45
C GLY F 98 -45.76 47.10 1.96
N LEU F 99 -44.75 46.91 1.12
CA LEU F 99 -44.97 46.96 -0.31
C LEU F 99 -45.63 45.66 -0.78
N LYS F 100 -46.33 45.75 -1.93
CA LYS F 100 -47.19 44.67 -2.40
C LYS F 100 -46.81 44.14 -3.77
N ALA F 101 -45.64 44.53 -4.29
CA ALA F 101 -45.10 43.99 -5.51
C ALA F 101 -43.59 44.20 -5.49
N ILE F 102 -42.89 43.34 -6.23
CA ILE F 102 -41.44 43.39 -6.38
C ILE F 102 -41.12 43.69 -7.84
N TYR F 103 -40.25 44.65 -8.07
CA TYR F 103 -39.75 44.90 -9.42
C TYR F 103 -38.35 44.29 -9.58
N LEU F 104 -38.18 43.48 -10.61
CA LEU F 104 -36.90 42.81 -10.86
C LEU F 104 -36.26 43.48 -12.07
N SER F 105 -35.31 44.37 -11.80
CA SER F 105 -34.63 45.16 -12.81
C SER F 105 -33.55 44.33 -13.53
N GLY F 106 -33.57 44.34 -14.85
CA GLY F 106 -32.48 43.77 -15.61
C GLY F 106 -31.18 44.54 -15.47
N TRP F 107 -31.28 45.87 -15.36
CA TRP F 107 -30.10 46.70 -15.13
C TRP F 107 -29.35 46.25 -13.88
N GLN F 108 -30.08 46.06 -12.78
CA GLN F 108 -29.48 45.60 -11.52
C GLN F 108 -28.85 44.22 -11.67
N VAL F 109 -29.49 43.32 -12.41
CA VAL F 109 -28.92 42.00 -12.67
C VAL F 109 -27.62 42.13 -13.43
N ALA F 110 -27.61 42.96 -14.48
CA ALA F 110 -26.39 43.21 -15.21
C ALA F 110 -25.29 43.74 -14.30
N GLY F 111 -25.65 44.64 -13.37
CA GLY F 111 -24.65 45.32 -12.58
C GLY F 111 -24.11 44.52 -11.42
N ASP F 112 -24.88 43.57 -10.88
CA ASP F 112 -24.46 42.97 -9.63
C ASP F 112 -25.13 41.64 -9.30
N ALA F 113 -25.83 41.02 -10.24
CA ALA F 113 -26.47 39.75 -9.91
C ALA F 113 -26.76 38.90 -11.14
N ASN F 114 -25.76 38.64 -11.98
CA ASN F 114 -25.99 37.80 -13.17
C ASN F 114 -25.04 36.61 -13.20
N LEU F 115 -25.38 35.63 -14.03
CA LEU F 115 -24.73 34.33 -14.00
C LEU F 115 -23.36 34.31 -14.67
N SER F 116 -22.91 35.42 -15.28
CA SER F 116 -21.51 35.46 -15.68
C SER F 116 -20.58 35.73 -14.52
N GLY F 117 -21.09 36.30 -13.43
CA GLY F 117 -20.23 36.74 -12.36
C GLY F 117 -19.61 38.11 -12.57
N HIS F 118 -19.84 38.74 -13.74
CA HIS F 118 -19.23 40.01 -14.08
C HIS F 118 -20.18 41.19 -13.84
N THR F 119 -19.57 42.36 -13.71
CA THR F 119 -20.31 43.63 -13.64
C THR F 119 -20.48 44.17 -15.05
N TYR F 120 -21.71 44.48 -15.43
CA TYR F 120 -21.97 44.88 -16.80
C TYR F 120 -22.84 46.14 -16.82
N PRO F 121 -22.66 46.97 -17.84
CA PRO F 121 -23.69 47.95 -18.16
C PRO F 121 -24.89 47.24 -18.76
N ASP F 122 -25.97 48.00 -18.89
CA ASP F 122 -27.30 47.45 -19.19
C ASP F 122 -27.48 47.35 -20.70
N GLN F 123 -26.86 46.31 -21.29
CA GLN F 123 -26.83 46.11 -22.74
C GLN F 123 -27.03 44.65 -23.14
N SER F 124 -27.74 43.87 -22.34
CA SER F 124 -28.05 42.46 -22.64
C SER F 124 -26.77 41.64 -22.84
N LEU F 125 -25.77 41.90 -21.99
CA LEU F 125 -24.51 41.20 -22.03
C LEU F 125 -24.52 39.92 -21.20
N TYR F 126 -25.39 39.80 -20.23
CA TYR F 126 -25.34 38.67 -19.32
C TYR F 126 -26.11 37.46 -19.85
N PRO F 127 -25.87 36.27 -19.28
CA PRO F 127 -26.57 35.07 -19.79
C PRO F 127 -28.09 35.16 -19.60
N ALA F 128 -28.83 34.73 -20.62
CA ALA F 128 -30.28 34.96 -20.71
C ALA F 128 -31.10 34.27 -19.62
N ASN F 129 -30.54 33.34 -18.85
CA ASN F 129 -31.31 32.76 -17.75
C ASN F 129 -31.01 33.45 -16.41
N SER F 130 -30.33 34.61 -16.45
CA SER F 130 -29.99 35.32 -15.22
C SER F 130 -31.23 35.84 -14.49
N VAL F 131 -32.14 36.49 -15.21
CA VAL F 131 -33.30 37.07 -14.52
C VAL F 131 -34.21 35.97 -14.00
N PRO F 132 -34.50 34.93 -14.77
CA PRO F 132 -35.26 33.80 -14.19
C PRO F 132 -34.66 33.29 -12.89
N GLN F 133 -33.33 33.20 -12.77
CA GLN F 133 -32.72 32.72 -11.53
C GLN F 133 -33.00 33.65 -10.35
N VAL F 134 -32.98 34.97 -10.58
CA VAL F 134 -33.28 35.91 -9.51
C VAL F 134 -34.77 35.88 -9.16
N VAL F 135 -35.65 35.64 -10.15
CA VAL F 135 -37.06 35.44 -9.81
C VAL F 135 -37.20 34.28 -8.85
N ARG F 136 -36.56 33.15 -9.18
CA ARG F 136 -36.62 31.98 -8.30
C ARG F 136 -36.07 32.31 -6.91
N ARG F 137 -34.94 33.03 -6.88
CA ARG F 137 -34.32 33.43 -5.62
C ARG F 137 -35.28 34.26 -4.80
N ILE F 138 -35.87 35.27 -5.41
CA ILE F 138 -36.78 36.15 -4.68
C ILE F 138 -37.96 35.35 -4.13
N ASN F 139 -38.54 34.48 -4.96
CA ASN F 139 -39.64 33.68 -4.46
C ASN F 139 -39.18 32.80 -3.30
N ASN F 140 -38.01 32.20 -3.42
CA ASN F 140 -37.52 31.36 -2.32
C ASN F 140 -37.41 32.16 -1.03
N ALA F 141 -36.96 33.41 -1.13
CA ALA F 141 -36.71 34.22 0.07
C ALA F 141 -38.02 34.67 0.70
N LEU F 142 -39.02 34.99 -0.13
CA LEU F 142 -40.34 35.32 0.38
C LEU F 142 -40.99 34.10 1.01
N GLN F 143 -40.79 32.91 0.40
CA GLN F 143 -41.30 31.68 0.98
C GLN F 143 -40.69 31.41 2.35
N ARG F 144 -39.40 31.65 2.50
CA ARG F 144 -38.81 31.45 3.82
C ARG F 144 -39.38 32.43 4.84
N ALA F 145 -39.56 33.68 4.45
CA ALA F 145 -40.17 34.65 5.37
C ALA F 145 -41.58 34.22 5.74
N ASP F 146 -42.33 33.71 4.77
CA ASP F 146 -43.66 33.16 5.03
C ASP F 146 -43.62 32.00 6.01
N GLN F 147 -42.74 31.03 5.76
CA GLN F 147 -42.57 29.91 6.69
C GLN F 147 -42.23 30.40 8.10
N ILE F 148 -41.28 31.34 8.21
CA ILE F 148 -40.86 31.81 9.52
C ILE F 148 -42.02 32.50 10.23
N ALA F 149 -42.69 33.41 9.52
CA ALA F 149 -43.83 34.11 10.11
C ALA F 149 -44.84 33.13 10.71
N LYS F 150 -45.08 32.02 10.02
CA LYS F 150 -46.08 31.05 10.48
C LYS F 150 -45.67 30.43 11.80
N ILE F 151 -44.42 29.98 11.92
CA ILE F 151 -44.03 29.33 13.16
C ILE F 151 -43.92 30.37 14.28
N GLU F 152 -43.66 31.62 13.94
CA GLU F 152 -43.60 32.68 14.94
C GLU F 152 -44.98 33.25 15.29
N GLY F 153 -46.03 32.86 14.58
CA GLY F 153 -47.34 33.46 14.79
C GLY F 153 -47.38 34.93 14.41
N ASP F 154 -46.55 35.32 13.45
CA ASP F 154 -46.49 36.70 12.99
C ASP F 154 -47.49 36.87 11.86
N THR F 155 -48.55 37.65 12.11
CA THR F 155 -49.58 37.91 11.12
C THR F 155 -49.55 39.35 10.61
N SER F 156 -48.45 40.06 10.83
CA SER F 156 -48.40 41.47 10.45
C SER F 156 -48.29 41.67 8.94
N VAL F 157 -47.87 40.66 8.18
CA VAL F 157 -47.78 40.74 6.72
C VAL F 157 -48.84 39.82 6.15
N GLU F 158 -49.79 40.39 5.39
CA GLU F 158 -50.90 39.59 4.90
C GLU F 158 -50.45 38.62 3.82
N ASN F 159 -49.62 39.08 2.88
CA ASN F 159 -49.17 38.24 1.77
C ASN F 159 -47.68 38.37 1.56
N TRP F 160 -46.92 37.36 2.01
CA TRP F 160 -45.48 37.40 1.82
C TRP F 160 -45.11 37.20 0.36
N LEU F 161 -45.91 36.43 -0.39
CA LEU F 161 -45.62 36.12 -1.79
C LEU F 161 -46.17 37.24 -2.68
N ALA F 162 -45.51 38.35 -2.59
CA ALA F 162 -45.88 39.49 -3.38
C ALA F 162 -45.54 39.23 -4.85
N PRO F 163 -46.37 39.69 -5.79
CA PRO F 163 -46.09 39.44 -7.20
C PRO F 163 -44.80 40.10 -7.65
N ILE F 164 -44.10 39.41 -8.54
CA ILE F 164 -42.83 39.86 -9.09
C ILE F 164 -43.06 40.25 -10.53
N VAL F 165 -42.75 41.50 -10.86
CA VAL F 165 -42.70 41.97 -12.25
C VAL F 165 -41.24 41.99 -12.67
N ALA F 166 -40.90 41.28 -13.75
CA ALA F 166 -39.52 41.06 -14.11
C ALA F 166 -39.24 41.49 -15.54
N ASP F 167 -37.95 41.73 -15.79
CA ASP F 167 -37.46 42.38 -17.00
C ASP F 167 -37.08 41.32 -18.04
N GLY F 168 -37.83 41.29 -19.15
CA GLY F 168 -37.52 40.46 -20.30
C GLY F 168 -36.67 41.14 -21.35
N GLU F 169 -36.28 42.39 -21.10
CA GLU F 169 -35.36 43.19 -21.93
C GLU F 169 -35.88 43.14 -23.36
N ALA F 170 -35.03 42.85 -24.34
CA ALA F 170 -35.46 42.75 -25.73
C ALA F 170 -35.53 41.30 -26.18
N GLY F 171 -35.62 40.36 -25.24
CA GLY F 171 -35.81 38.96 -25.57
C GLY F 171 -34.55 38.17 -25.91
N PHE F 172 -33.38 38.81 -25.93
CA PHE F 172 -32.10 38.13 -26.16
C PHE F 172 -32.04 37.43 -27.52
N GLY F 173 -32.73 37.98 -28.50
CA GLY F 173 -32.62 37.50 -29.86
C GLY F 173 -33.95 37.60 -30.58
N GLY F 174 -34.43 36.48 -31.11
CA GLY F 174 -35.66 36.44 -31.86
C GLY F 174 -36.84 35.96 -31.05
N ALA F 175 -37.93 35.68 -31.77
CA ALA F 175 -39.17 35.27 -31.14
C ALA F 175 -38.98 34.04 -30.26
N LEU F 176 -38.07 33.12 -30.66
CA LEU F 176 -37.85 31.91 -29.90
C LEU F 176 -37.03 32.16 -28.63
N ASN F 177 -36.13 33.13 -28.67
CA ASN F 177 -35.44 33.56 -27.45
C ASN F 177 -36.41 34.22 -26.48
N VAL F 178 -37.35 35.01 -27.00
CA VAL F 178 -38.41 35.60 -26.18
C VAL F 178 -39.21 34.50 -25.51
N TYR F 179 -39.64 33.51 -26.31
CA TYR F 179 -40.49 32.43 -25.81
C TYR F 179 -39.82 31.72 -24.63
N GLU F 180 -38.56 31.34 -24.81
CA GLU F 180 -37.83 30.62 -23.76
C GLU F 180 -37.61 31.47 -22.52
N LEU F 181 -37.34 32.77 -22.69
CA LEU F 181 -37.20 33.63 -21.50
C LEU F 181 -38.51 33.74 -20.72
N GLN F 182 -39.64 33.95 -21.41
CA GLN F 182 -40.93 33.96 -20.72
C GLN F 182 -41.21 32.63 -20.02
N LYS F 183 -40.97 31.53 -20.72
CA LYS F 183 -41.16 30.20 -20.11
C LYS F 183 -40.31 30.06 -18.86
N ALA F 184 -39.04 30.49 -18.91
CA ALA F 184 -38.16 30.37 -17.75
C ALA F 184 -38.60 31.30 -16.63
N LEU F 185 -39.03 32.51 -16.97
CA LEU F 185 -39.57 33.39 -15.94
C LEU F 185 -40.77 32.75 -15.26
N ILE F 186 -41.65 32.12 -16.04
CA ILE F 186 -42.84 31.51 -15.49
C ILE F 186 -42.47 30.33 -14.60
N ALA F 187 -41.52 29.50 -15.04
CA ALA F 187 -41.12 28.37 -14.21
C ALA F 187 -40.57 28.83 -12.86
N ALA F 188 -39.92 29.99 -12.82
CA ALA F 188 -39.37 30.56 -11.60
C ALA F 188 -40.41 31.22 -10.71
N GLY F 189 -41.63 31.41 -11.20
CA GLY F 189 -42.70 32.02 -10.43
C GLY F 189 -42.98 33.48 -10.68
N VAL F 190 -42.72 33.99 -11.88
CA VAL F 190 -42.92 35.41 -12.14
C VAL F 190 -44.42 35.70 -12.25
N ALA F 191 -44.82 36.93 -11.92
CA ALA F 191 -46.20 37.34 -12.07
C ALA F 191 -46.44 38.17 -13.32
N GLY F 192 -45.42 38.92 -13.74
CA GLY F 192 -45.51 39.73 -14.93
C GLY F 192 -44.13 39.95 -15.52
N SER F 193 -44.09 40.28 -16.81
CA SER F 193 -42.83 40.46 -17.52
C SER F 193 -43.01 41.57 -18.55
N HIS F 194 -41.96 42.36 -18.75
CA HIS F 194 -42.02 43.49 -19.68
C HIS F 194 -41.00 43.31 -20.80
N TRP F 195 -41.37 43.83 -21.98
CA TRP F 195 -40.67 43.56 -23.23
C TRP F 195 -40.56 44.85 -24.02
N GLU F 196 -39.37 45.18 -24.50
CA GLU F 196 -39.10 46.48 -25.11
C GLU F 196 -38.80 46.33 -26.60
N ASP F 197 -39.18 47.36 -27.37
CA ASP F 197 -39.06 47.34 -28.83
C ASP F 197 -37.68 47.76 -29.32
N GLN F 198 -36.63 47.21 -28.72
CA GLN F 198 -35.26 47.47 -29.14
C GLN F 198 -34.68 46.24 -29.83
N LEU F 199 -33.67 46.48 -30.67
CA LEU F 199 -32.83 45.42 -31.22
C LEU F 199 -31.99 44.79 -30.11
N ALA F 200 -32.11 43.47 -29.90
CA ALA F 200 -31.46 42.87 -28.74
C ALA F 200 -29.94 43.02 -28.80
N SER F 201 -29.37 42.89 -30.00
CA SER F 201 -27.91 42.96 -30.09
C SER F 201 -27.37 44.37 -29.79
N GLU F 202 -28.23 45.39 -29.72
CA GLU F 202 -27.81 46.73 -29.37
C GLU F 202 -28.60 47.28 -28.20
N LYS F 203 -29.14 46.38 -27.35
CA LYS F 203 -30.03 46.77 -26.26
C LYS F 203 -29.37 47.80 -25.36
N LYS F 204 -30.15 48.78 -24.92
CA LYS F 204 -29.66 49.73 -23.94
C LYS F 204 -30.69 49.95 -22.84
N EJA F 205 -30.21 50.41 -21.70
CA EJA F 205 -31.10 51.02 -20.70
CB EJA F 205 -30.30 51.48 -19.47
SG EJA F 205 -31.29 52.58 -18.32
CD EJA F 205 -32.59 51.61 -17.34
CE EJA F 205 -32.56 51.80 -15.90
CZ EJA F 205 -33.19 53.15 -15.62
OT1 EJA F 205 -32.68 54.18 -16.22
OT2 EJA F 205 -34.20 53.28 -14.85
NE EJA F 205 -33.56 50.87 -17.82
OZ EJA F 205 -33.67 50.70 -19.16
C EJA F 205 -31.83 52.21 -21.45
O EJA F 205 -31.23 52.90 -22.28
H EJA F 205 -29.36 50.39 -21.44
HA EJA F 205 -31.77 50.37 -20.44
HB2 EJA F 205 -29.53 52.01 -19.72
HB3 EJA F 205 -29.97 50.72 -18.95
HE2 EJA F 205 -31.69 51.80 -15.49
HE1 EJA F 205 -33.07 51.15 -15.40
HOZ EJA F 205 -33.73 49.86 -19.24
N GLY F 206 -33.10 52.41 -21.13
CA GLY F 206 -33.87 53.48 -21.73
C GLY F 206 -33.23 54.84 -21.59
N HIS F 207 -32.38 55.02 -20.57
CA HIS F 207 -31.76 56.30 -20.30
C HIS F 207 -30.29 56.34 -20.64
N LEU F 208 -29.80 55.32 -21.36
CA LEU F 208 -28.53 55.39 -22.07
C LEU F 208 -28.79 55.79 -23.51
N GLY F 209 -27.75 56.26 -24.19
CA GLY F 209 -27.84 56.58 -25.60
C GLY F 209 -27.63 55.36 -26.49
N GLY F 210 -27.63 55.61 -27.80
CA GLY F 210 -27.29 54.54 -28.73
C GLY F 210 -28.33 53.45 -28.87
N LYS F 211 -29.60 53.78 -28.71
CA LYS F 211 -30.67 52.79 -28.80
C LYS F 211 -31.13 52.60 -30.23
N VAL F 212 -31.49 51.37 -30.57
CA VAL F 212 -31.94 51.00 -31.91
C VAL F 212 -33.29 50.31 -31.81
N LEU F 213 -34.31 50.89 -32.44
CA LEU F 213 -35.64 50.29 -32.45
C LEU F 213 -35.73 49.16 -33.48
N ILE F 214 -36.68 48.24 -33.24
CA ILE F 214 -37.08 47.24 -34.22
C ILE F 214 -38.43 47.68 -34.79
N PRO F 215 -38.87 47.10 -35.91
CA PRO F 215 -40.16 47.52 -36.48
C PRO F 215 -41.32 47.23 -35.55
N THR F 216 -42.36 48.06 -35.65
CA THR F 216 -43.55 47.89 -34.82
C THR F 216 -44.04 46.44 -34.85
N GLN F 217 -44.12 45.84 -36.04
CA GLN F 217 -44.63 44.49 -36.12
C GLN F 217 -43.71 43.49 -35.44
N GLN F 218 -42.41 43.74 -35.46
CA GLN F 218 -41.51 42.81 -34.80
C GLN F 218 -41.77 42.81 -33.30
N HIS F 219 -42.15 43.96 -32.72
CA HIS F 219 -42.45 43.92 -31.30
C HIS F 219 -43.82 43.33 -31.02
N ILE F 220 -44.79 43.53 -31.91
CA ILE F 220 -46.04 42.78 -31.81
C ILE F 220 -45.74 41.28 -31.78
N ARG F 221 -44.80 40.84 -32.63
CA ARG F 221 -44.37 39.43 -32.61
C ARG F 221 -43.79 39.06 -31.26
N THR F 222 -42.93 39.93 -30.69
CA THR F 222 -42.39 39.66 -29.37
C THR F 222 -43.51 39.48 -28.36
N LEU F 223 -44.48 40.40 -28.34
CA LEU F 223 -45.54 40.32 -27.35
C LEU F 223 -46.41 39.09 -27.57
N THR F 224 -46.61 38.69 -28.84
CA THR F 224 -47.37 37.49 -29.14
C THR F 224 -46.67 36.26 -28.60
N SER F 225 -45.35 36.20 -28.76
CA SER F 225 -44.54 35.09 -28.28
C SER F 225 -44.57 35.00 -26.75
N ALA F 226 -44.46 36.14 -26.07
CA ALA F 226 -44.57 36.15 -24.62
C ALA F 226 -45.93 35.63 -24.17
N ARG F 227 -47.00 36.06 -24.84
CA ARG F 227 -48.32 35.55 -24.48
C ARG F 227 -48.41 34.06 -24.76
N LEU F 228 -47.92 33.62 -25.93
CA LEU F 228 -48.01 32.22 -26.29
C LEU F 228 -47.32 31.33 -25.24
N ALA F 229 -46.12 31.72 -24.81
CA ALA F 229 -45.40 30.94 -23.80
C ALA F 229 -46.18 30.90 -22.50
N ALA F 230 -46.85 32.01 -22.15
CA ALA F 230 -47.72 31.99 -20.98
C ALA F 230 -48.89 31.02 -21.17
N ASP F 231 -49.52 31.05 -22.36
CA ASP F 231 -50.66 30.18 -22.60
C ASP F 231 -50.24 28.71 -22.59
N VAL F 232 -49.09 28.40 -23.20
CA VAL F 232 -48.62 27.02 -23.21
C VAL F 232 -48.33 26.54 -21.79
N ALA F 233 -47.76 27.42 -20.97
CA ALA F 233 -47.54 27.16 -19.54
C ALA F 233 -48.82 27.28 -18.71
N ASP F 234 -49.92 27.75 -19.32
CA ASP F 234 -51.24 27.74 -18.71
C ASP F 234 -51.30 28.64 -17.45
N VAL F 235 -50.73 29.84 -17.57
CA VAL F 235 -50.78 30.85 -16.51
C VAL F 235 -51.10 32.23 -17.09
N PRO F 236 -51.89 33.06 -16.36
CA PRO F 236 -52.32 34.37 -16.85
C PRO F 236 -51.31 35.49 -16.65
N THR F 237 -50.05 35.23 -17.02
CA THR F 237 -48.97 36.18 -16.81
C THR F 237 -49.32 37.57 -17.32
N VAL F 238 -49.01 38.60 -16.53
CA VAL F 238 -49.20 39.97 -16.98
C VAL F 238 -48.08 40.36 -17.95
N VAL F 239 -48.46 40.82 -19.13
CA VAL F 239 -47.51 41.12 -20.21
C VAL F 239 -47.48 42.63 -20.41
N ILE F 240 -46.29 43.21 -20.27
CA ILE F 240 -46.09 44.66 -20.31
C ILE F 240 -45.27 44.99 -21.54
N ALA F 241 -45.74 45.96 -22.32
CA ALA F 241 -45.03 46.42 -23.51
C ALA F 241 -44.37 47.76 -23.20
N ARG F 242 -43.06 47.84 -23.47
CA ARG F 242 -42.28 49.06 -23.31
C ARG F 242 -41.82 49.56 -24.68
N THR F 243 -41.94 50.88 -24.90
CA THR F 243 -41.39 51.50 -26.10
C THR F 243 -40.29 52.48 -25.74
N ASP F 244 -39.23 52.45 -26.54
CA ASP F 244 -38.05 53.29 -26.39
C ASP F 244 -37.97 54.37 -27.44
N ALA F 245 -39.08 54.71 -28.08
CA ALA F 245 -39.07 55.61 -29.21
C ALA F 245 -38.97 57.08 -28.82
N GLU F 246 -39.00 57.42 -27.54
CA GLU F 246 -38.92 58.83 -27.16
C GLU F 246 -37.53 59.40 -27.44
N ALA F 247 -36.48 58.59 -27.23
CA ALA F 247 -35.11 59.04 -27.41
C ALA F 247 -34.37 58.32 -28.54
N ALA F 248 -34.83 57.14 -28.95
CA ALA F 248 -34.11 56.37 -29.96
C ALA F 248 -34.15 57.07 -31.31
N THR F 249 -32.99 57.22 -31.95
CA THR F 249 -32.89 57.87 -33.25
C THR F 249 -32.57 56.90 -34.39
N LEU F 250 -32.57 55.60 -34.13
CA LEU F 250 -32.26 54.59 -35.13
C LEU F 250 -33.28 53.46 -35.09
N ILE F 251 -33.49 52.85 -36.25
CA ILE F 251 -34.34 51.67 -36.38
C ILE F 251 -33.70 50.72 -37.38
N THR F 252 -33.97 49.42 -37.22
CA THR F 252 -33.28 48.42 -38.03
C THR F 252 -33.73 48.44 -39.48
N SER F 253 -34.98 48.84 -39.73
CA SER F 253 -35.59 48.65 -41.03
C SER F 253 -36.78 49.58 -41.18
N ASP F 254 -37.08 49.95 -42.42
CA ASP F 254 -38.22 50.80 -42.76
C ASP F 254 -39.39 50.00 -43.33
N VAL F 255 -39.39 48.68 -43.14
CA VAL F 255 -40.37 47.82 -43.79
C VAL F 255 -41.79 48.07 -43.27
N ASP F 256 -41.95 48.46 -42.01
CA ASP F 256 -43.28 48.61 -41.44
C ASP F 256 -43.83 49.98 -41.79
N GLU F 257 -44.99 50.02 -42.44
CA GLU F 257 -45.55 51.29 -42.89
C GLU F 257 -45.94 52.19 -41.72
N ARG F 258 -46.11 51.63 -40.52
CA ARG F 258 -46.39 52.44 -39.34
C ARG F 258 -45.16 53.21 -38.89
N ASP F 259 -43.97 52.69 -39.15
CA ASP F 259 -42.73 53.37 -38.80
C ASP F 259 -42.26 54.34 -39.87
N GLN F 260 -42.74 54.21 -41.10
CA GLN F 260 -42.23 55.02 -42.20
C GLN F 260 -42.42 56.52 -42.02
N PRO F 261 -43.49 57.03 -41.39
CA PRO F 261 -43.66 58.49 -41.32
C PRO F 261 -42.56 59.19 -40.55
N PHE F 262 -41.79 58.45 -39.75
CA PHE F 262 -40.73 59.01 -38.94
C PHE F 262 -39.36 58.74 -39.52
N ILE F 263 -39.30 57.97 -40.60
CA ILE F 263 -38.05 57.61 -41.26
C ILE F 263 -37.85 58.58 -42.41
N THR F 264 -36.62 59.06 -42.57
CA THR F 264 -36.29 59.86 -43.75
C THR F 264 -35.87 58.96 -44.91
N GLY F 265 -34.92 58.06 -44.66
CA GLY F 265 -34.33 57.18 -45.66
C GLY F 265 -32.84 57.08 -45.45
N GLU F 266 -32.25 58.16 -44.92
CA GLU F 266 -30.83 58.18 -44.56
C GLU F 266 -30.49 57.02 -43.61
N ARG F 267 -29.29 56.45 -43.81
CA ARG F 267 -28.84 55.30 -43.03
C ARG F 267 -27.43 55.54 -42.51
N THR F 268 -27.13 54.90 -41.38
CA THR F 268 -25.80 54.93 -40.81
C THR F 268 -24.93 53.89 -41.50
N ARG F 269 -23.63 53.94 -41.21
CA ARG F 269 -22.69 53.00 -41.79
C ARG F 269 -23.11 51.55 -41.54
N GLU F 270 -23.66 51.28 -40.35
CA GLU F 270 -24.12 49.95 -39.98
C GLU F 270 -25.29 49.47 -40.82
N GLY F 271 -26.02 50.38 -41.46
CA GLY F 271 -27.24 50.03 -42.13
C GLY F 271 -28.50 50.37 -41.37
N PHE F 272 -28.38 50.96 -40.18
CA PHE F 272 -29.55 51.41 -39.44
C PHE F 272 -30.16 52.64 -40.11
N TYR F 273 -31.48 52.70 -40.08
CA TYR F 273 -32.22 53.87 -40.57
C TYR F 273 -32.36 54.90 -39.46
N ARG F 274 -32.18 56.16 -39.82
CA ARG F 274 -32.49 57.26 -38.93
C ARG F 274 -34.00 57.41 -38.76
N THR F 275 -34.44 57.79 -37.58
CA THR F 275 -35.87 57.96 -37.32
C THR F 275 -36.07 59.11 -36.34
N LYS F 276 -37.17 59.86 -36.55
CA LYS F 276 -37.48 61.02 -35.73
C LYS F 276 -38.07 60.56 -34.40
N ASN F 277 -37.43 60.94 -33.31
CA ASN F 277 -37.83 60.44 -31.99
C ASN F 277 -38.77 61.44 -31.32
N GLY F 278 -39.44 60.98 -30.28
CA GLY F 278 -40.27 61.84 -29.48
C GLY F 278 -41.53 61.14 -29.02
N ILE F 279 -42.46 61.93 -28.51
CA ILE F 279 -43.68 61.34 -27.95
C ILE F 279 -44.58 60.83 -29.07
N GLU F 280 -44.53 61.44 -30.25
CA GLU F 280 -45.42 61.01 -31.33
C GLU F 280 -45.18 59.57 -31.74
N PRO F 281 -43.96 59.12 -32.04
CA PRO F 281 -43.74 57.68 -32.28
C PRO F 281 -44.14 56.82 -31.09
N CYS F 282 -43.93 57.29 -29.87
CA CYS F 282 -44.28 56.49 -28.70
C CYS F 282 -45.76 56.22 -28.66
N ILE F 283 -46.57 57.24 -28.94
CA ILE F 283 -48.01 57.10 -28.94
C ILE F 283 -48.46 56.13 -30.03
N ALA F 284 -47.94 56.32 -31.25
CA ALA F 284 -48.34 55.41 -32.33
C ALA F 284 -47.98 53.96 -31.97
N ARG F 285 -46.78 53.72 -31.44
CA ARG F 285 -46.41 52.36 -31.10
C ARG F 285 -47.27 51.82 -29.95
N ALA F 286 -47.51 52.64 -28.93
CA ALA F 286 -48.36 52.19 -27.82
C ALA F 286 -49.73 51.77 -28.32
N LYS F 287 -50.32 52.54 -29.24
CA LYS F 287 -51.60 52.17 -29.81
C LYS F 287 -51.49 50.82 -30.53
N ALA F 288 -50.40 50.60 -31.28
CA ALA F 288 -50.23 49.34 -31.99
C ALA F 288 -50.01 48.17 -31.05
N TYR F 289 -49.44 48.43 -29.89
CA TYR F 289 -49.15 47.35 -28.93
C TYR F 289 -50.30 47.04 -28.00
N ALA F 290 -51.26 47.97 -27.85
CA ALA F 290 -52.31 47.84 -26.83
C ALA F 290 -53.07 46.53 -26.91
N PRO F 291 -53.52 46.06 -28.07
CA PRO F 291 -54.26 44.78 -28.10
C PRO F 291 -53.44 43.61 -27.59
N PHE F 292 -52.13 43.77 -27.45
CA PHE F 292 -51.22 42.70 -27.08
C PHE F 292 -50.52 42.95 -25.75
N ALA F 293 -50.97 43.94 -24.97
CA ALA F 293 -50.25 44.36 -23.78
C ALA F 293 -51.19 44.65 -22.62
N ASP F 294 -50.94 44.01 -21.47
CA ASP F 294 -51.75 44.27 -20.29
C ASP F 294 -51.44 45.64 -19.70
N LEU F 295 -50.17 46.09 -19.82
CA LEU F 295 -49.78 47.44 -19.44
C LEU F 295 -48.85 47.97 -20.52
N ILE F 296 -48.85 49.30 -20.67
CA ILE F 296 -48.04 49.98 -21.68
C ILE F 296 -47.21 51.06 -21.01
N TRP F 297 -45.98 51.21 -21.48
CA TRP F 297 -44.96 52.00 -20.80
C TRP F 297 -44.08 52.65 -21.85
N MET F 298 -43.88 53.97 -21.79
CA MET F 298 -42.91 54.64 -22.64
C MET F 298 -41.79 55.22 -21.78
N GLU F 299 -40.56 54.89 -22.13
CA GLU F 299 -39.44 55.52 -21.46
C GLU F 299 -39.42 56.99 -21.82
N THR F 300 -39.02 57.83 -20.86
CA THR F 300 -38.96 59.26 -21.08
C THR F 300 -37.66 59.79 -20.46
N GLY F 301 -37.31 61.02 -20.85
CA GLY F 301 -36.02 61.59 -20.48
C GLY F 301 -35.99 62.37 -19.18
N THR F 302 -37.16 62.74 -18.67
CA THR F 302 -37.29 63.51 -17.45
C THR F 302 -38.55 63.08 -16.72
N PRO F 303 -38.63 63.34 -15.43
CA PRO F 303 -39.87 63.07 -14.70
C PRO F 303 -40.82 64.25 -14.85
N ASP F 304 -41.76 64.14 -15.79
CA ASP F 304 -42.60 65.26 -16.19
C ASP F 304 -44.06 64.82 -16.17
N LEU F 305 -44.85 65.36 -15.25
CA LEU F 305 -46.24 64.96 -15.16
C LEU F 305 -47.02 65.35 -16.40
N GLU F 306 -46.69 66.49 -17.00
CA GLU F 306 -47.43 66.92 -18.18
C GLU F 306 -47.17 66.02 -19.37
N ALA F 307 -45.91 65.62 -19.59
CA ALA F 307 -45.61 64.66 -20.65
C ALA F 307 -46.32 63.34 -20.42
N ALA F 308 -46.35 62.87 -19.18
CA ALA F 308 -47.05 61.63 -18.90
C ALA F 308 -48.53 61.74 -19.26
N ARG F 309 -49.15 62.88 -18.91
CA ARG F 309 -50.58 63.07 -19.19
C ARG F 309 -50.83 63.07 -20.69
N GLN F 310 -49.93 63.69 -21.45
CA GLN F 310 -50.07 63.72 -22.89
C GLN F 310 -50.07 62.31 -23.47
N PHE F 311 -49.19 61.46 -22.95
CA PHE F 311 -49.14 60.07 -23.40
C PHE F 311 -50.38 59.31 -22.97
N SER F 312 -50.74 59.44 -21.71
CA SER F 312 -51.89 58.74 -21.16
C SER F 312 -53.16 59.09 -21.94
N GLU F 313 -53.42 60.38 -22.12
CA GLU F 313 -54.66 60.80 -22.76
C GLU F 313 -54.72 60.36 -24.22
N ALA F 314 -53.59 60.33 -24.91
CA ALA F 314 -53.59 59.91 -26.32
C ALA F 314 -53.87 58.41 -26.46
N VAL F 315 -53.30 57.60 -25.58
CA VAL F 315 -53.57 56.16 -25.65
C VAL F 315 -55.01 55.87 -25.24
N LYS F 316 -55.44 56.43 -24.10
CA LYS F 316 -56.78 56.17 -23.61
C LYS F 316 -57.86 56.76 -24.53
N ALA F 317 -57.51 57.71 -25.39
CA ALA F 317 -58.48 58.19 -26.36
C ALA F 317 -58.98 57.07 -27.24
N GLU F 318 -58.14 56.07 -27.50
CA GLU F 318 -58.52 54.92 -28.31
C GLU F 318 -58.67 53.64 -27.50
N TYR F 319 -57.96 53.49 -26.39
CA TYR F 319 -58.05 52.31 -25.54
C TYR F 319 -58.35 52.78 -24.13
N PRO F 320 -59.61 53.14 -23.85
CA PRO F 320 -59.93 53.82 -22.58
C PRO F 320 -59.57 53.02 -21.35
N ASP F 321 -59.57 51.70 -21.42
CA ASP F 321 -59.28 50.87 -20.26
C ASP F 321 -57.84 50.41 -20.19
N GLN F 322 -56.98 50.86 -21.10
CA GLN F 322 -55.59 50.43 -21.11
C GLN F 322 -54.87 50.96 -19.88
N MET F 323 -54.29 50.05 -19.10
CA MET F 323 -53.48 50.46 -17.96
C MET F 323 -52.06 50.79 -18.43
N LEU F 324 -51.39 51.64 -17.67
CA LEU F 324 -50.09 52.15 -18.05
C LEU F 324 -49.12 51.93 -16.90
N ALA F 325 -47.83 51.93 -17.23
CA ALA F 325 -46.77 51.78 -16.25
C ALA F 325 -45.77 52.93 -16.39
N TYR F 326 -45.17 53.34 -15.28
CA TYR F 326 -44.25 54.46 -15.28
C TYR F 326 -42.98 54.11 -14.50
N ASN F 327 -41.84 54.36 -15.14
CA ASN F 327 -40.53 54.13 -14.56
C ASN F 327 -40.11 55.37 -13.78
N CYS F 328 -40.16 55.29 -12.45
CA CYS F 328 -39.67 56.38 -11.59
C CYS F 328 -38.17 56.17 -11.40
N SER F 329 -37.40 56.63 -12.39
CA SER F 329 -36.02 56.15 -12.59
C SER F 329 -35.02 56.92 -11.75
N PRO F 330 -34.12 56.24 -11.05
CA PRO F 330 -32.94 56.91 -10.47
C PRO F 330 -32.01 57.52 -11.51
N SER F 331 -32.25 57.27 -12.80
CA SER F 331 -31.48 57.92 -13.86
C SER F 331 -31.86 59.38 -14.05
N PHE F 332 -32.95 59.84 -13.42
CA PHE F 332 -33.30 61.24 -13.35
C PHE F 332 -32.63 61.87 -12.13
N ASN F 333 -32.16 63.10 -12.30
CA ASN F 333 -31.77 63.94 -11.16
C ASN F 333 -33.04 64.63 -10.65
N TRP F 334 -33.68 64.05 -9.65
CA TRP F 334 -35.06 64.43 -9.34
C TRP F 334 -35.18 65.88 -8.88
N LYS F 335 -34.33 66.30 -7.96
CA LYS F 335 -34.44 67.67 -7.45
C LYS F 335 -33.87 68.68 -8.43
N LYS F 336 -33.18 68.23 -9.47
CA LYS F 336 -32.83 69.17 -10.54
C LYS F 336 -34.04 69.55 -11.36
N HIS F 337 -35.07 68.70 -11.39
CA HIS F 337 -36.23 68.90 -12.25
C HIS F 337 -37.49 69.31 -11.51
N LEU F 338 -37.69 68.82 -10.28
CA LEU F 338 -38.95 69.00 -9.57
C LEU F 338 -38.70 69.58 -8.19
N ASP F 339 -39.65 70.42 -7.74
CA ASP F 339 -39.68 70.87 -6.36
C ASP F 339 -40.31 69.79 -5.48
N ASP F 340 -40.12 69.93 -4.17
CA ASP F 340 -40.49 68.85 -3.25
C ASP F 340 -41.99 68.59 -3.28
N ALA F 341 -42.79 69.66 -3.40
CA ALA F 341 -44.24 69.48 -3.51
C ALA F 341 -44.59 68.58 -4.67
N THR F 342 -44.02 68.83 -5.84
CA THR F 342 -44.29 67.99 -7.00
C THR F 342 -43.79 66.57 -6.76
N ILE F 343 -42.59 66.42 -6.23
CA ILE F 343 -42.07 65.09 -5.92
C ILE F 343 -43.05 64.33 -5.03
N ALA F 344 -43.53 64.98 -3.98
CA ALA F 344 -44.41 64.31 -3.03
C ALA F 344 -45.69 63.81 -3.67
N LYS F 345 -46.26 64.56 -4.63
CA LYS F 345 -47.52 64.19 -5.26
C LYS F 345 -47.34 63.34 -6.52
N PHE F 346 -46.10 63.09 -6.92
CA PHE F 346 -45.79 62.60 -8.27
C PHE F 346 -46.52 61.28 -8.58
N GLN F 347 -46.30 60.26 -7.76
CA GLN F 347 -46.92 58.96 -8.03
C GLN F 347 -48.45 59.05 -7.95
N LYS F 348 -48.97 59.82 -6.99
CA LYS F 348 -50.42 59.94 -6.84
C LYS F 348 -51.06 60.54 -8.09
N GLU F 349 -50.45 61.59 -8.65
CA GLU F 349 -50.98 62.23 -9.85
C GLU F 349 -50.89 61.31 -11.06
N LEU F 350 -49.82 60.54 -11.17
CA LEU F 350 -49.72 59.57 -12.26
C LEU F 350 -50.79 58.49 -12.13
N ALA F 351 -51.05 58.03 -10.91
CA ALA F 351 -52.09 57.02 -10.72
C ALA F 351 -53.43 57.48 -11.29
N ALA F 352 -53.79 58.74 -11.07
CA ALA F 352 -55.05 59.25 -11.58
C ALA F 352 -55.05 59.36 -13.10
N MET F 353 -53.88 59.30 -13.73
CA MET F 353 -53.80 59.30 -15.18
C MET F 353 -53.91 57.90 -15.78
N GLY F 354 -53.86 56.87 -14.95
CA GLY F 354 -53.92 55.49 -15.42
C GLY F 354 -52.62 54.74 -15.28
N PHE F 355 -51.57 55.36 -14.76
CA PHE F 355 -50.30 54.67 -14.49
C PHE F 355 -50.48 53.87 -13.20
N LYS F 356 -50.86 52.61 -13.35
CA LYS F 356 -51.21 51.78 -12.22
C LYS F 356 -50.08 50.91 -11.72
N PHE F 357 -48.98 50.81 -12.46
CA PHE F 357 -47.76 50.19 -11.96
C PHE F 357 -46.63 51.19 -12.08
N GLN F 358 -46.04 51.56 -10.94
CA GLN F 358 -44.96 52.52 -10.89
C GLN F 358 -43.83 51.91 -10.08
N PHE F 359 -42.59 52.15 -10.49
CA PHE F 359 -41.50 51.38 -9.94
C PHE F 359 -40.20 52.16 -10.01
N ILE F 360 -39.43 52.10 -8.92
CA ILE F 360 -38.11 52.72 -8.85
C ILE F 360 -37.11 51.62 -9.20
N THR F 361 -36.67 51.64 -10.46
CA THR F 361 -35.93 50.53 -11.07
C THR F 361 -34.64 50.20 -10.33
N LEU F 362 -33.78 51.20 -10.08
CA LEU F 362 -32.46 50.96 -9.51
C LEU F 362 -32.39 51.22 -8.00
N ALA F 363 -33.53 51.16 -7.32
CA ALA F 363 -33.53 51.42 -5.87
C ALA F 363 -32.59 50.48 -5.13
N GLY F 364 -32.54 49.21 -5.53
CA GLY F 364 -31.69 48.27 -4.84
C GLY F 364 -30.22 48.57 -5.01
N PHE F 365 -29.81 48.87 -6.24
CA PHE F 365 -28.42 49.21 -6.49
C PHE F 365 -27.99 50.41 -5.66
N HIS F 366 -28.85 51.41 -5.58
CA HIS F 366 -28.42 52.61 -4.86
C HIS F 366 -28.46 52.42 -3.35
N ALA F 367 -29.47 51.72 -2.83
CA ALA F 367 -29.48 51.42 -1.40
C ALA F 367 -28.30 50.55 -1.00
N LEU F 368 -27.97 49.55 -1.83
CA LEU F 368 -26.85 48.66 -1.54
C LEU F 368 -25.51 49.40 -1.60
N ASN F 369 -25.25 50.12 -2.69
CA ASN F 369 -23.96 50.78 -2.81
C ASN F 369 -23.80 51.92 -1.80
N TYR F 370 -24.84 52.70 -1.56
CA TYR F 370 -24.71 53.83 -0.64
C TYR F 370 -24.54 53.35 0.79
N SER F 371 -25.32 52.35 1.21
CA SER F 371 -25.25 51.91 2.60
C SER F 371 -23.91 51.28 2.91
N MET F 372 -23.34 50.52 1.97
CA MET F 372 -22.03 49.93 2.22
C MET F 372 -20.92 50.97 2.16
N PHE F 373 -21.02 51.94 1.24
CA PHE F 373 -20.02 53.00 1.22
C PHE F 373 -20.03 53.75 2.54
N ASP F 374 -21.22 54.18 2.97
CA ASP F 374 -21.35 54.94 4.22
C ASP F 374 -20.79 54.16 5.39
N LEU F 375 -21.14 52.89 5.53
CA LEU F 375 -20.63 52.09 6.63
C LEU F 375 -19.11 51.91 6.52
N ALA F 376 -18.63 51.60 5.33
CA ALA F 376 -17.21 51.35 5.13
C ALA F 376 -16.38 52.61 5.34
N TYR F 377 -16.91 53.76 4.95
CA TYR F 377 -16.17 55.01 5.18
C TYR F 377 -15.99 55.27 6.68
N GLY F 378 -17.05 55.11 7.46
CA GLY F 378 -16.94 55.35 8.90
C GLY F 378 -16.06 54.33 9.58
N TYR F 379 -16.19 53.07 9.17
CA TYR F 379 -15.35 51.99 9.70
C TYR F 379 -13.87 52.26 9.44
N ALA F 380 -13.54 52.78 8.25
CA ALA F 380 -12.14 53.08 7.95
C ALA F 380 -11.57 54.13 8.90
N GLN F 381 -12.41 55.06 9.38
CA GLN F 381 -11.99 56.12 10.29
C GLN F 381 -12.15 55.74 11.76
N ASN F 382 -13.28 55.13 12.14
CA ASN F 382 -13.67 54.97 13.54
C ASN F 382 -13.89 53.51 13.95
N GLN F 383 -13.62 52.55 13.04
CA GLN F 383 -13.76 51.13 13.32
C GLN F 383 -15.10 50.80 13.96
N MET F 384 -15.14 50.17 15.15
CA MET F 384 -16.40 49.58 15.60
C MET F 384 -17.48 50.63 15.84
N SER F 385 -17.10 51.87 16.16
CA SER F 385 -18.10 52.91 16.44
C SER F 385 -19.08 53.05 15.27
N ALA F 386 -18.56 52.98 14.04
CA ALA F 386 -19.39 53.14 12.85
C ALA F 386 -20.37 51.98 12.69
N TYR F 387 -19.96 50.76 13.02
CA TYR F 387 -20.90 49.65 12.94
C TYR F 387 -21.95 49.74 14.03
N VAL F 388 -21.54 50.08 15.24
CA VAL F 388 -22.53 50.20 16.31
C VAL F 388 -23.61 51.23 15.98
N GLU F 389 -23.25 52.32 15.28
CA GLU F 389 -24.29 53.26 14.84
C GLU F 389 -25.35 52.56 13.99
N LEU F 390 -24.94 51.63 13.11
CA LEU F 390 -25.90 50.92 12.28
C LEU F 390 -26.73 49.96 13.12
N GLN F 391 -26.06 49.18 13.98
CA GLN F 391 -26.81 48.27 14.84
C GLN F 391 -27.83 49.02 15.69
N GLU F 392 -27.46 50.19 16.19
CA GLU F 392 -28.42 50.94 16.99
C GLU F 392 -29.58 51.45 16.15
N ARG F 393 -29.31 51.85 14.90
CA ARG F 393 -30.42 52.22 14.02
C ARG F 393 -31.34 51.03 13.77
N GLU F 394 -30.77 49.85 13.61
CA GLU F 394 -31.57 48.64 13.43
C GLU F 394 -32.50 48.44 14.62
N PHE F 395 -31.97 48.55 15.84
CA PHE F 395 -32.78 48.41 17.04
C PHE F 395 -33.92 49.43 17.05
N ALA F 396 -33.61 50.69 16.72
CA ALA F 396 -34.63 51.71 16.71
C ALA F 396 -35.70 51.44 15.65
N ALA F 397 -35.34 50.78 14.56
CA ALA F 397 -36.32 50.47 13.54
C ALA F 397 -37.24 49.29 13.92
N GLU F 398 -36.96 48.60 15.02
CA GLU F 398 -37.84 47.50 15.42
C GLU F 398 -39.23 48.02 15.75
N GLU F 399 -39.31 49.27 16.20
CA GLU F 399 -40.62 49.85 16.46
C GLU F 399 -41.41 50.08 15.18
N ARG F 400 -40.75 50.20 14.03
CA ARG F 400 -41.42 50.29 12.74
C ARG F 400 -41.69 48.92 12.10
N GLY F 401 -41.31 47.82 12.75
CA GLY F 401 -41.54 46.49 12.22
C GLY F 401 -40.30 45.80 11.66
N TYR F 402 -39.12 46.42 11.74
CA TYR F 402 -37.89 45.76 11.30
C TYR F 402 -37.58 44.57 12.19
N THR F 403 -37.22 43.44 11.57
CA THR F 403 -36.95 42.22 12.32
C THR F 403 -35.53 41.70 12.15
N ALA F 404 -34.77 42.22 11.18
CA ALA F 404 -33.53 41.59 10.78
C ALA F 404 -32.38 41.85 11.72
N THR F 405 -32.55 42.72 12.73
CA THR F 405 -31.51 42.86 13.75
C THR F 405 -31.16 41.50 14.35
N LYS F 406 -32.18 40.68 14.59
CA LYS F 406 -32.00 39.30 15.00
C LYS F 406 -31.80 38.47 13.74
N HIS F 407 -30.54 38.42 13.30
CA HIS F 407 -30.29 37.87 11.97
C HIS F 407 -30.46 36.35 11.94
N GLN F 408 -30.28 35.66 13.07
CA GLN F 408 -30.37 34.20 13.04
C GLN F 408 -31.79 33.75 12.70
N ARG F 409 -32.79 34.22 13.46
CA ARG F 409 -34.16 33.85 13.13
C ARG F 409 -34.59 34.37 11.76
N GLU F 410 -34.04 35.52 11.35
CA GLU F 410 -34.43 36.14 10.09
C GLU F 410 -34.13 35.25 8.89
N VAL F 411 -33.05 34.48 8.92
CA VAL F 411 -32.70 33.59 7.81
C VAL F 411 -33.13 32.15 8.10
N GLY F 412 -33.87 31.92 9.16
CA GLY F 412 -34.57 30.66 9.36
C GLY F 412 -33.95 29.72 10.35
N ALA F 413 -33.12 30.20 11.26
CA ALA F 413 -32.57 29.31 12.27
C ALA F 413 -33.67 28.65 13.09
N GLY F 414 -34.76 29.40 13.37
CA GLY F 414 -35.87 28.81 14.12
C GLY F 414 -36.70 27.85 13.28
N TYR F 415 -36.84 28.15 11.99
CA TYR F 415 -37.57 27.24 11.11
C TYR F 415 -36.86 25.90 11.00
N PHE F 416 -35.53 25.94 10.78
CA PHE F 416 -34.77 24.70 10.66
C PHE F 416 -34.63 23.98 12.00
N ASP F 417 -34.64 24.73 13.12
CA ASP F 417 -34.77 24.08 14.42
C ASP F 417 -36.06 23.26 14.47
N ARG F 418 -37.16 23.83 13.94
CA ARG F 418 -38.43 23.12 13.95
C ARG F 418 -38.37 21.85 13.11
N ILE F 419 -37.75 21.90 11.91
CA ILE F 419 -37.53 20.68 11.13
C ILE F 419 -36.70 19.69 11.93
N ALA F 420 -35.57 20.15 12.47
CA ALA F 420 -34.71 19.28 13.27
C ALA F 420 -35.49 18.58 14.38
N THR F 421 -36.32 19.33 15.12
CA THR F 421 -37.02 18.68 16.26
C THR F 421 -38.24 17.88 15.81
N THR F 422 -38.80 18.18 14.63
CA THR F 422 -39.82 17.32 14.06
C THR F 422 -39.22 15.96 13.70
N VAL F 423 -38.00 15.96 13.18
CA VAL F 423 -37.31 14.72 12.80
C VAL F 423 -36.82 13.98 14.03
N ASP F 424 -36.22 14.69 14.99
CA ASP F 424 -35.63 14.09 16.19
C ASP F 424 -35.85 15.05 17.35
N PRO F 425 -36.95 14.88 18.11
CA PRO F 425 -37.20 15.81 19.21
C PRO F 425 -36.12 15.84 20.28
N ASN F 426 -35.24 14.84 20.33
CA ASN F 426 -34.19 14.78 21.34
C ASN F 426 -32.85 15.30 20.82
N SER F 427 -32.84 15.94 19.66
CA SER F 427 -31.60 16.42 19.09
C SER F 427 -30.87 17.31 20.08
N SER F 428 -29.59 17.08 20.27
CA SER F 428 -28.77 17.99 21.06
C SER F 428 -27.98 18.98 20.20
N THR F 429 -28.41 19.19 18.95
CA THR F 429 -27.69 20.08 18.03
C THR F 429 -28.63 21.08 17.37
N THR F 430 -29.69 21.48 18.07
CA THR F 430 -30.46 22.59 17.56
C THR F 430 -29.70 23.89 17.81
N ALA F 431 -30.11 24.95 17.12
CA ALA F 431 -29.28 26.14 16.92
C ALA F 431 -29.62 27.32 17.82
N LEU F 432 -30.90 27.66 17.98
CA LEU F 432 -31.22 28.93 18.64
C LEU F 432 -31.04 28.90 20.15
N THR F 433 -31.30 27.75 20.79
CA THR F 433 -31.15 27.65 22.24
C THR F 433 -29.69 27.81 22.61
N GLY F 434 -29.38 28.74 23.50
CA GLY F 434 -27.99 29.01 23.84
C GLY F 434 -27.25 29.91 22.86
N SER F 435 -27.90 30.37 21.79
CA SER F 435 -27.25 31.31 20.88
C SER F 435 -27.07 32.67 21.54
N THR F 436 -26.15 33.47 21.00
CA THR F 436 -26.03 34.83 21.53
C THR F 436 -27.23 35.68 21.14
N GLU F 437 -27.97 35.29 20.10
CA GLU F 437 -29.19 36.03 19.76
C GLU F 437 -30.24 35.87 20.85
N GLU F 438 -30.46 34.66 21.32
CA GLU F 438 -31.36 34.44 22.44
C GLU F 438 -30.85 35.17 23.68
N GLY F 439 -29.53 35.14 23.91
CA GLY F 439 -28.99 35.69 25.13
C GLY F 439 -28.85 37.20 25.17
N GLN F 440 -28.73 37.84 24.01
CA GLN F 440 -28.37 39.25 23.97
C GLN F 440 -29.34 40.15 23.24
N PHE F 441 -30.33 39.58 22.55
CA PHE F 441 -31.29 40.33 21.74
C PHE F 441 -32.69 40.04 22.28
N HIS F 442 -33.33 41.05 22.84
CA HIS F 442 -34.64 40.84 23.43
C HIS F 442 -35.67 41.74 22.76
N MET G 15 -55.68 37.48 -1.78
CA MET G 15 -57.07 36.96 -1.81
C MET G 15 -57.16 35.70 -2.67
N SER G 16 -56.02 35.28 -3.23
CA SER G 16 -55.97 34.09 -4.06
C SER G 16 -55.94 32.84 -3.19
N VAL G 17 -56.59 31.78 -3.65
CA VAL G 17 -56.60 30.50 -2.97
C VAL G 17 -55.68 29.49 -3.65
N VAL G 18 -54.87 29.93 -4.60
CA VAL G 18 -53.98 29.03 -5.31
C VAL G 18 -52.91 28.53 -4.35
N GLY G 19 -52.70 27.21 -4.33
CA GLY G 19 -51.69 26.61 -3.47
C GLY G 19 -52.02 26.60 -1.99
N THR G 20 -53.28 26.76 -1.60
CA THR G 20 -53.62 26.76 -0.18
C THR G 20 -53.27 25.42 0.44
N PRO G 21 -52.64 25.39 1.62
CA PRO G 21 -52.32 24.10 2.24
C PRO G 21 -53.57 23.31 2.59
N LYS G 22 -53.44 22.00 2.53
CA LYS G 22 -54.45 21.13 3.10
C LYS G 22 -54.44 21.29 4.62
N SER G 23 -55.55 20.91 5.26
CA SER G 23 -55.61 20.90 6.70
C SER G 23 -54.94 19.63 7.23
N ALA G 24 -54.56 19.66 8.51
CA ALA G 24 -53.97 18.47 9.12
C ALA G 24 -54.92 17.29 9.07
N GLU G 25 -56.23 17.55 9.08
CA GLU G 25 -57.20 16.46 9.05
C GLU G 25 -57.26 15.80 7.68
N GLN G 26 -57.11 16.59 6.62
CA GLN G 26 -57.05 16.00 5.28
C GLN G 26 -55.81 15.14 5.11
N ILE G 27 -54.66 15.61 5.60
CA ILE G 27 -53.45 14.83 5.51
C ILE G 27 -53.60 13.51 6.27
N GLN G 28 -54.11 13.59 7.50
CA GLN G 28 -54.29 12.40 8.33
C GLN G 28 -55.24 11.39 7.67
N GLN G 29 -56.32 11.88 7.06
CA GLN G 29 -57.24 11.00 6.33
C GLN G 29 -56.52 10.29 5.19
N GLU G 30 -55.62 10.98 4.50
CA GLU G 30 -54.82 10.33 3.46
C GLU G 30 -53.91 9.25 4.06
N TRP G 31 -53.20 9.59 5.15
CA TRP G 31 -52.34 8.61 5.79
C TRP G 31 -53.14 7.40 6.30
N ASP G 32 -54.40 7.63 6.68
CA ASP G 32 -55.21 6.57 7.28
C ASP G 32 -55.82 5.65 6.24
N THR G 33 -56.10 6.15 5.03
CA THR G 33 -56.93 5.44 4.07
C THR G 33 -56.25 5.15 2.73
N ASN G 34 -55.21 5.88 2.38
CA ASN G 34 -54.55 5.61 1.10
C ASN G 34 -53.65 4.39 1.21
N PRO G 35 -53.91 3.31 0.46
CA PRO G 35 -53.05 2.12 0.57
C PRO G 35 -51.58 2.39 0.32
N ARG G 36 -51.26 3.50 -0.33
CA ARG G 36 -49.86 3.90 -0.49
C ARG G 36 -49.12 3.93 0.84
N TRP G 37 -49.81 4.30 1.93
CA TRP G 37 -49.18 4.49 3.22
C TRP G 37 -49.39 3.31 4.17
N LYS G 38 -49.91 2.21 3.64
CA LYS G 38 -50.25 1.06 4.45
C LYS G 38 -49.11 0.67 5.38
N ASP G 39 -47.90 0.58 4.85
CA ASP G 39 -46.78 0.06 5.63
C ASP G 39 -45.78 1.15 6.03
N VAL G 40 -46.24 2.39 6.16
CA VAL G 40 -45.35 3.54 6.33
C VAL G 40 -45.49 4.08 7.75
N THR G 41 -44.40 4.02 8.51
CA THR G 41 -44.35 4.63 9.84
C THR G 41 -43.85 6.07 9.74
N ARG G 42 -44.57 6.98 10.38
CA ARG G 42 -44.12 8.37 10.53
C ARG G 42 -44.10 8.69 12.01
N THR G 43 -42.92 9.09 12.53
CA THR G 43 -42.78 9.42 13.95
C THR G 43 -43.11 10.87 14.26
N TYR G 44 -43.61 11.62 13.28
CA TYR G 44 -44.12 12.96 13.47
C TYR G 44 -45.60 12.96 13.05
N SER G 45 -46.28 14.07 13.34
CA SER G 45 -47.71 14.15 13.14
C SER G 45 -48.05 14.91 11.86
N ALA G 46 -49.31 14.78 11.46
CA ALA G 46 -49.82 15.57 10.34
C ALA G 46 -49.81 17.06 10.68
N GLU G 47 -50.08 17.39 11.94
CA GLU G 47 -49.97 18.76 12.40
C GLU G 47 -48.54 19.28 12.21
N ASP G 48 -47.55 18.43 12.45
CA ASP G 48 -46.15 18.82 12.31
C ASP G 48 -45.83 19.18 10.86
N VAL G 49 -46.46 18.50 9.92
CA VAL G 49 -46.24 18.79 8.51
C VAL G 49 -46.84 20.15 8.17
N VAL G 50 -48.08 20.38 8.57
CA VAL G 50 -48.72 21.66 8.25
C VAL G 50 -47.91 22.81 8.79
N ALA G 51 -47.39 22.68 10.03
CA ALA G 51 -46.65 23.77 10.65
C ALA G 51 -45.44 24.22 9.83
N LEU G 52 -44.92 23.35 8.96
CA LEU G 52 -43.73 23.67 8.18
C LEU G 52 -44.03 24.17 6.77
N GLN G 53 -45.29 24.30 6.39
CA GLN G 53 -45.66 24.58 5.00
C GLN G 53 -45.94 26.04 4.71
N GLY G 54 -45.87 26.91 5.70
CA GLY G 54 -46.17 28.30 5.35
C GLY G 54 -47.62 28.43 4.93
N SER G 55 -47.93 29.44 4.11
CA SER G 55 -49.30 29.64 3.69
C SER G 55 -49.55 29.26 2.23
N VAL G 56 -48.53 28.79 1.50
CA VAL G 56 -48.65 28.38 0.11
C VAL G 56 -47.80 27.13 -0.09
N VAL G 57 -48.37 26.12 -0.73
CA VAL G 57 -47.65 24.89 -1.08
C VAL G 57 -47.53 24.85 -2.59
N GLU G 58 -46.31 24.84 -3.09
CA GLU G 58 -46.10 24.72 -4.53
C GLU G 58 -46.46 23.30 -5.01
N GLU G 59 -47.20 23.22 -6.11
CA GLU G 59 -47.45 21.93 -6.74
C GLU G 59 -46.18 21.49 -7.48
N HIS G 60 -45.83 20.21 -7.33
CA HIS G 60 -44.71 19.61 -8.03
C HIS G 60 -45.25 18.51 -8.95
N THR G 61 -45.66 18.93 -10.15
CA THR G 61 -46.40 18.04 -11.04
C THR G 61 -45.61 16.80 -11.40
N LEU G 62 -44.35 16.98 -11.81
CA LEU G 62 -43.58 15.84 -12.31
C LEU G 62 -43.16 14.93 -11.17
N ALA G 63 -42.88 15.50 -10.00
CA ALA G 63 -42.59 14.69 -8.83
C ALA G 63 -43.80 13.87 -8.39
N ARG G 64 -45.00 14.46 -8.42
CA ARG G 64 -46.21 13.75 -8.05
C ARG G 64 -46.51 12.63 -9.05
N ARG G 65 -46.58 12.97 -10.35
CA ARG G 65 -46.87 12.00 -11.39
C ARG G 65 -45.86 10.86 -11.39
N GLY G 66 -44.58 11.20 -11.40
CA GLY G 66 -43.54 10.18 -11.41
C GLY G 66 -43.63 9.23 -10.22
N ALA G 67 -43.81 9.79 -9.02
CA ALA G 67 -43.96 8.94 -7.83
C ALA G 67 -45.18 8.05 -7.94
N GLU G 68 -46.29 8.59 -8.48
CA GLU G 68 -47.49 7.76 -8.59
C GLU G 68 -47.28 6.65 -9.62
N VAL G 69 -46.75 7.00 -10.78
CA VAL G 69 -46.49 6.01 -11.82
C VAL G 69 -45.50 4.96 -11.33
N LEU G 70 -44.44 5.39 -10.63
CA LEU G 70 -43.45 4.44 -10.16
C LEU G 70 -44.05 3.45 -9.19
N TRP G 71 -44.87 3.93 -8.25
CA TRP G 71 -45.51 3.05 -7.27
C TRP G 71 -46.44 2.05 -7.95
N GLU G 72 -47.24 2.51 -8.91
CA GLU G 72 -48.09 1.59 -9.66
C GLU G 72 -47.26 0.57 -10.42
N GLN G 73 -46.21 1.03 -11.12
CA GLN G 73 -45.39 0.09 -11.88
C GLN G 73 -44.79 -0.99 -10.96
N LEU G 74 -44.35 -0.61 -9.77
CA LEU G 74 -43.73 -1.55 -8.85
C LEU G 74 -44.69 -2.62 -8.36
N HIS G 75 -45.99 -2.37 -8.42
CA HIS G 75 -46.96 -3.40 -8.05
C HIS G 75 -47.62 -4.07 -9.25
N ASP G 76 -47.60 -3.43 -10.42
CA ASP G 76 -48.29 -3.96 -11.59
C ASP G 76 -47.37 -4.80 -12.47
N LEU G 77 -46.12 -4.40 -12.64
CA LEU G 77 -45.16 -5.09 -13.47
C LEU G 77 -44.45 -6.19 -12.68
N GLU G 78 -43.94 -7.19 -13.41
CA GLU G 78 -43.17 -8.26 -12.79
C GLU G 78 -41.99 -7.68 -12.00
N TRP G 79 -41.29 -6.69 -12.57
CA TRP G 79 -40.37 -5.82 -11.85
C TRP G 79 -40.10 -4.60 -12.72
N VAL G 80 -39.50 -3.58 -12.10
CA VAL G 80 -39.14 -2.35 -12.78
C VAL G 80 -37.62 -2.35 -12.92
N ASN G 81 -37.13 -2.14 -14.14
CA ASN G 81 -35.68 -2.03 -14.28
C ASN G 81 -35.32 -0.72 -14.97
N ALA G 82 -34.04 -0.37 -14.85
CA ALA G 82 -33.57 0.92 -15.30
C ALA G 82 -32.08 0.86 -15.57
N LEU G 83 -31.61 1.87 -16.29
CA LEU G 83 -30.19 2.11 -16.55
C LEU G 83 -29.81 3.50 -16.04
N GLY G 84 -28.56 3.62 -15.59
CA GLY G 84 -28.06 4.91 -15.17
C GLY G 84 -27.97 5.86 -16.35
N ALA G 85 -28.43 7.09 -16.12
CA ALA G 85 -28.43 8.14 -17.14
C ALA G 85 -27.81 9.40 -16.55
N LEU G 86 -26.86 9.98 -17.27
CA LEU G 86 -26.19 11.20 -16.81
C LEU G 86 -26.36 12.37 -17.75
N THR G 87 -26.97 12.17 -18.93
CA THR G 87 -27.42 13.28 -19.78
C THR G 87 -28.90 13.07 -20.11
N GLY G 88 -29.51 14.14 -20.58
CA GLY G 88 -30.91 14.07 -20.98
C GLY G 88 -31.14 13.17 -22.18
N ASN G 89 -30.27 13.27 -23.20
CA ASN G 89 -30.42 12.41 -24.38
C ASN G 89 -30.37 10.93 -24.00
N MET G 90 -29.53 10.57 -23.02
CA MET G 90 -29.44 9.19 -22.57
C MET G 90 -30.79 8.68 -22.09
N ALA G 91 -31.45 9.46 -21.24
CA ALA G 91 -32.77 9.08 -20.75
C ALA G 91 -33.76 8.99 -21.91
N VAL G 92 -33.66 9.88 -22.88
CA VAL G 92 -34.55 9.83 -24.04
C VAL G 92 -34.41 8.50 -24.75
N GLN G 93 -33.18 8.06 -24.99
CA GLN G 93 -32.97 6.79 -25.71
C GLN G 93 -33.43 5.60 -24.87
N GLN G 94 -33.25 5.67 -23.55
CA GLN G 94 -33.72 4.61 -22.69
C GLN G 94 -35.23 4.42 -22.81
N VAL G 95 -35.98 5.52 -22.80
CA VAL G 95 -37.43 5.42 -22.96
C VAL G 95 -37.79 5.03 -24.38
N ARG G 96 -37.11 5.61 -25.38
CA ARG G 96 -37.39 5.26 -26.78
C ARG G 96 -37.22 3.75 -26.98
N ALA G 97 -36.25 3.15 -26.30
CA ALA G 97 -35.95 1.73 -26.44
C ALA G 97 -36.88 0.84 -25.62
N GLY G 98 -37.81 1.41 -24.87
CA GLY G 98 -38.82 0.62 -24.17
C GLY G 98 -38.71 0.60 -22.65
N LEU G 99 -37.74 1.28 -22.06
CA LEU G 99 -37.62 1.25 -20.60
C LEU G 99 -38.63 2.19 -19.95
N LYS G 100 -38.98 1.89 -18.70
CA LYS G 100 -40.07 2.56 -18.02
C LYS G 100 -39.63 3.23 -16.72
N ALA G 101 -38.33 3.34 -16.50
CA ALA G 101 -37.81 4.10 -15.37
C ALA G 101 -36.39 4.53 -15.72
N ILE G 102 -35.94 5.61 -15.08
CA ILE G 102 -34.60 6.14 -15.23
C ILE G 102 -33.91 6.04 -13.88
N TYR G 103 -32.66 5.57 -13.87
CA TYR G 103 -31.87 5.60 -12.66
C TYR G 103 -30.82 6.72 -12.75
N LEU G 104 -30.73 7.52 -11.70
CA LEU G 104 -29.83 8.67 -11.70
C LEU G 104 -28.73 8.42 -10.67
N SER G 105 -27.60 7.93 -11.18
CA SER G 105 -26.46 7.52 -10.38
C SER G 105 -25.70 8.74 -9.87
N GLY G 106 -25.43 8.78 -8.57
CA GLY G 106 -24.53 9.80 -8.04
C GLY G 106 -23.09 9.59 -8.48
N TRP G 107 -22.69 8.32 -8.62
CA TRP G 107 -21.36 7.97 -9.12
C TRP G 107 -21.09 8.64 -10.46
N GLN G 108 -22.04 8.53 -11.40
CA GLN G 108 -21.87 9.08 -12.75
C GLN G 108 -21.89 10.61 -12.74
N VAL G 109 -22.67 11.20 -11.82
CA VAL G 109 -22.64 12.65 -11.63
C VAL G 109 -21.26 13.08 -11.15
N ALA G 110 -20.70 12.36 -10.18
CA ALA G 110 -19.35 12.65 -9.74
C ALA G 110 -18.35 12.54 -10.90
N GLY G 111 -18.50 11.49 -11.73
CA GLY G 111 -17.52 11.25 -12.78
C GLY G 111 -17.57 12.21 -13.95
N ASP G 112 -18.74 12.75 -14.28
CA ASP G 112 -18.86 13.41 -15.58
C ASP G 112 -20.05 14.35 -15.69
N ALA G 113 -20.75 14.66 -14.60
CA ALA G 113 -21.94 15.51 -14.70
C ALA G 113 -22.27 16.29 -13.42
N ASN G 114 -21.32 16.96 -12.79
CA ASN G 114 -21.60 17.68 -11.56
C ASN G 114 -21.19 19.16 -11.65
N LEU G 115 -21.73 19.97 -10.73
CA LEU G 115 -21.68 21.42 -10.86
C LEU G 115 -20.33 22.02 -10.50
N SER G 116 -19.39 21.22 -10.03
CA SER G 116 -18.03 21.71 -9.88
C SER G 116 -17.31 21.78 -11.21
N GLY G 117 -17.76 21.04 -12.21
CA GLY G 117 -17.03 20.88 -13.43
C GLY G 117 -15.88 19.88 -13.37
N HIS G 118 -15.63 19.25 -12.22
CA HIS G 118 -14.49 18.36 -12.08
C HIS G 118 -14.92 16.90 -12.21
N THR G 119 -13.92 16.05 -12.54
CA THR G 119 -14.06 14.60 -12.49
C THR G 119 -13.70 14.13 -11.09
N TYR G 120 -14.60 13.40 -10.45
CA TYR G 120 -14.41 12.95 -9.08
C TYR G 120 -14.67 11.47 -8.93
N PRO G 121 -13.96 10.81 -8.02
CA PRO G 121 -14.44 9.51 -7.52
C PRO G 121 -15.68 9.71 -6.66
N ASP G 122 -16.29 8.58 -6.29
CA ASP G 122 -17.65 8.58 -5.77
C ASP G 122 -17.58 8.72 -4.25
N GLN G 123 -17.33 9.95 -3.80
CA GLN G 123 -17.03 10.21 -2.40
C GLN G 123 -17.71 11.48 -1.88
N SER G 124 -18.87 11.83 -2.44
CA SER G 124 -19.63 13.01 -2.06
C SER G 124 -18.75 14.25 -2.10
N LEU G 125 -17.97 14.37 -3.17
CA LEU G 125 -17.10 15.54 -3.32
C LEU G 125 -17.78 16.68 -4.05
N TYR G 126 -18.81 16.39 -4.81
CA TYR G 126 -19.39 17.40 -5.68
C TYR G 126 -20.45 18.22 -4.95
N PRO G 127 -20.82 19.38 -5.49
CA PRO G 127 -21.82 20.22 -4.85
C PRO G 127 -23.18 19.54 -4.76
N ALA G 128 -23.80 19.70 -3.60
CA ALA G 128 -24.98 18.92 -3.20
C ALA G 128 -26.22 19.17 -4.05
N ASN G 129 -26.26 20.22 -4.89
CA ASN G 129 -27.41 20.39 -5.78
C ASN G 129 -27.18 19.81 -7.19
N SER G 130 -26.10 19.04 -7.38
CA SER G 130 -25.80 18.47 -8.69
C SER G 130 -26.84 17.44 -9.13
N VAL G 131 -27.23 16.52 -8.26
CA VAL G 131 -28.15 15.48 -8.72
C VAL G 131 -29.51 16.12 -9.01
N PRO G 132 -30.02 17.03 -8.18
CA PRO G 132 -31.27 17.73 -8.56
C PRO G 132 -31.19 18.39 -9.93
N GLN G 133 -30.07 19.02 -10.28
CA GLN G 133 -29.96 19.62 -11.61
C GLN G 133 -30.07 18.59 -12.73
N VAL G 134 -29.51 17.40 -12.54
CA VAL G 134 -29.63 16.37 -13.58
C VAL G 134 -31.04 15.78 -13.61
N VAL G 135 -31.71 15.65 -12.46
CA VAL G 135 -33.12 15.26 -12.46
C VAL G 135 -33.91 16.23 -13.32
N ARG G 136 -33.71 17.53 -13.09
CA ARG G 136 -34.44 18.54 -13.87
C ARG G 136 -34.09 18.45 -15.34
N ARG G 137 -32.81 18.22 -15.66
CA ARG G 137 -32.37 18.05 -17.04
C ARG G 137 -33.03 16.84 -17.69
N ILE G 138 -33.05 15.72 -16.99
CA ILE G 138 -33.66 14.53 -17.58
C ILE G 138 -35.14 14.77 -17.83
N ASN G 139 -35.82 15.40 -16.87
CA ASN G 139 -37.24 15.67 -17.08
C ASN G 139 -37.46 16.60 -18.26
N ASN G 140 -36.62 17.63 -18.41
CA ASN G 140 -36.73 18.52 -19.56
C ASN G 140 -36.54 17.79 -20.87
N ALA G 141 -35.57 16.88 -20.93
CA ALA G 141 -35.30 16.15 -22.16
C ALA G 141 -36.47 15.25 -22.51
N LEU G 142 -37.00 14.54 -21.51
CA LEU G 142 -38.18 13.70 -21.74
C LEU G 142 -39.38 14.54 -22.15
N GLN G 143 -39.54 15.73 -21.54
CA GLN G 143 -40.63 16.62 -21.95
C GLN G 143 -40.49 17.01 -23.42
N ARG G 144 -39.26 17.30 -23.86
CA ARG G 144 -39.05 17.68 -25.25
C ARG G 144 -39.41 16.53 -26.18
N ALA G 145 -38.95 15.32 -25.86
CA ALA G 145 -39.31 14.15 -26.65
C ALA G 145 -40.82 13.98 -26.70
N ASP G 146 -41.50 14.22 -25.58
CA ASP G 146 -42.95 14.13 -25.52
C ASP G 146 -43.60 15.16 -26.43
N GLN G 147 -43.09 16.40 -26.39
CA GLN G 147 -43.63 17.45 -27.25
C GLN G 147 -43.41 17.13 -28.73
N ILE G 148 -42.22 16.62 -29.06
CA ILE G 148 -41.91 16.28 -30.45
C ILE G 148 -42.81 15.15 -30.92
N ALA G 149 -42.97 14.12 -30.10
CA ALA G 149 -43.82 13.00 -30.47
C ALA G 149 -45.22 13.47 -30.80
N LYS G 150 -45.73 14.42 -30.03
CA LYS G 150 -47.10 14.86 -30.19
C LYS G 150 -47.32 15.54 -31.54
N ILE G 151 -46.41 16.44 -31.93
CA ILE G 151 -46.56 17.10 -33.23
C ILE G 151 -46.24 16.17 -34.39
N GLU G 152 -45.46 15.12 -34.15
CA GLU G 152 -45.16 14.12 -35.16
C GLU G 152 -46.22 13.05 -35.25
N GLY G 153 -47.18 13.03 -34.33
CA GLY G 153 -48.16 11.97 -34.30
C GLY G 153 -47.59 10.63 -33.91
N ASP G 154 -46.48 10.60 -33.17
CA ASP G 154 -45.83 9.35 -32.82
C ASP G 154 -46.40 8.88 -31.48
N THR G 155 -47.06 7.73 -31.49
CA THR G 155 -47.63 7.16 -30.28
C THR G 155 -46.93 5.88 -29.87
N SER G 156 -45.73 5.63 -30.40
CA SER G 156 -45.04 4.39 -30.09
C SER G 156 -44.58 4.31 -28.64
N VAL G 157 -44.41 5.44 -27.95
CA VAL G 157 -44.03 5.45 -26.55
C VAL G 157 -45.24 5.90 -25.73
N GLU G 158 -45.70 5.03 -24.83
CA GLU G 158 -46.91 5.33 -24.09
C GLU G 158 -46.68 6.45 -23.09
N ASN G 159 -45.51 6.46 -22.42
CA ASN G 159 -45.23 7.45 -21.39
C ASN G 159 -43.79 7.95 -21.52
N TRP G 160 -43.63 9.15 -22.08
CA TRP G 160 -42.28 9.71 -22.16
C TRP G 160 -41.76 10.10 -20.79
N LEU G 161 -42.64 10.52 -19.88
CA LEU G 161 -42.22 10.97 -18.55
C LEU G 161 -42.08 9.77 -17.63
N ALA G 162 -41.07 8.96 -17.92
CA ALA G 162 -40.75 7.81 -17.09
C ALA G 162 -40.28 8.28 -15.72
N PRO G 163 -40.60 7.55 -14.65
CA PRO G 163 -40.16 7.96 -13.32
C PRO G 163 -38.65 7.89 -13.17
N ILE G 164 -38.11 8.89 -12.46
CA ILE G 164 -36.68 8.95 -12.14
C ILE G 164 -36.46 8.54 -10.70
N VAL G 165 -35.54 7.59 -10.50
CA VAL G 165 -35.04 7.23 -9.18
C VAL G 165 -33.62 7.78 -9.04
N ALA G 166 -33.41 8.61 -8.02
CA ALA G 166 -32.20 9.40 -7.92
C ALA G 166 -31.46 9.12 -6.61
N ASP G 167 -30.15 9.38 -6.68
CA ASP G 167 -29.19 9.06 -5.63
C ASP G 167 -29.10 10.22 -4.64
N GLY G 168 -29.56 10.01 -3.38
CA GLY G 168 -29.38 10.95 -2.29
C GLY G 168 -28.12 10.76 -1.49
N GLU G 169 -27.32 9.77 -1.86
CA GLU G 169 -26.03 9.45 -1.26
C GLU G 169 -26.21 9.35 0.25
N ALA G 170 -25.33 9.96 1.03
CA ALA G 170 -25.44 9.95 2.47
C ALA G 170 -26.01 11.24 3.02
N GLY G 171 -26.69 12.02 2.19
CA GLY G 171 -27.35 13.23 2.60
C GLY G 171 -26.49 14.48 2.62
N PHE G 172 -25.19 14.36 2.42
CA PHE G 172 -24.28 15.53 2.41
C PHE G 172 -24.28 16.26 3.75
N GLY G 173 -24.40 15.51 4.84
CA GLY G 173 -24.33 16.10 6.16
C GLY G 173 -25.30 15.44 7.12
N GLY G 174 -26.06 16.28 7.83
CA GLY G 174 -27.00 15.83 8.83
C GLY G 174 -28.42 15.78 8.30
N ALA G 175 -29.37 15.69 9.23
CA ALA G 175 -30.78 15.56 8.87
C ALA G 175 -31.25 16.71 7.99
N LEU G 176 -30.69 17.90 8.19
CA LEU G 176 -31.16 19.08 7.47
C LEU G 176 -30.61 19.13 6.05
N ASN G 177 -29.39 18.62 5.85
CA ASN G 177 -28.86 18.44 4.50
C ASN G 177 -29.67 17.41 3.72
N VAL G 178 -30.06 16.32 4.39
CA VAL G 178 -30.94 15.33 3.78
C VAL G 178 -32.24 15.99 3.33
N TYR G 179 -32.85 16.73 4.24
CA TYR G 179 -34.12 17.40 4.00
C TYR G 179 -34.02 18.26 2.75
N GLU G 180 -32.96 19.08 2.66
CA GLU G 180 -32.84 20.01 1.55
C GLU G 180 -32.57 19.28 0.24
N LEU G 181 -31.82 18.18 0.28
CA LEU G 181 -31.59 17.41 -0.94
C LEU G 181 -32.88 16.76 -1.43
N GLN G 182 -33.65 16.16 -0.52
CA GLN G 182 -34.95 15.60 -0.92
C GLN G 182 -35.85 16.68 -1.50
N LYS G 183 -35.92 17.84 -0.83
CA LYS G 183 -36.76 18.93 -1.32
C LYS G 183 -36.35 19.36 -2.72
N ALA G 184 -35.04 19.47 -2.96
CA ALA G 184 -34.55 19.89 -4.28
C ALA G 184 -34.81 18.81 -5.33
N LEU G 185 -34.63 17.53 -4.97
CA LEU G 185 -34.93 16.45 -5.91
C LEU G 185 -36.41 16.48 -6.30
N ILE G 186 -37.27 16.71 -5.32
CA ILE G 186 -38.70 16.85 -5.59
C ILE G 186 -38.97 18.03 -6.50
N ALA G 187 -38.40 19.20 -6.18
CA ALA G 187 -38.60 20.37 -7.04
C ALA G 187 -38.24 20.06 -8.49
N ALA G 188 -37.19 19.27 -8.70
CA ALA G 188 -36.74 18.93 -10.05
C ALA G 188 -37.59 17.87 -10.73
N GLY G 189 -38.48 17.20 -10.01
CA GLY G 189 -39.37 16.21 -10.57
C GLY G 189 -38.99 14.77 -10.33
N VAL G 190 -38.34 14.46 -9.21
CA VAL G 190 -37.93 13.09 -8.92
C VAL G 190 -39.16 12.27 -8.52
N ALA G 191 -39.10 10.98 -8.81
CA ALA G 191 -40.13 10.02 -8.37
C ALA G 191 -39.74 9.27 -7.11
N GLY G 192 -38.47 8.94 -6.97
CA GLY G 192 -37.99 8.28 -5.77
C GLY G 192 -36.53 8.63 -5.57
N SER G 193 -36.06 8.41 -4.34
CA SER G 193 -34.71 8.79 -3.96
C SER G 193 -34.20 7.77 -2.97
N HIS G 194 -32.88 7.49 -3.01
CA HIS G 194 -32.31 6.48 -2.11
C HIS G 194 -31.21 7.08 -1.23
N TRP G 195 -31.04 6.47 -0.06
CA TRP G 195 -30.30 7.06 1.05
C TRP G 195 -29.56 5.95 1.78
N GLU G 196 -28.25 6.12 2.00
CA GLU G 196 -27.43 5.04 2.53
C GLU G 196 -26.87 5.37 3.93
N ASP G 197 -26.64 4.32 4.71
CA ASP G 197 -26.25 4.46 6.12
C ASP G 197 -24.74 4.63 6.26
N GLN G 198 -24.16 5.53 5.49
CA GLN G 198 -22.74 5.87 5.58
C GLN G 198 -22.55 7.26 6.18
N LEU G 199 -21.37 7.47 6.76
CA LEU G 199 -20.92 8.77 7.24
C LEU G 199 -20.65 9.67 6.03
N ALA G 200 -21.35 10.80 5.93
CA ALA G 200 -21.27 11.57 4.70
C ALA G 200 -19.84 12.06 4.43
N SER G 201 -19.12 12.47 5.49
CA SER G 201 -17.76 12.97 5.29
C SER G 201 -16.80 11.93 4.73
N GLU G 202 -17.14 10.62 4.80
CA GLU G 202 -16.30 9.53 4.31
C GLU G 202 -17.06 8.66 3.32
N LYS G 203 -18.07 9.21 2.66
CA LYS G 203 -18.93 8.41 1.80
C LYS G 203 -18.12 7.73 0.69
N LYS G 204 -18.47 6.48 0.39
CA LYS G 204 -17.87 5.75 -0.72
C LYS G 204 -18.95 5.14 -1.60
N EJA G 205 -18.59 4.87 -2.84
CA EJA G 205 -19.37 3.95 -3.68
CB EJA G 205 -18.71 3.75 -5.05
SG EJA G 205 -19.45 2.27 -5.99
CD EJA G 205 -21.18 2.66 -6.68
CE EJA G 205 -21.37 2.44 -8.14
CZ EJA G 205 -21.41 0.93 -8.37
OT1 EJA G 205 -22.43 0.38 -8.90
OT2 EJA G 205 -20.41 0.23 -7.96
NE EJA G 205 -22.26 3.02 -6.00
OZ EJA G 205 -22.22 3.17 -4.65
C EJA G 205 -19.45 2.60 -2.88
O EJA G 205 -18.49 2.23 -2.19
H EJA G 205 -17.87 5.20 -3.25
HA EJA G 205 -20.27 4.29 -3.79
HB2 EJA G 205 -17.76 3.56 -4.97
HB3 EJA G 205 -18.81 4.54 -5.61
HE2 EJA G 205 -20.67 2.81 -8.71
HE1 EJA G 205 -22.19 2.81 -8.48
HOZ EJA G 205 -22.44 3.99 -4.53
N GLY G 206 -20.56 1.90 -2.99
CA GLY G 206 -20.74 0.65 -2.28
C GLY G 206 -19.68 -0.40 -2.58
N HIS G 207 -19.04 -0.29 -3.74
CA HIS G 207 -18.05 -1.26 -4.17
C HIS G 207 -16.62 -0.71 -4.11
N LEU G 208 -16.43 0.38 -3.37
CA LEU G 208 -15.12 0.85 -2.95
C LEU G 208 -14.90 0.47 -1.48
N GLY G 209 -13.65 0.41 -1.08
CA GLY G 209 -13.31 0.23 0.31
C GLY G 209 -13.34 1.53 1.10
N GLY G 210 -13.05 1.41 2.39
CA GLY G 210 -12.94 2.58 3.25
C GLY G 210 -14.26 3.16 3.70
N LYS G 211 -15.31 2.34 3.78
CA LYS G 211 -16.64 2.80 4.15
C LYS G 211 -16.78 2.86 5.66
N VAL G 212 -17.54 3.84 6.12
CA VAL G 212 -17.82 4.05 7.54
C VAL G 212 -19.34 4.11 7.68
N LEU G 213 -19.89 3.20 8.48
CA LEU G 213 -21.32 3.23 8.76
C LEU G 213 -21.62 4.28 9.82
N ILE G 214 -22.85 4.76 9.81
CA ILE G 214 -23.37 5.52 10.95
C ILE G 214 -24.32 4.61 11.73
N PRO G 215 -24.72 4.98 12.96
CA PRO G 215 -25.60 4.09 13.74
C PRO G 215 -26.97 3.90 13.11
N THR G 216 -27.56 2.74 13.41
CA THR G 216 -28.88 2.42 12.87
C THR G 216 -29.86 3.56 13.07
N GLN G 217 -29.97 4.09 14.30
CA GLN G 217 -30.94 5.15 14.54
C GLN G 217 -30.64 6.39 13.69
N GLN G 218 -29.38 6.66 13.41
CA GLN G 218 -29.08 7.83 12.59
C GLN G 218 -29.58 7.65 11.17
N HIS G 219 -29.59 6.44 10.63
CA HIS G 219 -30.15 6.29 9.30
C HIS G 219 -31.66 6.34 9.34
N ILE G 220 -32.29 5.89 10.43
CA ILE G 220 -33.73 6.08 10.60
C ILE G 220 -34.06 7.57 10.59
N ARG G 221 -33.24 8.38 11.24
N ARG G 221 -33.23 8.37 11.26
CA ARG G 221 -33.43 9.82 11.16
CA ARG G 221 -33.34 9.82 11.18
C ARG G 221 -33.31 10.32 9.72
C ARG G 221 -33.30 10.31 9.74
N THR G 222 -32.33 9.82 8.96
CA THR G 222 -32.23 10.19 7.56
C THR G 222 -33.49 9.82 6.80
N LEU G 223 -34.00 8.59 6.98
CA LEU G 223 -35.20 8.16 6.27
C LEU G 223 -36.41 8.98 6.72
N THR G 224 -36.44 9.39 7.99
CA THR G 224 -37.53 10.20 8.49
C THR G 224 -37.48 11.61 7.92
N SER G 225 -36.28 12.18 7.80
CA SER G 225 -36.15 13.49 7.18
C SER G 225 -36.54 13.46 5.70
N ALA G 226 -36.15 12.41 4.98
CA ALA G 226 -36.51 12.30 3.57
C ALA G 226 -38.02 12.19 3.38
N ARG G 227 -38.70 11.44 4.25
CA ARG G 227 -40.16 11.39 4.19
C ARG G 227 -40.77 12.72 4.60
N LEU G 228 -40.22 13.37 5.61
CA LEU G 228 -40.78 14.64 6.06
C LEU G 228 -40.74 15.68 4.95
N ALA G 229 -39.63 15.75 4.23
CA ALA G 229 -39.52 16.70 3.12
C ALA G 229 -40.54 16.39 2.02
N ALA G 230 -40.76 15.11 1.73
CA ALA G 230 -41.78 14.76 0.75
C ALA G 230 -43.17 15.13 1.25
N ASP G 231 -43.43 14.89 2.55
CA ASP G 231 -44.74 15.25 3.09
C ASP G 231 -44.96 16.75 3.04
N VAL G 232 -43.95 17.53 3.42
CA VAL G 232 -44.09 18.99 3.41
C VAL G 232 -44.29 19.47 1.97
N ALA G 233 -43.61 18.84 1.02
CA ALA G 233 -43.81 19.14 -0.39
C ALA G 233 -45.10 18.53 -0.94
N ASP G 234 -45.80 17.72 -0.13
CA ASP G 234 -47.11 17.16 -0.48
C ASP G 234 -47.04 16.24 -1.71
N VAL G 235 -45.98 15.45 -1.83
CA VAL G 235 -45.89 14.45 -2.91
C VAL G 235 -45.48 13.11 -2.33
N PRO G 236 -45.97 11.97 -2.92
CA PRO G 236 -45.72 10.62 -2.37
C PRO G 236 -44.43 9.97 -2.87
N THR G 237 -43.32 10.69 -2.73
CA THR G 237 -42.02 10.22 -3.19
C THR G 237 -41.70 8.83 -2.65
N VAL G 238 -41.14 8.01 -3.52
CA VAL G 238 -40.71 6.66 -3.14
C VAL G 238 -39.36 6.77 -2.44
N VAL G 239 -39.30 6.30 -1.19
CA VAL G 239 -38.11 6.42 -0.35
C VAL G 239 -37.43 5.07 -0.25
N ILE G 240 -36.15 5.03 -0.61
CA ILE G 240 -35.39 3.78 -0.67
C ILE G 240 -34.26 3.84 0.34
N ALA G 241 -34.14 2.80 1.16
CA ALA G 241 -33.07 2.70 2.14
C ALA G 241 -32.02 1.72 1.65
N ARG G 242 -30.76 2.15 1.72
CA ARG G 242 -29.62 1.35 1.31
C ARG G 242 -28.70 1.15 2.49
N THR G 243 -28.23 -0.08 2.67
CA THR G 243 -27.27 -0.40 3.72
C THR G 243 -25.97 -0.86 3.10
N ASP G 244 -24.88 -0.31 3.63
CA ASP G 244 -23.52 -0.62 3.21
C ASP G 244 -22.84 -1.58 4.18
N ALA G 245 -23.62 -2.28 5.01
CA ALA G 245 -23.03 -3.09 6.06
C ALA G 245 -22.42 -4.39 5.55
N GLU G 246 -22.65 -4.80 4.29
CA GLU G 246 -22.10 -6.08 3.86
C GLU G 246 -20.59 -6.04 3.84
N ALA G 247 -20.01 -4.90 3.43
CA ALA G 247 -18.57 -4.78 3.35
C ALA G 247 -17.95 -3.81 4.36
N ALA G 248 -18.71 -2.87 4.92
CA ALA G 248 -18.12 -1.86 5.79
C ALA G 248 -17.60 -2.49 7.08
N THR G 249 -16.35 -2.16 7.43
CA THR G 249 -15.76 -2.65 8.67
C THR G 249 -15.58 -1.56 9.71
N LEU G 250 -16.15 -0.37 9.47
CA LEU G 250 -16.04 0.74 10.40
C LEU G 250 -17.42 1.32 10.66
N ILE G 251 -17.58 1.88 11.86
CA ILE G 251 -18.79 2.59 12.25
C ILE G 251 -18.38 3.74 13.16
N THR G 252 -19.13 4.85 13.12
CA THR G 252 -18.73 6.06 13.86
C THR G 252 -18.84 5.90 15.37
N SER G 253 -19.76 5.07 15.84
CA SER G 253 -20.09 4.99 17.26
C SER G 253 -20.75 3.65 17.56
N ASP G 254 -20.61 3.20 18.81
CA ASP G 254 -21.27 2.00 19.30
C ASP G 254 -22.50 2.33 20.15
N VAL G 255 -23.08 3.51 19.98
CA VAL G 255 -24.14 3.98 20.88
C VAL G 255 -25.41 3.15 20.73
N ASP G 256 -25.72 2.70 19.54
CA ASP G 256 -27.00 2.04 19.25
C ASP G 256 -26.94 0.57 19.64
N GLU G 257 -27.82 0.15 20.52
CA GLU G 257 -27.86 -1.22 20.98
C GLU G 257 -27.98 -2.24 19.84
N ARG G 258 -28.66 -1.87 18.76
CA ARG G 258 -28.80 -2.76 17.61
C ARG G 258 -27.49 -2.98 16.87
N ASP G 259 -26.51 -2.08 17.02
CA ASP G 259 -25.23 -2.20 16.34
C ASP G 259 -24.18 -2.87 17.21
N GLN G 260 -24.37 -2.88 18.54
CA GLN G 260 -23.34 -3.39 19.42
C GLN G 260 -22.99 -4.86 19.18
N PRO G 261 -23.88 -5.74 18.73
CA PRO G 261 -23.46 -7.16 18.59
C PRO G 261 -22.30 -7.34 17.65
N PHE G 262 -22.13 -6.43 16.70
CA PHE G 262 -21.11 -6.53 15.68
C PHE G 262 -19.87 -5.71 15.99
N ILE G 263 -19.91 -4.88 17.05
CA ILE G 263 -18.76 -4.09 17.43
C ILE G 263 -17.69 -5.01 18.02
N THR G 264 -16.46 -4.88 17.53
CA THR G 264 -15.37 -5.72 17.99
C THR G 264 -14.63 -5.13 19.20
N GLY G 265 -14.82 -3.85 19.49
CA GLY G 265 -14.14 -3.19 20.59
C GLY G 265 -12.93 -2.38 20.17
N GLU G 266 -12.22 -2.82 19.12
CA GLU G 266 -11.06 -2.08 18.65
C GLU G 266 -11.50 -0.80 17.94
N ARG G 267 -10.64 0.23 18.02
CA ARG G 267 -10.90 1.52 17.41
C ARG G 267 -9.73 1.97 16.55
N THR G 268 -10.00 2.80 15.55
CA THR G 268 -8.96 3.37 14.71
C THR G 268 -8.43 4.68 15.32
N ARG G 269 -7.32 5.16 14.76
CA ARG G 269 -6.72 6.42 15.22
C ARG G 269 -7.67 7.59 15.03
N GLU G 270 -8.59 7.50 14.07
CA GLU G 270 -9.61 8.53 13.89
C GLU G 270 -10.75 8.42 14.90
N GLY G 271 -10.80 7.35 15.69
CA GLY G 271 -11.90 7.16 16.62
C GLY G 271 -13.05 6.31 16.09
N PHE G 272 -12.92 5.73 14.90
CA PHE G 272 -13.96 4.86 14.38
C PHE G 272 -13.90 3.53 15.11
N TYR G 273 -15.06 2.90 15.25
CA TYR G 273 -15.15 1.55 15.81
C TYR G 273 -15.07 0.52 14.69
N ARG G 274 -14.27 -0.51 14.90
CA ARG G 274 -14.27 -1.64 13.98
C ARG G 274 -15.52 -2.47 14.21
N THR G 275 -16.10 -2.99 13.12
CA THR G 275 -17.36 -3.73 13.19
C THR G 275 -17.32 -4.92 12.23
N LYS G 276 -17.99 -6.00 12.64
CA LYS G 276 -18.02 -7.24 11.86
C LYS G 276 -19.00 -7.10 10.69
N ASN G 277 -18.48 -7.16 9.47
CA ASN G 277 -19.32 -6.94 8.30
C ASN G 277 -19.94 -8.25 7.84
N GLY G 278 -20.98 -8.15 7.01
CA GLY G 278 -21.56 -9.32 6.38
C GLY G 278 -23.06 -9.18 6.18
N ILE G 279 -23.68 -10.29 5.77
CA ILE G 279 -25.12 -10.27 5.53
C ILE G 279 -25.90 -10.08 6.84
N GLU G 280 -25.37 -10.58 7.96
CA GLU G 280 -26.10 -10.49 9.22
C GLU G 280 -26.40 -9.06 9.65
N PRO G 281 -25.43 -8.14 9.71
CA PRO G 281 -25.79 -6.74 10.00
C PRO G 281 -26.70 -6.12 8.94
N CYS G 282 -26.59 -6.55 7.67
CA CYS G 282 -27.48 -6.03 6.64
C CYS G 282 -28.92 -6.42 6.90
N ILE G 283 -29.16 -7.68 7.27
CA ILE G 283 -30.51 -8.11 7.58
C ILE G 283 -31.04 -7.34 8.79
N ALA G 284 -30.22 -7.21 9.83
CA ALA G 284 -30.67 -6.48 11.03
C ALA G 284 -31.02 -5.03 10.68
N ARG G 285 -30.16 -4.36 9.93
CA ARG G 285 -30.46 -2.97 9.58
C ARG G 285 -31.67 -2.89 8.65
N ALA G 286 -31.76 -3.80 7.68
CA ALA G 286 -32.92 -3.81 6.79
C ALA G 286 -34.21 -3.90 7.60
N LYS G 287 -34.25 -4.76 8.61
CA LYS G 287 -35.47 -4.90 9.41
C LYS G 287 -35.77 -3.60 10.16
N ALA G 288 -34.73 -2.95 10.67
CA ALA G 288 -34.90 -1.68 11.38
C ALA G 288 -35.38 -0.56 10.45
N TYR G 289 -34.88 -0.54 9.21
CA TYR G 289 -35.28 0.48 8.25
C TYR G 289 -36.64 0.24 7.64
N ALA G 290 -37.13 -1.00 7.64
CA ALA G 290 -38.31 -1.35 6.85
C ALA G 290 -39.54 -0.51 7.14
N PRO G 291 -39.86 -0.15 8.39
CA PRO G 291 -41.03 0.72 8.61
C PRO G 291 -40.89 2.09 8.00
N PHE G 292 -39.67 2.47 7.61
CA PHE G 292 -39.34 3.79 7.08
C PHE G 292 -38.92 3.74 5.61
N ALA G 293 -39.09 2.62 4.92
CA ALA G 293 -38.57 2.49 3.56
C ALA G 293 -39.59 1.81 2.67
N ASP G 294 -39.83 2.41 1.50
CA ASP G 294 -40.68 1.79 0.50
C ASP G 294 -39.95 0.68 -0.25
N LEU G 295 -38.63 0.72 -0.26
CA LEU G 295 -37.81 -0.35 -0.82
C LEU G 295 -36.52 -0.38 -0.02
N ILE G 296 -35.98 -1.57 0.12
CA ILE G 296 -34.75 -1.80 0.86
C ILE G 296 -33.74 -2.47 -0.06
N TRP G 297 -32.48 -2.08 0.11
CA TRP G 297 -31.41 -2.45 -0.79
C TRP G 297 -30.18 -2.69 0.06
N MET G 298 -29.52 -3.84 -0.08
CA MET G 298 -28.22 -4.04 0.53
C MET G 298 -27.18 -4.15 -0.57
N GLU G 299 -26.11 -3.38 -0.45
CA GLU G 299 -25.00 -3.52 -1.37
C GLU G 299 -24.32 -4.86 -1.11
N THR G 300 -23.83 -5.48 -2.18
CA THR G 300 -23.17 -6.76 -2.04
C THR G 300 -21.93 -6.78 -2.92
N GLY G 301 -21.02 -7.70 -2.63
CA GLY G 301 -19.72 -7.76 -3.27
C GLY G 301 -19.67 -8.52 -4.59
N THR G 302 -20.68 -9.35 -4.86
CA THR G 302 -20.73 -10.18 -6.05
C THR G 302 -22.18 -10.31 -6.49
N PRO G 303 -22.42 -10.60 -7.78
CA PRO G 303 -23.79 -10.87 -8.23
C PRO G 303 -24.19 -12.31 -7.95
N ASP G 304 -24.88 -12.57 -6.84
CA ASP G 304 -25.07 -13.93 -6.34
C ASP G 304 -26.55 -14.12 -5.99
N LEU G 305 -27.24 -14.96 -6.76
CA LEU G 305 -28.67 -15.16 -6.56
C LEU G 305 -28.96 -15.77 -5.18
N GLU G 306 -28.12 -16.71 -4.76
CA GLU G 306 -28.30 -17.34 -3.45
C GLU G 306 -28.20 -16.31 -2.32
N ALA G 307 -27.16 -15.46 -2.33
CA ALA G 307 -27.02 -14.46 -1.29
C ALA G 307 -28.21 -13.51 -1.28
N ALA G 308 -28.70 -13.15 -2.48
CA ALA G 308 -29.87 -12.31 -2.57
C ALA G 308 -31.10 -13.00 -1.99
N ARG G 309 -31.28 -14.29 -2.29
CA ARG G 309 -32.41 -15.00 -1.71
C ARG G 309 -32.33 -15.03 -0.19
N GLN G 310 -31.12 -15.22 0.34
CA GLN G 310 -30.93 -15.24 1.79
C GLN G 310 -31.40 -13.93 2.41
N PHE G 311 -31.03 -12.81 1.79
CA PHE G 311 -31.42 -11.49 2.31
C PHE G 311 -32.94 -11.30 2.22
N SER G 312 -33.54 -11.62 1.08
CA SER G 312 -34.96 -11.37 0.89
C SER G 312 -35.81 -12.23 1.81
N GLU G 313 -35.46 -13.52 1.94
CA GLU G 313 -36.21 -14.40 2.84
C GLU G 313 -36.14 -13.90 4.28
N ALA G 314 -34.97 -13.49 4.73
CA ALA G 314 -34.85 -13.02 6.12
C ALA G 314 -35.65 -11.75 6.34
N VAL G 315 -35.62 -10.82 5.39
CA VAL G 315 -36.38 -9.59 5.54
C VAL G 315 -37.87 -9.89 5.48
N LYS G 316 -38.29 -10.66 4.48
CA LYS G 316 -39.72 -10.90 4.29
C LYS G 316 -40.31 -11.76 5.41
N ALA G 317 -39.49 -12.46 6.17
CA ALA G 317 -40.03 -13.22 7.30
C ALA G 317 -40.70 -12.30 8.31
N GLU G 318 -40.23 -11.06 8.43
CA GLU G 318 -40.83 -10.10 9.34
C GLU G 318 -41.72 -9.09 8.65
N TYR G 319 -41.39 -8.72 7.42
CA TYR G 319 -42.16 -7.78 6.61
C TYR G 319 -42.45 -8.46 5.27
N PRO G 320 -43.50 -9.28 5.21
CA PRO G 320 -43.77 -10.06 3.98
C PRO G 320 -43.95 -9.23 2.71
N ASP G 321 -44.49 -8.00 2.83
CA ASP G 321 -44.81 -7.18 1.67
C ASP G 321 -43.71 -6.15 1.35
N GLN G 322 -42.59 -6.19 2.06
CA GLN G 322 -41.51 -5.24 1.82
C GLN G 322 -40.87 -5.49 0.45
N MET G 323 -40.91 -4.49 -0.42
CA MET G 323 -40.23 -4.61 -1.70
C MET G 323 -38.74 -4.33 -1.52
N LEU G 324 -37.94 -4.96 -2.37
CA LEU G 324 -36.48 -4.84 -2.35
C LEU G 324 -35.99 -4.24 -3.66
N ALA G 325 -34.75 -3.76 -3.64
CA ALA G 325 -34.07 -3.26 -4.84
C ALA G 325 -32.69 -3.88 -4.95
N TYR G 326 -32.19 -4.02 -6.18
CA TYR G 326 -30.92 -4.71 -6.40
C TYR G 326 -30.05 -3.95 -7.40
N ASN G 327 -28.82 -3.64 -6.99
CA ASN G 327 -27.85 -2.95 -7.83
C ASN G 327 -27.16 -3.97 -8.74
N CYS G 328 -27.54 -4.02 -10.01
CA CYS G 328 -26.83 -4.82 -11.00
C CYS G 328 -25.60 -4.02 -11.47
N SER G 329 -24.53 -4.13 -10.69
CA SER G 329 -23.48 -3.12 -10.74
C SER G 329 -22.43 -3.46 -11.78
N PRO G 330 -22.06 -2.50 -12.65
CA PRO G 330 -20.86 -2.70 -13.48
C PRO G 330 -19.58 -2.81 -12.68
N SER G 331 -19.62 -2.59 -11.36
CA SER G 331 -18.46 -2.84 -10.52
C SER G 331 -18.19 -4.33 -10.31
N PHE G 332 -19.11 -5.20 -10.72
CA PHE G 332 -18.86 -6.63 -10.78
C PHE G 332 -18.25 -6.98 -12.12
N ASN G 333 -17.35 -7.96 -12.11
CA ASN G 333 -16.87 -8.63 -13.32
C ASN G 333 -17.83 -9.78 -13.60
N TRP G 334 -18.84 -9.53 -14.45
CA TRP G 334 -20.00 -10.42 -14.48
C TRP G 334 -19.64 -11.83 -14.93
N LYS G 335 -18.98 -11.94 -16.08
CA LYS G 335 -18.66 -13.27 -16.62
C LYS G 335 -17.64 -14.00 -15.77
N LYS G 336 -16.90 -13.31 -14.90
CA LYS G 336 -16.04 -14.02 -13.98
C LYS G 336 -16.85 -14.82 -12.98
N HIS G 337 -18.07 -14.38 -12.66
CA HIS G 337 -18.90 -15.03 -11.64
C HIS G 337 -19.98 -15.93 -12.23
N LEU G 338 -20.57 -15.57 -13.37
CA LEU G 338 -21.79 -16.20 -13.87
C LEU G 338 -21.62 -16.63 -15.32
N ASP G 339 -22.26 -17.76 -15.67
CA ASP G 339 -22.32 -18.14 -17.09
C ASP G 339 -23.44 -17.37 -17.79
N ASP G 340 -23.46 -17.49 -19.13
CA ASP G 340 -24.39 -16.71 -19.94
C ASP G 340 -25.83 -17.01 -19.56
N ALA G 341 -26.14 -18.28 -19.28
CA ALA G 341 -27.52 -18.65 -18.96
C ALA G 341 -27.97 -18.00 -17.65
N THR G 342 -27.11 -17.99 -16.64
CA THR G 342 -27.47 -17.35 -15.38
C THR G 342 -27.58 -15.84 -15.54
N ILE G 343 -26.68 -15.25 -16.33
CA ILE G 343 -26.75 -13.82 -16.61
C ILE G 343 -28.09 -13.47 -17.28
N ALA G 344 -28.55 -14.33 -18.21
CA ALA G 344 -29.79 -14.05 -18.93
C ALA G 344 -31.02 -14.11 -18.02
N LYS G 345 -31.04 -14.98 -17.00
CA LYS G 345 -32.17 -15.10 -16.09
C LYS G 345 -32.01 -14.31 -14.80
N PHE G 346 -30.90 -13.58 -14.64
CA PHE G 346 -30.53 -12.99 -13.35
C PHE G 346 -31.64 -12.09 -12.82
N GLN G 347 -32.03 -11.07 -13.60
CA GLN G 347 -33.03 -10.13 -13.12
C GLN G 347 -34.38 -10.81 -12.90
N LYS G 348 -34.74 -11.73 -13.79
CA LYS G 348 -36.01 -12.42 -13.64
C LYS G 348 -36.05 -13.23 -12.35
N GLU G 349 -34.93 -13.87 -11.99
CA GLU G 349 -34.87 -14.65 -10.74
C GLU G 349 -34.96 -13.74 -9.52
N LEU G 350 -34.26 -12.61 -9.57
CA LEU G 350 -34.34 -11.64 -8.49
C LEU G 350 -35.77 -11.14 -8.30
N ALA G 351 -36.47 -10.88 -9.39
CA ALA G 351 -37.83 -10.38 -9.29
C ALA G 351 -38.72 -11.34 -8.49
N ALA G 352 -38.59 -12.66 -8.71
CA ALA G 352 -39.42 -13.62 -7.99
C ALA G 352 -39.10 -13.65 -6.50
N MET G 353 -37.93 -13.16 -6.10
CA MET G 353 -37.56 -13.00 -4.70
C MET G 353 -38.05 -11.69 -4.09
N GLY G 354 -38.64 -10.81 -4.87
CA GLY G 354 -39.13 -9.54 -4.35
C GLY G 354 -38.26 -8.34 -4.67
N PHE G 355 -37.26 -8.47 -5.54
CA PHE G 355 -36.45 -7.31 -5.97
C PHE G 355 -37.19 -6.68 -7.14
N LYS G 356 -38.04 -5.70 -6.82
CA LYS G 356 -38.94 -5.11 -7.79
C LYS G 356 -38.37 -3.86 -8.45
N PHE G 357 -37.25 -3.34 -7.98
CA PHE G 357 -36.53 -2.29 -8.71
C PHE G 357 -35.09 -2.75 -8.90
N GLN G 358 -34.67 -2.90 -10.15
CA GLN G 358 -33.32 -3.36 -10.48
C GLN G 358 -32.69 -2.41 -11.49
N PHE G 359 -31.39 -2.17 -11.35
CA PHE G 359 -30.82 -1.06 -12.09
C PHE G 359 -29.32 -1.26 -12.31
N ILE G 360 -28.86 -0.91 -13.51
CA ILE G 360 -27.44 -0.92 -13.83
C ILE G 360 -26.94 0.51 -13.65
N THR G 361 -26.19 0.71 -12.58
CA THR G 361 -25.88 2.06 -12.07
C THR G 361 -25.02 2.86 -13.04
N LEU G 362 -23.90 2.27 -13.51
CA LEU G 362 -22.93 2.99 -14.32
C LEU G 362 -23.05 2.69 -15.82
N ALA G 363 -24.25 2.34 -16.27
CA ALA G 363 -24.45 2.01 -17.68
C ALA G 363 -24.11 3.19 -18.57
N GLY G 364 -24.47 4.40 -18.15
CA GLY G 364 -24.20 5.58 -18.94
C GLY G 364 -22.71 5.87 -19.06
N PHE G 365 -21.99 5.86 -17.95
CA PHE G 365 -20.54 6.06 -18.00
C PHE G 365 -19.89 5.09 -18.99
N HIS G 366 -20.24 3.81 -18.91
CA HIS G 366 -19.55 2.84 -19.77
C HIS G 366 -19.96 2.95 -21.22
N ALA G 367 -21.24 3.14 -21.52
CA ALA G 367 -21.63 3.31 -22.91
C ALA G 367 -20.99 4.55 -23.51
N LEU G 368 -20.99 5.65 -22.75
CA LEU G 368 -20.42 6.91 -23.23
C LEU G 368 -18.92 6.77 -23.46
N ASN G 369 -18.20 6.24 -22.48
CA ASN G 369 -16.75 6.15 -22.60
C ASN G 369 -16.35 5.14 -23.67
N TYR G 370 -16.99 3.97 -23.68
CA TYR G 370 -16.63 2.96 -24.66
C TYR G 370 -16.96 3.43 -26.07
N SER G 371 -18.17 3.99 -26.27
CA SER G 371 -18.58 4.36 -27.62
C SER G 371 -17.67 5.44 -28.19
N MET G 372 -17.20 6.36 -27.35
CA MET G 372 -16.35 7.43 -27.88
C MET G 372 -14.95 6.92 -28.07
N PHE G 373 -14.45 6.05 -27.19
CA PHE G 373 -13.14 5.47 -27.44
C PHE G 373 -13.12 4.72 -28.75
N ASP G 374 -14.12 3.86 -28.96
CA ASP G 374 -14.11 3.04 -30.16
C ASP G 374 -14.17 3.90 -31.40
N LEU G 375 -15.01 4.93 -31.40
CA LEU G 375 -15.09 5.84 -32.54
C LEU G 375 -13.78 6.61 -32.75
N ALA G 376 -13.24 7.19 -31.67
CA ALA G 376 -12.04 8.02 -31.80
C ALA G 376 -10.85 7.18 -32.25
N TYR G 377 -10.76 5.94 -31.76
CA TYR G 377 -9.67 5.05 -32.16
C TYR G 377 -9.74 4.76 -33.66
N GLY G 378 -10.93 4.41 -34.15
CA GLY G 378 -11.06 4.19 -35.59
C GLY G 378 -10.80 5.44 -36.40
N TYR G 379 -11.31 6.58 -35.92
CA TYR G 379 -11.11 7.85 -36.61
C TYR G 379 -9.63 8.20 -36.70
N ALA G 380 -8.89 7.98 -35.62
CA ALA G 380 -7.46 8.21 -35.64
C ALA G 380 -6.75 7.40 -36.71
N GLN G 381 -7.28 6.22 -37.06
CA GLN G 381 -6.63 5.34 -38.03
C GLN G 381 -7.12 5.57 -39.46
N ASN G 382 -8.44 5.73 -39.63
N ASN G 382 -8.43 5.73 -39.66
CA ASN G 382 -9.05 5.69 -40.96
CA ASN G 382 -8.98 5.75 -41.01
C ASN G 382 -9.99 6.86 -41.20
C ASN G 382 -9.97 6.88 -41.24
N GLN G 383 -9.99 7.88 -40.35
CA GLN G 383 -10.79 9.08 -40.51
C GLN G 383 -12.25 8.77 -40.87
N MET G 384 -12.74 9.27 -42.00
CA MET G 384 -14.19 9.30 -42.19
C MET G 384 -14.81 7.90 -42.26
N SER G 385 -14.04 6.90 -42.69
CA SER G 385 -14.56 5.55 -42.74
C SER G 385 -15.12 5.12 -41.40
N ALA G 386 -14.45 5.51 -40.31
CA ALA G 386 -14.89 5.10 -38.98
C ALA G 386 -16.23 5.74 -38.61
N TYR G 387 -16.40 7.01 -38.92
CA TYR G 387 -17.68 7.64 -38.60
C TYR G 387 -18.79 7.05 -39.46
N VAL G 388 -18.53 6.82 -40.74
CA VAL G 388 -19.58 6.34 -41.61
C VAL G 388 -20.09 4.99 -41.12
N GLU G 389 -19.20 4.14 -40.59
CA GLU G 389 -19.66 2.89 -39.99
C GLU G 389 -20.70 3.16 -38.90
N LEU G 390 -20.46 4.18 -38.08
CA LEU G 390 -21.43 4.52 -37.03
C LEU G 390 -22.73 5.02 -37.65
N GLN G 391 -22.64 5.91 -38.62
CA GLN G 391 -23.86 6.42 -39.23
C GLN G 391 -24.68 5.29 -39.85
N GLU G 392 -24.01 4.29 -40.41
CA GLU G 392 -24.74 3.17 -41.01
C GLU G 392 -25.38 2.29 -39.96
N ARG G 393 -24.73 2.12 -38.81
CA ARG G 393 -25.36 1.40 -37.70
C ARG G 393 -26.63 2.13 -37.25
N GLU G 394 -26.58 3.47 -37.26
CA GLU G 394 -27.74 4.27 -36.86
C GLU G 394 -28.90 4.09 -37.84
N PHE G 395 -28.60 4.13 -39.14
CA PHE G 395 -29.63 3.86 -40.13
C PHE G 395 -30.28 2.50 -39.89
N ALA G 396 -29.46 1.48 -39.62
CA ALA G 396 -30.00 0.14 -39.45
C ALA G 396 -30.85 0.02 -38.20
N ALA G 397 -30.51 0.79 -37.16
CA ALA G 397 -31.26 0.73 -35.90
C ALA G 397 -32.63 1.35 -36.00
N GLU G 398 -32.90 2.12 -37.06
CA GLU G 398 -34.22 2.74 -37.23
C GLU G 398 -35.33 1.68 -37.31
N GLU G 399 -35.05 0.49 -37.84
CA GLU G 399 -36.13 -0.48 -37.86
C GLU G 399 -36.49 -0.94 -36.45
N ARG G 400 -35.59 -0.76 -35.49
CA ARG G 400 -35.83 -1.00 -34.07
C ARG G 400 -36.44 0.20 -33.34
N GLY G 401 -36.68 1.31 -34.04
CA GLY G 401 -37.29 2.49 -33.43
C GLY G 401 -36.34 3.64 -33.19
N TYR G 402 -35.06 3.48 -33.47
CA TYR G 402 -34.11 4.57 -33.30
C TYR G 402 -34.49 5.74 -34.21
N THR G 403 -34.44 6.97 -33.68
CA THR G 403 -34.81 8.15 -34.46
C THR G 403 -33.73 9.21 -34.51
N ALA G 404 -32.63 9.07 -33.77
CA ALA G 404 -31.71 10.18 -33.61
C ALA G 404 -30.78 10.34 -34.80
N THR G 405 -30.81 9.42 -35.78
CA THR G 405 -30.07 9.68 -37.01
C THR G 405 -30.47 11.03 -37.61
N LYS G 406 -31.77 11.34 -37.56
CA LYS G 406 -32.27 12.66 -37.93
C LYS G 406 -32.12 13.57 -36.71
N HIS G 407 -30.89 14.06 -36.52
CA HIS G 407 -30.59 14.76 -35.28
C HIS G 407 -31.30 16.09 -35.16
N GLN G 408 -31.65 16.74 -36.28
CA GLN G 408 -32.28 18.04 -36.17
C GLN G 408 -33.66 17.93 -35.53
N ARG G 409 -34.52 17.05 -36.04
CA ARG G 409 -35.84 16.89 -35.42
C ARG G 409 -35.71 16.27 -34.03
N GLU G 410 -34.68 15.45 -33.82
CA GLU G 410 -34.53 14.77 -32.54
C GLU G 410 -34.39 15.76 -31.39
N VAL G 411 -33.75 16.91 -31.62
CA VAL G 411 -33.56 17.90 -30.57
C VAL G 411 -34.56 19.03 -30.66
N GLY G 412 -35.59 18.89 -31.50
CA GLY G 412 -36.72 19.79 -31.50
C GLY G 412 -36.76 20.84 -32.59
N ALA G 413 -36.00 20.67 -33.67
CA ALA G 413 -36.05 21.66 -34.73
C ALA G 413 -37.46 21.83 -35.27
N GLY G 414 -38.22 20.73 -35.37
CA GLY G 414 -39.57 20.85 -35.88
C GLY G 414 -40.51 21.44 -34.85
N TYR G 415 -40.29 21.11 -33.59
CA TYR G 415 -41.11 21.67 -32.52
C TYR G 415 -40.96 23.19 -32.46
N PHE G 416 -39.73 23.68 -32.53
CA PHE G 416 -39.55 25.12 -32.52
C PHE G 416 -39.99 25.78 -33.81
N ASP G 417 -39.93 25.07 -34.94
CA ASP G 417 -40.56 25.58 -36.15
C ASP G 417 -42.04 25.81 -35.91
N ARG G 418 -42.69 24.88 -35.21
CA ARG G 418 -44.13 25.01 -34.95
C ARG G 418 -44.41 26.19 -34.04
N ILE G 419 -43.56 26.42 -33.03
CA ILE G 419 -43.69 27.62 -32.22
C ILE G 419 -43.53 28.86 -33.09
N ALA G 420 -42.49 28.89 -33.90
CA ALA G 420 -42.23 30.06 -34.72
C ALA G 420 -43.40 30.38 -35.64
N THR G 421 -44.00 29.37 -36.28
CA THR G 421 -45.08 29.65 -37.21
C THR G 421 -46.41 29.87 -36.49
N THR G 422 -46.54 29.44 -35.23
CA THR G 422 -47.67 29.87 -34.43
C THR G 422 -47.61 31.36 -34.15
N VAL G 423 -46.42 31.86 -33.83
CA VAL G 423 -46.23 33.29 -33.59
C VAL G 423 -46.35 34.07 -34.88
N ASP G 424 -45.68 33.61 -35.94
CA ASP G 424 -45.68 34.29 -37.23
C ASP G 424 -45.79 33.26 -38.36
N PRO G 425 -46.99 33.00 -38.87
CA PRO G 425 -47.13 32.02 -39.98
C PRO G 425 -46.30 32.36 -41.20
N ASN G 426 -45.97 33.63 -41.41
CA ASN G 426 -45.26 34.06 -42.61
C ASN G 426 -43.76 34.11 -42.43
N SER G 427 -43.24 33.59 -41.32
CA SER G 427 -41.80 33.66 -41.06
C SER G 427 -41.02 33.00 -42.20
N SER G 428 -39.96 33.68 -42.65
CA SER G 428 -39.07 33.12 -43.64
C SER G 428 -37.76 32.59 -43.02
N THR G 429 -37.73 32.37 -41.70
CA THR G 429 -36.53 31.90 -41.02
C THR G 429 -36.81 30.65 -40.20
N THR G 430 -37.69 29.78 -40.69
CA THR G 430 -37.84 28.48 -40.06
C THR G 430 -36.67 27.59 -40.48
N ALA G 431 -36.49 26.47 -39.76
CA ALA G 431 -35.24 25.73 -39.80
C ALA G 431 -35.28 24.47 -40.67
N LEU G 432 -36.31 23.65 -40.56
CA LEU G 432 -36.27 22.35 -41.23
C LEU G 432 -36.44 22.47 -42.74
N THR G 433 -37.20 23.46 -43.20
CA THR G 433 -37.37 23.62 -44.64
C THR G 433 -36.07 24.10 -45.25
N GLY G 434 -35.55 23.34 -46.21
CA GLY G 434 -34.27 23.63 -46.80
C GLY G 434 -33.08 23.00 -46.12
N SER G 435 -33.30 22.28 -45.00
CA SER G 435 -32.22 21.63 -44.29
C SER G 435 -31.70 20.43 -45.09
N THR G 436 -30.44 20.05 -44.81
CA THR G 436 -29.90 18.83 -45.40
C THR G 436 -30.54 17.59 -44.80
N GLU G 437 -31.11 17.70 -43.60
CA GLU G 437 -31.86 16.58 -43.05
C GLU G 437 -33.10 16.29 -43.89
N GLU G 438 -33.82 17.33 -44.31
CA GLU G 438 -34.98 17.14 -45.18
C GLU G 438 -34.57 16.63 -46.56
N GLY G 439 -33.40 17.03 -47.05
CA GLY G 439 -33.00 16.68 -48.40
C GLY G 439 -32.29 15.35 -48.51
N GLN G 440 -31.68 14.87 -47.41
CA GLN G 440 -30.80 13.71 -47.49
C GLN G 440 -31.17 12.55 -46.58
N PHE G 441 -32.11 12.72 -45.64
CA PHE G 441 -32.47 11.69 -44.66
C PHE G 441 -33.97 11.33 -44.70
N MET H 15 2.12 47.89 -4.81
CA MET H 15 1.64 46.77 -3.95
C MET H 15 2.38 45.48 -4.30
N SER H 16 2.23 45.02 -5.54
CA SER H 16 2.84 43.77 -6.00
C SER H 16 3.11 43.87 -7.50
N VAL H 17 4.04 43.03 -7.98
CA VAL H 17 4.34 42.98 -9.41
C VAL H 17 3.62 41.84 -10.12
N VAL H 18 2.94 40.96 -9.39
CA VAL H 18 2.24 39.83 -10.00
C VAL H 18 1.17 40.33 -10.97
N GLY H 19 1.22 39.86 -12.21
CA GLY H 19 0.23 40.25 -13.20
C GLY H 19 0.40 41.63 -13.79
N THR H 20 1.54 42.27 -13.62
CA THR H 20 1.76 43.61 -14.18
C THR H 20 1.59 43.57 -15.69
N PRO H 21 0.80 44.48 -16.27
CA PRO H 21 0.66 44.49 -17.74
C PRO H 21 1.96 44.84 -18.45
N LYS H 22 2.11 44.27 -19.64
CA LYS H 22 3.19 44.64 -20.54
C LYS H 22 2.96 46.06 -21.04
N SER H 23 4.06 46.71 -21.44
CA SER H 23 3.96 48.00 -22.09
C SER H 23 3.45 47.83 -23.52
N ALA H 24 2.96 48.93 -24.08
CA ALA H 24 2.50 48.89 -25.46
C ALA H 24 3.66 48.63 -26.40
N GLU H 25 4.86 49.09 -26.04
CA GLU H 25 6.05 48.85 -26.85
C GLU H 25 6.36 47.36 -26.93
N GLN H 26 6.22 46.66 -25.80
CA GLN H 26 6.40 45.22 -25.80
C GLN H 26 5.37 44.54 -26.69
N ILE H 27 4.10 44.92 -26.55
CA ILE H 27 3.05 44.34 -27.39
C ILE H 27 3.34 44.60 -28.86
N GLN H 28 3.66 45.86 -29.18
CA GLN H 28 3.91 46.21 -30.57
C GLN H 28 5.04 45.37 -31.14
N GLN H 29 6.11 45.16 -30.37
CA GLN H 29 7.22 44.34 -30.84
C GLN H 29 6.78 42.91 -31.11
N GLU H 30 5.98 42.32 -30.23
CA GLU H 30 5.42 41.00 -30.50
C GLU H 30 4.67 40.98 -31.84
N TRP H 31 3.78 41.95 -32.05
CA TRP H 31 3.01 42.00 -33.29
C TRP H 31 3.93 42.15 -34.50
N ASP H 32 5.03 42.89 -34.35
CA ASP H 32 5.91 43.18 -35.47
C ASP H 32 6.88 42.04 -35.76
N THR H 33 7.22 41.22 -34.75
CA THR H 33 8.32 40.28 -34.92
C THR H 33 7.90 38.81 -34.80
N ASN H 34 6.90 38.50 -34.00
CA ASN H 34 6.47 37.11 -33.86
C ASN H 34 5.80 36.62 -35.13
N PRO H 35 6.31 35.59 -35.80
CA PRO H 35 5.66 35.10 -37.02
C PRO H 35 4.22 34.69 -36.83
N ARG H 36 3.80 34.46 -35.58
CA ARG H 36 2.40 34.17 -35.29
C ARG H 36 1.47 35.22 -35.90
N TRP H 37 1.91 36.49 -35.93
CA TRP H 37 1.06 37.58 -36.39
C TRP H 37 1.41 38.02 -37.81
N LYS H 38 2.08 37.17 -38.58
CA LYS H 38 2.59 37.60 -39.88
C LYS H 38 1.47 38.14 -40.77
N ASP H 39 0.33 37.46 -40.81
CA ASP H 39 -0.72 37.81 -41.77
C ASP H 39 -1.95 38.41 -41.08
N VAL H 40 -1.76 39.07 -39.95
CA VAL H 40 -2.86 39.49 -39.10
C VAL H 40 -2.95 41.01 -39.11
N THR H 41 -4.08 41.53 -39.57
CA THR H 41 -4.34 42.97 -39.52
C THR H 41 -5.07 43.33 -38.22
N ARG H 42 -4.60 44.38 -37.57
CA ARG H 42 -5.22 44.96 -36.40
C ARG H 42 -5.54 46.42 -36.68
N THR H 43 -6.82 46.78 -36.60
CA THR H 43 -7.22 48.17 -36.80
C THR H 43 -7.12 49.03 -35.55
N TYR H 44 -6.77 48.47 -34.40
CA TYR H 44 -6.55 49.21 -33.17
C TYR H 44 -5.08 49.11 -32.82
N SER H 45 -4.67 49.92 -31.86
CA SER H 45 -3.26 50.07 -31.53
C SER H 45 -2.90 49.25 -30.29
N ALA H 46 -1.60 49.02 -30.12
CA ALA H 46 -1.15 48.37 -28.89
C ALA H 46 -1.52 49.20 -27.67
N GLU H 47 -1.46 50.53 -27.80
CA GLU H 47 -1.91 51.42 -26.74
C GLU H 47 -3.38 51.20 -26.41
N ASP H 48 -4.22 51.01 -27.44
CA ASP H 48 -5.63 50.73 -27.21
C ASP H 48 -5.81 49.48 -26.38
N VAL H 49 -4.95 48.49 -26.60
CA VAL H 49 -5.05 47.25 -25.82
C VAL H 49 -4.72 47.52 -24.36
N VAL H 50 -3.57 48.16 -24.11
CA VAL H 50 -3.17 48.47 -22.75
C VAL H 50 -4.26 49.25 -22.03
N ALA H 51 -4.90 50.17 -22.73
CA ALA H 51 -5.92 51.02 -22.12
C ALA H 51 -7.06 50.20 -21.53
N LEU H 52 -7.29 48.98 -22.02
CA LEU H 52 -8.40 48.19 -21.55
C LEU H 52 -8.01 47.15 -20.50
N GLN H 53 -6.76 47.12 -20.08
CA GLN H 53 -6.25 46.02 -19.26
C GLN H 53 -6.25 46.33 -17.78
N GLY H 54 -6.61 47.54 -17.37
CA GLY H 54 -6.54 47.79 -15.95
C GLY H 54 -5.11 47.72 -15.45
N SER H 55 -4.97 47.33 -14.18
CA SER H 55 -3.69 47.29 -13.47
C SER H 55 -3.12 45.88 -13.33
N VAL H 56 -3.93 44.86 -13.57
CA VAL H 56 -3.51 43.47 -13.44
C VAL H 56 -4.05 42.70 -14.64
N VAL H 57 -3.21 41.87 -15.23
CA VAL H 57 -3.64 40.95 -16.29
C VAL H 57 -3.56 39.54 -15.73
N GLU H 58 -4.71 38.88 -15.63
CA GLU H 58 -4.71 37.49 -15.22
C GLU H 58 -4.02 36.63 -16.27
N GLU H 59 -3.20 35.69 -15.81
CA GLU H 59 -2.61 34.71 -16.70
C GLU H 59 -3.65 33.63 -16.98
N HIS H 60 -3.70 33.19 -18.23
CA HIS H 60 -4.62 32.14 -18.66
C HIS H 60 -3.74 31.01 -19.19
N THR H 61 -3.28 30.16 -18.28
CA THR H 61 -2.29 29.16 -18.62
C THR H 61 -2.80 28.25 -19.74
N LEU H 62 -4.01 27.67 -19.57
CA LEU H 62 -4.44 26.66 -20.55
C LEU H 62 -4.79 27.30 -21.89
N ALA H 63 -5.30 28.53 -21.89
CA ALA H 63 -5.60 29.22 -23.14
C ALA H 63 -4.32 29.52 -23.91
N ARG H 64 -3.26 29.91 -23.18
CA ARG H 64 -2.00 30.20 -23.84
C ARG H 64 -1.35 28.93 -24.37
N ARG H 65 -1.21 27.92 -23.51
CA ARG H 65 -0.59 26.67 -23.91
C ARG H 65 -1.37 26.03 -25.05
N GLY H 66 -2.68 25.94 -24.90
CA GLY H 66 -3.47 25.30 -25.93
C GLY H 66 -3.39 26.03 -27.26
N ALA H 67 -3.45 27.36 -27.24
CA ALA H 67 -3.38 28.11 -28.49
C ALA H 67 -2.01 27.96 -29.12
N GLU H 68 -0.95 27.92 -28.31
CA GLU H 68 0.39 27.75 -28.86
C GLU H 68 0.56 26.36 -29.46
N VAL H 69 0.06 25.34 -28.76
CA VAL H 69 0.13 23.97 -29.27
C VAL H 69 -0.67 23.84 -30.55
N LEU H 70 -1.88 24.37 -30.56
CA LEU H 70 -2.72 24.24 -31.75
C LEU H 70 -2.04 24.88 -32.95
N TRP H 71 -1.56 26.11 -32.79
CA TRP H 71 -0.88 26.80 -33.88
C TRP H 71 0.31 25.98 -34.37
N GLU H 72 1.09 25.42 -33.43
CA GLU H 72 2.23 24.60 -33.82
C GLU H 72 1.76 23.35 -34.58
N GLN H 73 0.73 22.67 -34.05
CA GLN H 73 0.24 21.45 -34.71
C GLN H 73 -0.28 21.75 -36.10
N LEU H 74 -1.02 22.85 -36.27
CA LEU H 74 -1.56 23.19 -37.60
C LEU H 74 -0.48 23.37 -38.63
N HIS H 75 0.75 23.69 -38.22
CA HIS H 75 1.85 23.87 -39.17
C HIS H 75 2.77 22.67 -39.25
N ASP H 76 2.82 21.80 -38.23
CA ASP H 76 3.72 20.66 -38.26
C ASP H 76 3.06 19.37 -38.73
N LEU H 77 1.79 19.16 -38.45
CA LEU H 77 1.10 17.95 -38.86
C LEU H 77 0.52 18.10 -40.27
N GLU H 78 0.28 16.96 -40.92
CA GLU H 78 -0.32 17.00 -42.25
C GLU H 78 -1.70 17.64 -42.18
N TRP H 79 -2.48 17.28 -41.16
CA TRP H 79 -3.63 18.07 -40.74
C TRP H 79 -3.99 17.70 -39.30
N VAL H 80 -4.84 18.53 -38.69
CA VAL H 80 -5.33 18.33 -37.33
C VAL H 80 -6.80 17.92 -37.45
N ASN H 81 -7.16 16.74 -36.97
CA ASN H 81 -8.56 16.36 -36.98
C ASN H 81 -9.10 16.17 -35.56
N ALA H 82 -10.42 16.28 -35.46
CA ALA H 82 -11.06 16.32 -34.16
C ALA H 82 -12.48 15.75 -34.27
N LEU H 83 -13.02 15.37 -33.11
CA LEU H 83 -14.41 14.96 -33.00
C LEU H 83 -15.11 15.84 -31.98
N GLY H 84 -16.40 16.07 -32.18
CA GLY H 84 -17.18 16.85 -31.23
C GLY H 84 -17.31 16.15 -29.89
N ALA H 85 -17.03 16.89 -28.82
CA ALA H 85 -17.13 16.40 -27.44
C ALA H 85 -18.08 17.28 -26.65
N LEU H 86 -19.05 16.65 -25.97
CA LEU H 86 -19.96 17.39 -25.12
C LEU H 86 -19.87 17.03 -23.64
N THR H 87 -19.00 16.10 -23.24
CA THR H 87 -18.71 15.85 -21.84
C THR H 87 -17.22 15.71 -21.69
N GLY H 88 -16.76 15.87 -20.44
CA GLY H 88 -15.34 15.72 -20.17
C GLY H 88 -14.82 14.34 -20.49
N ASN H 89 -15.54 13.30 -20.05
CA ASN H 89 -15.14 11.93 -20.32
C ASN H 89 -14.99 11.71 -21.83
N MET H 90 -15.84 12.33 -22.63
CA MET H 90 -15.73 12.18 -24.08
C MET H 90 -14.38 12.65 -24.59
N ALA H 91 -13.96 13.84 -24.15
CA ALA H 91 -12.67 14.39 -24.55
C ALA H 91 -11.53 13.52 -24.08
N VAL H 92 -11.64 12.98 -22.86
CA VAL H 92 -10.59 12.11 -22.35
C VAL H 92 -10.41 10.90 -23.27
N GLN H 93 -11.51 10.32 -23.77
CA GLN H 93 -11.39 9.14 -24.62
C GLN H 93 -10.86 9.50 -25.99
N GLN H 94 -11.24 10.68 -26.50
CA GLN H 94 -10.68 11.14 -27.76
C GLN H 94 -9.16 11.26 -27.68
N VAL H 95 -8.64 11.77 -26.57
CA VAL H 95 -7.19 11.93 -26.41
C VAL H 95 -6.52 10.60 -26.15
N ARG H 96 -7.15 9.76 -25.30
CA ARG H 96 -6.66 8.41 -25.06
C ARG H 96 -6.52 7.63 -26.35
N ALA H 97 -7.46 7.82 -27.28
CA ALA H 97 -7.42 7.07 -28.54
C ALA H 97 -6.45 7.66 -29.55
N GLY H 98 -5.84 8.80 -29.26
CA GLY H 98 -4.77 9.35 -30.08
C GLY H 98 -5.07 10.68 -30.76
N LEU H 99 -6.26 11.27 -30.61
CA LEU H 99 -6.54 12.55 -31.24
C LEU H 99 -5.81 13.67 -30.52
N LYS H 100 -5.51 14.74 -31.26
CA LYS H 100 -4.62 15.78 -30.77
C LYS H 100 -5.31 17.14 -30.70
N ALA H 101 -6.63 17.14 -30.78
CA ALA H 101 -7.44 18.34 -30.63
C ALA H 101 -8.84 17.90 -30.30
N ILE H 102 -9.56 18.78 -29.60
CA ILE H 102 -10.96 18.59 -29.23
C ILE H 102 -11.77 19.65 -29.96
N TYR H 103 -12.92 19.24 -30.52
CA TYR H 103 -13.86 20.18 -31.10
C TYR H 103 -15.08 20.30 -30.19
N LEU H 104 -15.47 21.53 -29.87
CA LEU H 104 -16.61 21.77 -28.98
C LEU H 104 -17.75 22.38 -29.79
N SER H 105 -18.73 21.53 -30.12
CA SER H 105 -19.86 21.90 -30.94
C SER H 105 -20.89 22.68 -30.15
N GLY H 106 -21.27 23.86 -30.66
CA GLY H 106 -22.41 24.55 -30.11
C GLY H 106 -23.69 23.77 -30.29
N TRP H 107 -23.83 23.10 -31.45
CA TRP H 107 -24.99 22.25 -31.73
C TRP H 107 -25.22 21.25 -30.60
N GLN H 108 -24.14 20.57 -30.18
CA GLN H 108 -24.27 19.53 -29.16
C GLN H 108 -24.59 20.13 -27.79
N VAL H 109 -24.02 21.30 -27.49
CA VAL H 109 -24.35 22.04 -26.29
C VAL H 109 -25.84 22.38 -26.27
N ALA H 110 -26.37 22.86 -27.39
CA ALA H 110 -27.81 23.09 -27.50
C ALA H 110 -28.59 21.80 -27.26
N GLY H 111 -28.16 20.69 -27.85
CA GLY H 111 -28.94 19.47 -27.79
C GLY H 111 -28.93 18.79 -26.42
N ASP H 112 -27.82 18.90 -25.67
CA ASP H 112 -27.66 18.03 -24.52
C ASP H 112 -26.68 18.52 -23.47
N ALA H 113 -26.23 19.77 -23.54
CA ALA H 113 -25.26 20.21 -22.53
C ALA H 113 -25.21 21.72 -22.32
N ASN H 114 -26.35 22.37 -22.10
CA ASN H 114 -26.35 23.81 -21.86
C ASN H 114 -27.02 24.15 -20.53
N LEU H 115 -26.77 25.38 -20.08
CA LEU H 115 -27.08 25.84 -18.75
C LEU H 115 -28.55 26.14 -18.51
N SER H 116 -29.39 26.09 -19.55
CA SER H 116 -30.84 26.16 -19.34
C SER H 116 -31.41 24.85 -18.83
N GLY H 117 -30.70 23.74 -18.97
CA GLY H 117 -31.25 22.42 -18.72
C GLY H 117 -32.10 21.86 -19.83
N HIS H 118 -32.36 22.62 -20.88
CA HIS H 118 -33.30 22.18 -21.92
C HIS H 118 -32.58 21.61 -23.14
N THR H 119 -33.35 20.85 -23.91
CA THR H 119 -32.93 20.35 -25.21
C THR H 119 -33.34 21.37 -26.27
N TYR H 120 -32.37 21.86 -27.05
CA TYR H 120 -32.66 22.88 -28.03
C TYR H 120 -32.14 22.52 -29.41
N PRO H 121 -32.80 22.98 -30.47
CA PRO H 121 -32.20 22.97 -31.80
C PRO H 121 -31.15 24.09 -31.91
N ASP H 122 -30.39 24.08 -33.00
CA ASP H 122 -29.16 24.86 -33.04
C ASP H 122 -29.48 26.28 -33.53
N GLN H 123 -30.01 27.08 -32.60
CA GLN H 123 -30.56 28.40 -32.91
C GLN H 123 -30.17 29.47 -31.89
N SER H 124 -29.02 29.31 -31.23
CA SER H 124 -28.53 30.27 -30.24
C SER H 124 -29.57 30.56 -29.17
N LEU H 125 -30.25 29.51 -28.72
CA LEU H 125 -31.31 29.62 -27.73
C LEU H 125 -30.80 29.52 -26.31
N TYR H 126 -29.64 28.89 -26.11
CA TYR H 126 -29.14 28.60 -24.77
C TYR H 126 -28.37 29.79 -24.20
N PRO H 127 -28.12 29.79 -22.87
CA PRO H 127 -27.40 30.91 -22.26
C PRO H 127 -25.96 30.99 -22.75
N ALA H 128 -25.52 32.23 -23.00
CA ALA H 128 -24.29 32.48 -23.72
C ALA H 128 -23.05 32.00 -22.99
N ASN H 129 -23.12 31.73 -21.68
CA ASN H 129 -21.95 31.19 -21.01
C ASN H 129 -21.90 29.67 -21.03
N SER H 130 -22.75 29.01 -21.84
CA SER H 130 -22.80 27.54 -21.82
C SER H 130 -21.55 26.91 -22.43
N VAL H 131 -21.06 27.43 -23.55
CA VAL H 131 -19.89 26.80 -24.15
C VAL H 131 -18.65 27.03 -23.28
N PRO H 132 -18.44 28.23 -22.72
CA PRO H 132 -17.30 28.39 -21.79
C PRO H 132 -17.30 27.37 -20.66
N GLN H 133 -18.46 27.10 -20.06
CA GLN H 133 -18.52 26.07 -19.01
C GLN H 133 -18.06 24.72 -19.52
N VAL H 134 -18.41 24.36 -20.76
CA VAL H 134 -17.99 23.05 -21.27
C VAL H 134 -16.50 23.03 -21.57
N VAL H 135 -15.94 24.16 -22.05
CA VAL H 135 -14.48 24.27 -22.20
C VAL H 135 -13.80 23.99 -20.87
N ARG H 136 -14.25 24.69 -19.82
CA ARG H 136 -13.66 24.50 -18.50
C ARG H 136 -13.79 23.05 -18.06
N ARG H 137 -14.98 22.46 -18.27
CA ARG H 137 -15.20 21.05 -17.93
C ARG H 137 -14.23 20.15 -18.67
N ILE H 138 -14.08 20.35 -19.97
CA ILE H 138 -13.20 19.49 -20.74
C ILE H 138 -11.77 19.62 -20.23
N ASN H 139 -11.32 20.85 -19.96
CA ASN H 139 -9.97 21.00 -19.44
C ASN H 139 -9.83 20.30 -18.10
N ASN H 140 -10.83 20.43 -17.24
CA ASN H 140 -10.77 19.76 -15.94
C ASN H 140 -10.65 18.25 -16.11
N ALA H 141 -11.41 17.69 -17.04
CA ALA H 141 -11.39 16.24 -17.26
C ALA H 141 -10.04 15.79 -17.81
N LEU H 142 -9.48 16.55 -18.75
CA LEU H 142 -8.16 16.20 -19.28
C LEU H 142 -7.10 16.35 -18.21
N GLN H 143 -7.27 17.37 -17.34
CA GLN H 143 -6.34 17.56 -16.22
C GLN H 143 -6.38 16.39 -15.28
N ARG H 144 -7.58 15.87 -14.99
CA ARG H 144 -7.66 14.67 -14.16
C ARG H 144 -6.98 13.48 -14.83
N ALA H 145 -7.23 13.27 -16.13
CA ALA H 145 -6.54 12.18 -16.82
C ALA H 145 -5.03 12.35 -16.76
N ASP H 146 -4.54 13.58 -16.87
CA ASP H 146 -3.09 13.86 -16.77
C ASP H 146 -2.54 13.55 -15.39
N GLN H 147 -3.30 13.88 -14.34
CA GLN H 147 -2.87 13.60 -12.96
C GLN H 147 -2.83 12.11 -12.65
N ILE H 148 -3.89 11.38 -13.05
CA ILE H 148 -3.92 9.92 -12.89
C ILE H 148 -2.74 9.28 -13.61
N ALA H 149 -2.53 9.68 -14.87
CA ALA H 149 -1.47 9.09 -15.67
C ALA H 149 -0.12 9.25 -14.98
N LYS H 150 0.10 10.41 -14.35
CA LYS H 150 1.38 10.66 -13.68
C LYS H 150 1.56 9.71 -12.49
N ILE H 151 0.55 9.58 -11.64
CA ILE H 151 0.72 8.68 -10.51
C ILE H 151 0.71 7.22 -10.97
N GLU H 152 0.12 6.92 -12.13
CA GLU H 152 0.15 5.56 -12.65
C GLU H 152 1.41 5.27 -13.45
N GLY H 153 2.26 6.26 -13.71
CA GLY H 153 3.41 6.02 -14.55
C GLY H 153 3.05 5.77 -15.99
N ASP H 154 1.88 6.23 -16.41
CA ASP H 154 1.36 6.00 -17.75
C ASP H 154 1.86 7.09 -18.69
N THR H 155 2.74 6.71 -19.63
CA THR H 155 3.31 7.65 -20.58
C THR H 155 2.80 7.45 -22.00
N SER H 156 1.69 6.75 -22.17
CA SER H 156 1.21 6.43 -23.51
C SER H 156 0.58 7.64 -24.20
N VAL H 157 0.18 8.67 -23.46
CA VAL H 157 -0.31 9.92 -24.05
C VAL H 157 0.74 10.99 -23.83
N GLU H 158 1.24 11.58 -24.91
CA GLU H 158 2.26 12.62 -24.80
C GLU H 158 1.68 13.91 -24.21
N ASN H 159 0.49 14.31 -24.66
CA ASN H 159 -0.10 15.57 -24.22
C ASN H 159 -1.58 15.37 -23.90
N TRP H 160 -1.91 15.28 -22.61
CA TRP H 160 -3.31 15.17 -22.21
C TRP H 160 -4.09 16.45 -22.45
N LEU H 161 -3.43 17.60 -22.39
CA LEU H 161 -4.11 18.88 -22.57
C LEU H 161 -4.14 19.23 -24.05
N ALA H 162 -4.89 18.42 -24.79
CA ALA H 162 -5.09 18.69 -26.21
C ALA H 162 -5.79 20.03 -26.37
N PRO H 163 -5.48 20.79 -27.41
CA PRO H 163 -6.18 22.06 -27.62
C PRO H 163 -7.66 21.89 -27.93
N ILE H 164 -8.46 22.83 -27.43
CA ILE H 164 -9.91 22.87 -27.61
C ILE H 164 -10.24 23.97 -28.63
N VAL H 165 -10.90 23.60 -29.72
CA VAL H 165 -11.51 24.55 -30.65
C VAL H 165 -13.01 24.61 -30.34
N ALA H 166 -13.51 25.79 -30.01
CA ALA H 166 -14.85 25.97 -29.48
C ALA H 166 -15.68 26.90 -30.35
N ASP H 167 -16.99 26.72 -30.25
CA ASP H 167 -18.00 27.36 -31.08
C ASP H 167 -18.47 28.65 -30.41
N GLY H 168 -18.25 29.78 -31.08
CA GLY H 168 -18.77 31.06 -30.66
C GLY H 168 -20.05 31.47 -31.37
N GLU H 169 -20.57 30.61 -32.24
CA GLU H 169 -21.82 30.81 -32.95
C GLU H 169 -21.75 32.17 -33.64
N ALA H 170 -22.78 33.01 -33.53
CA ALA H 170 -22.78 34.34 -34.09
C ALA H 170 -22.60 35.41 -33.01
N GLY H 171 -22.00 35.03 -31.88
CA GLY H 171 -21.66 35.98 -30.84
C GLY H 171 -22.76 36.33 -29.85
N PHE H 172 -23.98 35.83 -30.02
CA PHE H 172 -25.09 36.08 -29.08
C PHE H 172 -25.39 37.57 -28.93
N GLY H 173 -25.23 38.31 -30.00
CA GLY H 173 -25.63 39.70 -29.99
C GLY H 173 -24.74 40.56 -30.86
N GLY H 174 -24.24 41.63 -30.28
CA GLY H 174 -23.37 42.57 -30.94
C GLY H 174 -21.91 42.33 -30.61
N ALA H 175 -21.09 43.34 -30.93
CA ALA H 175 -19.65 43.19 -30.79
C ALA H 175 -19.24 42.99 -29.34
N LEU H 176 -19.98 43.57 -28.40
CA LEU H 176 -19.66 43.40 -26.98
C LEU H 176 -20.03 42.00 -26.48
N ASN H 177 -21.07 41.39 -27.06
CA ASN H 177 -21.41 40.01 -26.70
C ASN H 177 -20.35 39.05 -27.23
N VAL H 178 -19.90 39.28 -28.45
CA VAL H 178 -18.77 38.55 -28.98
C VAL H 178 -17.58 38.65 -28.03
N TYR H 179 -17.26 39.89 -27.63
CA TYR H 179 -16.09 40.15 -26.81
C TYR H 179 -16.13 39.33 -25.53
N GLU H 180 -17.27 39.36 -24.83
CA GLU H 180 -17.43 38.66 -23.56
C GLU H 180 -17.43 37.15 -23.73
N LEU H 181 -17.97 36.64 -24.85
CA LEU H 181 -17.91 35.21 -25.11
C LEU H 181 -16.46 34.78 -25.33
N GLN H 182 -15.72 35.53 -26.14
CA GLN H 182 -14.31 35.19 -26.33
C GLN H 182 -13.53 35.27 -25.02
N LYS H 183 -13.79 36.30 -24.22
CA LYS H 183 -13.12 36.42 -22.92
C LYS H 183 -13.45 35.23 -22.02
N ALA H 184 -14.71 34.82 -21.98
CA ALA H 184 -15.10 33.67 -21.16
C ALA H 184 -14.51 32.36 -21.69
N LEU H 185 -14.44 32.20 -23.02
CA LEU H 185 -13.79 31.02 -23.57
C LEU H 185 -12.33 30.96 -23.17
N ILE H 186 -11.64 32.11 -23.21
CA ILE H 186 -10.23 32.14 -22.86
C ILE H 186 -10.05 31.82 -21.37
N ALA H 187 -10.85 32.45 -20.52
CA ALA H 187 -10.76 32.17 -19.09
C ALA H 187 -10.92 30.68 -18.80
N ALA H 188 -11.78 30.01 -19.56
CA ALA H 188 -12.01 28.57 -19.39
C ALA H 188 -10.90 27.71 -19.97
N GLY H 189 -9.99 28.28 -20.76
CA GLY H 189 -8.86 27.56 -21.32
C GLY H 189 -8.96 27.18 -22.79
N VAL H 190 -9.71 27.92 -23.59
CA VAL H 190 -9.88 27.58 -25.01
C VAL H 190 -8.59 27.85 -25.77
N ALA H 191 -8.37 27.07 -26.84
CA ALA H 191 -7.24 27.26 -27.73
C ALA H 191 -7.60 28.02 -28.99
N GLY H 192 -8.82 27.86 -29.47
CA GLY H 192 -9.28 28.57 -30.65
C GLY H 192 -10.79 28.65 -30.62
N SER H 193 -11.32 29.59 -31.38
CA SER H 193 -12.76 29.84 -31.39
C SER H 193 -13.20 30.25 -32.78
N HIS H 194 -14.44 29.90 -33.13
CA HIS H 194 -14.95 30.18 -34.47
C HIS H 194 -16.25 30.97 -34.41
N TRP H 195 -16.43 31.78 -35.45
CA TRP H 195 -17.40 32.88 -35.47
C TRP H 195 -17.99 32.97 -36.87
N GLU H 196 -19.32 32.97 -36.96
CA GLU H 196 -20.02 32.88 -38.24
C GLU H 196 -20.77 34.15 -38.55
N ASP H 197 -20.94 34.42 -39.84
CA ASP H 197 -21.50 35.68 -40.34
C ASP H 197 -23.03 35.62 -40.47
N GLN H 198 -23.70 35.09 -39.46
CA GLN H 198 -25.16 35.05 -39.38
C GLN H 198 -25.70 36.09 -38.40
N LEU H 199 -26.97 36.44 -38.61
CA LEU H 199 -27.69 37.27 -37.67
C LEU H 199 -27.96 36.48 -36.38
N ALA H 200 -27.45 36.98 -35.25
CA ALA H 200 -27.50 36.19 -34.01
C ALA H 200 -28.94 35.80 -33.67
N SER H 201 -29.88 36.75 -33.76
CA SER H 201 -31.27 36.50 -33.40
C SER H 201 -31.95 35.47 -34.29
N GLU H 202 -31.35 35.12 -35.43
CA GLU H 202 -31.90 34.11 -36.32
C GLU H 202 -30.89 33.01 -36.62
N LYS H 203 -29.92 32.81 -35.73
CA LYS H 203 -28.84 31.85 -35.96
C LYS H 203 -29.40 30.47 -36.27
N LYS H 204 -28.74 29.79 -37.21
CA LYS H 204 -29.05 28.40 -37.57
C LYS H 204 -27.78 27.56 -37.60
N EJA H 205 -27.93 26.26 -37.39
CA EJA H 205 -26.89 25.32 -37.80
CB EJA H 205 -27.35 23.87 -37.51
SG EJA H 205 -26.26 22.59 -38.33
CD EJA H 205 -24.55 22.45 -37.51
CE EJA H 205 -24.11 21.09 -37.08
CZ EJA H 205 -23.73 20.30 -38.34
OT1 EJA H 205 -24.62 20.17 -39.25
OT2 EJA H 205 -22.56 19.84 -38.50
NE EJA H 205 -23.68 23.42 -37.35
OZ EJA H 205 -24.02 24.67 -37.77
C EJA H 205 -26.67 25.56 -39.35
O EJA H 205 -27.62 25.86 -40.07
H EJA H 205 -28.64 25.88 -37.02
HA EJA H 205 -26.07 25.51 -37.33
HB2 EJA H 205 -28.25 23.69 -37.83
HB3 EJA H 205 -27.36 23.67 -36.56
HE2 EJA H 205 -23.34 21.08 -36.48
HE1 EJA H 205 -24.80 20.59 -36.61
HOZ EJA H 205 -23.79 25.17 -37.12
N GLY H 206 -25.43 25.43 -39.82
CA GLY H 206 -25.11 25.66 -41.23
C GLY H 206 -25.90 24.78 -42.17
N HIS H 207 -26.42 23.65 -41.66
CA HIS H 207 -27.15 22.70 -42.48
C HIS H 207 -28.64 22.68 -42.19
N LEU H 208 -29.13 23.72 -41.50
CA LEU H 208 -30.56 24.03 -41.40
C LEU H 208 -30.90 25.14 -42.39
N GLY H 209 -32.19 25.25 -42.69
CA GLY H 209 -32.67 26.35 -43.50
C GLY H 209 -32.92 27.60 -42.67
N GLY H 210 -33.39 28.63 -43.36
CA GLY H 210 -33.79 29.86 -42.72
C GLY H 210 -32.66 30.71 -42.22
N LYS H 211 -31.51 30.69 -42.90
CA LYS H 211 -30.32 31.38 -42.43
C LYS H 211 -30.30 32.82 -42.94
N VAL H 212 -29.82 33.74 -42.11
CA VAL H 212 -29.78 35.17 -42.43
C VAL H 212 -28.35 35.65 -42.21
N LEU H 213 -27.72 36.11 -43.29
CA LEU H 213 -26.38 36.67 -43.23
C LEU H 213 -26.45 38.10 -42.70
N ILE H 214 -25.32 38.52 -42.14
CA ILE H 214 -25.10 39.91 -41.78
C ILE H 214 -24.08 40.45 -42.80
N PRO H 215 -23.92 41.78 -42.88
CA PRO H 215 -23.03 42.33 -43.90
C PRO H 215 -21.58 41.95 -43.63
N THR H 216 -20.81 41.91 -44.71
CA THR H 216 -19.40 41.55 -44.62
C THR H 216 -18.69 42.36 -43.55
N GLN H 217 -18.92 43.67 -43.54
CA GLN H 217 -18.23 44.52 -42.57
C GLN H 217 -18.62 44.16 -41.14
N GLN H 218 -19.87 43.76 -40.92
CA GLN H 218 -20.27 43.39 -39.57
C GLN H 218 -19.53 42.15 -39.08
N HIS H 219 -19.23 41.20 -39.98
CA HIS H 219 -18.49 40.04 -39.51
C HIS H 219 -17.02 40.35 -39.30
N ILE H 220 -16.46 41.28 -40.08
CA ILE H 220 -15.12 41.76 -39.78
C ILE H 220 -15.08 42.36 -38.37
N ARG H 221 -16.15 43.06 -37.98
CA ARG H 221 -16.23 43.60 -36.64
C ARG H 221 -16.20 42.48 -35.61
N THR H 222 -17.00 41.43 -35.84
CA THR H 222 -16.97 40.27 -34.96
C THR H 222 -15.56 39.72 -34.82
N LEU H 223 -14.88 39.49 -35.94
CA LEU H 223 -13.54 38.90 -35.90
C LEU H 223 -12.56 39.83 -35.23
N THR H 224 -12.75 41.14 -35.40
CA THR H 224 -11.91 42.13 -34.73
C THR H 224 -12.16 42.12 -33.23
N SER H 225 -13.43 41.96 -32.85
CA SER H 225 -13.77 41.92 -31.43
C SER H 225 -13.19 40.67 -30.78
N ALA H 226 -13.21 39.55 -31.49
CA ALA H 226 -12.66 38.31 -30.95
C ALA H 226 -11.15 38.42 -30.81
N ARG H 227 -10.49 39.10 -31.75
CA ARG H 227 -9.05 39.33 -31.64
CA ARG H 227 -9.05 39.31 -31.61
C ARG H 227 -8.73 40.26 -30.48
N LEU H 228 -9.51 41.34 -30.33
CA LEU H 228 -9.28 42.29 -29.26
C LEU H 228 -9.39 41.63 -27.89
N ALA H 229 -10.40 40.80 -27.69
CA ALA H 229 -10.54 40.11 -26.40
C ALA H 229 -9.33 39.23 -26.12
N ALA H 230 -8.80 38.56 -27.15
CA ALA H 230 -7.62 37.73 -26.94
C ALA H 230 -6.39 38.59 -26.65
N ASP H 231 -6.23 39.71 -27.37
CA ASP H 231 -5.13 40.62 -27.09
C ASP H 231 -5.22 41.18 -25.67
N VAL H 232 -6.40 41.63 -25.26
CA VAL H 232 -6.54 42.21 -23.93
C VAL H 232 -6.26 41.17 -22.86
N ALA H 233 -6.62 39.92 -23.14
CA ALA H 233 -6.33 38.79 -22.27
C ALA H 233 -4.92 38.25 -22.47
N ASP H 234 -4.17 38.81 -23.42
CA ASP H 234 -2.76 38.49 -23.65
C ASP H 234 -2.52 37.01 -23.98
N VAL H 235 -3.40 36.43 -24.80
CA VAL H 235 -3.17 35.05 -25.29
C VAL H 235 -3.34 34.98 -26.81
N PRO H 236 -2.54 34.16 -27.51
CA PRO H 236 -2.59 34.11 -28.99
C PRO H 236 -3.67 33.19 -29.56
N THR H 237 -4.91 33.37 -29.09
CA THR H 237 -6.03 32.50 -29.46
C THR H 237 -6.17 32.37 -30.98
N VAL H 238 -6.40 31.15 -31.45
CA VAL H 238 -6.68 30.90 -32.85
C VAL H 238 -8.11 31.33 -33.16
N VAL H 239 -8.27 32.23 -34.13
CA VAL H 239 -9.56 32.81 -34.49
C VAL H 239 -9.98 32.26 -35.84
N ILE H 240 -11.17 31.68 -35.90
CA ILE H 240 -11.64 30.97 -37.08
C ILE H 240 -12.88 31.67 -37.60
N ALA H 241 -12.86 32.02 -38.88
CA ALA H 241 -14.00 32.69 -39.52
C ALA H 241 -14.77 31.67 -40.35
N ARG H 242 -16.07 31.59 -40.10
CA ARG H 242 -16.99 30.73 -40.82
C ARG H 242 -17.95 31.58 -41.63
N THR H 243 -18.14 31.26 -42.91
CA THR H 243 -19.19 31.87 -43.70
C THR H 243 -20.31 30.88 -44.01
N ASP H 244 -21.54 31.37 -43.92
CA ASP H 244 -22.74 30.60 -44.20
C ASP H 244 -23.37 31.00 -45.53
N ALA H 245 -22.61 31.64 -46.42
CA ALA H 245 -23.17 32.23 -47.62
C ALA H 245 -23.42 31.22 -48.75
N GLU H 246 -22.99 29.96 -48.59
CA GLU H 246 -23.25 28.97 -49.63
C GLU H 246 -24.73 28.66 -49.73
N ALA H 247 -25.43 28.61 -48.60
CA ALA H 247 -26.84 28.26 -48.59
C ALA H 247 -27.77 29.40 -48.20
N ALA H 248 -27.28 30.42 -47.48
CA ALA H 248 -28.18 31.46 -46.98
C ALA H 248 -28.72 32.30 -48.14
N THR H 249 -30.05 32.52 -48.14
CA THR H 249 -30.70 33.30 -49.19
C THR H 249 -31.16 34.67 -48.69
N LEU H 250 -30.81 35.04 -47.46
CA LEU H 250 -31.25 36.29 -46.85
C LEU H 250 -30.06 37.00 -46.23
N ILE H 251 -30.17 38.34 -46.16
CA ILE H 251 -29.17 39.16 -45.51
C ILE H 251 -29.87 40.35 -44.86
N THR H 252 -29.28 40.87 -43.78
CA THR H 252 -29.96 41.93 -43.02
C THR H 252 -30.02 43.24 -43.78
N SER H 253 -29.00 43.52 -44.61
CA SER H 253 -28.89 44.84 -45.22
C SER H 253 -28.06 44.73 -46.49
N ASP H 254 -28.26 45.70 -47.37
CA ASP H 254 -27.47 45.85 -48.58
C ASP H 254 -26.46 46.99 -48.44
N VAL H 255 -26.19 47.43 -47.22
CA VAL H 255 -25.39 48.64 -47.01
C VAL H 255 -23.93 48.47 -47.44
N ASP H 256 -23.42 47.24 -47.50
CA ASP H 256 -22.01 46.97 -47.79
C ASP H 256 -21.86 46.68 -49.28
N GLU H 257 -21.05 47.50 -49.96
CA GLU H 257 -20.87 47.34 -51.40
C GLU H 257 -20.30 45.97 -51.76
N ARG H 258 -19.62 45.30 -50.83
CA ARG H 258 -19.13 43.96 -51.12
C ARG H 258 -20.27 42.94 -51.21
N ASP H 259 -21.42 43.21 -50.62
CA ASP H 259 -22.52 42.26 -50.67
C ASP H 259 -23.51 42.57 -51.79
N GLN H 260 -23.47 43.79 -52.31
CA GLN H 260 -24.49 44.21 -53.27
C GLN H 260 -24.52 43.41 -54.57
N PRO H 261 -23.40 42.84 -55.06
CA PRO H 261 -23.48 42.09 -56.32
C PRO H 261 -24.35 40.84 -56.22
N PHE H 262 -24.77 40.46 -55.03
CA PHE H 262 -25.63 39.31 -54.84
C PHE H 262 -27.03 39.69 -54.40
N ILE H 263 -27.27 40.97 -54.10
CA ILE H 263 -28.60 41.41 -53.71
C ILE H 263 -29.50 41.37 -54.92
N THR H 264 -30.67 40.74 -54.78
CA THR H 264 -31.64 40.64 -55.86
C THR H 264 -32.66 41.76 -55.85
N GLY H 265 -32.69 42.58 -54.80
CA GLY H 265 -33.64 43.68 -54.70
C GLY H 265 -34.94 43.32 -54.02
N GLU H 266 -35.24 42.03 -53.88
CA GLU H 266 -36.45 41.62 -53.18
C GLU H 266 -36.22 41.67 -51.67
N ARG H 267 -37.31 41.92 -50.95
CA ARG H 267 -37.30 41.99 -49.50
C ARG H 267 -38.43 41.16 -48.94
N THR H 268 -38.18 40.54 -47.79
CA THR H 268 -39.17 39.75 -47.10
C THR H 268 -40.02 40.66 -46.20
N ARG H 269 -41.08 40.07 -45.65
CA ARG H 269 -41.98 40.84 -44.77
C ARG H 269 -41.25 41.30 -43.51
N GLU H 270 -40.21 40.59 -43.09
CA GLU H 270 -39.40 41.00 -41.94
C GLU H 270 -38.43 42.12 -42.26
N GLY H 271 -38.24 42.43 -43.54
CA GLY H 271 -37.29 43.45 -43.97
C GLY H 271 -35.95 42.90 -44.40
N PHE H 272 -35.76 41.59 -44.36
CA PHE H 272 -34.52 41.01 -44.85
C PHE H 272 -34.44 41.19 -46.37
N TYR H 273 -33.22 41.22 -46.89
CA TYR H 273 -32.95 41.29 -48.33
C TYR H 273 -32.63 39.90 -48.86
N ARG H 274 -33.28 39.51 -49.95
CA ARG H 274 -32.93 38.27 -50.62
C ARG H 274 -31.60 38.41 -51.33
N THR H 275 -30.80 37.34 -51.31
CA THR H 275 -29.45 37.38 -51.84
C THR H 275 -29.17 36.07 -52.57
N LYS H 276 -28.28 36.14 -53.56
CA LYS H 276 -27.94 34.97 -54.37
C LYS H 276 -26.87 34.15 -53.66
N ASN H 277 -27.20 32.91 -53.31
CA ASN H 277 -26.34 32.06 -52.50
C ASN H 277 -25.44 31.21 -53.37
N GLY H 278 -24.31 30.77 -52.84
CA GLY H 278 -23.45 29.86 -53.54
C GLY H 278 -22.00 30.07 -53.13
N ILE H 279 -21.12 29.36 -53.83
CA ILE H 279 -19.70 29.44 -53.53
C ILE H 279 -19.14 30.84 -53.81
N GLU H 280 -19.67 31.53 -54.83
CA GLU H 280 -19.14 32.85 -55.18
C GLU H 280 -19.16 33.82 -54.00
N PRO H 281 -20.28 34.06 -53.32
CA PRO H 281 -20.22 34.94 -52.12
C PRO H 281 -19.34 34.38 -51.00
N CYS H 282 -19.20 33.06 -50.88
CA CYS H 282 -18.29 32.50 -49.88
C CYS H 282 -16.85 32.87 -50.18
N ILE H 283 -16.47 32.78 -51.45
CA ILE H 283 -15.10 33.11 -51.82
C ILE H 283 -14.82 34.58 -51.55
N ALA H 284 -15.75 35.45 -51.91
CA ALA H 284 -15.55 36.88 -51.70
C ALA H 284 -15.46 37.20 -50.21
N ARG H 285 -16.37 36.63 -49.43
CA ARG H 285 -16.34 36.86 -47.98
C ARG H 285 -15.07 36.29 -47.36
N ALA H 286 -14.64 35.10 -47.80
CA ALA H 286 -13.42 34.52 -47.27
C ALA H 286 -12.24 35.44 -47.51
N LYS H 287 -12.11 35.98 -48.72
CA LYS H 287 -11.01 36.89 -48.99
C LYS H 287 -11.10 38.12 -48.09
N ALA H 288 -12.31 38.64 -47.86
CA ALA H 288 -12.46 39.82 -47.00
C ALA H 288 -12.15 39.50 -45.55
N TYR H 289 -12.45 38.28 -45.11
CA TYR H 289 -12.17 37.87 -43.75
C TYR H 289 -10.71 37.50 -43.52
N ALA H 290 -9.97 37.19 -44.57
CA ALA H 290 -8.67 36.55 -44.40
C ALA H 290 -7.68 37.37 -43.58
N PRO H 291 -7.59 38.69 -43.72
CA PRO H 291 -6.69 39.46 -42.84
C PRO H 291 -7.07 39.38 -41.38
N PHE H 292 -8.27 38.87 -41.05
CA PHE H 292 -8.78 38.85 -39.68
C PHE H 292 -9.03 37.43 -39.17
N ALA H 293 -8.54 36.41 -39.89
CA ALA H 293 -8.86 35.03 -39.57
C ALA H 293 -7.64 34.13 -39.66
N ASP H 294 -7.36 33.37 -38.60
CA ASP H 294 -6.30 32.39 -38.67
C ASP H 294 -6.68 31.18 -39.51
N LEU H 295 -7.97 30.85 -39.55
CA LEU H 295 -8.47 29.82 -40.45
C LEU H 295 -9.82 30.26 -40.98
N ILE H 296 -10.13 29.79 -42.19
CA ILE H 296 -11.38 30.13 -42.86
C ILE H 296 -12.10 28.86 -43.25
N TRP H 297 -13.42 28.91 -43.15
CA TRP H 297 -14.28 27.74 -43.23
C TRP H 297 -15.56 28.18 -43.92
N MET H 298 -15.97 27.50 -44.99
CA MET H 298 -17.27 27.75 -45.60
C MET H 298 -18.13 26.52 -45.40
N GLU H 299 -19.32 26.71 -44.84
CA GLU H 299 -20.28 25.62 -44.75
C GLU H 299 -20.71 25.23 -46.15
N THR H 300 -21.09 23.97 -46.32
CA THR H 300 -21.43 23.48 -47.64
C THR H 300 -22.53 22.43 -47.50
N GLY H 301 -23.28 22.24 -48.60
CA GLY H 301 -24.45 21.39 -48.56
C GLY H 301 -24.19 19.91 -48.70
N THR H 302 -23.01 19.53 -49.19
CA THR H 302 -22.67 18.14 -49.43
C THR H 302 -21.17 17.97 -49.25
N PRO H 303 -20.69 16.77 -48.94
CA PRO H 303 -19.25 16.53 -48.88
C PRO H 303 -18.71 16.33 -50.28
N ASP H 304 -17.96 17.31 -50.78
CA ASP H 304 -17.59 17.34 -52.20
C ASP H 304 -16.15 17.83 -52.30
N LEU H 305 -15.24 16.93 -52.68
CA LEU H 305 -13.83 17.32 -52.77
C LEU H 305 -13.58 18.38 -53.82
N GLU H 306 -14.33 18.35 -54.93
CA GLU H 306 -14.10 19.32 -55.99
C GLU H 306 -14.60 20.71 -55.61
N ALA H 307 -15.74 20.78 -54.92
CA ALA H 307 -16.19 22.08 -54.40
C ALA H 307 -15.19 22.64 -53.40
N ALA H 308 -14.67 21.79 -52.52
CA ALA H 308 -13.65 22.22 -51.58
C ALA H 308 -12.40 22.69 -52.30
N ARG H 309 -12.03 22.03 -53.40
CA ARG H 309 -10.86 22.50 -54.15
C ARG H 309 -11.12 23.87 -54.75
N GLN H 310 -12.32 24.08 -55.29
CA GLN H 310 -12.63 25.37 -55.89
C GLN H 310 -12.51 26.48 -54.87
N PHE H 311 -13.00 26.25 -53.66
CA PHE H 311 -12.88 27.25 -52.60
C PHE H 311 -11.42 27.48 -52.24
N SER H 312 -10.72 26.40 -51.91
CA SER H 312 -9.33 26.50 -51.49
C SER H 312 -8.48 27.26 -52.51
N GLU H 313 -8.56 26.87 -53.78
CA GLU H 313 -7.70 27.46 -54.79
C GLU H 313 -8.03 28.93 -54.99
N ALA H 314 -9.31 29.29 -54.92
CA ALA H 314 -9.69 30.69 -55.05
C ALA H 314 -9.09 31.53 -53.92
N VAL H 315 -9.23 31.06 -52.68
CA VAL H 315 -8.75 31.81 -51.53
C VAL H 315 -7.23 31.93 -51.56
N LYS H 316 -6.56 30.80 -51.72
CA LYS H 316 -5.10 30.79 -51.71
C LYS H 316 -4.51 31.53 -52.90
N ALA H 317 -5.27 31.70 -53.98
CA ALA H 317 -4.77 32.49 -55.08
C ALA H 317 -4.50 33.93 -54.67
N GLU H 318 -5.12 34.40 -53.58
CA GLU H 318 -4.85 35.72 -53.05
C GLU H 318 -4.17 35.70 -51.69
N TYR H 319 -4.31 34.62 -50.94
CA TYR H 319 -3.70 34.47 -49.62
C TYR H 319 -3.04 33.09 -49.59
N PRO H 320 -1.86 32.95 -50.20
CA PRO H 320 -1.28 31.61 -50.37
C PRO H 320 -1.02 30.87 -49.07
N ASP H 321 -0.88 31.56 -47.95
CA ASP H 321 -0.59 30.92 -46.67
C ASP H 321 -1.83 30.76 -45.80
N GLN H 322 -3.00 31.12 -46.30
CA GLN H 322 -4.22 31.05 -45.50
C GLN H 322 -4.63 29.60 -45.25
N MET H 323 -4.72 29.20 -43.98
CA MET H 323 -5.18 27.87 -43.64
C MET H 323 -6.70 27.83 -43.66
N LEU H 324 -7.24 26.67 -43.99
CA LEU H 324 -8.67 26.48 -44.08
C LEU H 324 -9.12 25.37 -43.11
N ALA H 325 -10.40 25.38 -42.80
CA ALA H 325 -11.01 24.36 -41.98
C ALA H 325 -12.23 23.78 -42.67
N TYR H 326 -12.48 22.50 -42.45
CA TYR H 326 -13.58 21.80 -43.11
C TYR H 326 -14.41 21.02 -42.10
N ASN H 327 -15.73 21.20 -42.16
CA ASN H 327 -16.67 20.49 -41.30
C ASN H 327 -17.06 19.18 -41.98
N CYS H 328 -16.61 18.05 -41.43
CA CYS H 328 -17.05 16.75 -41.92
C CYS H 328 -18.33 16.42 -41.17
N SER H 329 -19.44 16.91 -41.68
CA SER H 329 -20.68 17.03 -40.91
C SER H 329 -21.48 15.73 -40.91
N PRO H 330 -21.95 15.27 -39.75
CA PRO H 330 -22.97 14.21 -39.73
C PRO H 330 -24.31 14.65 -40.30
N SER H 331 -24.50 15.95 -40.57
CA SER H 331 -25.67 16.40 -41.27
C SER H 331 -25.67 15.99 -42.74
N PHE H 332 -24.57 15.45 -43.26
CA PHE H 332 -24.55 14.82 -44.57
C PHE H 332 -24.88 13.33 -44.43
N ASN H 333 -25.60 12.81 -45.43
CA ASN H 333 -25.76 11.37 -45.58
C ASN H 333 -24.58 10.90 -46.41
N TRP H 334 -23.57 10.34 -45.75
CA TRP H 334 -22.27 10.19 -46.38
C TRP H 334 -22.30 9.18 -47.53
N LYS H 335 -22.89 8.00 -47.31
CA LYS H 335 -22.87 7.01 -48.38
C LYS H 335 -23.89 7.27 -49.48
N LYS H 336 -24.83 8.18 -49.25
CA LYS H 336 -25.68 8.65 -50.33
C LYS H 336 -24.90 9.43 -51.36
N HIS H 337 -23.76 10.01 -50.99
CA HIS H 337 -23.02 10.89 -51.89
C HIS H 337 -21.70 10.32 -52.34
N LEU H 338 -21.03 9.52 -51.52
CA LEU H 338 -19.67 9.08 -51.82
C LEU H 338 -19.58 7.57 -51.68
N ASP H 339 -18.72 6.98 -52.51
CA ASP H 339 -18.40 5.57 -52.35
C ASP H 339 -17.34 5.40 -51.26
N ASP H 340 -17.14 4.15 -50.84
CA ASP H 340 -16.26 3.91 -49.71
C ASP H 340 -14.85 4.44 -50.00
N ALA H 341 -14.37 4.26 -51.22
CA ALA H 341 -13.01 4.68 -51.55
C ALA H 341 -12.81 6.17 -51.35
N THR H 342 -13.79 6.98 -51.76
CA THR H 342 -13.68 8.42 -51.60
C THR H 342 -13.81 8.80 -50.13
N ILE H 343 -14.68 8.13 -49.40
CA ILE H 343 -14.81 8.37 -47.96
C ILE H 343 -13.47 8.12 -47.28
N ALA H 344 -12.76 7.06 -47.69
CA ALA H 344 -11.54 6.72 -46.98
C ALA H 344 -10.42 7.72 -47.23
N LYS H 345 -10.36 8.33 -48.42
CA LYS H 345 -9.33 9.30 -48.74
C LYS H 345 -9.75 10.74 -48.43
N PHE H 346 -11.00 10.95 -47.99
CA PHE H 346 -11.58 12.28 -47.96
C PHE H 346 -10.70 13.30 -47.22
N GLN H 347 -10.41 13.02 -45.94
CA GLN H 347 -9.67 14.00 -45.13
C GLN H 347 -8.26 14.21 -45.68
N LYS H 348 -7.61 13.13 -46.11
CA LYS H 348 -6.25 13.26 -46.66
C LYS H 348 -6.22 14.18 -47.87
N GLU H 349 -7.22 14.07 -48.75
CA GLU H 349 -7.28 14.92 -49.93
C GLU H 349 -7.55 16.37 -49.55
N LEU H 350 -8.43 16.59 -48.57
CA LEU H 350 -8.66 17.93 -48.07
C LEU H 350 -7.38 18.54 -47.51
N ALA H 351 -6.63 17.77 -46.73
CA ALA H 351 -5.39 18.27 -46.15
C ALA H 351 -4.44 18.79 -47.21
N ALA H 352 -4.36 18.08 -48.34
CA ALA H 352 -3.50 18.54 -49.42
C ALA H 352 -3.99 19.84 -50.03
N MET H 353 -5.28 20.17 -49.90
CA MET H 353 -5.78 21.43 -50.42
C MET H 353 -5.59 22.57 -49.42
N GLY H 354 -5.07 22.29 -48.23
CA GLY H 354 -4.88 23.32 -47.23
C GLY H 354 -5.91 23.32 -46.12
N PHE H 355 -6.79 22.33 -46.06
CA PHE H 355 -7.73 22.24 -44.95
C PHE H 355 -7.01 21.57 -43.79
N LYS H 356 -6.42 22.38 -42.92
CA LYS H 356 -5.54 21.86 -41.89
C LYS H 356 -6.26 21.58 -40.57
N PHE H 357 -7.53 21.98 -40.44
CA PHE H 357 -8.34 21.59 -39.30
C PHE H 357 -9.65 20.99 -39.82
N GLN H 358 -9.92 19.74 -39.46
CA GLN H 358 -11.07 19.00 -39.95
C GLN H 358 -11.74 18.32 -38.77
N PHE H 359 -13.07 18.34 -38.72
CA PHE H 359 -13.74 17.98 -37.49
C PHE H 359 -15.11 17.41 -37.84
N ILE H 360 -15.50 16.36 -37.12
CA ILE H 360 -16.84 15.79 -37.19
C ILE H 360 -17.63 16.40 -36.04
N THR H 361 -18.51 17.33 -36.38
CA THR H 361 -19.11 18.23 -35.40
C THR H 361 -19.95 17.48 -34.37
N LEU H 362 -20.84 16.61 -34.83
CA LEU H 362 -21.81 15.96 -33.97
C LEU H 362 -21.47 14.52 -33.64
N ALA H 363 -20.18 14.17 -33.67
CA ALA H 363 -19.76 12.81 -33.34
C ALA H 363 -20.20 12.41 -31.94
N GLY H 364 -20.13 13.34 -30.98
CA GLY H 364 -20.50 13.03 -29.61
C GLY H 364 -21.96 12.70 -29.47
N PHE H 365 -22.82 13.53 -30.07
CA PHE H 365 -24.25 13.29 -30.03
C PHE H 365 -24.60 11.90 -30.58
N HIS H 366 -24.01 11.54 -31.72
CA HIS H 366 -24.41 10.28 -32.33
C HIS H 366 -23.84 9.07 -31.59
N ALA H 367 -22.60 9.15 -31.11
CA ALA H 367 -22.04 8.04 -30.33
C ALA H 367 -22.84 7.81 -29.06
N LEU H 368 -23.23 8.91 -28.40
CA LEU H 368 -23.94 8.82 -27.12
C LEU H 368 -25.35 8.28 -27.34
N ASN H 369 -26.08 8.86 -28.30
CA ASN H 369 -27.46 8.43 -28.52
C ASN H 369 -27.51 7.01 -29.06
N TYR H 370 -26.63 6.66 -30.01
CA TYR H 370 -26.70 5.32 -30.58
C TYR H 370 -26.32 4.26 -29.54
N SER H 371 -25.18 4.46 -28.87
CA SER H 371 -24.70 3.45 -27.94
C SER H 371 -25.71 3.21 -26.84
N MET H 372 -26.36 4.28 -26.36
CA MET H 372 -27.33 4.05 -25.28
C MET H 372 -28.61 3.45 -25.83
N PHE H 373 -29.01 3.82 -27.05
CA PHE H 373 -30.16 3.14 -27.63
C PHE H 373 -29.89 1.65 -27.80
N ASP H 374 -28.71 1.31 -28.32
CA ASP H 374 -28.38 -0.10 -28.52
C ASP H 374 -28.39 -0.87 -27.20
N LEU H 375 -27.77 -0.29 -26.17
CA LEU H 375 -27.72 -0.95 -24.88
C LEU H 375 -29.12 -1.08 -24.28
N ALA H 376 -29.89 0.00 -24.31
CA ALA H 376 -31.22 0.00 -23.68
C ALA H 376 -32.16 -0.95 -24.40
N TYR H 377 -32.06 -1.04 -25.73
CA TYR H 377 -32.92 -1.94 -26.47
C TYR H 377 -32.66 -3.39 -26.09
N GLY H 378 -31.38 -3.78 -25.97
CA GLY H 378 -31.06 -5.13 -25.57
C GLY H 378 -31.36 -5.39 -24.10
N TYR H 379 -31.15 -4.38 -23.26
CA TYR H 379 -31.59 -4.45 -21.87
C TYR H 379 -33.09 -4.70 -21.79
N ALA H 380 -33.85 -4.01 -22.64
CA ALA H 380 -35.29 -4.22 -22.64
C ALA H 380 -35.65 -5.64 -23.07
N GLN H 381 -34.82 -6.29 -23.90
CA GLN H 381 -35.07 -7.66 -24.36
C GLN H 381 -34.59 -8.71 -23.37
N ASN H 382 -33.33 -8.60 -22.92
CA ASN H 382 -32.69 -9.67 -22.17
C ASN H 382 -31.98 -9.18 -20.92
N GLN H 383 -32.25 -7.97 -20.48
CA GLN H 383 -31.68 -7.45 -19.23
C GLN H 383 -30.15 -7.57 -19.21
N MET H 384 -29.57 -8.30 -18.25
CA MET H 384 -28.13 -8.18 -18.00
C MET H 384 -27.29 -8.64 -19.19
N SER H 385 -27.81 -9.56 -20.01
CA SER H 385 -27.05 -10.03 -21.17
C SER H 385 -26.55 -8.86 -22.01
N ALA H 386 -27.39 -7.84 -22.17
CA ALA H 386 -27.02 -6.69 -22.99
C ALA H 386 -25.88 -5.91 -22.38
N TYR H 387 -25.85 -5.80 -21.06
CA TYR H 387 -24.80 -5.02 -20.44
C TYR H 387 -23.49 -5.79 -20.43
N VAL H 388 -23.56 -7.10 -20.18
CA VAL H 388 -22.35 -7.93 -20.18
C VAL H 388 -21.70 -7.90 -21.55
N GLU H 389 -22.50 -7.86 -22.62
CA GLU H 389 -21.92 -7.68 -23.96
C GLU H 389 -21.04 -6.44 -24.01
N LEU H 390 -21.52 -5.33 -23.47
CA LEU H 390 -20.75 -4.09 -23.42
C LEU H 390 -19.51 -4.24 -22.55
N GLN H 391 -19.65 -4.79 -21.34
CA GLN H 391 -18.48 -4.95 -20.47
C GLN H 391 -17.41 -5.81 -21.15
N GLU H 392 -17.82 -6.84 -21.87
CA GLU H 392 -16.85 -7.72 -22.53
C GLU H 392 -16.15 -7.02 -23.71
N ARG H 393 -16.89 -6.18 -24.45
CA ARG H 393 -16.27 -5.31 -25.45
C ARG H 393 -15.25 -4.37 -24.80
N GLU H 394 -15.57 -3.85 -23.63
CA GLU H 394 -14.63 -2.99 -22.94
C GLU H 394 -13.35 -3.75 -22.60
N PHE H 395 -13.48 -4.94 -21.99
CA PHE H 395 -12.30 -5.75 -21.72
C PHE H 395 -11.48 -5.95 -22.99
N ALA H 396 -12.16 -6.23 -24.11
CA ALA H 396 -11.45 -6.49 -25.35
C ALA H 396 -10.73 -5.25 -25.86
N ALA H 397 -11.28 -4.07 -25.61
CA ALA H 397 -10.67 -2.83 -26.09
C ALA H 397 -9.41 -2.45 -25.33
N GLU H 398 -9.14 -3.08 -24.18
CA GLU H 398 -7.95 -2.72 -23.43
C GLU H 398 -6.68 -2.98 -24.23
N GLU H 399 -6.70 -3.96 -25.14
CA GLU H 399 -5.51 -4.15 -25.98
C GLU H 399 -5.30 -2.98 -26.93
N ARG H 400 -6.33 -2.19 -27.22
CA ARG H 400 -6.18 -0.98 -28.02
C ARG H 400 -5.88 0.25 -27.17
N GLY H 401 -5.80 0.10 -25.84
CA GLY H 401 -5.50 1.21 -24.95
C GLY H 401 -6.65 1.68 -24.07
N TYR H 402 -7.84 1.13 -24.23
CA TYR H 402 -8.98 1.49 -23.39
C TYR H 402 -8.69 1.18 -21.93
N THR H 403 -8.99 2.15 -21.06
CA THR H 403 -8.78 1.99 -19.63
C THR H 403 -10.04 2.11 -18.79
N ALA H 404 -11.17 2.54 -19.35
CA ALA H 404 -12.29 2.92 -18.50
C ALA H 404 -13.13 1.74 -18.03
N THR H 405 -12.80 0.51 -18.43
CA THR H 405 -13.45 -0.64 -17.81
C THR H 405 -13.27 -0.58 -16.29
N LYS H 406 -12.09 -0.18 -15.83
CA LYS H 406 -11.82 0.04 -14.41
C LYS H 406 -12.24 1.47 -14.08
N HIS H 407 -13.55 1.63 -13.81
CA HIS H 407 -14.11 2.98 -13.75
C HIS H 407 -13.63 3.74 -12.53
N GLN H 408 -13.33 3.05 -11.43
CA GLN H 408 -12.94 3.77 -10.21
C GLN H 408 -11.63 4.52 -10.44
N ARG H 409 -10.60 3.82 -10.91
CA ARG H 409 -9.34 4.52 -11.15
C ARG H 409 -9.48 5.52 -12.29
N GLU H 410 -10.41 5.27 -13.22
CA GLU H 410 -10.56 6.14 -14.38
C GLU H 410 -11.00 7.54 -13.99
N VAL H 411 -11.83 7.66 -12.95
CA VAL H 411 -12.32 8.98 -12.52
C VAL H 411 -11.55 9.50 -11.31
N GLY H 412 -10.44 8.85 -10.97
CA GLY H 412 -9.51 9.43 -10.04
C GLY H 412 -9.54 8.87 -8.62
N ALA H 413 -10.14 7.71 -8.41
CA ALA H 413 -10.12 7.11 -7.07
C ALA H 413 -8.70 6.94 -6.55
N GLY H 414 -7.77 6.54 -7.42
CA GLY H 414 -6.40 6.37 -6.98
C GLY H 414 -5.71 7.70 -6.71
N TYR H 415 -6.04 8.72 -7.51
CA TYR H 415 -5.43 10.03 -7.31
C TYR H 415 -5.85 10.61 -5.97
N PHE H 416 -7.14 10.54 -5.65
CA PHE H 416 -7.62 11.07 -4.38
C PHE H 416 -7.16 10.21 -3.21
N ASP H 417 -6.94 8.91 -3.43
CA ASP H 417 -6.27 8.11 -2.40
C ASP H 417 -4.89 8.68 -2.10
N ARG H 418 -4.17 9.11 -3.13
N ARG H 418 -4.18 9.13 -3.13
CA ARG H 418 -2.85 9.69 -2.93
CA ARG H 418 -2.84 9.69 -2.91
C ARG H 418 -2.95 10.99 -2.12
C ARG H 418 -2.93 11.01 -2.14
N ILE H 419 -3.93 11.84 -2.43
CA ILE H 419 -4.14 13.04 -1.63
C ILE H 419 -4.38 12.65 -0.19
N ALA H 420 -5.27 11.67 0.02
CA ALA H 420 -5.66 11.30 1.36
C ALA H 420 -4.46 10.83 2.17
N THR H 421 -3.60 10.00 1.56
CA THR H 421 -2.45 9.48 2.27
C THR H 421 -1.29 10.47 2.35
N THR H 422 -1.28 11.49 1.49
CA THR H 422 -0.36 12.61 1.66
C THR H 422 -0.73 13.42 2.90
N VAL H 423 -2.02 13.69 3.08
CA VAL H 423 -2.51 14.38 4.27
C VAL H 423 -2.37 13.50 5.51
N ASP H 424 -2.78 12.24 5.42
CA ASP H 424 -2.75 11.33 6.56
C ASP H 424 -2.35 9.93 6.09
N PRO H 425 -1.08 9.57 6.19
CA PRO H 425 -0.66 8.24 5.71
C PRO H 425 -1.36 7.09 6.42
N ASN H 426 -1.86 7.32 7.63
CA ASN H 426 -2.49 6.27 8.42
C ASN H 426 -3.99 6.16 8.19
N SER H 427 -4.53 6.90 7.22
CA SER H 427 -5.97 6.88 7.00
C SER H 427 -6.49 5.47 6.78
N SER H 428 -7.60 5.14 7.44
CA SER H 428 -8.28 3.88 7.24
C SER H 428 -9.51 4.02 6.34
N THR H 429 -9.67 5.16 5.65
CA THR H 429 -10.84 5.40 4.81
C THR H 429 -10.46 5.70 3.36
N THR H 430 -9.35 5.15 2.88
CA THR H 430 -9.02 5.25 1.47
C THR H 430 -9.87 4.25 0.66
N ALA H 431 -9.94 4.46 -0.65
CA ALA H 431 -11.02 3.91 -1.49
C ALA H 431 -10.67 2.64 -2.25
N LEU H 432 -9.51 2.57 -2.93
CA LEU H 432 -9.27 1.45 -3.84
C LEU H 432 -8.95 0.16 -3.10
N THR H 433 -8.32 0.24 -1.94
CA THR H 433 -8.03 -0.95 -1.14
C THR H 433 -9.34 -1.52 -0.60
N GLY H 434 -9.61 -2.79 -0.89
CA GLY H 434 -10.88 -3.39 -0.57
C GLY H 434 -11.95 -3.24 -1.63
N SER H 435 -11.72 -2.44 -2.67
CA SER H 435 -12.71 -2.25 -3.72
C SER H 435 -12.89 -3.51 -4.55
N THR H 436 -14.09 -3.68 -5.11
CA THR H 436 -14.27 -4.81 -6.04
C THR H 436 -13.44 -4.61 -7.30
N GLU H 437 -13.05 -3.36 -7.61
CA GLU H 437 -12.20 -3.15 -8.78
C GLU H 437 -10.84 -3.80 -8.57
N GLU H 438 -10.24 -3.61 -7.38
CA GLU H 438 -9.00 -4.31 -7.11
C GLU H 438 -9.24 -5.81 -6.94
N GLY H 439 -10.42 -6.20 -6.49
CA GLY H 439 -10.69 -7.59 -6.21
C GLY H 439 -11.07 -8.41 -7.45
N GLN H 440 -11.66 -7.77 -8.47
CA GLN H 440 -12.30 -8.52 -9.54
C GLN H 440 -11.84 -8.16 -10.93
N PHE H 441 -11.01 -7.15 -11.10
CA PHE H 441 -10.60 -6.65 -12.40
C PHE H 441 -9.08 -6.80 -12.45
N HIS H 442 -8.63 -7.86 -13.10
CA HIS H 442 -7.20 -8.17 -13.19
C HIS H 442 -6.50 -6.99 -13.85
C PYR I . 9.42 -23.00 -3.96
O PYR I . 8.38 -23.32 -3.25
OXT PYR I . 10.52 -22.63 -3.36
CA PYR I . 9.40 -23.05 -5.35
O3 PYR I . 10.51 -23.08 -6.03
CB PYR I . 8.09 -23.16 -6.05
HB1 PYR I . 7.70 -22.16 -6.24
HB2 PYR I . 8.23 -23.69 -6.99
HB3 PYR I . 7.39 -23.70 -5.42
MG MG J . 12.03 -22.25 -4.79
MG MG K . 12.90 -35.01 -21.52
MG MG L . -13.02 -30.42 6.25
O1 3NP M . -7.26 -27.18 14.21
O1 3NP M . -6.68 -26.33 9.33
O2 3NP M . -5.21 -26.32 14.07
O2 3NP M . -7.12 -24.16 9.33
O4 3NP M . -7.62 -24.33 9.54
O4 3NP M . -5.41 -26.26 14.16
O3 3NP M . -6.56 -26.19 9.43
O3 3NP M . -7.49 -26.87 14.03
C1 3NP M . -6.28 -26.73 13.59
C1 3NP M . -6.86 -25.23 9.89
C2 3NP M . -6.42 -26.65 12.01
C2 3NP M . -6.77 -25.22 11.45
C3 3NP M . -6.56 -25.24 11.53
C3 3NP M . -6.45 -26.58 11.98
N1 3NP M . -6.97 -25.19 10.06
N1 3NP M . -6.39 -26.55 13.52
H21 3NP M . -5.66 -27.08 11.59
H21 3NP M . -7.62 -24.90 11.82
H22 3NP M . -7.19 -27.18 11.72
H22 3NP M . -6.10 -24.59 11.74
H31 3NP M . -5.75 -24.72 11.65
H31 3NP M . -7.11 -27.25 11.70
H32 3NP M . -7.28 -24.77 11.99
H32 3NP M . -5.57 -26.88 11.72
C PYR N . 8.35 -30.43 27.83
O PYR N . 7.38 -30.04 27.01
OXT PYR N . 9.45 -30.92 27.35
CA PYR N . 8.21 -30.31 29.21
O3 PYR N . 9.23 -30.49 30.00
CB PYR N . 6.86 -29.98 29.76
HB1 PYR N . 6.29 -30.89 29.90
HB2 PYR N . 6.99 -29.48 30.73
HB3 PYR N . 6.35 -29.31 29.08
MG MG O . 10.70 -31.44 28.75
MG MG P . 12.27 -18.83 45.47
C1 PEG Q . -7.39 -12.21 30.08
O1 PEG Q . -8.71 -12.04 30.50
C2 PEG Q . -6.45 -12.00 31.26
O2 PEG Q . -5.12 -12.22 30.86
C3 PEG Q . -4.14 -11.89 31.81
C4 PEG Q . -4.02 -10.36 31.97
O4 PEG Q . -3.07 -10.02 32.95
H11 PEG Q . -7.28 -13.11 29.74
H12 PEG Q . -7.18 -11.57 29.38
HO1 PEG Q . -9.24 -12.12 29.83
H21 PEG Q . -6.53 -11.08 31.59
H22 PEG Q . -6.68 -12.61 31.98
H31 PEG Q . -3.29 -12.26 31.53
H32 PEG Q . -4.40 -12.27 32.66
H41 PEG Q . -4.89 -9.99 32.22
H42 PEG Q . -3.75 -9.98 31.12
HO4 PEG Q . -2.97 -9.18 32.96
C PYR R . 41.90 -16.89 1.47
O PYR R . 40.75 -17.51 1.40
OXT PYR R . 42.89 -17.41 2.15
CA PYR R . 42.08 -15.65 0.82
O3 PYR R . 41.05 -15.03 0.34
CB PYR R . 43.45 -15.05 0.73
HB1 PYR R . 43.95 -15.43 -0.16
HB2 PYR R . 44.03 -15.33 1.61
HB3 PYR R . 43.37 -13.98 0.67
MG MG S . 39.47 -16.39 0.15
MG MG T . 39.45 4.54 2.51
C1 PEG U . 56.31 -6.37 14.31
O1 PEG U . 55.04 -6.52 13.74
C2 PEG U . 56.63 -4.89 14.48
O2 PEG U . 57.78 -4.73 15.25
C3 PEG U . 57.51 -4.55 16.62
C4 PEG U . 58.65 -5.12 17.47
O4 PEG U . 58.92 -4.27 18.55
H11 PEG U . 56.98 -6.79 13.73
H12 PEG U . 56.34 -6.81 15.18
HO1 PEG U . 54.91 -7.34 13.55
H21 PEG U . 56.77 -4.50 13.61
H22 PEG U . 55.88 -4.45 14.91
H31 PEG U . 57.41 -3.61 16.81
H32 PEG U . 56.69 -5.02 16.86
H41 PEG U . 59.46 -5.18 16.91
H42 PEG U . 58.41 -6.00 17.79
HO4 PEG U . 59.49 -4.63 19.06
O1 3NP V . 57.06 -30.86 15.17
O1 3NP V . 55.26 -27.75 11.63
O2 3NP V . 55.16 -31.61 14.28
O2 3NP V . 57.21 -28.10 10.62
O4 3NP V . 57.22 -28.11 10.66
O4 3NP V . 56.97 -30.83 15.16
O3 3NP V . 55.32 -27.80 11.65
O3 3NP V . 55.31 -31.66 14.08
C1 3NP V . 56.26 -31.03 14.23
C1 3NP V . 56.43 -28.19 11.58
C2 3NP V . 56.69 -30.43 12.83
C2 3NP V . 56.97 -28.92 12.86
C3 3NP V . 56.89 -28.94 12.92
C3 3NP V . 56.79 -30.42 12.76
N1 3NP V . 56.49 -28.24 11.62
N1 3NP V . 56.37 -31.00 14.14
H21 3NP V . 56.03 -30.65 12.15
H21 3NP V . 57.90 -28.70 12.98
H22 3NP V . 57.51 -30.86 12.53
H22 3NP V . 56.51 -28.59 13.64
H31 3NP V . 57.81 -28.71 13.14
H31 3NP V . 56.13 -30.68 12.10
H32 3NP V . 56.31 -28.53 13.59
H32 3NP V . 57.62 -30.88 12.57
C PYR W . 39.97 -40.25 24.00
O PYR W . 38.95 -39.42 24.06
OXT PYR W . 41.02 -39.92 23.32
CA PYR W . 39.91 -41.49 24.63
O3 PYR W . 38.76 -41.95 25.02
CB PYR W . 41.16 -42.29 24.79
HB1 PYR W . 41.65 -42.00 25.72
HB2 PYR W . 41.83 -42.10 23.96
HB3 PYR W . 40.92 -43.36 24.83
MG MG X . 37.41 -40.47 25.01
MG MG Y . 34.93 -61.28 22.65
C1 PEG Z . 52.55 -52.94 11.95
O1 PEG Z . 51.57 -51.98 12.23
C2 PEG Z . 53.92 -52.27 12.04
O2 PEG Z . 54.87 -53.11 11.43
C3 PEG Z . 55.35 -52.66 10.19
C4 PEG Z . 56.28 -51.46 10.36
O4 PEG Z . 57.38 -51.80 11.16
H11 PEG Z . 52.41 -53.28 11.04
H12 PEG Z . 52.50 -53.67 12.58
HO1 PEG Z . 50.80 -52.36 12.27
H21 PEG Z . 54.15 -52.15 12.97
H22 PEG Z . 53.89 -51.43 11.59
H31 PEG Z . 55.84 -53.38 9.77
H32 PEG Z . 54.59 -52.40 9.63
H41 PEG Z . 55.79 -50.74 10.79
H42 PEG Z . 56.60 -51.17 9.49
HO4 PEG Z . 58.00 -51.23 11.04
C PYR AA . -19.08 33.64 9.07
O PYR AA . -19.40 34.92 9.00
OXT PYR AA . -19.63 32.76 8.26
CA PYR AA . -18.15 33.22 10.00
O3 PYR AA . -17.65 32.01 9.93
CB PYR AA . -17.73 34.19 11.06
HB1 PYR AA . -18.40 34.14 11.90
HB2 PYR AA . -16.72 33.94 11.39
HB3 PYR AA . -17.74 35.20 10.64
MG MG BA . -18.98 30.89 8.58
MG MG CA . 1.69 29.50 12.90
C1 PEG DA . -6.74 54.14 12.46
O1 PEG DA . -7.84 54.96 12.80
C2 PEG DA . -6.75 53.82 10.96
O2 PEG DA . -5.62 53.06 10.61
C3 PEG DA . -5.63 51.71 10.99
C4 PEG DA . -6.43 50.89 9.98
O4 PEG DA . -6.11 49.54 10.14
H11 PEG DA . -6.80 53.31 12.96
H12 PEG DA . -5.92 54.60 12.69
HO1 PEG DA . -7.77 55.17 13.62
H21 PEG DA . -6.74 54.65 10.46
H22 PEG DA . -7.55 53.32 10.74
H31 PEG DA . -6.05 51.63 11.87
H32 PEG DA . -4.72 51.38 11.03
H41 PEG DA . -7.38 51.02 10.14
H42 PEG DA . -6.21 51.18 9.08
HO4 PEG DA . -6.52 49.08 9.55
N1 EPE EA . -26.87 56.36 7.25
C9 EPE EA . -27.17 55.90 5.89
C10 EPE EA . -26.70 54.45 5.71
S EPE EA . -27.97 53.23 6.15
O1S EPE EA . -29.18 53.57 5.36
O2S EPE EA . -27.45 51.90 5.89
O3S EPE EA . -28.22 53.31 7.59
C PYR FA . -34.39 48.06 -15.95
O PYR FA . -33.56 47.18 -16.42
OXT PYR FA . -34.24 48.47 -14.72
CA PYR FA . -35.39 48.55 -16.76
O3 PYR FA . -35.69 47.96 -17.87
CB PYR FA . -36.17 49.76 -16.33
HB1 PYR FA . -35.64 50.66 -16.67
HB2 PYR FA . -37.16 49.74 -16.78
HB3 PYR FA . -36.26 49.77 -15.25
MG MG GA . -34.05 46.64 -18.23
MG MG HA . -22.45 59.18 8.98
MG MG IA . -54.49 45.99 -23.71
C1 PEG JA . -51.59 54.70 -1.91
O1 PEG JA . -51.72 55.51 -0.77
C2 PEG JA . -50.76 53.47 -1.56
O2 PEG JA . -49.85 53.23 -2.60
C3 PEG JA . -50.13 52.14 -3.43
C4 PEG JA . -49.24 50.96 -3.07
O4 PEG JA . -49.70 49.78 -3.69
H11 PEG JA . -51.14 55.20 -2.61
H12 PEG JA . -52.46 54.43 -2.23
HO1 PEG JA . -52.14 56.21 -0.98
H21 PEG JA . -51.34 52.70 -1.46
H22 PEG JA . -50.28 53.62 -0.73
H31 PEG JA . -49.96 52.40 -4.36
H32 PEG JA . -51.06 51.89 -3.33
H41 PEG JA . -48.33 51.13 -3.35
H42 PEG JA . -49.25 50.83 -2.10
HO4 PEG JA . -49.14 49.15 -3.55
C PYR KA . -24.46 5.11 -7.56
O PYR KA . -24.46 4.68 -8.80
OXT PYR KA . -24.02 6.30 -7.29
CA PYR KA . -24.94 4.29 -6.54
O3 PYR KA . -25.12 4.77 -5.35
CB PYR KA . -25.27 2.84 -6.82
HB1 PYR KA . -24.38 2.24 -6.69
HB2 PYR KA . -26.03 2.51 -6.12
HB3 PYR KA . -25.65 2.75 -7.84
MG MG LA . -24.23 6.74 -5.25
N1 EPE MA . -19.15 -1.51 -32.28
C2 EPE MA . -20.24 -2.51 -32.28
C3 EPE MA . -19.73 -3.92 -32.57
N4 EPE MA . -18.95 -3.97 -33.79
C5 EPE MA . -17.94 -2.95 -33.94
C6 EPE MA . -18.44 -1.56 -33.58
C7 EPE MA . -18.78 -5.27 -34.43
C8 EPE MA . -18.22 -5.19 -35.85
O8 EPE MA . -18.33 -6.44 -36.50
C9 EPE MA . -19.72 -0.15 -32.14
C10 EPE MA . -19.77 0.42 -30.72
S EPE MA . -21.07 1.70 -30.55
O1S EPE MA . -21.69 1.92 -31.85
O2S EPE MA . -20.56 3.01 -30.15
O3S EPE MA . -22.09 1.22 -29.64
H21 EPE MA . -20.98 -2.23 -33.02
H22 EPE MA . -20.73 -2.51 -31.30
H31 EPE MA . -19.12 -4.27 -31.74
H32 EPE MA . -20.59 -4.60 -32.66
H51 EPE MA . -17.08 -3.19 -33.30
H52 EPE MA . -17.58 -2.94 -34.97
H61 EPE MA . -17.60 -0.86 -33.55
H62 EPE MA . -19.13 -1.21 -34.36
H71 EPE MA . -18.10 -5.87 -33.83
H72 EPE MA . -19.74 -5.79 -34.46
H81 EPE MA . -17.18 -4.88 -35.82
H82 EPE MA . -18.78 -4.44 -36.42
HO8 EPE MA . -18.74 -7.08 -35.87
H91 EPE MA . -20.74 -0.17 -32.54
H92 EPE MA . -19.15 0.52 -32.78
H101 EPE MA . -19.96 -0.39 -30.01
H102 EPE MA . -18.80 0.85 -30.48
MG MG NA . -41.44 -0.67 4.37
C1 PEG OA . -41.16 -10.17 -19.19
O1 PEG OA . -41.17 -11.19 -18.22
C2 PEG OA . -41.61 -8.85 -18.56
O2 PEG OA . -40.51 -8.21 -17.96
C3 PEG OA . -40.35 -6.86 -18.32
C4 PEG OA . -39.04 -6.35 -17.72
O4 PEG OA . -39.29 -5.74 -16.49
H11 PEG OA . -40.27 -10.07 -19.54
H12 PEG OA . -41.77 -10.41 -19.91
HO1 PEG OA . -40.99 -11.94 -18.60
H21 PEG OA . -41.97 -8.27 -19.25
H22 PEG OA . -42.28 -9.02 -17.89
H31 PEG OA . -40.32 -6.79 -19.28
H32 PEG OA . -41.08 -6.34 -17.97
H41 PEG OA . -38.43 -7.09 -17.60
H42 PEG OA . -38.64 -5.71 -18.33
HO4 PEG OA . -38.57 -5.41 -16.18
MG MG PA . -28.11 4.76 -47.57
MG MG QA . -8.84 54.23 -31.91
C PYR RA . -21.61 23.14 -34.56
O PYR RA . -22.30 23.82 -33.68
OXT PYR RA . -21.41 21.85 -34.39
CA PYR RA . -21.09 23.83 -35.66
O3 PYR RA . -21.04 25.11 -35.67
CB PYR RA . -20.59 23.09 -36.84
HB1 PYR RA . -21.41 22.87 -37.52
HB2 PYR RA . -19.85 23.69 -37.37
HB3 PYR RA . -20.13 22.14 -36.53
MG MG SA . -22.38 25.69 -34.09
MG MG TA . -25.65 -5.69 -31.50
MG MG UA . -5.42 35.08 -42.31
C1 PEG VA . -0.76 12.20 -40.44
O1 PEG VA . 0.49 11.57 -40.34
C2 PEG VA . -1.87 11.23 -40.02
O2 PEG VA . -3.06 11.94 -39.91
C3 PEG VA . -3.74 11.82 -38.69
C4 PEG VA . -4.56 13.07 -38.45
O4 PEG VA . -3.69 14.17 -38.37
H11 PEG VA . -0.90 12.48 -41.36
H12 PEG VA . -0.78 12.97 -39.86
HO1 PEG VA . 1.09 12.10 -40.62
H21 PEG VA . -1.96 10.54 -40.69
H22 PEG VA . -1.64 10.84 -39.16
H31 PEG VA . -4.33 11.04 -38.73
H32 PEG VA . -3.09 11.70 -37.98
H41 PEG VA . -5.05 12.99 -37.64
H42 PEG VA . -5.17 13.21 -39.20
HO4 PEG VA . -4.13 14.85 -38.12
#